data_9KQD
#
_entry.id   9KQD
#
_cell.length_a   74.163
_cell.length_b   135.089
_cell.length_c   234.795
_cell.angle_alpha   90.00
_cell.angle_beta   90.00
_cell.angle_gamma   90.00
#
_symmetry.space_group_name_H-M   'P 1 2 1'
#
loop_
_entity.id
_entity.type
_entity.pdbx_description
1 polymer 'Asparagine synthetase domain-containing protein'
2 non-polymer "ADENOSINE-5'-TRIPHOSPHATE"
3 non-polymer "GUANOSINE-5'-TRIPHOSPHATE"
4 non-polymer 'MAGNESIUM ION'
5 water water
#
_entity_poly.entity_id   1
_entity_poly.type   'polypeptide(L)'
_entity_poly.pdbx_seq_one_letter_code
;MTNQYSVKPQLVMFTGGRDSTLAACYLMLQGIPVHLWSGNSGCSLHRGILSHRVEEMKNRFGDLVVGHTVADISGAFRSI
AIEALEQDILKYRKNLVLLGEKLAIHAHLVDFCRRNDINTINDGITHYQMEFPEQRLVAKTFLMEMMAQYDINYQSPVYE
FAQSADDVKYRLLQLGISTKSLEGISIFADSFSTPSDDVVLAYLREKAPLAHNIVNFLAGETLNPPVLNNSAAA
;
_entity_poly.pdbx_strand_id   B,D,G,I,J,K,M,A,C,E,F,H,L,N
#
loop_
_chem_comp.id
_chem_comp.type
_chem_comp.name
_chem_comp.formula
ATP non-polymer ADENOSINE-5'-TRIPHOSPHATE 'C10 H16 N5 O13 P3'
GTP non-polymer GUANOSINE-5'-TRIPHOSPHATE 'C10 H16 N5 O14 P3'
MG non-polymer 'MAGNESIUM ION' 'Mg 2'
#
# COMPACT_ATOMS: atom_id res chain seq x y z
N SER A 6 -40.57 -56.89 -13.31
CA SER A 6 -40.51 -55.50 -12.77
C SER A 6 -41.84 -54.78 -12.96
N VAL A 7 -42.45 -54.88 -14.13
CA VAL A 7 -43.87 -54.58 -14.34
C VAL A 7 -44.72 -55.81 -13.95
N LYS A 8 -45.89 -55.58 -13.40
CA LYS A 8 -46.74 -56.65 -12.95
C LYS A 8 -47.29 -57.49 -14.11
N PRO A 9 -47.15 -58.82 -14.10
CA PRO A 9 -47.68 -59.65 -15.16
C PRO A 9 -49.20 -59.53 -15.33
N GLN A 10 -49.63 -59.58 -16.58
CA GLN A 10 -51.04 -59.58 -16.93
C GLN A 10 -51.36 -60.89 -17.61
N LEU A 11 -52.64 -61.22 -17.67
CA LEU A 11 -53.07 -62.47 -18.29
C LEU A 11 -53.61 -62.19 -19.69
N VAL A 12 -53.37 -63.12 -20.61
CA VAL A 12 -54.01 -63.04 -21.92
C VAL A 12 -54.77 -64.34 -22.15
N MET A 13 -56.04 -64.18 -22.50
CA MET A 13 -56.89 -65.25 -23.00
C MET A 13 -56.44 -65.61 -24.38
N PHE A 14 -55.80 -66.77 -24.48
CA PHE A 14 -54.97 -67.12 -25.60
C PHE A 14 -55.42 -68.43 -26.25
N THR A 15 -55.64 -68.39 -27.57
CA THR A 15 -56.07 -69.56 -28.32
C THR A 15 -54.99 -70.06 -29.26
N GLY A 16 -53.95 -69.24 -29.50
CA GLY A 16 -53.03 -69.47 -30.59
C GLY A 16 -53.50 -68.78 -31.88
N GLY A 17 -54.76 -68.32 -31.90
CA GLY A 17 -55.26 -67.54 -32.99
C GLY A 17 -54.51 -66.20 -33.16
N ARG A 18 -54.80 -65.54 -34.29
CA ARG A 18 -54.05 -64.37 -34.69
C ARG A 18 -54.22 -63.24 -33.68
N ASP A 19 -55.48 -62.99 -33.28
CA ASP A 19 -55.78 -61.77 -32.52
C ASP A 19 -55.25 -61.87 -31.08
N SER A 20 -55.41 -63.02 -30.43
CA SER A 20 -54.92 -63.15 -29.07
C SER A 20 -53.41 -63.26 -29.08
N THR A 21 -52.82 -63.84 -30.14
CA THR A 21 -51.37 -63.79 -30.29
C THR A 21 -50.90 -62.32 -30.34
N LEU A 22 -51.55 -61.51 -31.17
CA LEU A 22 -51.14 -60.12 -31.35
C LEU A 22 -51.33 -59.35 -30.05
N ALA A 23 -52.43 -59.60 -29.32
CA ALA A 23 -52.67 -58.89 -28.08
C ALA A 23 -51.55 -59.17 -27.08
N ALA A 24 -51.20 -60.43 -26.93
CA ALA A 24 -50.11 -60.82 -26.05
C ALA A 24 -48.79 -60.17 -26.49
N CYS A 25 -48.48 -60.23 -27.78
CA CYS A 25 -47.24 -59.68 -28.30
C CYS A 25 -47.15 -58.17 -28.05
N TYR A 26 -48.27 -57.47 -28.26
CA TYR A 26 -48.27 -56.04 -28.12
C TYR A 26 -48.02 -55.65 -26.68
N LEU A 27 -48.62 -56.37 -25.71
CA LEU A 27 -48.34 -56.11 -24.31
C LEU A 27 -46.85 -56.35 -24.01
N MET A 28 -46.30 -57.45 -24.53
CA MET A 28 -44.91 -57.77 -24.25
C MET A 28 -43.98 -56.73 -24.87
N LEU A 29 -44.31 -56.19 -26.04
CA LEU A 29 -43.52 -55.13 -26.65
C LEU A 29 -43.43 -53.93 -25.72
N GLN A 30 -44.46 -53.73 -24.89
CA GLN A 30 -44.50 -52.61 -23.97
C GLN A 30 -43.71 -52.95 -22.71
N GLY A 31 -43.20 -54.17 -22.55
CA GLY A 31 -42.50 -54.53 -21.33
C GLY A 31 -43.41 -55.21 -20.31
N ILE A 32 -44.65 -55.51 -20.68
CA ILE A 32 -45.58 -56.16 -19.77
C ILE A 32 -45.44 -57.66 -19.87
N PRO A 33 -45.04 -58.38 -18.79
CA PRO A 33 -45.00 -59.84 -18.85
C PRO A 33 -46.40 -60.40 -18.98
N VAL A 34 -46.54 -61.50 -19.73
CA VAL A 34 -47.84 -62.07 -20.01
C VAL A 34 -47.89 -63.54 -19.60
N HIS A 35 -48.95 -63.85 -18.88
CA HIS A 35 -49.33 -65.24 -18.54
C HIS A 35 -50.38 -65.65 -19.55
N LEU A 36 -50.04 -66.58 -20.43
CA LEU A 36 -50.98 -67.05 -21.45
C LEU A 36 -51.91 -68.07 -20.80
N TRP A 37 -53.22 -67.93 -21.05
CA TRP A 37 -54.21 -68.80 -20.46
C TRP A 37 -55.18 -69.28 -21.55
N SER A 38 -55.24 -70.60 -21.71
CA SER A 38 -56.08 -71.25 -22.72
C SER A 38 -57.13 -72.12 -22.01
N GLY A 39 -58.39 -71.88 -22.26
CA GLY A 39 -59.49 -72.66 -21.71
C GLY A 39 -59.83 -73.82 -22.64
N ASN A 40 -59.71 -75.05 -22.13
CA ASN A 40 -60.17 -76.23 -22.83
C ASN A 40 -61.55 -76.64 -22.31
N SER A 41 -62.56 -76.36 -23.15
CA SER A 41 -64.00 -76.55 -22.92
C SER A 41 -64.33 -78.05 -22.96
N GLY A 42 -63.45 -78.87 -23.54
CA GLY A 42 -63.64 -80.31 -23.67
C GLY A 42 -64.31 -80.73 -24.99
N CYS A 43 -64.59 -79.74 -25.85
CA CYS A 43 -65.25 -79.95 -27.13
C CYS A 43 -64.42 -79.26 -28.23
N SER A 44 -63.09 -79.15 -28.05
CA SER A 44 -62.26 -78.45 -28.99
C SER A 44 -61.32 -79.48 -29.64
N LEU A 45 -61.15 -79.38 -30.97
CA LEU A 45 -60.50 -80.38 -31.78
C LEU A 45 -59.16 -79.84 -32.29
N HIS A 46 -58.20 -80.76 -32.48
CA HIS A 46 -56.95 -80.47 -33.17
C HIS A 46 -56.23 -79.26 -32.56
N ARG A 47 -56.00 -79.34 -31.25
CA ARG A 47 -55.38 -78.30 -30.45
C ARG A 47 -53.86 -78.37 -30.48
N GLY A 48 -53.29 -79.47 -30.99
CA GLY A 48 -51.86 -79.72 -30.99
C GLY A 48 -51.02 -78.58 -31.60
N ILE A 49 -51.58 -77.84 -32.56
CA ILE A 49 -50.83 -76.83 -33.31
C ILE A 49 -50.47 -75.64 -32.41
N LEU A 50 -51.22 -75.47 -31.32
CA LEU A 50 -50.97 -74.41 -30.37
C LEU A 50 -49.50 -74.31 -29.92
N SER A 51 -48.87 -75.46 -29.77
CA SER A 51 -47.53 -75.46 -29.21
C SER A 51 -46.55 -74.85 -30.20
N HIS A 52 -46.84 -74.91 -31.53
CA HIS A 52 -45.99 -74.22 -32.49
C HIS A 52 -46.02 -72.72 -32.21
N ARG A 53 -47.21 -72.19 -31.88
CA ARG A 53 -47.37 -70.76 -31.69
C ARG A 53 -46.65 -70.31 -30.41
N VAL A 54 -46.80 -71.09 -29.32
CA VAL A 54 -46.14 -70.76 -28.07
C VAL A 54 -44.65 -70.70 -28.28
N GLU A 55 -44.07 -71.66 -29.03
CA GLU A 55 -42.65 -71.64 -29.32
C GLU A 55 -42.27 -70.36 -30.09
N GLU A 56 -43.09 -69.96 -31.08
CA GLU A 56 -42.77 -68.75 -31.82
C GLU A 56 -42.71 -67.54 -30.87
N MET A 57 -43.65 -67.51 -29.92
CA MET A 57 -43.76 -66.38 -29.03
C MET A 57 -42.59 -66.35 -28.02
N LYS A 58 -42.22 -67.52 -27.50
CA LYS A 58 -41.07 -67.63 -26.64
C LYS A 58 -39.78 -67.27 -27.35
N ASN A 59 -39.64 -67.65 -28.63
CA ASN A 59 -38.47 -67.29 -29.37
C ASN A 59 -38.42 -65.78 -29.56
N ARG A 60 -39.56 -65.12 -29.75
CA ARG A 60 -39.54 -63.71 -30.08
C ARG A 60 -39.45 -62.84 -28.81
N PHE A 61 -39.98 -63.30 -27.68
CA PHE A 61 -40.13 -62.45 -26.51
C PHE A 61 -39.47 -63.02 -25.24
N GLY A 62 -38.97 -64.27 -25.26
CA GLY A 62 -38.23 -64.85 -24.15
C GLY A 62 -39.01 -64.84 -22.85
N ASP A 63 -38.39 -64.31 -21.80
CA ASP A 63 -38.90 -64.38 -20.44
C ASP A 63 -40.14 -63.53 -20.23
N LEU A 64 -40.51 -62.64 -21.15
CA LEU A 64 -41.75 -61.91 -21.01
C LEU A 64 -42.96 -62.84 -21.14
N VAL A 65 -42.78 -64.04 -21.74
CA VAL A 65 -43.82 -65.06 -21.65
C VAL A 65 -43.63 -65.77 -20.32
N VAL A 66 -44.45 -65.49 -19.33
CA VAL A 66 -44.14 -65.96 -18.01
C VAL A 66 -44.79 -67.32 -17.78
N GLY A 67 -45.71 -67.77 -18.62
CA GLY A 67 -46.16 -69.16 -18.58
C GLY A 67 -47.36 -69.33 -19.50
N HIS A 68 -47.79 -70.57 -19.63
CA HIS A 68 -48.93 -70.94 -20.43
C HIS A 68 -49.71 -71.97 -19.61
N THR A 69 -50.90 -71.59 -19.13
CA THR A 69 -51.80 -72.48 -18.41
C THR A 69 -52.84 -72.95 -19.41
N VAL A 70 -53.04 -74.29 -19.48
CA VAL A 70 -54.14 -74.85 -20.22
C VAL A 70 -55.12 -75.38 -19.17
N ALA A 71 -56.27 -74.74 -19.04
CA ALA A 71 -57.19 -75.03 -17.95
C ALA A 71 -58.34 -75.89 -18.48
N ASP A 72 -58.68 -76.94 -17.74
CA ASP A 72 -59.83 -77.76 -18.06
C ASP A 72 -61.07 -77.08 -17.51
N ILE A 73 -61.91 -76.50 -18.36
CA ILE A 73 -63.10 -75.80 -17.92
C ILE A 73 -64.35 -76.55 -18.36
N SER A 74 -64.20 -77.81 -18.75
CA SER A 74 -65.30 -78.62 -19.27
C SER A 74 -66.49 -78.69 -18.30
N GLY A 75 -66.23 -78.79 -16.98
CA GLY A 75 -67.36 -78.92 -16.07
C GLY A 75 -68.19 -77.66 -15.96
N ALA A 76 -67.50 -76.51 -15.82
CA ALA A 76 -68.20 -75.22 -15.83
C ALA A 76 -68.93 -74.97 -17.15
N PHE A 77 -68.29 -75.32 -18.26
CA PHE A 77 -68.91 -75.15 -19.58
C PHE A 77 -70.17 -76.01 -19.65
N ARG A 78 -70.07 -77.27 -19.23
CA ARG A 78 -71.24 -78.14 -19.24
C ARG A 78 -72.37 -77.54 -18.40
N SER A 79 -72.05 -77.07 -17.18
CA SER A 79 -73.10 -76.59 -16.28
C SER A 79 -73.81 -75.38 -16.88
N ILE A 80 -73.03 -74.47 -17.48
CA ILE A 80 -73.58 -73.22 -17.99
C ILE A 80 -74.33 -73.44 -19.30
N ALA A 81 -73.75 -74.19 -20.24
CA ALA A 81 -74.15 -74.16 -21.65
C ALA A 81 -74.74 -75.46 -22.18
N ILE A 82 -74.41 -76.62 -21.60
CA ILE A 82 -74.81 -77.89 -22.20
C ILE A 82 -75.95 -78.57 -21.43
N GLU A 83 -75.88 -78.55 -20.11
CA GLU A 83 -76.81 -79.33 -19.30
C GLU A 83 -78.26 -79.00 -19.64
N ALA A 84 -78.58 -77.74 -19.91
CA ALA A 84 -79.94 -77.34 -20.24
C ALA A 84 -80.05 -76.88 -21.70
N LEU A 85 -79.33 -77.57 -22.59
CA LEU A 85 -79.27 -77.19 -23.99
C LEU A 85 -80.66 -77.19 -24.64
N GLU A 86 -81.45 -78.22 -24.39
CA GLU A 86 -82.79 -78.30 -24.90
C GLU A 86 -83.57 -77.02 -24.57
N GLN A 87 -83.67 -76.71 -23.28
CA GLN A 87 -84.44 -75.56 -22.81
C GLN A 87 -83.83 -74.27 -23.37
N ASP A 88 -82.50 -74.17 -23.38
CA ASP A 88 -81.85 -72.95 -23.81
C ASP A 88 -82.18 -72.66 -25.29
N ILE A 89 -82.11 -73.70 -26.14
CA ILE A 89 -82.36 -73.51 -27.56
C ILE A 89 -83.85 -73.28 -27.80
N LEU A 90 -84.72 -73.99 -27.11
CA LEU A 90 -86.15 -73.74 -27.28
C LEU A 90 -86.52 -72.32 -26.86
N LYS A 91 -85.89 -71.77 -25.83
CA LYS A 91 -86.26 -70.43 -25.39
C LYS A 91 -85.67 -69.36 -26.30
N TYR A 92 -84.36 -69.41 -26.59
CA TYR A 92 -83.74 -68.35 -27.37
C TYR A 92 -83.76 -68.60 -28.88
N ARG A 93 -84.03 -69.81 -29.33
CA ARG A 93 -84.05 -70.20 -30.74
C ARG A 93 -82.70 -69.96 -31.41
N LYS A 94 -81.66 -69.98 -30.61
CA LYS A 94 -80.30 -69.85 -31.09
C LYS A 94 -79.41 -70.74 -30.22
N ASN A 95 -78.43 -71.36 -30.86
CA ASN A 95 -77.39 -72.09 -30.18
C ASN A 95 -76.36 -71.08 -29.69
N LEU A 96 -76.31 -70.89 -28.36
CA LEU A 96 -75.44 -69.90 -27.76
C LEU A 96 -74.33 -70.54 -26.90
N VAL A 97 -73.95 -71.78 -27.23
CA VAL A 97 -73.03 -72.49 -26.36
C VAL A 97 -71.70 -71.76 -26.32
N LEU A 98 -71.28 -71.10 -27.41
CA LEU A 98 -69.98 -70.46 -27.43
C LEU A 98 -69.99 -69.16 -26.63
N LEU A 99 -71.19 -68.58 -26.43
CA LEU A 99 -71.32 -67.46 -25.50
C LEU A 99 -71.20 -67.97 -24.07
N GLY A 100 -71.88 -69.09 -23.78
CA GLY A 100 -71.75 -69.80 -22.51
C GLY A 100 -70.31 -70.16 -22.21
N GLU A 101 -69.57 -70.58 -23.23
CA GLU A 101 -68.18 -70.95 -23.04
C GLU A 101 -67.40 -69.73 -22.55
N LYS A 102 -67.63 -68.55 -23.16
CA LYS A 102 -66.88 -67.37 -22.79
C LYS A 102 -67.24 -66.97 -21.35
N LEU A 103 -68.49 -67.16 -20.93
CA LEU A 103 -68.84 -66.92 -19.55
C LEU A 103 -68.14 -67.91 -18.60
N ALA A 104 -68.06 -69.18 -18.99
CA ALA A 104 -67.36 -70.19 -18.21
C ALA A 104 -65.89 -69.81 -18.07
N ILE A 105 -65.29 -69.29 -19.16
CA ILE A 105 -63.92 -68.82 -19.12
C ILE A 105 -63.77 -67.74 -18.07
N HIS A 106 -64.69 -66.78 -18.06
CA HIS A 106 -64.60 -65.62 -17.15
C HIS A 106 -64.77 -66.07 -15.70
N ALA A 107 -65.65 -67.02 -15.44
CA ALA A 107 -65.79 -67.58 -14.10
C ALA A 107 -64.47 -68.19 -13.64
N HIS A 108 -63.87 -69.02 -14.49
CA HIS A 108 -62.58 -69.62 -14.18
C HIS A 108 -61.50 -68.55 -14.01
N LEU A 109 -61.58 -67.47 -14.77
CA LEU A 109 -60.56 -66.41 -14.67
C LEU A 109 -60.64 -65.65 -13.37
N VAL A 110 -61.84 -65.51 -12.79
CA VAL A 110 -61.94 -64.86 -11.48
C VAL A 110 -61.11 -65.67 -10.50
N ASP A 111 -61.30 -66.99 -10.51
CA ASP A 111 -60.63 -67.84 -9.55
C ASP A 111 -59.12 -67.86 -9.82
N PHE A 112 -58.73 -67.98 -11.10
CA PHE A 112 -57.33 -68.00 -11.45
C PHE A 112 -56.65 -66.69 -11.05
N CYS A 113 -57.27 -65.55 -11.35
CA CYS A 113 -56.68 -64.26 -11.03
C CYS A 113 -56.52 -64.07 -9.54
N ARG A 114 -57.53 -64.46 -8.77
CA ARG A 114 -57.44 -64.29 -7.34
C ARG A 114 -56.37 -65.20 -6.77
N ARG A 115 -56.14 -66.39 -7.34
CA ARG A 115 -55.19 -67.30 -6.73
C ARG A 115 -53.78 -67.05 -7.26
N ASN A 116 -53.60 -66.28 -8.32
CA ASN A 116 -52.29 -66.09 -8.91
C ASN A 116 -51.87 -64.62 -8.92
N ASP A 117 -52.54 -63.76 -8.16
CA ASP A 117 -52.18 -62.35 -8.03
C ASP A 117 -52.12 -61.64 -9.40
N ILE A 118 -53.19 -61.81 -10.16
CA ILE A 118 -53.34 -61.10 -11.41
C ILE A 118 -54.57 -60.24 -11.30
N ASN A 119 -54.49 -58.99 -11.77
CA ASN A 119 -55.74 -58.24 -11.80
C ASN A 119 -56.01 -57.54 -13.11
N THR A 120 -55.24 -57.83 -14.18
CA THR A 120 -55.66 -57.41 -15.51
C THR A 120 -55.68 -58.61 -16.43
N ILE A 121 -56.82 -58.82 -17.08
CA ILE A 121 -56.95 -59.84 -18.10
C ILE A 121 -57.20 -59.17 -19.43
N ASN A 122 -56.76 -59.84 -20.50
CA ASN A 122 -56.82 -59.29 -21.85
C ASN A 122 -57.26 -60.38 -22.80
N ASP A 123 -58.09 -60.01 -23.76
CA ASP A 123 -58.38 -60.96 -24.83
C ASP A 123 -58.10 -60.31 -26.20
N GLY A 124 -58.32 -61.13 -27.22
CA GLY A 124 -58.20 -60.71 -28.59
C GLY A 124 -59.52 -60.66 -29.33
N ILE A 125 -60.61 -60.27 -28.65
CA ILE A 125 -61.80 -59.95 -29.41
C ILE A 125 -61.50 -58.73 -30.28
N THR A 126 -62.20 -58.67 -31.43
CA THR A 126 -61.96 -57.68 -32.45
C THR A 126 -63.28 -57.14 -32.97
N HIS A 127 -63.21 -55.88 -33.39
CA HIS A 127 -64.32 -55.19 -34.02
C HIS A 127 -64.86 -55.97 -35.22
N TYR A 128 -63.96 -56.48 -36.08
CA TYR A 128 -64.42 -57.08 -37.33
C TYR A 128 -65.08 -58.44 -37.04
N GLN A 129 -64.95 -59.01 -35.84
CA GLN A 129 -65.61 -60.27 -35.53
C GLN A 129 -66.91 -60.10 -34.71
N MET A 130 -67.54 -58.91 -34.79
CA MET A 130 -68.65 -58.58 -33.90
C MET A 130 -69.93 -59.39 -34.16
N GLU A 131 -70.02 -60.11 -35.29
CA GLU A 131 -71.14 -61.03 -35.50
C GLU A 131 -71.16 -62.13 -34.42
N PHE A 132 -70.00 -62.47 -33.83
CA PHE A 132 -69.94 -63.52 -32.83
C PHE A 132 -70.39 -62.95 -31.48
N PRO A 133 -71.29 -63.67 -30.77
CA PRO A 133 -72.00 -63.11 -29.62
C PRO A 133 -71.07 -62.61 -28.52
N GLU A 134 -70.00 -63.35 -28.25
CA GLU A 134 -69.11 -62.99 -27.17
C GLU A 134 -68.23 -61.78 -27.53
N GLN A 135 -68.26 -61.36 -28.79
CA GLN A 135 -67.44 -60.23 -29.21
C GLN A 135 -68.29 -58.96 -29.38
N ARG A 136 -69.61 -59.07 -29.19
CA ARG A 136 -70.46 -57.88 -29.31
C ARG A 136 -70.15 -56.92 -28.17
N LEU A 137 -70.38 -55.63 -28.37
CA LEU A 137 -70.21 -54.65 -27.31
C LEU A 137 -71.07 -54.99 -26.09
N VAL A 138 -72.31 -55.48 -26.29
CA VAL A 138 -73.16 -55.80 -25.16
C VAL A 138 -72.54 -56.93 -24.32
N ALA A 139 -71.89 -57.91 -24.96
CA ALA A 139 -71.29 -58.99 -24.18
C ALA A 139 -70.01 -58.51 -23.48
N LYS A 140 -69.20 -57.75 -24.20
CA LYS A 140 -67.96 -57.22 -23.64
C LYS A 140 -68.26 -56.37 -22.42
N THR A 141 -69.26 -55.50 -22.51
CA THR A 141 -69.54 -54.58 -21.39
C THR A 141 -70.13 -55.39 -20.23
N PHE A 142 -70.98 -56.39 -20.50
CA PHE A 142 -71.47 -57.28 -19.45
C PHE A 142 -70.29 -57.95 -18.72
N LEU A 143 -69.34 -58.49 -19.47
CA LEU A 143 -68.24 -59.23 -18.87
C LEU A 143 -67.24 -58.29 -18.20
N MET A 144 -67.04 -57.07 -18.74
CA MET A 144 -66.24 -56.08 -18.02
C MET A 144 -66.82 -55.81 -16.64
N GLU A 145 -68.16 -55.66 -16.57
CA GLU A 145 -68.84 -55.35 -15.32
C GLU A 145 -68.69 -56.54 -14.37
N MET A 146 -68.83 -57.76 -14.90
CA MET A 146 -68.70 -58.94 -14.06
C MET A 146 -67.31 -59.01 -13.43
N MET A 147 -66.28 -58.76 -14.23
CA MET A 147 -64.92 -58.86 -13.75
C MET A 147 -64.63 -57.74 -12.75
N ALA A 148 -65.16 -56.54 -13.02
CA ALA A 148 -64.97 -55.39 -12.15
C ALA A 148 -65.56 -55.67 -10.77
N GLN A 149 -66.61 -56.46 -10.68
CA GLN A 149 -67.16 -56.78 -9.36
C GLN A 149 -66.15 -57.57 -8.55
N TYR A 150 -65.18 -58.23 -9.20
CA TYR A 150 -64.15 -58.98 -8.50
C TYR A 150 -62.84 -58.23 -8.52
N ASP A 151 -62.85 -56.91 -8.80
CA ASP A 151 -61.67 -56.09 -8.89
C ASP A 151 -60.69 -56.58 -9.95
N ILE A 152 -61.22 -57.07 -11.07
CA ILE A 152 -60.39 -57.46 -12.19
C ILE A 152 -60.70 -56.54 -13.36
N ASN A 153 -59.63 -56.00 -13.94
CA ASN A 153 -59.72 -55.15 -15.10
C ASN A 153 -59.64 -56.01 -16.36
N TYR A 154 -60.72 -56.01 -17.15
CA TYR A 154 -60.81 -56.77 -18.37
C TYR A 154 -60.64 -55.81 -19.56
N GLN A 155 -59.56 -56.01 -20.32
CA GLN A 155 -59.23 -55.16 -21.45
C GLN A 155 -59.18 -56.01 -22.73
N SER A 156 -59.33 -55.32 -23.85
CA SER A 156 -59.33 -55.92 -25.16
C SER A 156 -58.40 -55.08 -26.05
N PRO A 157 -57.06 -55.28 -25.99
CA PRO A 157 -56.13 -54.31 -26.56
C PRO A 157 -56.09 -54.23 -28.08
N VAL A 158 -56.62 -55.22 -28.81
CA VAL A 158 -56.66 -55.13 -30.27
C VAL A 158 -58.07 -54.91 -30.79
N TYR A 159 -59.05 -54.64 -29.92
CA TYR A 159 -60.45 -54.62 -30.31
C TYR A 159 -60.73 -53.52 -31.34
N GLU A 160 -60.25 -52.30 -31.06
CA GLU A 160 -60.51 -51.17 -31.91
C GLU A 160 -59.60 -51.14 -33.12
N PHE A 161 -58.36 -51.55 -32.97
CA PHE A 161 -57.43 -51.54 -34.10
C PHE A 161 -57.89 -52.51 -35.21
N ALA A 162 -58.43 -53.68 -34.85
CA ALA A 162 -58.64 -54.72 -35.85
C ALA A 162 -59.94 -54.50 -36.62
N GLN A 163 -59.86 -53.67 -37.67
CA GLN A 163 -60.96 -53.45 -38.58
C GLN A 163 -61.03 -54.58 -39.63
N SER A 164 -59.98 -55.40 -39.80
CA SER A 164 -60.04 -56.61 -40.60
C SER A 164 -58.96 -57.57 -40.12
N ALA A 165 -59.05 -58.81 -40.56
CA ALA A 165 -58.06 -59.82 -40.25
C ALA A 165 -56.68 -59.39 -40.78
N ASP A 166 -56.65 -58.71 -41.93
CA ASP A 166 -55.40 -58.25 -42.52
C ASP A 166 -54.62 -57.32 -41.60
N ASP A 167 -55.33 -56.47 -40.84
CA ASP A 167 -54.68 -55.57 -39.91
C ASP A 167 -53.88 -56.38 -38.89
N VAL A 168 -54.50 -57.43 -38.33
CA VAL A 168 -53.83 -58.24 -37.35
C VAL A 168 -52.67 -59.01 -37.98
N LYS A 169 -52.92 -59.66 -39.12
CA LYS A 169 -51.96 -60.51 -39.79
C LYS A 169 -50.64 -59.78 -40.03
N TYR A 170 -50.69 -58.57 -40.58
CA TYR A 170 -49.46 -57.94 -41.03
C TYR A 170 -48.70 -57.33 -39.87
N ARG A 171 -49.36 -57.06 -38.72
CA ARG A 171 -48.62 -56.74 -37.51
C ARG A 171 -47.87 -57.97 -37.01
N LEU A 172 -48.52 -59.13 -37.02
CA LEU A 172 -47.84 -60.35 -36.62
C LEU A 172 -46.62 -60.60 -37.51
N LEU A 173 -46.78 -60.45 -38.81
CA LEU A 173 -45.69 -60.69 -39.74
C LEU A 173 -44.49 -59.77 -39.42
N GLN A 174 -44.78 -58.53 -39.01
CA GLN A 174 -43.74 -57.58 -38.67
C GLN A 174 -42.98 -58.02 -37.40
N LEU A 175 -43.59 -58.87 -36.59
CA LEU A 175 -42.95 -59.43 -35.41
C LEU A 175 -42.14 -60.68 -35.71
N GLY A 176 -42.16 -61.16 -36.96
CA GLY A 176 -41.49 -62.39 -37.29
C GLY A 176 -42.30 -63.61 -36.85
N ILE A 177 -43.63 -63.43 -36.72
CA ILE A 177 -44.54 -64.50 -36.32
C ILE A 177 -45.48 -64.85 -37.48
N SER A 178 -45.83 -66.14 -37.61
CA SER A 178 -46.74 -66.62 -38.62
C SER A 178 -48.08 -65.86 -38.57
N THR A 179 -48.67 -65.68 -39.76
CA THR A 179 -49.96 -65.02 -39.92
C THR A 179 -51.13 -66.00 -39.77
N LYS A 180 -50.85 -67.27 -39.64
CA LYS A 180 -51.86 -68.31 -39.56
C LYS A 180 -52.50 -68.33 -38.19
N SER A 181 -53.70 -68.86 -38.16
CA SER A 181 -54.45 -69.05 -36.93
C SER A 181 -54.09 -70.43 -36.37
N LEU A 182 -53.19 -70.48 -35.37
CA LEU A 182 -52.66 -71.76 -34.91
C LEU A 182 -53.40 -72.18 -33.64
N GLU A 183 -54.65 -72.57 -33.83
CA GLU A 183 -55.57 -72.81 -32.76
C GLU A 183 -56.34 -74.09 -33.07
N GLY A 184 -56.98 -74.65 -32.03
CA GLY A 184 -57.96 -75.70 -32.21
C GLY A 184 -59.26 -75.07 -32.71
N ILE A 185 -60.22 -75.89 -33.10
CA ILE A 185 -61.54 -75.38 -33.39
C ILE A 185 -62.56 -76.03 -32.45
N SER A 186 -63.64 -75.32 -32.17
CA SER A 186 -64.76 -75.85 -31.46
C SER A 186 -65.49 -76.81 -32.38
N ILE A 187 -65.98 -77.94 -31.86
CA ILE A 187 -66.91 -78.76 -32.61
C ILE A 187 -68.16 -77.95 -32.96
N PHE A 188 -68.47 -76.91 -32.19
CA PHE A 188 -69.63 -76.06 -32.41
C PHE A 188 -69.36 -74.99 -33.52
N ALA A 189 -68.20 -75.03 -34.16
CA ALA A 189 -67.92 -74.24 -35.36
C ALA A 189 -69.03 -74.40 -36.39
N ASP A 190 -69.54 -73.26 -36.86
CA ASP A 190 -70.53 -73.23 -37.94
C ASP A 190 -71.72 -74.09 -37.56
N SER A 191 -72.18 -73.99 -36.30
CA SER A 191 -73.32 -74.78 -35.83
C SER A 191 -74.46 -73.89 -35.31
N PHE A 192 -74.45 -72.61 -35.67
CA PHE A 192 -75.36 -71.63 -35.09
C PHE A 192 -75.69 -70.54 -36.11
N SER A 193 -76.85 -69.89 -35.92
CA SER A 193 -77.22 -68.69 -36.67
C SER A 193 -76.98 -67.49 -35.74
N THR A 194 -77.09 -66.27 -36.30
CA THR A 194 -76.68 -65.04 -35.61
C THR A 194 -77.77 -64.61 -34.65
N PRO A 195 -77.46 -64.43 -33.35
CA PRO A 195 -78.45 -63.96 -32.39
C PRO A 195 -78.50 -62.42 -32.33
N SER A 196 -79.65 -61.89 -31.90
CA SER A 196 -79.78 -60.47 -31.62
C SER A 196 -78.98 -60.11 -30.37
N ASP A 197 -78.65 -58.82 -30.23
CA ASP A 197 -78.08 -58.27 -29.02
C ASP A 197 -78.96 -58.55 -27.79
N ASP A 198 -80.29 -58.45 -27.94
CA ASP A 198 -81.20 -58.68 -26.83
C ASP A 198 -81.06 -60.09 -26.30
N VAL A 199 -80.96 -61.06 -27.22
CA VAL A 199 -80.84 -62.45 -26.85
C VAL A 199 -79.50 -62.67 -26.16
N VAL A 200 -78.42 -62.09 -26.68
CA VAL A 200 -77.10 -62.27 -26.10
C VAL A 200 -77.13 -61.82 -24.64
N LEU A 201 -77.71 -60.64 -24.41
CA LEU A 201 -77.74 -60.07 -23.08
C LEU A 201 -78.66 -60.89 -22.17
N ALA A 202 -79.82 -61.32 -22.70
CA ALA A 202 -80.73 -62.10 -21.86
C ALA A 202 -80.09 -63.42 -21.41
N TYR A 203 -79.36 -64.08 -22.33
CA TYR A 203 -78.69 -65.34 -22.02
C TYR A 203 -77.65 -65.11 -20.94
N LEU A 204 -76.83 -64.07 -21.11
CA LEU A 204 -75.79 -63.77 -20.14
C LEU A 204 -76.43 -63.51 -18.76
N ARG A 205 -77.51 -62.75 -18.69
CA ARG A 205 -78.15 -62.48 -17.42
C ARG A 205 -78.74 -63.74 -16.78
N GLU A 206 -79.33 -64.61 -17.59
CA GLU A 206 -79.90 -65.83 -17.08
C GLU A 206 -78.80 -66.75 -16.51
N LYS A 207 -77.64 -66.85 -17.17
CA LYS A 207 -76.60 -67.77 -16.77
C LYS A 207 -75.68 -67.20 -15.70
N ALA A 208 -75.69 -65.89 -15.49
CA ALA A 208 -74.79 -65.23 -14.55
C ALA A 208 -74.84 -65.86 -13.16
N PRO A 209 -76.01 -66.15 -12.56
CA PRO A 209 -76.05 -66.78 -11.26
C PRO A 209 -75.29 -68.11 -11.18
N LEU A 210 -75.35 -68.90 -12.25
CA LEU A 210 -74.59 -70.14 -12.33
C LEU A 210 -73.10 -69.82 -12.35
N ALA A 211 -72.71 -68.81 -13.15
CA ALA A 211 -71.31 -68.44 -13.23
C ALA A 211 -70.78 -67.99 -11.87
N HIS A 212 -71.50 -67.12 -11.18
CA HIS A 212 -71.06 -66.65 -9.86
C HIS A 212 -71.00 -67.82 -8.88
N ASN A 213 -71.94 -68.74 -8.94
CA ASN A 213 -71.96 -69.88 -8.04
C ASN A 213 -70.72 -70.73 -8.28
N ILE A 214 -70.33 -70.90 -9.55
CA ILE A 214 -69.11 -71.62 -9.89
C ILE A 214 -67.89 -70.92 -9.32
N VAL A 215 -67.86 -69.59 -9.40
CA VAL A 215 -66.79 -68.82 -8.78
C VAL A 215 -66.70 -69.14 -7.30
N ASN A 216 -67.85 -69.17 -6.61
CA ASN A 216 -67.90 -69.38 -5.17
C ASN A 216 -67.43 -70.80 -4.83
N PHE A 217 -67.84 -71.80 -5.63
CA PHE A 217 -67.39 -73.16 -5.40
C PHE A 217 -65.88 -73.25 -5.61
N LEU A 218 -65.36 -72.66 -6.68
CA LEU A 218 -63.94 -72.73 -6.99
C LEU A 218 -63.12 -72.07 -5.91
N ALA A 219 -63.71 -71.09 -5.19
CA ALA A 219 -63.05 -70.40 -4.09
C ALA A 219 -63.14 -71.22 -2.80
N GLY A 220 -63.87 -72.32 -2.81
CA GLY A 220 -64.03 -73.12 -1.63
C GLY A 220 -65.09 -72.58 -0.66
N GLU A 221 -66.03 -71.75 -1.14
CA GLU A 221 -66.92 -71.00 -0.24
C GLU A 221 -68.30 -71.65 -0.17
N THR A 222 -68.71 -72.45 -1.16
CA THR A 222 -69.98 -73.15 -1.00
C THR A 222 -69.94 -74.42 -1.84
N LEU A 223 -70.81 -75.37 -1.47
CA LEU A 223 -71.14 -76.50 -2.31
C LEU A 223 -72.49 -76.33 -2.97
N ASN A 224 -73.36 -75.52 -2.34
CA ASN A 224 -74.75 -75.49 -2.74
C ASN A 224 -74.95 -74.85 -4.10
N PRO A 225 -76.01 -75.26 -4.83
CA PRO A 225 -76.34 -74.71 -6.13
C PRO A 225 -76.90 -73.30 -6.05
N PRO A 226 -77.11 -72.59 -7.18
CA PRO A 226 -77.89 -71.34 -7.16
C PRO A 226 -79.36 -71.55 -6.75
N VAL B 7 -51.77 -73.37 7.53
CA VAL B 7 -53.04 -74.03 7.90
C VAL B 7 -52.76 -75.47 8.28
N LYS B 8 -53.34 -75.91 9.41
CA LYS B 8 -53.02 -77.23 9.92
C LYS B 8 -53.61 -78.32 9.03
N PRO B 9 -52.85 -79.32 8.58
CA PRO B 9 -53.42 -80.41 7.79
C PRO B 9 -54.50 -81.19 8.51
N GLN B 10 -55.51 -81.62 7.75
CA GLN B 10 -56.58 -82.46 8.26
C GLN B 10 -56.52 -83.78 7.53
N LEU B 11 -57.18 -84.80 8.07
CA LEU B 11 -57.23 -86.10 7.43
C LEU B 11 -58.55 -86.30 6.70
N VAL B 12 -58.51 -86.99 5.57
CA VAL B 12 -59.73 -87.42 4.89
C VAL B 12 -59.67 -88.94 4.74
N MET B 13 -60.76 -89.59 5.20
CA MET B 13 -61.00 -91.00 4.96
C MET B 13 -61.40 -91.16 3.51
N PHE B 14 -60.48 -91.74 2.74
CA PHE B 14 -60.49 -91.63 1.29
C PHE B 14 -60.50 -93.00 0.64
N THR B 15 -61.46 -93.21 -0.28
CA THR B 15 -61.59 -94.49 -0.98
C THR B 15 -61.22 -94.35 -2.45
N GLY B 16 -61.15 -93.12 -2.95
CA GLY B 16 -61.15 -92.89 -4.40
C GLY B 16 -62.56 -92.71 -4.95
N GLY B 17 -63.56 -93.05 -4.15
CA GLY B 17 -64.95 -92.80 -4.52
C GLY B 17 -65.26 -91.32 -4.66
N ARG B 18 -66.42 -91.05 -5.25
CA ARG B 18 -66.79 -89.70 -5.62
C ARG B 18 -66.87 -88.80 -4.39
N ASP B 19 -67.51 -89.27 -3.31
CA ASP B 19 -67.86 -88.39 -2.21
C ASP B 19 -66.63 -88.02 -1.38
N SER B 20 -65.78 -89.01 -1.10
CA SER B 20 -64.56 -88.75 -0.35
C SER B 20 -63.57 -87.92 -1.18
N THR B 21 -63.57 -88.14 -2.51
CA THR B 21 -62.77 -87.29 -3.40
C THR B 21 -63.25 -85.83 -3.26
N LEU B 22 -64.57 -85.62 -3.34
CA LEU B 22 -65.11 -84.28 -3.29
C LEU B 22 -64.84 -83.64 -1.92
N ALA B 23 -64.96 -84.40 -0.83
CA ALA B 23 -64.72 -83.86 0.49
C ALA B 23 -63.28 -83.34 0.60
N ALA B 24 -62.32 -84.17 0.17
CA ALA B 24 -60.93 -83.77 0.17
C ALA B 24 -60.71 -82.53 -0.70
N CYS B 25 -61.28 -82.49 -1.90
CA CYS B 25 -61.10 -81.38 -2.83
C CYS B 25 -61.66 -80.10 -2.23
N TYR B 26 -62.83 -80.19 -1.61
CA TYR B 26 -63.48 -79.01 -1.08
C TYR B 26 -62.65 -78.42 0.06
N LEU B 27 -62.09 -79.28 0.93
CA LEU B 27 -61.17 -78.78 1.97
C LEU B 27 -59.97 -78.07 1.34
N MET B 28 -59.38 -78.69 0.29
CA MET B 28 -58.20 -78.13 -0.32
C MET B 28 -58.53 -76.79 -0.99
N LEU B 29 -59.72 -76.66 -1.58
CA LEU B 29 -60.15 -75.41 -2.19
C LEU B 29 -60.13 -74.30 -1.15
N GLN B 30 -60.38 -74.65 0.11
CA GLN B 30 -60.43 -73.68 1.19
C GLN B 30 -59.01 -73.37 1.67
N GLY B 31 -57.98 -74.05 1.19
CA GLY B 31 -56.63 -73.80 1.65
C GLY B 31 -56.20 -74.80 2.74
N ILE B 32 -57.03 -75.81 3.03
CA ILE B 32 -56.71 -76.78 4.06
C ILE B 32 -55.93 -77.94 3.43
N PRO B 33 -54.68 -78.19 3.87
CA PRO B 33 -53.96 -79.35 3.38
C PRO B 33 -54.62 -80.63 3.87
N VAL B 34 -54.59 -81.68 3.03
CA VAL B 34 -55.23 -82.92 3.40
C VAL B 34 -54.26 -84.09 3.31
N HIS B 35 -54.31 -84.91 4.36
CA HIS B 35 -53.67 -86.22 4.41
C HIS B 35 -54.75 -87.23 4.05
N LEU B 36 -54.59 -87.88 2.91
CA LEU B 36 -55.54 -88.90 2.47
C LEU B 36 -55.21 -90.20 3.20
N TRP B 37 -56.23 -90.85 3.77
CA TRP B 37 -56.05 -92.10 4.49
C TRP B 37 -57.05 -93.12 3.97
N SER B 38 -56.53 -94.25 3.50
CA SER B 38 -57.31 -95.36 2.96
C SER B 38 -57.11 -96.60 3.84
N GLY B 39 -58.20 -97.15 4.37
CA GLY B 39 -58.14 -98.37 5.17
C GLY B 39 -58.31 -99.59 4.26
N ASN B 40 -57.32 -100.47 4.26
CA ASN B 40 -57.42 -101.77 3.61
C ASN B 40 -57.80 -102.84 4.63
N SER B 41 -59.08 -103.25 4.56
CA SER B 41 -59.75 -104.18 5.48
C SER B 41 -59.28 -105.60 5.16
N GLY B 42 -58.72 -105.81 3.96
CA GLY B 42 -58.24 -107.13 3.55
C GLY B 42 -59.26 -107.95 2.76
N CYS B 43 -60.44 -107.36 2.53
CA CYS B 43 -61.51 -107.99 1.80
C CYS B 43 -61.98 -107.08 0.66
N SER B 44 -61.07 -106.25 0.11
CA SER B 44 -61.41 -105.31 -0.94
C SER B 44 -60.79 -105.76 -2.26
N LEU B 45 -61.55 -105.69 -3.35
CA LEU B 45 -61.15 -106.20 -4.65
C LEU B 45 -60.87 -105.02 -5.60
N HIS B 46 -59.93 -105.22 -6.52
CA HIS B 46 -59.68 -104.32 -7.63
C HIS B 46 -59.47 -102.88 -7.17
N ARG B 47 -58.48 -102.71 -6.28
CA ARG B 47 -58.13 -101.44 -5.69
C ARG B 47 -57.19 -100.61 -6.57
N GLY B 48 -56.64 -101.20 -7.63
CA GLY B 48 -55.62 -100.60 -8.46
C GLY B 48 -56.03 -99.24 -9.05
N ILE B 49 -57.32 -99.02 -9.32
CA ILE B 49 -57.75 -97.78 -9.99
C ILE B 49 -57.60 -96.57 -9.08
N LEU B 50 -57.48 -96.79 -7.78
CA LEU B 50 -57.27 -95.72 -6.82
C LEU B 50 -56.14 -94.77 -7.23
N SER B 51 -55.09 -95.32 -7.81
CA SER B 51 -53.92 -94.52 -8.09
C SER B 51 -54.23 -93.51 -9.19
N HIS B 52 -55.17 -93.82 -10.10
CA HIS B 52 -55.58 -92.85 -11.11
C HIS B 52 -56.21 -91.63 -10.41
N ARG B 53 -57.01 -91.88 -9.36
CA ARG B 53 -57.67 -90.79 -8.67
C ARG B 53 -56.67 -89.91 -7.89
N VAL B 54 -55.72 -90.55 -7.21
CA VAL B 54 -54.70 -89.80 -6.48
C VAL B 54 -53.94 -88.89 -7.44
N GLU B 55 -53.59 -89.40 -8.62
CA GLU B 55 -52.91 -88.60 -9.63
C GLU B 55 -53.77 -87.40 -10.04
N GLU B 56 -55.08 -87.63 -10.26
CA GLU B 56 -55.95 -86.52 -10.63
C GLU B 56 -55.91 -85.43 -9.57
N MET B 57 -55.92 -85.86 -8.31
CA MET B 57 -56.01 -84.91 -7.21
C MET B 57 -54.71 -84.12 -7.04
N LYS B 58 -53.58 -84.81 -7.16
CA LYS B 58 -52.29 -84.17 -7.12
C LYS B 58 -52.11 -83.19 -8.28
N ASN B 59 -52.59 -83.55 -9.47
CA ASN B 59 -52.51 -82.62 -10.59
C ASN B 59 -53.35 -81.40 -10.33
N ARG B 60 -54.52 -81.54 -9.69
CA ARG B 60 -55.42 -80.41 -9.56
C ARG B 60 -55.05 -79.54 -8.35
N PHE B 61 -54.46 -80.12 -7.28
CA PHE B 61 -54.27 -79.40 -6.03
C PHE B 61 -52.80 -79.32 -5.58
N GLY B 62 -51.88 -80.05 -6.23
CA GLY B 62 -50.45 -79.96 -5.92
C GLY B 62 -50.16 -80.31 -4.45
N ASP B 63 -49.41 -79.43 -3.80
CA ASP B 63 -48.87 -79.64 -2.48
C ASP B 63 -49.93 -79.65 -1.38
N LEU B 64 -51.17 -79.23 -1.68
CA LEU B 64 -52.22 -79.35 -0.68
C LEU B 64 -52.56 -80.82 -0.39
N VAL B 65 -52.19 -81.74 -1.29
CA VAL B 65 -52.25 -83.16 -0.97
C VAL B 65 -50.97 -83.50 -0.23
N VAL B 66 -51.02 -83.65 1.09
CA VAL B 66 -49.77 -83.74 1.82
C VAL B 66 -49.37 -85.20 1.96
N GLY B 67 -50.22 -86.17 1.67
CA GLY B 67 -49.81 -87.56 1.73
C GLY B 67 -50.99 -88.46 1.45
N HIS B 68 -50.70 -89.73 1.18
CA HIS B 68 -51.69 -90.78 1.07
C HIS B 68 -51.15 -91.99 1.86
N THR B 69 -51.79 -92.32 2.99
CA THR B 69 -51.48 -93.50 3.77
C THR B 69 -52.47 -94.59 3.38
N VAL B 70 -51.97 -95.77 3.03
CA VAL B 70 -52.79 -96.94 2.89
C VAL B 70 -52.51 -97.84 4.09
N ALA B 71 -53.47 -97.97 4.99
CA ALA B 71 -53.23 -98.65 6.25
C ALA B 71 -53.85 -100.04 6.19
N ASP B 72 -53.11 -101.04 6.64
CA ASP B 72 -53.63 -102.40 6.78
C ASP B 72 -54.41 -102.48 8.08
N ILE B 73 -55.75 -102.53 8.00
CA ILE B 73 -56.58 -102.58 9.18
C ILE B 73 -57.26 -103.95 9.28
N SER B 74 -56.77 -104.94 8.53
CA SER B 74 -57.39 -106.27 8.47
C SER B 74 -57.53 -106.90 9.87
N GLY B 75 -56.54 -106.71 10.75
CA GLY B 75 -56.61 -107.36 12.05
C GLY B 75 -57.72 -106.80 12.93
N ALA B 76 -57.80 -105.47 13.01
CA ALA B 76 -58.84 -104.82 13.76
C ALA B 76 -60.21 -105.14 13.15
N PHE B 77 -60.31 -105.14 11.82
CA PHE B 77 -61.56 -105.48 11.16
C PHE B 77 -61.98 -106.90 11.54
N ARG B 78 -61.03 -107.84 11.46
CA ARG B 78 -61.33 -109.21 11.84
C ARG B 78 -61.84 -109.28 13.28
N SER B 79 -61.14 -108.62 14.21
CA SER B 79 -61.49 -108.72 15.62
C SER B 79 -62.88 -108.18 15.88
N ILE B 80 -63.22 -107.06 15.24
CA ILE B 80 -64.49 -106.38 15.50
C ILE B 80 -65.65 -107.10 14.78
N ALA B 81 -65.48 -107.46 13.51
CA ALA B 81 -66.60 -107.81 12.65
C ALA B 81 -66.63 -109.24 12.16
N ILE B 82 -65.51 -109.95 12.10
CA ILE B 82 -65.48 -111.26 11.48
C ILE B 82 -65.37 -112.38 12.50
N GLU B 83 -64.56 -112.18 13.54
CA GLU B 83 -64.32 -113.22 14.56
C GLU B 83 -65.65 -113.79 15.10
N ALA B 84 -66.65 -112.94 15.30
CA ALA B 84 -67.91 -113.41 15.86
C ALA B 84 -69.05 -113.33 14.80
N LEU B 85 -68.73 -113.42 13.52
CA LEU B 85 -69.68 -113.17 12.44
C LEU B 85 -70.88 -114.12 12.53
N GLU B 86 -70.62 -115.42 12.75
CA GLU B 86 -71.70 -116.37 12.85
C GLU B 86 -72.72 -115.92 13.92
N GLN B 87 -72.20 -115.74 15.15
CA GLN B 87 -73.07 -115.39 16.26
C GLN B 87 -73.68 -114.01 16.06
N ASP B 88 -72.95 -113.05 15.50
CA ASP B 88 -73.48 -111.72 15.31
C ASP B 88 -74.65 -111.75 14.34
N ILE B 89 -74.54 -112.50 13.23
CA ILE B 89 -75.62 -112.56 12.27
C ILE B 89 -76.81 -113.29 12.87
N LEU B 90 -76.57 -114.41 13.58
CA LEU B 90 -77.68 -115.11 14.19
C LEU B 90 -78.43 -114.24 15.19
N LYS B 91 -77.73 -113.42 15.95
CA LYS B 91 -78.40 -112.68 17.00
C LYS B 91 -79.06 -111.42 16.43
N TYR B 92 -78.42 -110.63 15.55
CA TYR B 92 -79.08 -109.46 15.04
C TYR B 92 -79.90 -109.70 13.76
N ARG B 93 -79.74 -110.85 13.11
CA ARG B 93 -80.43 -111.21 11.88
C ARG B 93 -80.07 -110.26 10.75
N LYS B 94 -78.93 -109.63 10.86
CA LYS B 94 -78.41 -108.75 9.83
C LYS B 94 -76.89 -108.89 9.76
N ASN B 95 -76.38 -108.90 8.57
CA ASN B 95 -74.97 -108.79 8.28
C ASN B 95 -74.51 -107.36 8.44
N LEU B 96 -73.75 -107.07 9.49
CA LEU B 96 -73.33 -105.71 9.79
C LEU B 96 -71.80 -105.54 9.68
N VAL B 97 -71.15 -106.36 8.85
CA VAL B 97 -69.70 -106.33 8.81
C VAL B 97 -69.20 -104.97 8.35
N LEU B 98 -69.93 -104.30 7.46
CA LEU B 98 -69.45 -103.03 6.92
C LEU B 98 -69.62 -101.92 7.96
N LEU B 99 -70.53 -102.11 8.93
CA LEU B 99 -70.61 -101.19 10.06
C LEU B 99 -69.40 -101.42 10.98
N GLY B 100 -69.08 -102.69 11.25
CA GLY B 100 -67.89 -103.07 11.98
C GLY B 100 -66.63 -102.52 11.32
N GLU B 101 -66.59 -102.55 9.99
CA GLU B 101 -65.43 -102.03 9.29
C GLU B 101 -65.23 -100.55 9.61
N LYS B 102 -66.33 -99.78 9.61
CA LYS B 102 -66.22 -98.34 9.84
C LYS B 102 -65.75 -98.10 11.27
N LEU B 103 -66.18 -98.93 12.22
CA LEU B 103 -65.67 -98.81 13.57
C LEU B 103 -64.16 -99.13 13.66
N ALA B 104 -63.73 -100.15 12.93
CA ALA B 104 -62.31 -100.51 12.87
C ALA B 104 -61.48 -99.36 12.31
N ILE B 105 -62.03 -98.70 11.28
CA ILE B 105 -61.39 -97.53 10.72
C ILE B 105 -61.18 -96.45 11.79
N HIS B 106 -62.24 -96.19 12.56
CA HIS B 106 -62.20 -95.12 13.56
C HIS B 106 -61.19 -95.43 14.68
N ALA B 107 -61.14 -96.70 15.09
CA ALA B 107 -60.15 -97.11 16.08
C ALA B 107 -58.73 -96.85 15.57
N HIS B 108 -58.45 -97.27 14.33
CA HIS B 108 -57.14 -97.00 13.75
C HIS B 108 -56.88 -95.50 13.64
N LEU B 109 -57.93 -94.71 13.35
CA LEU B 109 -57.73 -93.28 13.18
C LEU B 109 -57.37 -92.57 14.48
N VAL B 110 -57.84 -93.10 15.63
CA VAL B 110 -57.44 -92.50 16.88
C VAL B 110 -55.93 -92.60 16.99
N ASP B 111 -55.40 -93.79 16.75
CA ASP B 111 -53.96 -94.03 16.88
C ASP B 111 -53.17 -93.21 15.85
N PHE B 112 -53.65 -93.19 14.62
CA PHE B 112 -52.99 -92.45 13.57
C PHE B 112 -52.95 -90.97 13.90
N CYS B 113 -54.08 -90.39 14.33
CA CYS B 113 -54.16 -88.97 14.65
C CYS B 113 -53.25 -88.61 15.80
N ARG B 114 -53.21 -89.45 16.82
CA ARG B 114 -52.36 -89.15 17.95
C ARG B 114 -50.91 -89.24 17.56
N ARG B 115 -50.53 -90.12 16.63
CA ARG B 115 -49.11 -90.30 16.33
C ARG B 115 -48.67 -89.31 15.24
N ASN B 116 -49.60 -88.65 14.53
CA ASN B 116 -49.23 -87.81 13.42
C ASN B 116 -49.73 -86.37 13.60
N ASP B 117 -50.11 -85.97 14.81
CA ASP B 117 -50.51 -84.60 15.11
C ASP B 117 -51.66 -84.11 14.22
N ILE B 118 -52.70 -84.92 14.15
CA ILE B 118 -53.90 -84.55 13.42
C ILE B 118 -55.04 -84.54 14.42
N ASN B 119 -55.92 -83.54 14.39
CA ASN B 119 -57.09 -83.68 15.23
C ASN B 119 -58.41 -83.33 14.56
N THR B 120 -58.43 -83.25 13.23
CA THR B 120 -59.70 -83.24 12.49
C THR B 120 -59.65 -84.34 11.43
N ILE B 121 -60.67 -85.21 11.46
CA ILE B 121 -60.84 -86.20 10.43
C ILE B 121 -62.15 -85.91 9.70
N ASN B 122 -62.19 -86.32 8.42
CA ASN B 122 -63.31 -86.00 7.54
C ASN B 122 -63.64 -87.23 6.71
N ASP B 123 -64.93 -87.47 6.47
CA ASP B 123 -65.29 -88.50 5.54
C ASP B 123 -66.24 -87.98 4.47
N GLY B 124 -66.60 -88.86 3.55
CA GLY B 124 -67.55 -88.56 2.50
C GLY B 124 -68.87 -89.32 2.65
N ILE B 125 -69.32 -89.56 3.90
CA ILE B 125 -70.71 -90.08 4.01
C ILE B 125 -71.67 -89.01 3.52
N THR B 126 -72.82 -89.46 3.00
CA THR B 126 -73.80 -88.61 2.36
C THR B 126 -75.20 -88.97 2.85
N HIS B 127 -76.05 -87.94 2.85
CA HIS B 127 -77.45 -88.04 3.19
C HIS B 127 -78.15 -89.08 2.30
N TYR B 128 -77.87 -89.08 0.99
CA TYR B 128 -78.64 -89.93 0.09
C TYR B 128 -78.22 -91.40 0.29
N GLN B 129 -77.12 -91.69 1.00
CA GLN B 129 -76.73 -93.07 1.23
C GLN B 129 -77.13 -93.57 2.64
N MET B 130 -78.13 -92.96 3.26
CA MET B 130 -78.46 -93.24 4.65
C MET B 130 -79.02 -94.65 4.89
N GLU B 131 -79.43 -95.37 3.84
CA GLU B 131 -79.78 -96.77 4.01
C GLU B 131 -78.59 -97.60 4.54
N PHE B 132 -77.37 -97.19 4.24
CA PHE B 132 -76.18 -97.91 4.70
C PHE B 132 -75.90 -97.57 6.16
N PRO B 133 -75.66 -98.60 7.00
CA PRO B 133 -75.71 -98.43 8.45
C PRO B 133 -74.70 -97.39 8.97
N GLU B 134 -73.51 -97.38 8.37
CA GLU B 134 -72.47 -96.48 8.85
C GLU B 134 -72.74 -95.03 8.46
N GLN B 135 -73.75 -94.81 7.59
CA GLN B 135 -74.06 -93.47 7.14
C GLN B 135 -75.32 -92.94 7.81
N ARG B 136 -75.97 -93.73 8.65
CA ARG B 136 -77.16 -93.27 9.35
C ARG B 136 -76.76 -92.20 10.37
N LEU B 137 -77.66 -91.28 10.67
CA LEU B 137 -77.40 -90.26 11.68
C LEU B 137 -77.02 -90.90 13.03
N VAL B 138 -77.67 -92.02 13.42
CA VAL B 138 -77.35 -92.62 14.70
C VAL B 138 -75.91 -93.12 14.71
N ALA B 139 -75.39 -93.63 13.58
CA ALA B 139 -74.01 -94.12 13.56
C ALA B 139 -73.04 -92.94 13.55
N LYS B 140 -73.33 -91.92 12.74
CA LYS B 140 -72.50 -90.75 12.66
C LYS B 140 -72.35 -90.09 14.03
N THR B 141 -73.47 -89.95 14.74
CA THR B 141 -73.49 -89.31 16.06
C THR B 141 -72.66 -90.13 17.05
N PHE B 142 -72.85 -91.45 17.02
CA PHE B 142 -72.10 -92.35 17.87
C PHE B 142 -70.59 -92.19 17.63
N LEU B 143 -70.17 -92.17 16.36
CA LEU B 143 -68.77 -92.11 16.03
C LEU B 143 -68.20 -90.70 16.31
N MET B 144 -68.99 -89.65 16.12
CA MET B 144 -68.54 -88.32 16.54
C MET B 144 -68.21 -88.31 18.04
N GLU B 145 -69.08 -88.91 18.85
CA GLU B 145 -68.92 -88.96 20.30
C GLU B 145 -67.65 -89.76 20.64
N MET B 146 -67.45 -90.89 19.94
CA MET B 146 -66.29 -91.71 20.20
C MET B 146 -65.00 -90.92 19.93
N MET B 147 -64.96 -90.20 18.81
CA MET B 147 -63.76 -89.48 18.43
C MET B 147 -63.55 -88.30 19.40
N ALA B 148 -64.63 -87.66 19.83
CA ALA B 148 -64.55 -86.54 20.76
C ALA B 148 -63.94 -86.99 22.07
N GLN B 149 -64.14 -88.24 22.49
CA GLN B 149 -63.52 -88.68 23.72
C GLN B 149 -62.01 -88.68 23.58
N TYR B 150 -61.47 -88.70 22.36
CA TYR B 150 -60.03 -88.63 22.17
C TYR B 150 -59.61 -87.25 21.66
N ASP B 151 -60.48 -86.23 21.82
CA ASP B 151 -60.22 -84.88 21.36
C ASP B 151 -60.00 -84.82 19.86
N ILE B 152 -60.73 -85.66 19.10
CA ILE B 152 -60.66 -85.62 17.66
C ILE B 152 -62.02 -85.19 17.15
N ASN B 153 -61.98 -84.20 16.27
CA ASN B 153 -63.15 -83.65 15.64
C ASN B 153 -63.41 -84.43 14.33
N TYR B 154 -64.55 -85.13 14.29
CA TYR B 154 -64.96 -85.92 13.15
C TYR B 154 -66.04 -85.15 12.40
N GLN B 155 -65.73 -84.75 11.15
CA GLN B 155 -66.63 -83.98 10.34
C GLN B 155 -66.95 -84.74 9.06
N SER B 156 -68.09 -84.36 8.44
CA SER B 156 -68.58 -85.00 7.25
C SER B 156 -68.97 -83.90 6.27
N PRO B 157 -68.00 -83.29 5.53
CA PRO B 157 -68.25 -82.02 4.84
C PRO B 157 -69.20 -82.09 3.64
N VAL B 158 -69.47 -83.26 3.08
CA VAL B 158 -70.44 -83.32 1.97
C VAL B 158 -71.76 -83.99 2.39
N TYR B 159 -71.95 -84.25 3.68
CA TYR B 159 -73.07 -85.06 4.15
C TYR B 159 -74.41 -84.43 3.82
N GLU B 160 -74.56 -83.14 4.11
CA GLU B 160 -75.84 -82.47 3.98
C GLU B 160 -76.04 -82.02 2.54
N PHE B 161 -74.97 -81.64 1.85
CA PHE B 161 -75.10 -81.21 0.46
C PHE B 161 -75.57 -82.36 -0.44
N ALA B 162 -75.09 -83.58 -0.21
CA ALA B 162 -75.29 -84.64 -1.21
C ALA B 162 -76.68 -85.28 -1.07
N GLN B 163 -77.67 -84.64 -1.71
CA GLN B 163 -79.02 -85.18 -1.80
C GLN B 163 -79.13 -86.24 -2.90
N SER B 164 -78.16 -86.32 -3.83
CA SER B 164 -78.06 -87.42 -4.77
C SER B 164 -76.60 -87.52 -5.23
N ALA B 165 -76.29 -88.63 -5.89
CA ALA B 165 -74.98 -88.87 -6.46
C ALA B 165 -74.63 -87.77 -7.48
N ASP B 166 -75.65 -87.28 -8.22
CA ASP B 166 -75.46 -86.28 -9.25
C ASP B 166 -74.88 -84.99 -8.66
N ASP B 167 -75.30 -84.64 -7.42
CA ASP B 167 -74.78 -83.44 -6.77
C ASP B 167 -73.26 -83.56 -6.63
N VAL B 168 -72.79 -84.70 -6.15
CA VAL B 168 -71.36 -84.91 -6.00
C VAL B 168 -70.62 -84.92 -7.35
N LYS B 169 -71.16 -85.69 -8.31
CA LYS B 169 -70.54 -85.89 -9.61
C LYS B 169 -70.26 -84.54 -10.29
N TYR B 170 -71.22 -83.65 -10.34
CA TYR B 170 -71.07 -82.46 -11.18
C TYR B 170 -70.20 -81.43 -10.49
N ARG B 171 -70.03 -81.49 -9.16
CA ARG B 171 -69.02 -80.67 -8.52
C ARG B 171 -67.62 -81.19 -8.87
N LEU B 172 -67.45 -82.52 -8.88
CA LEU B 172 -66.18 -83.07 -9.32
C LEU B 172 -65.84 -82.64 -10.74
N LEU B 173 -66.82 -82.72 -11.63
CA LEU B 173 -66.59 -82.35 -13.01
C LEU B 173 -66.11 -80.89 -13.12
N GLN B 174 -66.67 -80.01 -12.27
CA GLN B 174 -66.29 -78.60 -12.28
C GLN B 174 -64.85 -78.41 -11.82
N LEU B 175 -64.30 -79.39 -11.10
CA LEU B 175 -62.90 -79.32 -10.70
C LEU B 175 -61.97 -79.93 -11.76
N GLY B 176 -62.51 -80.44 -12.86
CA GLY B 176 -61.68 -81.11 -13.85
C GLY B 176 -61.27 -82.51 -13.39
N ILE B 177 -62.11 -83.13 -12.55
CA ILE B 177 -61.89 -84.49 -12.05
C ILE B 177 -62.99 -85.41 -12.58
N SER B 178 -62.65 -86.66 -12.88
CA SER B 178 -63.64 -87.62 -13.37
C SER B 178 -64.77 -87.83 -12.33
N THR B 179 -65.96 -88.10 -12.85
CA THR B 179 -67.17 -88.34 -12.10
C THR B 179 -67.31 -89.79 -11.67
N LYS B 180 -66.41 -90.66 -12.12
CA LYS B 180 -66.49 -92.08 -11.83
C LYS B 180 -65.99 -92.35 -10.41
N SER B 181 -66.46 -93.47 -9.89
CA SER B 181 -66.07 -93.93 -8.59
C SER B 181 -64.82 -94.80 -8.70
N LEU B 182 -63.64 -94.22 -8.41
CA LEU B 182 -62.39 -94.91 -8.69
C LEU B 182 -61.85 -95.56 -7.41
N GLU B 183 -62.54 -96.61 -7.00
CA GLU B 183 -62.35 -97.24 -5.72
C GLU B 183 -62.39 -98.75 -5.95
N GLY B 184 -61.87 -99.51 -4.99
CA GLY B 184 -62.09 -100.93 -4.93
C GLY B 184 -63.48 -101.20 -4.38
N ILE B 185 -63.93 -102.45 -4.45
CA ILE B 185 -65.19 -102.80 -3.83
C ILE B 185 -64.96 -103.82 -2.73
N SER B 186 -65.83 -103.78 -1.73
CA SER B 186 -65.83 -104.80 -0.70
C SER B 186 -66.41 -106.07 -1.31
N ILE B 187 -65.84 -107.21 -0.96
CA ILE B 187 -66.47 -108.47 -1.31
C ILE B 187 -67.86 -108.56 -0.65
N PHE B 188 -68.10 -107.82 0.42
CA PHE B 188 -69.37 -107.84 1.12
C PHE B 188 -70.44 -106.93 0.47
N ALA B 189 -70.10 -106.32 -0.68
CA ALA B 189 -71.08 -105.63 -1.52
C ALA B 189 -72.30 -106.51 -1.74
N ASP B 190 -73.47 -105.93 -1.49
CA ASP B 190 -74.76 -106.54 -1.79
C ASP B 190 -74.84 -107.91 -1.12
N SER B 191 -74.40 -107.97 0.16
CA SER B 191 -74.41 -109.21 0.92
C SER B 191 -75.26 -109.09 2.20
N PHE B 192 -76.15 -108.08 2.25
CA PHE B 192 -76.87 -107.77 3.48
C PHE B 192 -78.25 -107.19 3.17
N SER B 193 -79.18 -107.30 4.14
CA SER B 193 -80.45 -106.58 4.10
C SER B 193 -80.34 -105.37 5.04
N THR B 194 -81.32 -104.48 5.02
CA THR B 194 -81.28 -103.19 5.70
C THR B 194 -81.61 -103.37 7.18
N PRO B 195 -80.72 -102.95 8.10
CA PRO B 195 -81.00 -103.05 9.53
C PRO B 195 -81.76 -101.83 10.05
N SER B 196 -82.49 -102.01 11.16
CA SER B 196 -83.12 -100.89 11.85
C SER B 196 -82.03 -100.05 12.53
N ASP B 197 -82.36 -98.80 12.84
CA ASP B 197 -81.53 -97.93 13.67
C ASP B 197 -81.18 -98.57 15.02
N ASP B 198 -82.14 -99.23 15.65
CA ASP B 198 -81.91 -99.84 16.95
C ASP B 198 -80.84 -100.90 16.88
N VAL B 199 -80.88 -101.71 15.82
CA VAL B 199 -79.87 -102.74 15.61
C VAL B 199 -78.50 -102.10 15.36
N VAL B 200 -78.45 -101.06 14.54
CA VAL B 200 -77.19 -100.40 14.22
C VAL B 200 -76.55 -99.92 15.52
N LEU B 201 -77.33 -99.27 16.35
CA LEU B 201 -76.82 -98.70 17.57
C LEU B 201 -76.45 -99.77 18.57
N ALA B 202 -77.24 -100.85 18.66
CA ALA B 202 -76.90 -101.94 19.55
C ALA B 202 -75.55 -102.59 19.18
N TYR B 203 -75.35 -102.79 17.89
CA TYR B 203 -74.11 -103.39 17.39
C TYR B 203 -72.93 -102.48 17.73
N LEU B 204 -73.07 -101.19 17.46
CA LEU B 204 -72.00 -100.24 17.76
C LEU B 204 -71.67 -100.24 19.25
N ARG B 205 -72.70 -100.24 20.12
CA ARG B 205 -72.46 -100.23 21.56
C ARG B 205 -71.79 -101.54 22.02
N GLU B 206 -72.18 -102.66 21.43
CA GLU B 206 -71.60 -103.93 21.80
C GLU B 206 -70.14 -103.97 21.40
N LYS B 207 -69.77 -103.47 20.22
CA LYS B 207 -68.41 -103.56 19.71
C LYS B 207 -67.48 -102.46 20.24
N ALA B 208 -68.05 -101.39 20.77
CA ALA B 208 -67.26 -100.23 21.21
C ALA B 208 -66.14 -100.62 22.19
N PRO B 209 -66.38 -101.44 23.22
CA PRO B 209 -65.30 -101.83 24.13
C PRO B 209 -64.11 -102.51 23.43
N LEU B 210 -64.38 -103.30 22.40
CA LEU B 210 -63.33 -103.91 21.61
C LEU B 210 -62.58 -102.84 20.82
N ALA B 211 -63.30 -101.87 20.26
CA ALA B 211 -62.67 -100.81 19.51
C ALA B 211 -61.75 -99.98 20.40
N HIS B 212 -62.22 -99.60 21.58
CA HIS B 212 -61.39 -98.84 22.51
C HIS B 212 -60.17 -99.68 22.95
N ASN B 213 -60.35 -100.98 23.16
CA ASN B 213 -59.26 -101.85 23.55
C ASN B 213 -58.18 -101.87 22.45
N ILE B 214 -58.61 -101.91 21.20
CA ILE B 214 -57.70 -101.87 20.06
C ILE B 214 -56.92 -100.56 20.05
N VAL B 215 -57.61 -99.45 20.32
CA VAL B 215 -56.94 -98.18 20.49
C VAL B 215 -55.82 -98.27 21.54
N ASN B 216 -56.16 -98.85 22.69
CA ASN B 216 -55.23 -98.94 23.79
C ASN B 216 -54.03 -99.83 23.43
N PHE B 217 -54.26 -100.94 22.73
CA PHE B 217 -53.18 -101.81 22.30
C PHE B 217 -52.27 -101.07 21.33
N LEU B 218 -52.88 -100.38 20.35
CA LEU B 218 -52.12 -99.66 19.33
C LEU B 218 -51.27 -98.55 19.94
N ALA B 219 -51.70 -98.04 21.11
CA ALA B 219 -50.95 -97.02 21.83
C ALA B 219 -49.85 -97.63 22.68
N GLY B 220 -49.79 -98.95 22.77
CA GLY B 220 -48.80 -99.60 23.60
C GLY B 220 -49.18 -99.63 25.09
N GLU B 221 -50.49 -99.52 25.41
CA GLU B 221 -50.91 -99.33 26.81
C GLU B 221 -51.41 -100.63 27.40
N THR B 222 -51.85 -101.60 26.60
CA THR B 222 -52.25 -102.87 27.19
C THR B 222 -52.09 -103.98 26.15
N LEU B 223 -51.98 -105.21 26.63
CA LEU B 223 -52.13 -106.39 25.82
C LEU B 223 -53.45 -107.07 26.09
N ASN B 224 -54.03 -106.84 27.28
CA ASN B 224 -55.17 -107.62 27.72
C ASN B 224 -56.43 -107.32 26.91
N PRO B 225 -57.34 -108.29 26.80
CA PRO B 225 -58.62 -108.10 26.09
C PRO B 225 -59.59 -107.20 26.88
N PRO B 226 -60.72 -106.74 26.31
CA PRO B 226 -61.54 -105.70 26.94
C PRO B 226 -61.98 -105.94 28.39
N SER C 6 -34.41 -89.26 24.33
CA SER C 6 -34.78 -90.55 23.70
C SER C 6 -34.74 -91.65 24.76
N VAL C 7 -35.53 -92.70 24.52
CA VAL C 7 -35.64 -93.83 25.43
C VAL C 7 -34.57 -94.88 25.14
N LYS C 8 -34.02 -95.45 26.19
CA LYS C 8 -32.90 -96.36 26.05
C LYS C 8 -33.31 -97.66 25.35
N PRO C 9 -32.61 -98.10 24.30
CA PRO C 9 -32.90 -99.38 23.67
C PRO C 9 -32.82 -100.58 24.59
N GLN C 10 -33.75 -101.52 24.38
CA GLN C 10 -33.73 -102.78 25.13
C GLN C 10 -33.48 -103.91 24.14
N LEU C 11 -33.12 -105.08 24.65
CA LEU C 11 -32.88 -106.24 23.80
C LEU C 11 -34.09 -107.18 23.85
N VAL C 12 -34.37 -107.81 22.72
CA VAL C 12 -35.35 -108.87 22.66
C VAL C 12 -34.70 -110.13 22.10
N MET C 13 -34.85 -111.21 22.86
CA MET C 13 -34.48 -112.55 22.43
C MET C 13 -35.52 -112.99 21.40
N PHE C 14 -35.08 -113.02 20.15
CA PHE C 14 -35.95 -113.04 19.00
C PHE C 14 -35.69 -114.25 18.10
N THR C 15 -36.76 -115.00 17.80
CA THR C 15 -36.68 -116.18 16.95
C THR C 15 -37.35 -115.97 15.62
N GLY C 16 -38.18 -114.92 15.50
CA GLY C 16 -39.12 -114.81 14.40
C GLY C 16 -40.46 -115.46 14.72
N GLY C 17 -40.51 -116.24 15.81
CA GLY C 17 -41.74 -116.82 16.29
C GLY C 17 -42.72 -115.73 16.75
N ARG C 18 -43.95 -116.16 16.99
CA ARG C 18 -45.05 -115.27 17.25
C ARG C 18 -44.81 -114.48 18.52
N ASP C 19 -44.39 -115.15 19.59
CA ASP C 19 -44.38 -114.53 20.92
C ASP C 19 -43.25 -113.50 21.04
N SER C 20 -42.06 -113.83 20.53
CA SER C 20 -40.95 -112.88 20.61
C SER C 20 -41.17 -111.74 19.63
N THR C 21 -41.85 -112.00 18.50
CA THR C 21 -42.25 -110.92 17.60
C THR C 21 -43.18 -109.97 18.35
N LEU C 22 -44.18 -110.51 19.06
CA LEU C 22 -45.15 -109.68 19.76
C LEU C 22 -44.48 -108.89 20.87
N ALA C 23 -43.55 -109.52 21.61
CA ALA C 23 -42.89 -108.84 22.70
C ALA C 23 -42.13 -107.62 22.16
N ALA C 24 -41.36 -107.81 21.09
CA ALA C 24 -40.65 -106.72 20.48
C ALA C 24 -41.61 -105.62 20.00
N CYS C 25 -42.68 -106.00 19.31
CA CYS C 25 -43.65 -105.04 18.80
C CYS C 25 -44.29 -104.23 19.92
N TYR C 26 -44.64 -104.90 21.01
CA TYR C 26 -45.33 -104.22 22.09
C TYR C 26 -44.39 -103.21 22.74
N LEU C 27 -43.11 -103.54 22.92
CA LEU C 27 -42.14 -102.56 23.42
C LEU C 27 -42.06 -101.36 22.45
N MET C 28 -41.99 -101.63 21.16
CA MET C 28 -41.85 -100.56 20.17
C MET C 28 -43.10 -99.67 20.17
N LEU C 29 -44.28 -100.24 20.36
CA LEU C 29 -45.51 -99.46 20.45
C LEU C 29 -45.41 -98.45 21.58
N GLN C 30 -44.65 -98.80 22.63
CA GLN C 30 -44.49 -97.93 23.79
C GLN C 30 -43.41 -96.87 23.50
N GLY C 31 -42.71 -96.93 22.38
CA GLY C 31 -41.65 -95.98 22.10
C GLY C 31 -40.27 -96.51 22.52
N ILE C 32 -40.19 -97.79 22.91
CA ILE C 32 -38.93 -98.38 23.32
C ILE C 32 -38.22 -98.95 22.10
N PRO C 33 -37.02 -98.45 21.73
CA PRO C 33 -36.29 -99.08 20.63
C PRO C 33 -35.85 -100.48 21.02
N VAL C 34 -35.83 -101.41 20.05
CA VAL C 34 -35.43 -102.76 20.33
C VAL C 34 -34.28 -103.22 19.45
N HIS C 35 -33.31 -103.85 20.11
CA HIS C 35 -32.24 -104.61 19.49
C HIS C 35 -32.67 -106.06 19.48
N LEU C 36 -32.92 -106.60 18.29
CA LEU C 36 -33.31 -108.01 18.16
C LEU C 36 -32.06 -108.86 18.22
N TRP C 37 -32.09 -109.94 19.01
CA TRP C 37 -30.96 -110.83 19.19
C TRP C 37 -31.42 -112.28 19.03
N SER C 38 -30.81 -112.99 18.08
CA SER C 38 -31.13 -114.38 17.75
C SER C 38 -29.91 -115.26 18.01
N GLY C 39 -30.09 -116.28 18.85
CA GLY C 39 -29.00 -117.22 19.14
C GLY C 39 -29.05 -118.40 18.16
N ASN C 40 -27.97 -118.61 17.40
CA ASN C 40 -27.80 -119.80 16.59
C ASN C 40 -26.92 -120.82 17.32
N SER C 41 -27.59 -121.87 17.84
CA SER C 41 -27.05 -122.95 18.65
C SER C 41 -26.19 -123.90 17.80
N GLY C 42 -26.36 -123.86 16.50
CA GLY C 42 -25.67 -124.72 15.54
C GLY C 42 -26.42 -126.03 15.22
N CYS C 43 -27.62 -126.17 15.78
CA CYS C 43 -28.46 -127.33 15.56
C CYS C 43 -29.86 -126.88 15.13
N SER C 44 -29.95 -125.74 14.45
CA SER C 44 -31.23 -125.16 14.07
C SER C 44 -31.36 -125.20 12.56
N LEU C 45 -32.54 -125.59 12.07
CA LEU C 45 -32.77 -125.85 10.65
C LEU C 45 -33.69 -124.77 10.05
N HIS C 46 -33.50 -124.49 8.76
CA HIS C 46 -34.45 -123.70 7.98
C HIS C 46 -34.77 -122.37 8.64
N ARG C 47 -33.70 -121.60 8.88
CA ARG C 47 -33.79 -120.29 9.52
C ARG C 47 -34.04 -119.16 8.50
N GLY C 48 -34.02 -119.46 7.22
CA GLY C 48 -34.13 -118.45 6.16
C GLY C 48 -35.41 -117.59 6.26
N ILE C 49 -36.52 -118.14 6.80
CA ILE C 49 -37.78 -117.41 6.80
C ILE C 49 -37.74 -116.24 7.77
N LEU C 50 -36.81 -116.27 8.71
CA LEU C 50 -36.65 -115.20 9.68
C LEU C 50 -36.57 -113.80 9.02
N SER C 51 -35.93 -113.73 7.87
CA SER C 51 -35.71 -112.42 7.27
C SER C 51 -37.03 -111.83 6.79
N HIS C 52 -38.02 -112.68 6.43
CA HIS C 52 -39.33 -112.16 6.09
C HIS C 52 -39.94 -111.43 7.31
N ARG C 53 -39.75 -111.99 8.49
CA ARG C 53 -40.34 -111.42 9.69
C ARG C 53 -39.64 -110.10 10.06
N VAL C 54 -38.31 -110.04 9.96
CA VAL C 54 -37.58 -108.82 10.25
C VAL C 54 -38.06 -107.70 9.33
N GLU C 55 -38.27 -108.01 8.05
CA GLU C 55 -38.79 -107.02 7.11
C GLU C 55 -40.19 -106.57 7.54
N GLU C 56 -41.07 -107.48 7.97
CA GLU C 56 -42.39 -107.07 8.41
C GLU C 56 -42.29 -106.10 9.57
N MET C 57 -41.36 -106.36 10.49
CA MET C 57 -41.24 -105.55 11.68
C MET C 57 -40.66 -104.16 11.34
N LYS C 58 -39.67 -104.13 10.47
CA LYS C 58 -39.13 -102.87 9.98
C LYS C 58 -40.15 -102.06 9.22
N ASN C 59 -41.01 -102.70 8.43
CA ASN C 59 -42.05 -102.00 7.70
C ASN C 59 -43.04 -101.41 8.71
N ARG C 60 -43.34 -102.10 9.81
CA ARG C 60 -44.37 -101.63 10.70
C ARG C 60 -43.82 -100.58 11.69
N PHE C 61 -42.54 -100.67 12.07
CA PHE C 61 -42.01 -99.87 13.18
C PHE C 61 -40.80 -99.02 12.79
N GLY C 62 -40.22 -99.18 11.59
CA GLY C 62 -39.13 -98.35 11.11
C GLY C 62 -37.93 -98.36 12.05
N ASP C 63 -37.49 -97.16 12.42
CA ASP C 63 -36.25 -96.95 13.16
C ASP C 63 -36.28 -97.46 14.58
N LEU C 64 -37.47 -97.80 15.11
CA LEU C 64 -37.52 -98.39 16.44
C LEU C 64 -36.88 -99.79 16.44
N VAL C 65 -36.72 -100.43 15.28
CA VAL C 65 -35.91 -101.63 15.20
C VAL C 65 -34.46 -101.18 15.03
N VAL C 66 -33.65 -101.26 16.08
CA VAL C 66 -32.37 -100.63 16.03
C VAL C 66 -31.33 -101.60 15.50
N GLY C 67 -31.58 -102.89 15.42
CA GLY C 67 -30.60 -103.80 14.85
C GLY C 67 -31.08 -105.24 15.09
N HIS C 68 -30.43 -106.16 14.40
CA HIS C 68 -30.67 -107.57 14.52
C HIS C 68 -29.30 -108.26 14.55
N THR C 69 -28.91 -108.82 15.69
CA THR C 69 -27.68 -109.57 15.87
C THR C 69 -28.06 -111.05 15.79
N VAL C 70 -27.35 -111.79 14.93
CA VAL C 70 -27.43 -113.24 14.93
C VAL C 70 -26.12 -113.75 15.53
N ALA C 71 -26.18 -114.33 16.71
CA ALA C 71 -24.96 -114.72 17.41
C ALA C 71 -24.76 -116.23 17.28
N ASP C 72 -23.56 -116.63 16.98
CA ASP C 72 -23.15 -118.01 17.01
C ASP C 72 -22.87 -118.42 18.46
N ILE C 73 -23.75 -119.21 19.08
CA ILE C 73 -23.58 -119.63 20.45
C ILE C 73 -23.27 -121.13 20.51
N SER C 74 -22.93 -121.74 19.38
CA SER C 74 -22.71 -123.18 19.29
C SER C 74 -21.69 -123.70 20.30
N GLY C 75 -20.62 -122.97 20.55
CA GLY C 75 -19.60 -123.48 21.48
C GLY C 75 -20.08 -123.53 22.93
N ALA C 76 -20.71 -122.45 23.38
CA ALA C 76 -21.33 -122.42 24.70
C ALA C 76 -22.41 -123.49 24.84
N PHE C 77 -23.24 -123.63 23.80
CA PHE C 77 -24.30 -124.63 23.84
C PHE C 77 -23.68 -126.03 23.95
N ARG C 78 -22.64 -126.29 23.14
CA ARG C 78 -21.98 -127.59 23.21
C ARG C 78 -21.44 -127.85 24.62
N SER C 79 -20.75 -126.86 25.21
CA SER C 79 -20.11 -127.07 26.50
C SER C 79 -21.15 -127.35 27.58
N ILE C 80 -22.26 -126.63 27.54
CA ILE C 80 -23.28 -126.75 28.59
C ILE C 80 -24.11 -128.04 28.40
N ALA C 81 -24.57 -128.32 27.18
CA ALA C 81 -25.67 -129.23 26.95
C ALA C 81 -25.31 -130.49 26.17
N ILE C 82 -24.26 -130.48 25.35
CA ILE C 82 -24.00 -131.59 24.44
C ILE C 82 -22.81 -132.44 24.89
N GLU C 83 -21.77 -131.80 25.39
CA GLU C 83 -20.53 -132.52 25.69
C GLU C 83 -20.79 -133.65 26.66
N ALA C 84 -21.67 -133.46 27.64
CA ALA C 84 -21.96 -134.46 28.65
C ALA C 84 -23.41 -134.97 28.51
N LEU C 85 -23.89 -135.07 27.26
CA LEU C 85 -25.29 -135.43 27.01
C LEU C 85 -25.59 -136.84 27.56
N GLU C 86 -24.69 -137.78 27.34
CA GLU C 86 -24.86 -139.13 27.84
C GLU C 86 -25.11 -139.11 29.34
N GLN C 87 -24.18 -138.52 30.09
CA GLN C 87 -24.26 -138.45 31.54
C GLN C 87 -25.51 -137.68 31.96
N ASP C 88 -25.82 -136.58 31.29
CA ASP C 88 -26.96 -135.77 31.66
C ASP C 88 -28.27 -136.58 31.54
N ILE C 89 -28.43 -137.32 30.44
CA ILE C 89 -29.63 -138.08 30.21
C ILE C 89 -29.69 -139.28 31.16
N LEU C 90 -28.57 -139.95 31.39
CA LEU C 90 -28.57 -141.05 32.33
C LEU C 90 -28.94 -140.58 33.74
N LYS C 91 -28.50 -139.40 34.14
CA LYS C 91 -28.80 -138.94 35.48
C LYS C 91 -30.23 -138.42 35.61
N TYR C 92 -30.66 -137.54 34.73
CA TYR C 92 -31.98 -136.92 34.88
C TYR C 92 -33.10 -137.67 34.16
N ARG C 93 -32.79 -138.62 33.27
CA ARG C 93 -33.76 -139.41 32.53
C ARG C 93 -34.62 -138.51 31.64
N LYS C 94 -34.11 -137.34 31.31
CA LYS C 94 -34.79 -136.42 30.43
C LYS C 94 -33.77 -135.73 29.53
N ASN C 95 -34.15 -135.51 28.29
CA ASN C 95 -33.35 -134.72 27.38
C ASN C 95 -33.63 -133.25 27.66
N LEU C 96 -32.65 -132.55 28.24
CA LEU C 96 -32.83 -131.16 28.63
C LEU C 96 -31.96 -130.20 27.82
N VAL C 97 -31.59 -130.59 26.59
CA VAL C 97 -30.67 -129.79 25.82
C VAL C 97 -31.27 -128.41 25.56
N LEU C 98 -32.60 -128.30 25.39
CA LEU C 98 -33.17 -126.99 25.06
C LEU C 98 -33.21 -126.09 26.29
N LEU C 99 -33.17 -126.69 27.49
CA LEU C 99 -32.99 -125.91 28.71
C LEU C 99 -31.54 -125.38 28.78
N GLY C 100 -30.58 -126.26 28.48
CA GLY C 100 -29.18 -125.89 28.34
C GLY C 100 -28.99 -124.78 27.31
N GLU C 101 -29.73 -124.85 26.20
CA GLU C 101 -29.61 -123.82 25.20
C GLU C 101 -30.00 -122.46 25.75
N LYS C 102 -31.10 -122.42 26.53
CA LYS C 102 -31.58 -121.15 27.08
C LYS C 102 -30.55 -120.61 28.06
N LEU C 103 -29.89 -121.48 28.82
CA LEU C 103 -28.83 -121.01 29.70
C LEU C 103 -27.62 -120.47 28.91
N ALA C 104 -27.26 -121.13 27.81
CA ALA C 104 -26.18 -120.66 26.95
C ALA C 104 -26.52 -119.28 26.39
N ILE C 105 -27.79 -119.08 26.00
CA ILE C 105 -28.25 -117.79 25.53
C ILE C 105 -28.01 -116.73 26.59
N HIS C 106 -28.38 -117.04 27.83
CA HIS C 106 -28.28 -116.06 28.92
C HIS C 106 -26.82 -115.71 29.23
N ALA C 107 -25.94 -116.70 29.17
CA ALA C 107 -24.52 -116.45 29.32
C ALA C 107 -24.02 -115.47 28.28
N HIS C 108 -24.36 -115.74 27.01
CA HIS C 108 -23.96 -114.85 25.91
C HIS C 108 -24.58 -113.48 26.10
N LEU C 109 -25.80 -113.41 26.64
CA LEU C 109 -26.47 -112.11 26.80
C LEU C 109 -25.80 -111.25 27.87
N VAL C 110 -25.20 -111.86 28.88
CA VAL C 110 -24.46 -111.06 29.86
C VAL C 110 -23.38 -110.30 29.13
N ASP C 111 -22.62 -111.03 28.32
CA ASP C 111 -21.51 -110.44 27.61
C ASP C 111 -21.98 -109.40 26.60
N PHE C 112 -23.02 -109.73 25.84
CA PHE C 112 -23.56 -108.82 24.85
C PHE C 112 -24.04 -107.53 25.52
N CYS C 113 -24.80 -107.65 26.62
CA CYS C 113 -25.34 -106.48 27.30
C CYS C 113 -24.24 -105.60 27.85
N ARG C 114 -23.23 -106.21 28.43
CA ARG C 114 -22.17 -105.41 29.01
C ARG C 114 -21.37 -104.73 27.90
N ARG C 115 -21.24 -105.32 26.72
CA ARG C 115 -20.40 -104.70 25.71
C ARG C 115 -21.22 -103.73 24.85
N ASN C 116 -22.54 -103.75 24.93
CA ASN C 116 -23.36 -102.91 24.06
C ASN C 116 -24.26 -101.96 24.86
N ASP C 117 -23.99 -101.76 26.15
CA ASP C 117 -24.73 -100.80 26.97
C ASP C 117 -26.24 -101.07 26.98
N ILE C 118 -26.59 -102.32 27.23
CA ILE C 118 -27.97 -102.70 27.38
C ILE C 118 -28.15 -103.24 28.79
N ASN C 119 -29.24 -102.89 29.46
CA ASN C 119 -29.46 -103.56 30.73
C ASN C 119 -30.86 -104.07 30.95
N THR C 120 -31.70 -104.11 29.89
CA THR C 120 -32.94 -104.86 29.97
C THR C 120 -33.02 -105.82 28.80
N ILE C 121 -33.24 -107.09 29.11
CA ILE C 121 -33.48 -108.08 28.10
C ILE C 121 -34.91 -108.61 28.25
N ASN C 122 -35.48 -109.04 27.14
CA ASN C 122 -36.88 -109.44 27.07
C ASN C 122 -36.99 -110.69 26.22
N ASP C 123 -37.82 -111.64 26.67
CA ASP C 123 -38.12 -112.76 25.80
C ASP C 123 -39.63 -112.91 25.57
N GLY C 124 -39.97 -113.93 24.79
CA GLY C 124 -41.35 -114.25 24.51
C GLY C 124 -41.79 -115.57 25.12
N ILE C 125 -41.27 -115.93 26.31
CA ILE C 125 -41.87 -117.08 26.98
C ILE C 125 -43.31 -116.73 27.35
N THR C 126 -44.15 -117.77 27.42
CA THR C 126 -45.58 -117.63 27.63
C THR C 126 -46.07 -118.65 28.64
N HIS C 127 -47.12 -118.26 29.36
CA HIS C 127 -47.81 -119.08 30.32
C HIS C 127 -48.29 -120.39 29.66
N TYR C 128 -48.86 -120.31 28.47
CA TYR C 128 -49.47 -121.50 27.88
C TYR C 128 -48.38 -122.48 27.41
N GLN C 129 -47.10 -122.07 27.36
CA GLN C 129 -46.05 -123.00 26.96
C GLN C 129 -45.26 -123.53 28.16
N MET C 130 -45.85 -123.52 29.35
CA MET C 130 -45.12 -123.84 30.57
C MET C 130 -44.67 -125.30 30.68
N GLU C 131 -45.19 -126.19 29.88
CA GLU C 131 -44.67 -127.56 29.80
C GLU C 131 -43.19 -127.57 29.36
N PHE C 132 -42.74 -126.56 28.61
CA PHE C 132 -41.36 -126.47 28.16
C PHE C 132 -40.48 -125.95 29.31
N PRO C 133 -39.35 -126.63 29.58
CA PRO C 133 -38.60 -126.43 30.82
C PRO C 133 -38.13 -125.00 31.01
N GLU C 134 -37.70 -124.35 29.91
CA GLU C 134 -37.17 -123.01 30.04
C GLU C 134 -38.28 -121.97 30.25
N GLN C 135 -39.54 -122.41 30.13
CA GLN C 135 -40.66 -121.48 30.30
C GLN C 135 -41.33 -121.68 31.65
N ARG C 136 -40.88 -122.65 32.44
CA ARG C 136 -41.46 -122.85 33.76
C ARG C 136 -41.12 -121.68 34.66
N LEU C 137 -41.95 -121.40 35.65
CA LEU C 137 -41.68 -120.34 36.61
C LEU C 137 -40.34 -120.59 37.31
N VAL C 138 -40.02 -121.85 37.65
CA VAL C 138 -38.78 -122.11 38.37
C VAL C 138 -37.59 -121.75 37.49
N ALA C 139 -37.67 -121.98 36.16
CA ALA C 139 -36.55 -121.63 35.30
C ALA C 139 -36.45 -120.11 35.12
N LYS C 140 -37.59 -119.47 34.90
CA LYS C 140 -37.64 -118.03 34.71
C LYS C 140 -37.06 -117.32 35.93
N THR C 141 -37.43 -117.77 37.14
CA THR C 141 -36.98 -117.18 38.38
C THR C 141 -35.47 -117.36 38.52
N PHE C 142 -35.00 -118.57 38.25
CA PHE C 142 -33.57 -118.86 38.28
C PHE C 142 -32.82 -117.91 37.34
N LEU C 143 -33.30 -117.74 36.10
CA LEU C 143 -32.59 -116.92 35.13
C LEU C 143 -32.72 -115.43 35.45
N MET C 144 -33.86 -114.99 36.00
CA MET C 144 -33.96 -113.62 36.49
C MET C 144 -32.87 -113.33 37.53
N GLU C 145 -32.66 -114.27 38.47
CA GLU C 145 -31.70 -114.13 39.54
C GLU C 145 -30.30 -114.09 38.93
N MET C 146 -30.04 -114.95 37.95
CA MET C 146 -28.73 -115.01 37.33
C MET C 146 -28.42 -113.66 36.66
N MET C 147 -29.39 -113.10 35.94
CA MET C 147 -29.17 -111.87 35.22
C MET C 147 -29.00 -110.71 36.21
N ALA C 148 -29.77 -110.72 37.30
CA ALA C 148 -29.70 -109.68 38.30
C ALA C 148 -28.32 -109.65 38.94
N GLN C 149 -27.61 -110.79 39.04
CA GLN C 149 -26.29 -110.76 39.58
C GLN C 149 -25.35 -109.95 38.68
N TYR C 150 -25.72 -109.75 37.40
CA TYR C 150 -24.89 -108.96 36.51
C TYR C 150 -25.56 -107.60 36.24
N ASP C 151 -26.50 -107.19 37.10
CA ASP C 151 -27.24 -105.93 36.94
C ASP C 151 -28.01 -105.86 35.62
N ILE C 152 -28.54 -107.00 35.17
CA ILE C 152 -29.38 -107.03 33.99
C ILE C 152 -30.79 -107.42 34.40
N ASN C 153 -31.74 -106.63 33.93
CA ASN C 153 -33.16 -106.84 34.17
C ASN C 153 -33.72 -107.73 33.07
N TYR C 154 -34.16 -108.94 33.46
CA TYR C 154 -34.73 -109.89 32.53
C TYR C 154 -36.25 -109.87 32.69
N GLN C 155 -36.95 -109.48 31.63
CA GLN C 155 -38.40 -109.39 31.64
C GLN C 155 -38.98 -110.30 30.55
N SER C 156 -40.26 -110.63 30.75
CA SER C 156 -40.99 -111.49 29.84
C SER C 156 -42.35 -110.85 29.56
N PRO C 157 -42.43 -109.85 28.66
CA PRO C 157 -43.59 -108.97 28.61
C PRO C 157 -44.89 -109.61 28.09
N VAL C 158 -44.84 -110.78 27.43
CA VAL C 158 -46.07 -111.44 27.01
C VAL C 158 -46.38 -112.69 27.84
N TYR C 159 -45.65 -112.92 28.94
CA TYR C 159 -45.74 -114.16 29.68
C TYR C 159 -47.12 -114.38 30.28
N GLU C 160 -47.65 -113.34 30.94
CA GLU C 160 -48.91 -113.47 31.65
C GLU C 160 -50.09 -113.32 30.71
N PHE C 161 -49.95 -112.46 29.71
CA PHE C 161 -51.02 -112.25 28.76
C PHE C 161 -51.33 -113.53 27.95
N ALA C 162 -50.29 -114.30 27.56
CA ALA C 162 -50.52 -115.34 26.59
C ALA C 162 -51.07 -116.62 27.23
N GLN C 163 -52.39 -116.66 27.40
CA GLN C 163 -53.08 -117.85 27.89
C GLN C 163 -53.30 -118.88 26.76
N SER C 164 -53.14 -118.49 25.48
CA SER C 164 -53.12 -119.43 24.37
C SER C 164 -52.38 -118.77 23.20
N ALA C 165 -52.03 -119.57 22.20
CA ALA C 165 -51.36 -119.07 21.01
C ALA C 165 -52.29 -118.07 20.29
N ASP C 166 -53.61 -118.29 20.35
CA ASP C 166 -54.57 -117.39 19.72
C ASP C 166 -54.46 -115.97 20.26
N ASP C 167 -54.17 -115.81 21.55
CA ASP C 167 -54.01 -114.48 22.15
C ASP C 167 -52.87 -113.75 21.45
N VAL C 168 -51.74 -114.43 21.27
CA VAL C 168 -50.60 -113.80 20.63
C VAL C 168 -50.91 -113.50 19.15
N LYS C 169 -51.44 -114.49 18.44
CA LYS C 169 -51.69 -114.40 17.01
C LYS C 169 -52.53 -113.16 16.69
N TYR C 170 -53.64 -112.95 17.39
CA TYR C 170 -54.58 -111.93 16.95
C TYR C 170 -54.09 -110.54 17.37
N ARG C 171 -53.17 -110.41 18.32
CA ARG C 171 -52.51 -109.14 18.56
C ARG C 171 -51.57 -108.84 17.39
N LEU C 172 -50.81 -109.84 16.93
CA LEU C 172 -49.95 -109.64 15.78
C LEU C 172 -50.79 -109.19 14.57
N LEU C 173 -51.90 -109.86 14.33
CA LEU C 173 -52.74 -109.55 13.19
C LEU C 173 -53.21 -108.08 13.25
N GLN C 174 -53.50 -107.59 14.46
CA GLN C 174 -53.93 -106.21 14.65
C GLN C 174 -52.81 -105.23 14.32
N LEU C 175 -51.56 -105.69 14.33
CA LEU C 175 -50.43 -104.85 13.96
C LEU C 175 -50.14 -104.92 12.46
N GLY C 176 -50.91 -105.72 11.70
CA GLY C 176 -50.62 -105.90 10.29
C GLY C 176 -49.44 -106.81 10.05
N ILE C 177 -49.18 -107.72 11.00
CA ILE C 177 -48.10 -108.71 10.91
C ILE C 177 -48.70 -110.12 10.82
N SER C 178 -48.04 -110.99 10.06
CA SER C 178 -48.41 -112.39 9.90
C SER C 178 -48.54 -113.09 11.26
N THR C 179 -49.47 -114.02 11.33
CA THR C 179 -49.75 -114.84 12.51
C THR C 179 -48.90 -116.10 12.54
N LYS C 180 -48.13 -116.35 11.48
CA LYS C 180 -47.33 -117.57 11.39
C LYS C 180 -46.07 -117.43 12.21
N SER C 181 -45.54 -118.57 12.56
CA SER C 181 -44.31 -118.65 13.32
C SER C 181 -43.14 -118.71 12.32
N LEU C 182 -42.46 -117.59 12.10
CA LEU C 182 -41.48 -117.50 11.02
C LEU C 182 -40.07 -117.65 11.60
N GLU C 183 -39.79 -118.89 12.00
CA GLU C 183 -38.62 -119.20 12.77
C GLU C 183 -38.02 -120.48 12.22
N GLY C 184 -36.74 -120.72 12.57
CA GLY C 184 -36.14 -122.02 12.34
C GLY C 184 -36.64 -123.00 13.39
N ILE C 185 -36.37 -124.28 13.21
CA ILE C 185 -36.67 -125.22 14.28
C ILE C 185 -35.37 -125.87 14.76
N SER C 186 -35.36 -126.25 16.02
CA SER C 186 -34.27 -127.03 16.57
C SER C 186 -34.43 -128.45 16.05
N ILE C 187 -33.32 -129.10 15.74
CA ILE C 187 -33.37 -130.52 15.44
C ILE C 187 -33.90 -131.29 16.66
N PHE C 188 -33.80 -130.72 17.86
CA PHE C 188 -34.26 -131.36 19.08
C PHE C 188 -35.79 -131.19 19.28
N ALA C 189 -36.49 -130.57 18.33
CA ALA C 189 -37.96 -130.59 18.29
C ALA C 189 -38.51 -132.00 18.49
N ASP C 190 -39.44 -132.13 19.44
CA ASP C 190 -40.17 -133.38 19.68
C ASP C 190 -39.18 -134.50 19.91
N SER C 191 -38.13 -134.23 20.71
CA SER C 191 -37.11 -135.26 21.02
C SER C 191 -37.01 -135.53 22.52
N PHE C 192 -38.03 -135.14 23.29
CA PHE C 192 -37.95 -135.18 24.76
C PHE C 192 -39.33 -135.42 25.37
N SER C 193 -39.36 -135.95 26.60
CA SER C 193 -40.57 -136.03 27.42
C SER C 193 -40.51 -134.91 28.47
N THR C 194 -41.61 -134.71 29.22
CA THR C 194 -41.77 -133.56 30.12
C THR C 194 -41.02 -133.82 31.42
N PRO C 195 -40.09 -132.94 31.83
CA PRO C 195 -39.39 -133.07 33.09
C PRO C 195 -40.14 -132.44 34.26
N SER C 196 -39.87 -132.94 35.48
CA SER C 196 -40.41 -132.29 36.68
C SER C 196 -39.72 -130.93 36.90
N ASP C 197 -40.36 -130.07 37.68
CA ASP C 197 -39.75 -128.83 38.15
C ASP C 197 -38.43 -129.08 38.90
N ASP C 198 -38.38 -130.13 39.71
CA ASP C 198 -37.18 -130.44 40.49
C ASP C 198 -36.02 -130.72 39.57
N VAL C 199 -36.27 -131.46 38.49
CA VAL C 199 -35.24 -131.80 37.53
C VAL C 199 -34.80 -130.54 36.80
N VAL C 200 -35.73 -129.69 36.41
CA VAL C 200 -35.37 -128.47 35.69
C VAL C 200 -34.41 -127.65 36.54
N LEU C 201 -34.76 -127.48 37.82
CA LEU C 201 -33.98 -126.65 38.71
C LEU C 201 -32.64 -127.31 38.99
N ALA C 202 -32.63 -128.64 39.18
CA ALA C 202 -31.36 -129.31 39.45
C ALA C 202 -30.39 -129.19 38.29
N TYR C 203 -30.91 -129.31 37.05
CA TYR C 203 -30.07 -129.20 35.86
C TYR C 203 -29.50 -127.78 35.79
N LEU C 204 -30.35 -126.77 35.98
CA LEU C 204 -29.89 -125.39 35.93
C LEU C 204 -28.79 -125.15 36.98
N ARG C 205 -28.97 -125.65 38.20
CA ARG C 205 -27.96 -125.46 39.24
C ARG C 205 -26.66 -126.18 38.91
N GLU C 206 -26.75 -127.37 38.34
CA GLU C 206 -25.56 -128.12 37.98
C GLU C 206 -24.78 -127.40 36.88
N LYS C 207 -25.47 -126.82 35.88
CA LYS C 207 -24.80 -126.21 34.73
C LYS C 207 -24.38 -124.76 34.97
N ALA C 208 -24.95 -124.12 36.00
CA ALA C 208 -24.70 -122.70 36.27
C ALA C 208 -23.21 -122.36 36.36
N PRO C 209 -22.36 -123.14 37.06
CA PRO C 209 -20.94 -122.83 37.11
C PRO C 209 -20.28 -122.75 35.74
N LEU C 210 -20.69 -123.62 34.82
CA LEU C 210 -20.20 -123.60 33.45
C LEU C 210 -20.67 -122.31 32.78
N ALA C 211 -21.94 -121.93 32.98
CA ALA C 211 -22.46 -120.72 32.38
C ALA C 211 -21.70 -119.49 32.87
N HIS C 212 -21.49 -119.37 34.18
CA HIS C 212 -20.76 -118.24 34.71
C HIS C 212 -19.31 -118.21 34.19
N ASN C 213 -18.70 -119.39 34.06
CA ASN C 213 -17.35 -119.49 33.56
C ASN C 213 -17.27 -118.98 32.13
N ILE C 214 -18.28 -119.33 31.32
CA ILE C 214 -18.36 -118.85 29.96
C ILE C 214 -18.49 -117.32 29.92
N VAL C 215 -19.30 -116.77 30.81
CA VAL C 215 -19.39 -115.33 30.94
C VAL C 215 -18.01 -114.72 31.19
N ASN C 216 -17.25 -115.32 32.13
CA ASN C 216 -15.96 -114.80 32.51
C ASN C 216 -14.97 -114.89 31.34
N PHE C 217 -15.00 -116.01 30.59
CA PHE C 217 -14.13 -116.14 29.44
C PHE C 217 -14.48 -115.10 28.38
N LEU C 218 -15.78 -114.93 28.11
CA LEU C 218 -16.22 -114.00 27.08
C LEU C 218 -15.84 -112.57 27.43
N ALA C 219 -15.70 -112.29 28.74
CA ALA C 219 -15.29 -110.97 29.21
C ALA C 219 -13.77 -110.81 29.16
N GLY C 220 -13.05 -111.88 28.84
CA GLY C 220 -11.60 -111.81 28.83
C GLY C 220 -10.96 -111.91 30.21
N GLU C 221 -11.67 -112.50 31.19
CA GLU C 221 -11.20 -112.51 32.57
C GLU C 221 -10.55 -113.84 32.94
N THR C 222 -10.81 -114.94 32.26
CA THR C 222 -10.05 -116.14 32.55
C THR C 222 -10.07 -117.04 31.32
N LEU C 223 -9.11 -117.97 31.29
CA LEU C 223 -9.16 -119.12 30.42
C LEU C 223 -9.55 -120.40 31.17
N ASN C 224 -9.33 -120.39 32.48
CA ASN C 224 -9.46 -121.63 33.25
C ASN C 224 -10.89 -122.11 33.36
N PRO C 225 -11.08 -123.44 33.47
CA PRO C 225 -12.38 -124.06 33.64
C PRO C 225 -13.00 -123.78 35.01
N PRO C 226 -14.30 -124.10 35.21
CA PRO C 226 -15.03 -123.67 36.42
C PRO C 226 -14.39 -123.99 37.77
N SER D 6 8.11 -65.49 -13.29
CA SER D 6 9.04 -64.57 -12.56
C SER D 6 10.01 -63.88 -13.53
N VAL D 7 10.63 -64.62 -14.45
CA VAL D 7 11.38 -64.05 -15.55
C VAL D 7 10.44 -63.80 -16.73
N LYS D 8 10.60 -62.65 -17.38
CA LYS D 8 9.68 -62.25 -18.41
C LYS D 8 9.83 -63.15 -19.66
N PRO D 9 8.76 -63.72 -20.20
CA PRO D 9 8.85 -64.53 -21.41
C PRO D 9 9.39 -63.77 -22.60
N GLN D 10 10.17 -64.46 -23.43
CA GLN D 10 10.66 -63.91 -24.68
C GLN D 10 10.09 -64.74 -25.81
N LEU D 11 10.12 -64.19 -27.03
CA LEU D 11 9.59 -64.90 -28.19
C LEU D 11 10.76 -65.51 -28.98
N VAL D 12 10.53 -66.67 -29.56
CA VAL D 12 11.47 -67.28 -30.48
C VAL D 12 10.74 -67.55 -31.80
N MET D 13 11.34 -67.04 -32.88
CA MET D 13 10.96 -67.36 -34.23
C MET D 13 11.39 -68.78 -34.51
N PHE D 14 10.38 -69.65 -34.60
CA PHE D 14 10.59 -71.08 -34.51
C PHE D 14 10.05 -71.81 -35.74
N THR D 15 10.88 -72.65 -36.36
CA THR D 15 10.51 -73.43 -37.52
C THR D 15 10.42 -74.91 -37.21
N GLY D 16 10.97 -75.34 -36.07
CA GLY D 16 11.23 -76.75 -35.82
C GLY D 16 12.61 -77.18 -36.32
N GLY D 17 13.26 -76.32 -37.10
CA GLY D 17 14.62 -76.55 -37.52
C GLY D 17 15.60 -76.55 -36.34
N ARG D 18 16.82 -76.99 -36.61
CA ARG D 18 17.82 -77.21 -35.60
C ARG D 18 18.17 -75.92 -34.89
N ASP D 19 18.39 -74.83 -35.64
CA ASP D 19 18.96 -73.62 -35.05
C ASP D 19 17.96 -72.90 -34.16
N SER D 20 16.71 -72.79 -34.60
CA SER D 20 15.69 -72.11 -33.80
C SER D 20 15.30 -73.00 -32.62
N THR D 21 15.36 -74.33 -32.80
CA THR D 21 15.16 -75.22 -31.66
C THR D 21 16.24 -74.93 -30.60
N LEU D 22 17.50 -74.86 -31.02
CA LEU D 22 18.59 -74.67 -30.09
C LEU D 22 18.51 -73.30 -29.42
N ALA D 23 18.13 -72.25 -30.17
CA ALA D 23 17.99 -70.93 -29.60
C ALA D 23 16.96 -70.94 -28.48
N ALA D 24 15.81 -71.52 -28.75
CA ALA D 24 14.75 -71.61 -27.75
C ALA D 24 15.25 -72.40 -26.53
N CYS D 25 15.88 -73.55 -26.76
CA CYS D 25 16.36 -74.41 -25.67
C CYS D 25 17.37 -73.68 -24.80
N TYR D 26 18.29 -72.95 -25.44
CA TYR D 26 19.34 -72.29 -24.71
C TYR D 26 18.74 -71.19 -23.82
N LEU D 27 17.75 -70.44 -24.32
CA LEU D 27 17.06 -69.46 -23.47
C LEU D 27 16.39 -70.16 -22.27
N MET D 28 15.72 -71.27 -22.54
CA MET D 28 15.02 -71.98 -21.48
C MET D 28 15.99 -72.52 -20.42
N LEU D 29 17.17 -72.97 -20.85
CA LEU D 29 18.19 -73.45 -19.94
C LEU D 29 18.56 -72.34 -18.95
N GLN D 30 18.47 -71.09 -19.41
CA GLN D 30 18.84 -69.96 -18.59
C GLN D 30 17.69 -69.58 -17.66
N GLY D 31 16.51 -70.21 -17.78
CA GLY D 31 15.39 -69.84 -16.93
C GLY D 31 14.43 -68.88 -17.63
N ILE D 32 14.66 -68.59 -18.92
CA ILE D 32 13.80 -67.67 -19.63
C ILE D 32 12.66 -68.43 -20.28
N PRO D 33 11.40 -68.16 -19.93
CA PRO D 33 10.29 -68.80 -20.62
C PRO D 33 10.23 -68.33 -22.08
N VAL D 34 9.84 -69.25 -22.98
CA VAL D 34 9.84 -68.96 -24.40
C VAL D 34 8.44 -69.19 -25.00
N HIS D 35 8.00 -68.18 -25.76
CA HIS D 35 6.80 -68.26 -26.59
C HIS D 35 7.31 -68.58 -27.98
N LEU D 36 6.99 -69.79 -28.48
CA LEU D 36 7.40 -70.19 -29.80
C LEU D 36 6.42 -69.58 -30.81
N TRP D 37 6.94 -68.99 -31.89
CA TRP D 37 6.14 -68.36 -32.90
C TRP D 37 6.59 -68.83 -34.28
N SER D 38 5.65 -69.42 -35.04
CA SER D 38 5.88 -69.97 -36.35
C SER D 38 5.04 -69.21 -37.38
N GLY D 39 5.68 -68.63 -38.40
CA GLY D 39 4.98 -67.95 -39.46
C GLY D 39 4.66 -68.92 -40.60
N ASN D 40 3.38 -69.06 -40.92
CA ASN D 40 2.93 -69.78 -42.10
C ASN D 40 2.63 -68.79 -43.23
N SER D 41 3.56 -68.75 -44.20
CA SER D 41 3.63 -67.88 -45.36
C SER D 41 2.54 -68.29 -46.38
N GLY D 42 2.04 -69.52 -46.27
CA GLY D 42 1.06 -70.07 -47.19
C GLY D 42 1.68 -70.87 -48.35
N CYS D 43 3.02 -70.97 -48.36
CA CYS D 43 3.76 -71.63 -49.42
C CYS D 43 4.73 -72.64 -48.81
N SER D 44 4.38 -73.20 -47.67
CA SER D 44 5.24 -74.11 -46.93
C SER D 44 4.65 -75.51 -46.97
N LEU D 45 5.47 -76.52 -47.26
CA LEU D 45 5.04 -77.88 -47.49
C LEU D 45 5.45 -78.77 -46.33
N HIS D 46 4.63 -79.80 -46.05
CA HIS D 46 5.01 -80.86 -45.14
C HIS D 46 5.41 -80.32 -43.77
N ARG D 47 4.52 -79.55 -43.16
CA ARG D 47 4.73 -78.90 -41.88
C ARG D 47 4.39 -79.79 -40.70
N GLY D 48 3.76 -80.92 -40.93
CA GLY D 48 3.25 -81.84 -39.93
C GLY D 48 4.29 -82.26 -38.89
N ILE D 49 5.55 -82.40 -39.31
CA ILE D 49 6.61 -82.94 -38.47
C ILE D 49 6.94 -81.99 -37.32
N LEU D 50 6.61 -80.71 -37.49
CA LEU D 50 6.83 -79.71 -36.45
C LEU D 50 6.33 -80.14 -35.07
N SER D 51 5.20 -80.84 -35.05
CA SER D 51 4.57 -81.13 -33.79
C SER D 51 5.43 -82.15 -33.03
N HIS D 52 6.18 -83.02 -33.72
CA HIS D 52 7.10 -83.92 -33.05
C HIS D 52 8.13 -83.09 -32.26
N ARG D 53 8.63 -82.00 -32.87
CA ARG D 53 9.66 -81.21 -32.24
C ARG D 53 9.11 -80.47 -31.02
N VAL D 54 7.91 -79.89 -31.12
CA VAL D 54 7.30 -79.20 -30.02
C VAL D 54 7.13 -80.15 -28.85
N GLU D 55 6.68 -81.38 -29.10
CA GLU D 55 6.58 -82.39 -28.06
C GLU D 55 7.96 -82.66 -27.41
N GLU D 56 9.02 -82.77 -28.21
CA GLU D 56 10.33 -82.99 -27.64
C GLU D 56 10.70 -81.87 -26.68
N MET D 57 10.37 -80.64 -27.08
CA MET D 57 10.77 -79.47 -26.31
C MET D 57 9.97 -79.37 -25.02
N LYS D 58 8.67 -79.66 -25.10
CA LYS D 58 7.85 -79.71 -23.90
C LYS D 58 8.28 -80.81 -22.97
N ASN D 59 8.67 -81.98 -23.48
CA ASN D 59 9.16 -83.04 -22.63
C ASN D 59 10.43 -82.60 -21.94
N ARG D 60 11.32 -81.85 -22.61
CA ARG D 60 12.61 -81.55 -22.04
C ARG D 60 12.55 -80.34 -21.10
N PHE D 61 11.63 -79.39 -21.34
CA PHE D 61 11.65 -78.11 -20.64
C PHE D 61 10.33 -77.78 -19.92
N GLY D 62 9.26 -78.56 -20.13
CA GLY D 62 8.01 -78.40 -19.41
C GLY D 62 7.42 -77.00 -19.61
N ASP D 63 7.06 -76.38 -18.50
CA ASP D 63 6.32 -75.12 -18.48
C ASP D 63 7.15 -73.94 -18.96
N LEU D 64 8.46 -74.08 -19.15
CA LEU D 64 9.23 -73.00 -19.77
C LEU D 64 8.83 -72.79 -21.22
N VAL D 65 8.20 -73.78 -21.86
CA VAL D 65 7.58 -73.54 -23.14
C VAL D 65 6.20 -72.94 -22.87
N VAL D 66 6.03 -71.64 -23.05
CA VAL D 66 4.83 -71.02 -22.56
C VAL D 66 3.76 -71.04 -23.65
N GLY D 67 4.09 -71.30 -24.90
CA GLY D 67 3.06 -71.43 -25.91
C GLY D 67 3.72 -71.62 -27.27
N HIS D 68 2.91 -71.98 -28.25
CA HIS D 68 3.30 -72.06 -29.64
C HIS D 68 2.19 -71.42 -30.46
N THR D 69 2.45 -70.26 -31.07
CA THR D 69 1.54 -69.60 -32.00
C THR D 69 1.96 -69.95 -33.40
N VAL D 70 1.01 -70.44 -34.21
CA VAL D 70 1.21 -70.57 -35.65
C VAL D 70 0.41 -69.46 -36.31
N ALA D 71 1.08 -68.50 -36.90
CA ALA D 71 0.41 -67.31 -37.42
C ALA D 71 0.31 -67.42 -38.93
N ASP D 72 -0.88 -67.07 -39.46
CA ASP D 72 -1.06 -67.00 -40.90
C ASP D 72 -0.54 -65.65 -41.37
N ILE D 73 0.59 -65.61 -42.07
CA ILE D 73 1.16 -64.35 -42.54
C ILE D 73 1.09 -64.27 -44.05
N SER D 74 0.29 -65.14 -44.68
CA SER D 74 0.22 -65.24 -46.14
C SER D 74 -0.12 -63.90 -46.80
N GLY D 75 -1.02 -63.09 -46.19
CA GLY D 75 -1.41 -61.86 -46.86
C GLY D 75 -0.29 -60.83 -46.87
N ALA D 76 0.38 -60.65 -45.73
CA ALA D 76 1.54 -59.78 -45.66
C ALA D 76 2.66 -60.26 -46.57
N PHE D 77 2.90 -61.57 -46.60
CA PHE D 77 3.94 -62.12 -47.47
C PHE D 77 3.60 -61.82 -48.92
N ARG D 78 2.33 -62.07 -49.31
CA ARG D 78 1.92 -61.76 -50.67
C ARG D 78 2.15 -60.29 -51.00
N SER D 79 1.74 -59.38 -50.12
CA SER D 79 1.81 -57.95 -50.42
C SER D 79 3.28 -57.51 -50.59
N ILE D 80 4.16 -58.03 -49.74
CA ILE D 80 5.55 -57.62 -49.75
C ILE D 80 6.33 -58.26 -50.91
N ALA D 81 6.16 -59.58 -51.12
CA ALA D 81 7.08 -60.37 -51.92
C ALA D 81 6.51 -60.96 -53.19
N ILE D 82 5.19 -61.18 -53.29
CA ILE D 82 4.62 -61.89 -54.42
C ILE D 82 3.92 -60.96 -55.40
N GLU D 83 3.16 -59.99 -54.89
CA GLU D 83 2.29 -59.19 -55.74
C GLU D 83 3.07 -58.54 -56.86
N ALA D 84 4.30 -58.08 -56.59
CA ALA D 84 5.10 -57.40 -57.61
C ALA D 84 6.31 -58.25 -57.99
N LEU D 85 6.13 -59.58 -58.02
CA LEU D 85 7.21 -60.50 -58.30
C LEU D 85 7.88 -60.24 -59.64
N GLU D 86 7.08 -60.01 -60.68
CA GLU D 86 7.59 -59.69 -61.99
C GLU D 86 8.60 -58.55 -61.91
N GLN D 87 8.13 -57.40 -61.40
CA GLN D 87 8.94 -56.20 -61.31
C GLN D 87 10.12 -56.43 -60.40
N ASP D 88 9.93 -57.12 -59.28
CA ASP D 88 11.02 -57.33 -58.33
C ASP D 88 12.16 -58.11 -58.98
N ILE D 89 11.81 -59.18 -59.69
CA ILE D 89 12.84 -60.03 -60.29
C ILE D 89 13.48 -59.30 -61.47
N LEU D 90 12.70 -58.60 -62.28
CA LEU D 90 13.29 -57.86 -63.38
C LEU D 90 14.25 -56.78 -62.87
N LYS D 91 13.95 -56.14 -61.75
CA LYS D 91 14.82 -55.08 -61.28
C LYS D 91 16.07 -55.65 -60.59
N TYR D 92 15.91 -56.58 -59.65
CA TYR D 92 17.05 -57.06 -58.88
C TYR D 92 17.76 -58.26 -59.52
N ARG D 93 17.14 -58.93 -60.50
CA ARG D 93 17.68 -60.10 -61.18
C ARG D 93 17.93 -61.24 -60.21
N LYS D 94 17.23 -61.23 -59.10
CA LYS D 94 17.30 -62.28 -58.11
C LYS D 94 15.90 -62.49 -57.52
N ASN D 95 15.59 -63.75 -57.24
CA ASN D 95 14.40 -64.10 -56.52
C ASN D 95 14.67 -63.90 -55.03
N LEU D 96 14.03 -62.89 -54.46
CA LEU D 96 14.25 -62.52 -53.07
C LEU D 96 13.01 -62.74 -52.19
N VAL D 97 12.13 -63.66 -52.60
CA VAL D 97 10.88 -63.82 -51.89
C VAL D 97 11.16 -64.24 -50.45
N LEU D 98 12.22 -65.03 -50.18
CA LEU D 98 12.43 -65.50 -48.82
C LEU D 98 12.97 -64.38 -47.93
N LEU D 99 13.59 -63.36 -48.54
CA LEU D 99 13.96 -62.16 -47.81
C LEU D 99 12.68 -61.36 -47.45
N GLY D 100 11.78 -61.21 -48.44
CA GLY D 100 10.48 -60.62 -48.23
C GLY D 100 9.71 -61.35 -47.14
N GLU D 101 9.80 -62.68 -47.11
CA GLU D 101 9.11 -63.43 -46.10
C GLU D 101 9.58 -63.03 -44.70
N LYS D 102 10.91 -62.90 -44.53
CA LYS D 102 11.47 -62.57 -43.23
C LYS D 102 11.01 -61.15 -42.83
N LEU D 103 10.90 -60.24 -43.78
CA LEU D 103 10.35 -58.93 -43.48
C LEU D 103 8.88 -58.99 -43.05
N ALA D 104 8.09 -59.82 -43.74
CA ALA D 104 6.70 -60.03 -43.40
C ALA D 104 6.57 -60.58 -41.99
N ILE D 105 7.47 -61.51 -41.63
CA ILE D 105 7.51 -62.05 -40.28
C ILE D 105 7.70 -60.93 -39.27
N HIS D 106 8.65 -60.05 -39.54
CA HIS D 106 9.01 -58.98 -38.60
C HIS D 106 7.87 -57.98 -38.45
N ALA D 107 7.17 -57.66 -39.53
CA ALA D 107 5.99 -56.81 -39.46
C ALA D 107 4.95 -57.42 -38.54
N HIS D 108 4.65 -58.71 -38.75
CA HIS D 108 3.69 -59.40 -37.90
C HIS D 108 4.18 -59.43 -36.45
N LEU D 109 5.50 -59.56 -36.24
CA LEU D 109 6.02 -59.65 -34.88
C LEU D 109 5.90 -58.33 -34.13
N VAL D 110 5.94 -57.18 -34.83
CA VAL D 110 5.72 -55.92 -34.13
C VAL D 110 4.32 -55.97 -33.50
N ASP D 111 3.34 -56.36 -34.30
CA ASP D 111 1.97 -56.39 -33.83
C ASP D 111 1.78 -57.42 -32.71
N PHE D 112 2.35 -58.60 -32.91
CA PHE D 112 2.24 -59.66 -31.92
C PHE D 112 2.88 -59.24 -30.60
N CYS D 113 4.07 -58.65 -30.65
CA CYS D 113 4.78 -58.23 -29.44
C CYS D 113 4.00 -57.17 -28.69
N ARG D 114 3.47 -56.20 -29.43
CA ARG D 114 2.76 -55.14 -28.77
C ARG D 114 1.47 -55.67 -28.15
N ARG D 115 0.83 -56.68 -28.75
CA ARG D 115 -0.45 -57.12 -28.22
C ARG D 115 -0.25 -58.19 -27.14
N ASN D 116 0.93 -58.76 -27.00
CA ASN D 116 1.13 -59.86 -26.06
C ASN D 116 2.22 -59.54 -25.04
N ASP D 117 2.61 -58.28 -24.90
CA ASP D 117 3.54 -57.84 -23.86
C ASP D 117 4.88 -58.60 -23.95
N ILE D 118 5.44 -58.62 -25.15
CA ILE D 118 6.75 -59.18 -25.37
C ILE D 118 7.62 -58.07 -25.91
N ASN D 119 8.86 -57.96 -25.45
CA ASN D 119 9.73 -56.99 -26.11
C ASN D 119 11.12 -57.52 -26.44
N THR D 120 11.34 -58.85 -26.34
CA THR D 120 12.53 -59.44 -26.92
C THR D 120 12.11 -60.58 -27.83
N ILE D 121 12.59 -60.52 -29.07
CA ILE D 121 12.37 -61.60 -30.03
C ILE D 121 13.74 -62.18 -30.38
N ASN D 122 13.75 -63.46 -30.71
CA ASN D 122 14.97 -64.21 -30.95
C ASN D 122 14.78 -65.11 -32.15
N ASP D 123 15.82 -65.21 -32.99
CA ASP D 123 15.75 -66.19 -34.06
C ASP D 123 16.96 -67.12 -34.04
N GLY D 124 16.95 -68.06 -35.00
CA GLY D 124 18.04 -68.99 -35.15
C GLY D 124 18.83 -68.78 -36.43
N ILE D 125 19.00 -67.52 -36.87
CA ILE D 125 19.96 -67.30 -37.95
C ILE D 125 21.36 -67.64 -37.43
N THR D 126 22.22 -68.08 -38.37
CA THR D 126 23.54 -68.56 -38.05
C THR D 126 24.56 -68.00 -39.02
N HIS D 127 25.79 -67.85 -38.52
CA HIS D 127 26.96 -67.42 -39.27
C HIS D 127 27.15 -68.32 -40.50
N TYR D 128 27.05 -69.65 -40.34
CA TYR D 128 27.39 -70.54 -41.43
C TYR D 128 26.32 -70.47 -42.54
N GLN D 129 25.15 -69.88 -42.28
CA GLN D 129 24.12 -69.78 -43.31
C GLN D 129 24.06 -68.39 -43.94
N MET D 130 25.17 -67.62 -43.89
CA MET D 130 25.17 -66.23 -44.33
C MET D 130 24.99 -66.06 -45.84
N GLU D 131 25.11 -67.12 -46.65
CA GLU D 131 24.76 -67.02 -48.06
C GLU D 131 23.26 -66.67 -48.24
N PHE D 132 22.41 -67.01 -47.28
CA PHE D 132 21.00 -66.73 -47.37
C PHE D 132 20.75 -65.27 -46.98
N PRO D 133 19.95 -64.54 -47.79
CA PRO D 133 19.88 -63.08 -47.71
C PRO D 133 19.44 -62.59 -46.33
N GLU D 134 18.47 -63.27 -45.73
CA GLU D 134 17.94 -62.82 -44.47
C GLU D 134 18.90 -63.08 -43.31
N GLN D 135 19.99 -63.83 -43.58
CA GLN D 135 20.94 -64.15 -42.53
C GLN D 135 22.22 -63.34 -42.67
N ARG D 136 22.30 -62.49 -43.70
CA ARG D 136 23.47 -61.64 -43.86
C ARG D 136 23.51 -60.61 -42.75
N LEU D 137 24.69 -60.14 -42.40
CA LEU D 137 24.83 -59.08 -41.40
C LEU D 137 24.03 -57.84 -41.81
N VAL D 138 24.04 -57.48 -43.11
CA VAL D 138 23.33 -56.29 -43.52
C VAL D 138 21.83 -56.45 -43.29
N ALA D 139 21.27 -57.65 -43.46
CA ALA D 139 19.84 -57.84 -43.24
C ALA D 139 19.52 -57.83 -41.75
N LYS D 140 20.36 -58.53 -40.97
CA LYS D 140 20.18 -58.59 -39.53
C LYS D 140 20.19 -57.20 -38.93
N THR D 141 21.15 -56.37 -39.36
CA THR D 141 21.31 -55.01 -38.85
C THR D 141 20.09 -54.17 -39.19
N PHE D 142 19.65 -54.28 -40.45
CA PHE D 142 18.47 -53.58 -40.91
C PHE D 142 17.26 -53.95 -40.04
N LEU D 143 17.06 -55.26 -39.78
CA LEU D 143 15.89 -55.69 -39.05
C LEU D 143 16.00 -55.38 -37.57
N MET D 144 17.21 -55.44 -37.00
CA MET D 144 17.40 -54.95 -35.63
C MET D 144 16.94 -53.50 -35.50
N GLU D 145 17.32 -52.65 -36.46
CA GLU D 145 16.99 -51.24 -36.43
C GLU D 145 15.47 -51.09 -36.56
N MET D 146 14.85 -51.87 -37.46
CA MET D 146 13.42 -51.79 -37.63
C MET D 146 12.69 -52.12 -36.33
N MET D 147 13.13 -53.18 -35.65
CA MET D 147 12.45 -53.59 -34.44
C MET D 147 12.69 -52.58 -33.33
N ALA D 148 13.89 -52.01 -33.27
CA ALA D 148 14.24 -51.03 -32.26
C ALA D 148 13.36 -49.79 -32.40
N GLN D 149 12.92 -49.45 -33.62
CA GLN D 149 12.03 -48.32 -33.74
C GLN D 149 10.70 -48.59 -33.03
N TYR D 150 10.36 -49.86 -32.77
CA TYR D 150 9.14 -50.20 -32.06
C TYR D 150 9.47 -50.65 -30.64
N ASP D 151 10.65 -50.33 -30.13
CA ASP D 151 11.10 -50.70 -28.80
C ASP D 151 11.15 -52.21 -28.61
N ILE D 152 11.50 -52.95 -29.66
CA ILE D 152 11.63 -54.38 -29.56
C ILE D 152 13.10 -54.73 -29.80
N ASN D 153 13.62 -55.53 -28.88
CA ASN D 153 14.99 -56.03 -28.96
C ASN D 153 15.00 -57.34 -29.75
N TYR D 154 15.67 -57.33 -30.91
CA TYR D 154 15.79 -58.47 -31.77
C TYR D 154 17.18 -59.07 -31.59
N GLN D 155 17.24 -60.31 -31.07
CA GLN D 155 18.50 -60.99 -30.82
C GLN D 155 18.56 -62.29 -31.63
N SER D 156 19.79 -62.76 -31.81
CA SER D 156 20.08 -63.97 -32.55
C SER D 156 21.05 -64.81 -31.70
N PRO D 157 20.56 -65.57 -30.70
CA PRO D 157 21.45 -66.13 -29.68
C PRO D 157 22.40 -67.24 -30.14
N VAL D 158 22.16 -67.87 -31.29
CA VAL D 158 23.09 -68.89 -31.79
C VAL D 158 23.87 -68.39 -33.01
N TYR D 159 23.81 -67.11 -33.35
CA TYR D 159 24.35 -66.61 -34.61
C TYR D 159 25.87 -66.79 -34.68
N GLU D 160 26.56 -66.39 -33.62
CA GLU D 160 28.00 -66.39 -33.58
C GLU D 160 28.54 -67.78 -33.26
N PHE D 161 27.85 -68.52 -32.41
CA PHE D 161 28.31 -69.86 -32.06
C PHE D 161 28.30 -70.80 -33.27
N ALA D 162 27.27 -70.70 -34.14
CA ALA D 162 27.08 -71.75 -35.14
C ALA D 162 27.99 -71.52 -36.36
N GLN D 163 29.21 -72.00 -36.27
CA GLN D 163 30.17 -71.99 -37.38
C GLN D 163 29.90 -73.15 -38.35
N SER D 164 29.12 -74.17 -37.97
CA SER D 164 28.65 -75.21 -38.88
C SER D 164 27.37 -75.82 -38.30
N ALA D 165 26.66 -76.58 -39.11
CA ALA D 165 25.48 -77.29 -38.71
C ALA D 165 25.82 -78.28 -37.58
N ASP D 166 27.01 -78.89 -37.63
CA ASP D 166 27.46 -79.81 -36.61
C ASP D 166 27.48 -79.17 -35.22
N ASP D 167 27.84 -77.90 -35.11
CA ASP D 167 27.86 -77.20 -33.83
C ASP D 167 26.47 -77.19 -33.23
N VAL D 168 25.47 -76.86 -34.03
CA VAL D 168 24.10 -76.84 -33.54
C VAL D 168 23.63 -78.27 -33.17
N LYS D 169 23.85 -79.22 -34.06
CA LYS D 169 23.39 -80.59 -33.92
C LYS D 169 23.84 -81.19 -32.58
N TYR D 170 25.13 -81.07 -32.25
CA TYR D 170 25.73 -81.76 -31.11
C TYR D 170 25.22 -81.14 -29.80
N ARG D 171 24.89 -79.83 -29.80
CA ARG D 171 24.29 -79.24 -28.63
C ARG D 171 22.87 -79.77 -28.43
N LEU D 172 22.11 -79.90 -29.53
CA LEU D 172 20.79 -80.48 -29.40
C LEU D 172 20.87 -81.90 -28.85
N LEU D 173 21.78 -82.71 -29.37
CA LEU D 173 21.91 -84.07 -28.93
C LEU D 173 22.20 -84.13 -27.40
N GLN D 174 22.99 -83.17 -26.90
CA GLN D 174 23.31 -83.11 -25.47
C GLN D 174 22.07 -82.79 -24.65
N LEU D 175 21.05 -82.19 -25.27
CA LEU D 175 19.79 -81.92 -24.58
C LEU D 175 18.83 -83.11 -24.65
N GLY D 176 19.21 -84.20 -25.32
CA GLY D 176 18.31 -85.33 -25.51
C GLY D 176 17.25 -85.02 -26.57
N ILE D 177 17.59 -84.12 -27.51
CA ILE D 177 16.69 -83.73 -28.60
C ILE D 177 17.29 -84.20 -29.93
N SER D 178 16.43 -84.60 -30.88
CA SER D 178 16.83 -85.01 -32.20
C SER D 178 17.69 -83.96 -32.90
N THR D 179 18.63 -84.44 -33.70
CA THR D 179 19.53 -83.60 -34.49
C THR D 179 18.92 -83.24 -35.84
N LYS D 180 17.78 -83.82 -36.19
CA LYS D 180 17.16 -83.60 -37.49
C LYS D 180 16.46 -82.26 -37.50
N SER D 181 16.27 -81.77 -38.72
CA SER D 181 15.58 -80.53 -38.96
C SER D 181 14.08 -80.82 -39.13
N LEU D 182 13.28 -80.60 -38.09
CA LEU D 182 11.90 -81.05 -38.10
C LEU D 182 10.98 -79.87 -38.46
N GLU D 183 11.05 -79.48 -39.72
CA GLU D 183 10.44 -78.27 -40.20
C GLU D 183 9.77 -78.56 -41.52
N GLY D 184 8.84 -77.68 -41.92
CA GLY D 184 8.34 -77.68 -43.28
C GLY D 184 9.39 -77.05 -44.20
N ILE D 185 9.20 -77.15 -45.51
CA ILE D 185 10.06 -76.48 -46.44
C ILE D 185 9.25 -75.49 -47.26
N SER D 186 9.90 -74.40 -47.66
CA SER D 186 9.31 -73.47 -48.58
C SER D 186 9.29 -74.11 -49.96
N ILE D 187 8.21 -73.90 -50.72
CA ILE D 187 8.22 -74.25 -52.11
C ILE D 187 9.35 -73.51 -52.85
N PHE D 188 9.78 -72.38 -52.33
CA PHE D 188 10.84 -71.58 -52.93
C PHE D 188 12.25 -72.11 -52.60
N ALA D 189 12.35 -73.25 -51.90
CA ALA D 189 13.60 -73.99 -51.75
C ALA D 189 14.28 -74.19 -53.08
N ASP D 190 15.57 -73.81 -53.11
CA ASP D 190 16.45 -74.05 -54.26
C ASP D 190 15.81 -73.43 -55.51
N SER D 191 15.26 -72.21 -55.38
CA SER D 191 14.61 -71.52 -56.51
C SER D 191 15.28 -70.17 -56.83
N PHE D 192 16.51 -69.97 -56.32
CA PHE D 192 17.15 -68.65 -56.38
C PHE D 192 18.67 -68.81 -56.48
N SER D 193 19.32 -67.77 -57.03
CA SER D 193 20.78 -67.65 -56.98
C SER D 193 21.12 -66.60 -55.90
N THR D 194 22.42 -66.48 -55.58
CA THR D 194 22.90 -65.70 -54.45
C THR D 194 22.90 -64.21 -54.79
N PRO D 195 22.21 -63.35 -54.02
CA PRO D 195 22.24 -61.92 -54.24
C PRO D 195 23.44 -61.24 -53.54
N SER D 196 23.88 -60.10 -54.06
CA SER D 196 24.87 -59.28 -53.39
C SER D 196 24.25 -58.63 -52.15
N ASP D 197 25.13 -58.20 -51.22
CA ASP D 197 24.72 -57.39 -50.08
C ASP D 197 23.96 -56.12 -50.51
N ASP D 198 24.41 -55.46 -51.58
CA ASP D 198 23.77 -54.24 -52.02
C ASP D 198 22.32 -54.49 -52.40
N VAL D 199 22.08 -55.60 -53.10
CA VAL D 199 20.74 -55.95 -53.54
C VAL D 199 19.88 -56.28 -52.33
N VAL D 200 20.42 -57.01 -51.35
CA VAL D 200 19.65 -57.38 -50.18
C VAL D 200 19.17 -56.11 -49.48
N LEU D 201 20.09 -55.16 -49.30
CA LEU D 201 19.77 -53.95 -48.59
C LEU D 201 18.79 -53.09 -49.41
N ALA D 202 19.00 -53.01 -50.73
CA ALA D 202 18.10 -52.20 -51.54
C ALA D 202 16.66 -52.73 -51.51
N TYR D 203 16.52 -54.07 -51.55
CA TYR D 203 15.21 -54.70 -51.53
C TYR D 203 14.55 -54.40 -50.18
N LEU D 204 15.29 -54.57 -49.09
CA LEU D 204 14.73 -54.31 -47.78
C LEU D 204 14.26 -52.85 -47.67
N ARG D 205 15.06 -51.89 -48.14
CA ARG D 205 14.69 -50.49 -48.09
C ARG D 205 13.46 -50.19 -48.94
N GLU D 206 13.37 -50.81 -50.11
CA GLU D 206 12.23 -50.61 -50.98
C GLU D 206 10.95 -51.15 -50.34
N LYS D 207 11.00 -52.30 -49.68
CA LYS D 207 9.81 -52.95 -49.15
C LYS D 207 9.43 -52.45 -47.76
N ALA D 208 10.35 -51.78 -47.06
CA ALA D 208 10.13 -51.32 -45.71
C ALA D 208 8.83 -50.51 -45.55
N PRO D 209 8.51 -49.53 -46.42
CA PRO D 209 7.27 -48.79 -46.26
C PRO D 209 6.02 -49.67 -46.30
N LEU D 210 6.02 -50.73 -47.11
CA LEU D 210 4.95 -51.69 -47.12
C LEU D 210 4.85 -52.40 -45.77
N ALA D 211 6.01 -52.81 -45.23
CA ALA D 211 6.02 -53.51 -43.97
C ALA D 211 5.49 -52.60 -42.86
N HIS D 212 5.94 -51.37 -42.78
CA HIS D 212 5.45 -50.45 -41.76
C HIS D 212 3.93 -50.21 -41.92
N ASN D 213 3.46 -50.10 -43.16
CA ASN D 213 2.05 -49.89 -43.42
C ASN D 213 1.24 -51.08 -42.88
N ILE D 214 1.76 -52.29 -43.09
CA ILE D 214 1.11 -53.48 -42.58
C ILE D 214 1.07 -53.46 -41.05
N VAL D 215 2.15 -53.03 -40.41
CA VAL D 215 2.15 -52.84 -38.98
C VAL D 215 1.01 -51.91 -38.55
N ASN D 216 0.86 -50.78 -39.26
CA ASN D 216 -0.14 -49.79 -38.92
C ASN D 216 -1.54 -50.35 -39.10
N PHE D 217 -1.77 -51.12 -40.19
CA PHE D 217 -3.06 -51.73 -40.41
C PHE D 217 -3.36 -52.73 -39.31
N LEU D 218 -2.38 -53.56 -38.96
CA LEU D 218 -2.58 -54.59 -37.94
C LEU D 218 -2.89 -53.98 -36.58
N ALA D 219 -2.42 -52.74 -36.36
CA ALA D 219 -2.67 -52.02 -35.12
C ALA D 219 -4.04 -51.33 -35.16
N GLY D 220 -4.73 -51.37 -36.30
CA GLY D 220 -6.00 -50.70 -36.42
C GLY D 220 -5.88 -49.19 -36.66
N GLU D 221 -4.75 -48.72 -37.19
CA GLU D 221 -4.47 -47.29 -37.29
C GLU D 221 -4.74 -46.76 -38.69
N THR D 222 -4.71 -47.59 -39.73
CA THR D 222 -5.07 -47.08 -41.04
C THR D 222 -5.59 -48.22 -41.90
N LEU D 223 -6.33 -47.88 -42.93
CA LEU D 223 -6.65 -48.79 -44.03
C LEU D 223 -5.83 -48.46 -45.27
N ASN D 224 -5.36 -47.21 -45.38
CA ASN D 224 -4.80 -46.75 -46.63
C ASN D 224 -3.45 -47.38 -46.93
N PRO D 225 -3.11 -47.51 -48.23
CA PRO D 225 -1.85 -48.09 -48.68
C PRO D 225 -0.66 -47.16 -48.42
N PRO D 226 0.58 -47.66 -48.57
CA PRO D 226 1.79 -46.95 -48.10
C PRO D 226 1.96 -45.50 -48.50
N SER E 6 11.49 -84.37 6.37
CA SER E 6 12.19 -84.95 7.55
C SER E 6 13.70 -85.09 7.28
N VAL E 7 14.25 -86.22 6.84
CA VAL E 7 15.61 -86.29 6.36
C VAL E 7 15.67 -85.92 4.87
N LYS E 8 16.71 -85.21 4.47
CA LYS E 8 16.82 -84.73 3.12
C LYS E 8 17.06 -85.89 2.14
N PRO E 9 16.28 -86.02 1.06
CA PRO E 9 16.52 -87.06 0.06
C PRO E 9 17.91 -87.01 -0.57
N GLN E 10 18.47 -88.19 -0.80
CA GLN E 10 19.72 -88.31 -1.51
C GLN E 10 19.46 -89.04 -2.82
N LEU E 11 20.38 -88.92 -3.75
CA LEU E 11 20.27 -89.60 -5.03
C LEU E 11 21.10 -90.87 -5.05
N VAL E 12 20.58 -91.88 -5.73
CA VAL E 12 21.33 -93.10 -6.00
C VAL E 12 21.39 -93.32 -7.50
N MET E 13 22.61 -93.51 -8.00
CA MET E 13 22.88 -93.94 -9.35
C MET E 13 22.50 -95.42 -9.41
N PHE E 14 21.42 -95.68 -10.12
CA PHE E 14 20.68 -96.93 -10.03
C PHE E 14 20.54 -97.61 -11.37
N THR E 15 20.93 -98.87 -11.46
CA THR E 15 20.82 -99.67 -12.67
C THR E 15 19.77 -100.76 -12.56
N GLY E 16 19.31 -101.06 -11.34
CA GLY E 16 18.58 -102.28 -11.07
C GLY E 16 19.48 -103.45 -10.71
N GLY E 17 20.77 -103.29 -10.94
CA GLY E 17 21.76 -104.27 -10.51
C GLY E 17 21.81 -104.41 -8.98
N ARG E 18 22.53 -105.45 -8.55
CA ARG E 18 22.55 -105.85 -7.16
C ARG E 18 23.12 -104.74 -6.28
N ASP E 19 24.23 -104.14 -6.69
CA ASP E 19 25.00 -103.27 -5.80
C ASP E 19 24.31 -101.94 -5.61
N SER E 20 23.78 -101.35 -6.70
CA SER E 20 23.09 -100.09 -6.58
C SER E 20 21.73 -100.29 -5.88
N THR E 21 21.10 -101.46 -6.07
CA THR E 21 19.92 -101.80 -5.31
C THR E 21 20.25 -101.79 -3.82
N LEU E 22 21.33 -102.47 -3.44
CA LEU E 22 21.69 -102.59 -2.04
C LEU E 22 22.06 -101.24 -1.46
N ALA E 23 22.77 -100.39 -2.21
CA ALA E 23 23.14 -99.10 -1.71
C ALA E 23 21.89 -98.26 -1.41
N ALA E 24 20.94 -98.24 -2.35
CA ALA E 24 19.70 -97.53 -2.12
C ALA E 24 18.95 -98.10 -0.90
N CYS E 25 18.85 -99.42 -0.80
CA CYS E 25 18.13 -100.05 0.32
C CYS E 25 18.78 -99.70 1.65
N TYR E 26 20.11 -99.74 1.70
CA TYR E 26 20.82 -99.48 2.94
C TYR E 26 20.59 -98.04 3.40
N LEU E 27 20.59 -97.07 2.47
CA LEU E 27 20.25 -95.70 2.83
C LEU E 27 18.83 -95.63 3.40
N MET E 28 17.88 -96.30 2.71
CA MET E 28 16.49 -96.24 3.13
C MET E 28 16.31 -96.89 4.51
N LEU E 29 17.05 -97.96 4.80
CA LEU E 29 16.98 -98.59 6.11
C LEU E 29 17.35 -97.60 7.19
N GLN E 30 18.22 -96.64 6.85
CA GLN E 30 18.66 -95.64 7.81
C GLN E 30 17.63 -94.52 7.91
N GLY E 31 16.58 -94.51 7.11
CA GLY E 31 15.61 -93.41 7.16
C GLY E 31 15.89 -92.34 6.10
N ILE E 32 16.86 -92.57 5.23
CA ILE E 32 17.21 -91.59 4.19
C ILE E 32 16.36 -91.84 2.95
N PRO E 33 15.49 -90.90 2.53
CA PRO E 33 14.75 -91.08 1.30
C PRO E 33 15.70 -91.07 0.11
N VAL E 34 15.38 -91.88 -0.91
CA VAL E 34 16.24 -91.95 -2.08
C VAL E 34 15.46 -91.64 -3.36
N HIS E 35 16.12 -90.80 -4.17
CA HIS E 35 15.72 -90.52 -5.54
C HIS E 35 16.61 -91.42 -6.40
N LEU E 36 15.99 -92.39 -7.07
CA LEU E 36 16.71 -93.29 -7.96
C LEU E 36 16.92 -92.58 -9.29
N TRP E 37 18.14 -92.66 -9.82
CA TRP E 37 18.50 -92.02 -11.08
C TRP E 37 19.22 -93.03 -11.96
N SER E 38 18.66 -93.26 -13.16
CA SER E 38 19.17 -94.20 -14.14
C SER E 38 19.57 -93.41 -15.40
N GLY E 39 20.83 -93.53 -15.82
CA GLY E 39 21.30 -92.91 -17.04
C GLY E 39 21.12 -93.87 -18.22
N ASN E 40 20.37 -93.42 -19.24
CA ASN E 40 20.28 -94.12 -20.51
C ASN E 40 21.23 -93.48 -21.50
N SER E 41 22.36 -94.20 -21.74
CA SER E 41 23.50 -93.80 -22.56
C SER E 41 23.12 -93.93 -24.04
N GLY E 42 22.07 -94.67 -24.34
CA GLY E 42 21.60 -94.90 -25.71
C GLY E 42 22.13 -96.19 -26.33
N CYS E 43 22.96 -96.94 -25.58
CA CYS E 43 23.59 -98.16 -26.07
C CYS E 43 23.34 -99.31 -25.09
N SER E 44 22.21 -99.28 -24.39
CA SER E 44 21.92 -100.31 -23.40
C SER E 44 20.72 -101.14 -23.88
N LEU E 45 20.79 -102.44 -23.69
CA LEU E 45 19.85 -103.41 -24.20
C LEU E 45 19.00 -104.00 -23.06
N HIS E 46 17.75 -104.31 -23.36
CA HIS E 46 16.87 -105.08 -22.52
C HIS E 46 16.81 -104.50 -21.11
N ARG E 47 16.40 -103.22 -21.05
CA ARG E 47 16.22 -102.48 -19.82
C ARG E 47 14.88 -102.76 -19.13
N GLY E 48 13.95 -103.44 -19.79
CA GLY E 48 12.58 -103.61 -19.31
C GLY E 48 12.49 -104.22 -17.90
N ILE E 49 13.45 -105.10 -17.53
CA ILE E 49 13.39 -105.83 -16.27
C ILE E 49 13.58 -104.89 -15.08
N LEU E 50 14.15 -103.73 -15.31
CA LEU E 50 14.35 -102.73 -14.27
C LEU E 50 13.09 -102.44 -13.46
N SER E 51 11.95 -102.44 -14.14
CA SER E 51 10.73 -102.04 -13.48
C SER E 51 10.34 -103.09 -12.44
N HIS E 52 10.71 -104.36 -12.64
CA HIS E 52 10.47 -105.38 -11.62
C HIS E 52 11.22 -105.00 -10.32
N ARG E 53 12.43 -104.51 -10.48
CA ARG E 53 13.24 -104.19 -9.31
C ARG E 53 12.69 -102.95 -8.57
N VAL E 54 12.28 -101.93 -9.32
CA VAL E 54 11.70 -100.74 -8.71
C VAL E 54 10.47 -101.13 -7.90
N GLU E 55 9.63 -102.01 -8.43
CA GLU E 55 8.45 -102.47 -7.72
C GLU E 55 8.87 -103.20 -6.42
N GLU E 56 9.90 -104.05 -6.48
CA GLU E 56 10.32 -104.74 -5.27
C GLU E 56 10.74 -103.73 -4.20
N MET E 57 11.43 -102.68 -4.63
CA MET E 57 11.96 -101.70 -3.69
C MET E 57 10.83 -100.86 -3.09
N LYS E 58 9.86 -100.46 -3.91
CA LYS E 58 8.68 -99.77 -3.41
C LYS E 58 7.88 -100.62 -2.46
N ASN E 59 7.74 -101.93 -2.74
CA ASN E 59 7.02 -102.80 -1.84
C ASN E 59 7.74 -102.90 -0.51
N ARG E 60 9.08 -102.91 -0.52
CA ARG E 60 9.82 -103.15 0.72
C ARG E 60 10.00 -101.85 1.52
N PHE E 61 10.06 -100.68 0.86
CA PHE E 61 10.42 -99.44 1.54
C PHE E 61 9.36 -98.33 1.43
N GLY E 62 8.33 -98.50 0.59
CA GLY E 62 7.26 -97.54 0.48
C GLY E 62 7.77 -96.17 0.02
N ASP E 63 7.31 -95.15 0.73
CA ASP E 63 7.52 -93.75 0.40
C ASP E 63 8.96 -93.29 0.57
N LEU E 64 9.84 -94.09 1.15
CA LEU E 64 11.27 -93.76 1.15
C LEU E 64 11.85 -93.80 -0.27
N VAL E 65 11.19 -94.48 -1.20
CA VAL E 65 11.54 -94.34 -2.61
C VAL E 65 10.83 -93.10 -3.14
N VAL E 66 11.54 -91.99 -3.30
CA VAL E 66 10.83 -90.76 -3.55
C VAL E 66 10.69 -90.54 -5.05
N GLY E 67 11.40 -91.26 -5.90
CA GLY E 67 11.24 -91.04 -7.33
C GLY E 67 12.23 -91.89 -8.10
N HIS E 68 12.00 -92.04 -9.39
CA HIS E 68 12.91 -92.71 -10.31
C HIS E 68 12.98 -91.86 -11.56
N THR E 69 14.10 -91.21 -11.83
CA THR E 69 14.36 -90.46 -13.05
C THR E 69 15.16 -91.35 -14.00
N VAL E 70 14.71 -91.49 -15.23
CA VAL E 70 15.47 -92.14 -16.29
C VAL E 70 15.92 -91.02 -17.23
N ALA E 71 17.19 -90.71 -17.24
CA ALA E 71 17.70 -89.55 -17.95
C ALA E 71 18.36 -89.96 -19.25
N ASP E 72 18.06 -89.27 -20.33
CA ASP E 72 18.72 -89.50 -21.60
C ASP E 72 20.07 -88.78 -21.60
N ILE E 73 21.17 -89.53 -21.48
CA ILE E 73 22.50 -88.93 -21.43
C ILE E 73 23.29 -89.25 -22.68
N SER E 74 22.61 -89.73 -23.73
CA SER E 74 23.26 -90.18 -24.96
C SER E 74 24.13 -89.10 -25.57
N GLY E 75 23.70 -87.82 -25.56
CA GLY E 75 24.50 -86.79 -26.24
C GLY E 75 25.82 -86.52 -25.50
N ALA E 76 25.75 -86.38 -24.18
CA ALA E 76 26.96 -86.23 -23.37
C ALA E 76 27.88 -87.43 -23.50
N PHE E 77 27.29 -88.65 -23.50
CA PHE E 77 28.07 -89.86 -23.63
C PHE E 77 28.79 -89.85 -24.97
N ARG E 78 28.05 -89.54 -26.03
CA ARG E 78 28.65 -89.48 -27.36
C ARG E 78 29.81 -88.46 -27.37
N SER E 79 29.60 -87.26 -26.85
CA SER E 79 30.62 -86.22 -26.93
C SER E 79 31.89 -86.64 -26.18
N ILE E 80 31.73 -87.27 -25.01
CA ILE E 80 32.88 -87.65 -24.19
C ILE E 80 33.60 -88.88 -24.74
N ALA E 81 32.86 -89.92 -25.11
CA ALA E 81 33.41 -91.26 -25.28
C ALA E 81 33.37 -91.81 -26.70
N ILE E 82 32.45 -91.35 -27.56
CA ILE E 82 32.25 -91.99 -28.85
C ILE E 82 32.79 -91.14 -30.00
N GLU E 83 32.59 -89.84 -29.94
CA GLU E 83 32.88 -88.97 -31.08
C GLU E 83 34.34 -89.14 -31.52
N ALA E 84 35.27 -89.31 -30.59
CA ALA E 84 36.67 -89.44 -30.92
C ALA E 84 37.17 -90.88 -30.57
N LEU E 85 36.31 -91.88 -30.78
CA LEU E 85 36.60 -93.25 -30.41
C LEU E 85 37.88 -93.77 -31.09
N GLU E 86 38.02 -93.50 -32.38
CA GLU E 86 39.19 -93.92 -33.11
C GLU E 86 40.45 -93.40 -32.44
N GLN E 87 40.55 -92.09 -32.24
CA GLN E 87 41.69 -91.46 -31.65
C GLN E 87 41.91 -91.94 -30.23
N ASP E 88 40.82 -92.10 -29.46
CA ASP E 88 40.95 -92.48 -28.08
C ASP E 88 41.57 -93.88 -27.98
N ILE E 89 41.07 -94.81 -28.80
CA ILE E 89 41.58 -96.18 -28.75
C ILE E 89 43.00 -96.25 -29.26
N LEU E 90 43.30 -95.54 -30.35
CA LEU E 90 44.65 -95.56 -30.86
C LEU E 90 45.63 -94.99 -29.85
N LYS E 91 45.25 -93.97 -29.10
CA LYS E 91 46.19 -93.35 -28.17
C LYS E 91 46.35 -94.19 -26.91
N TYR E 92 45.25 -94.62 -26.28
CA TYR E 92 45.37 -95.36 -25.03
C TYR E 92 45.53 -96.88 -25.20
N ARG E 93 45.20 -97.42 -26.39
CA ARG E 93 45.27 -98.84 -26.69
C ARG E 93 44.37 -99.65 -25.77
N LYS E 94 43.32 -98.99 -25.30
CA LYS E 94 42.28 -99.63 -24.53
C LYS E 94 40.95 -98.94 -24.83
N ASN E 95 39.88 -99.72 -24.89
CA ASN E 95 38.55 -99.21 -25.07
C ASN E 95 38.04 -98.76 -23.72
N LEU E 96 37.89 -97.44 -23.52
CA LEU E 96 37.51 -96.88 -22.26
C LEU E 96 36.10 -96.22 -22.28
N VAL E 97 35.24 -96.70 -23.18
CA VAL E 97 33.97 -96.00 -23.34
C VAL E 97 33.15 -96.06 -22.04
N LEU E 98 33.26 -97.14 -21.26
CA LEU E 98 32.45 -97.24 -20.05
C LEU E 98 32.99 -96.34 -18.94
N LEU E 99 34.27 -95.97 -19.03
CA LEU E 99 34.82 -94.95 -18.14
C LEU E 99 34.27 -93.58 -18.52
N GLY E 100 34.26 -93.31 -19.83
CA GLY E 100 33.63 -92.11 -20.38
C GLY E 100 32.16 -92.02 -19.98
N GLU E 101 31.47 -93.15 -20.01
CA GLU E 101 30.05 -93.14 -19.64
C GLU E 101 29.89 -92.65 -18.20
N LYS E 102 30.76 -93.14 -17.29
CA LYS E 102 30.66 -92.78 -15.89
C LYS E 102 30.91 -91.26 -15.73
N LEU E 103 31.85 -90.72 -16.50
CA LEU E 103 32.06 -89.30 -16.46
C LEU E 103 30.84 -88.50 -16.98
N ALA E 104 30.21 -89.01 -18.06
CA ALA E 104 29.02 -88.38 -18.60
C ALA E 104 27.90 -88.38 -17.58
N ILE E 105 27.76 -89.49 -16.85
CA ILE E 105 26.79 -89.58 -15.78
C ILE E 105 27.03 -88.45 -14.76
N HIS E 106 28.29 -88.30 -14.35
CA HIS E 106 28.63 -87.33 -13.31
C HIS E 106 28.38 -85.88 -13.76
N ALA E 107 28.66 -85.59 -15.02
CA ALA E 107 28.37 -84.28 -15.56
C ALA E 107 26.86 -84.01 -15.50
N HIS E 108 26.05 -84.98 -15.94
CA HIS E 108 24.59 -84.83 -15.86
C HIS E 108 24.14 -84.70 -14.40
N LEU E 109 24.82 -85.40 -13.48
CA LEU E 109 24.42 -85.34 -12.09
C LEU E 109 24.67 -83.96 -11.45
N VAL E 110 25.70 -83.25 -11.93
CA VAL E 110 25.91 -81.89 -11.43
C VAL E 110 24.67 -81.06 -11.73
N ASP E 111 24.24 -81.13 -12.99
CA ASP E 111 23.10 -80.34 -13.43
C ASP E 111 21.82 -80.75 -12.72
N PHE E 112 21.61 -82.08 -12.61
CA PHE E 112 20.43 -82.60 -11.96
C PHE E 112 20.39 -82.17 -10.50
N CYS E 113 21.51 -82.30 -9.78
CA CYS E 113 21.54 -81.95 -8.36
C CYS E 113 21.28 -80.46 -8.14
N ARG E 114 21.87 -79.63 -8.99
CA ARG E 114 21.68 -78.21 -8.83
C ARG E 114 20.24 -77.83 -9.13
N ARG E 115 19.55 -78.54 -10.05
CA ARG E 115 18.22 -78.11 -10.41
C ARG E 115 17.18 -78.76 -9.50
N ASN E 116 17.53 -79.78 -8.73
CA ASN E 116 16.55 -80.51 -7.95
C ASN E 116 16.89 -80.50 -6.46
N ASP E 117 17.78 -79.60 -6.01
CA ASP E 117 18.08 -79.47 -4.58
C ASP E 117 18.54 -80.79 -3.94
N ILE E 118 19.49 -81.43 -4.60
CA ILE E 118 20.11 -82.63 -4.07
C ILE E 118 21.57 -82.32 -3.86
N ASN E 119 22.15 -82.72 -2.73
CA ASN E 119 23.61 -82.53 -2.67
C ASN E 119 24.41 -83.73 -2.20
N THR E 120 23.78 -84.91 -2.12
CA THR E 120 24.53 -86.14 -1.93
C THR E 120 24.11 -87.15 -2.99
N ILE E 121 25.10 -87.68 -3.74
CA ILE E 121 24.88 -88.71 -4.70
C ILE E 121 25.63 -89.95 -4.25
N ASN E 122 25.09 -91.12 -4.62
CA ASN E 122 25.59 -92.41 -4.14
C ASN E 122 25.59 -93.39 -5.29
N ASP E 123 26.62 -94.24 -5.36
CA ASP E 123 26.58 -95.31 -6.34
C ASP E 123 26.81 -96.67 -5.68
N GLY E 124 26.77 -97.72 -6.52
CA GLY E 124 27.05 -99.05 -6.07
C GLY E 124 28.36 -99.63 -6.61
N ILE E 125 29.37 -98.80 -6.82
CA ILE E 125 30.68 -99.40 -7.15
C ILE E 125 31.18 -100.20 -5.94
N THR E 126 31.99 -101.23 -6.22
CA THR E 126 32.42 -102.20 -5.24
C THR E 126 33.91 -102.48 -5.40
N HIS E 127 34.52 -102.82 -4.26
CA HIS E 127 35.92 -103.20 -4.16
C HIS E 127 36.21 -104.37 -5.09
N TYR E 128 35.34 -105.40 -5.10
CA TYR E 128 35.65 -106.63 -5.83
C TYR E 128 35.57 -106.37 -7.34
N GLN E 129 34.99 -105.23 -7.79
CA GLN E 129 34.93 -104.98 -9.22
C GLN E 129 36.01 -104.00 -9.67
N MET E 130 37.09 -103.87 -8.95
CA MET E 130 38.17 -102.95 -9.21
C MET E 130 38.90 -103.19 -10.54
N GLU E 131 38.74 -104.34 -11.22
CA GLU E 131 39.26 -104.47 -12.56
C GLU E 131 38.61 -103.47 -13.52
N PHE E 132 37.39 -103.06 -13.26
CA PHE E 132 36.64 -102.13 -14.11
C PHE E 132 37.09 -100.70 -13.76
N PRO E 133 37.44 -99.91 -14.81
CA PRO E 133 38.18 -98.67 -14.62
C PRO E 133 37.43 -97.66 -13.75
N GLU E 134 36.12 -97.60 -13.89
CA GLU E 134 35.34 -96.61 -13.15
C GLU E 134 35.19 -96.98 -11.69
N GLN E 135 35.61 -98.20 -11.34
CA GLN E 135 35.47 -98.64 -9.94
C GLN E 135 36.82 -98.63 -9.25
N ARG E 136 37.90 -98.30 -9.96
CA ARG E 136 39.22 -98.25 -9.32
C ARG E 136 39.23 -97.03 -8.38
N LEU E 137 40.06 -97.09 -7.37
CA LEU E 137 40.23 -96.00 -6.43
C LEU E 137 40.67 -94.73 -7.12
N VAL E 138 41.53 -94.80 -8.14
CA VAL E 138 41.98 -93.61 -8.86
C VAL E 138 40.79 -92.94 -9.54
N ALA E 139 39.83 -93.71 -10.08
CA ALA E 139 38.68 -93.07 -10.73
C ALA E 139 37.74 -92.47 -9.68
N LYS E 140 37.48 -93.26 -8.64
CA LYS E 140 36.57 -92.85 -7.59
C LYS E 140 37.05 -91.54 -6.94
N THR E 141 38.35 -91.44 -6.67
CA THR E 141 38.85 -90.28 -5.95
C THR E 141 38.86 -89.11 -6.91
N PHE E 142 39.18 -89.31 -8.19
CA PHE E 142 39.05 -88.24 -9.18
C PHE E 142 37.62 -87.69 -9.19
N LEU E 143 36.62 -88.57 -9.25
CA LEU E 143 35.23 -88.14 -9.38
C LEU E 143 34.72 -87.55 -8.07
N MET E 144 35.16 -88.07 -6.92
CA MET E 144 34.81 -87.43 -5.65
C MET E 144 35.24 -85.96 -5.63
N GLU E 145 36.48 -85.72 -6.09
CA GLU E 145 37.03 -84.37 -6.10
C GLU E 145 36.24 -83.52 -7.09
N MET E 146 35.91 -84.06 -8.25
CA MET E 146 35.18 -83.31 -9.25
C MET E 146 33.82 -82.88 -8.70
N MET E 147 33.11 -83.79 -8.02
CA MET E 147 31.80 -83.47 -7.51
C MET E 147 31.91 -82.44 -6.39
N ALA E 148 32.95 -82.57 -5.55
CA ALA E 148 33.15 -81.63 -4.45
C ALA E 148 33.36 -80.21 -4.98
N GLN E 149 33.95 -80.06 -6.14
CA GLN E 149 34.13 -78.73 -6.69
C GLN E 149 32.77 -78.10 -7.03
N TYR E 150 31.70 -78.91 -7.16
CA TYR E 150 30.37 -78.36 -7.39
C TYR E 150 29.53 -78.46 -6.11
N ASP E 151 30.16 -78.61 -4.95
CA ASP E 151 29.46 -78.75 -3.68
C ASP E 151 28.52 -79.97 -3.65
N ILE E 152 28.93 -81.04 -4.30
CA ILE E 152 28.16 -82.28 -4.24
C ILE E 152 29.02 -83.33 -3.55
N ASN E 153 28.41 -83.99 -2.57
CA ASN E 153 29.01 -85.11 -1.87
C ASN E 153 28.75 -86.41 -2.62
N TYR E 154 29.77 -87.04 -3.17
CA TYR E 154 29.70 -88.30 -3.87
C TYR E 154 30.20 -89.41 -2.95
N GLN E 155 29.31 -90.34 -2.56
CA GLN E 155 29.68 -91.44 -1.72
C GLN E 155 29.38 -92.77 -2.44
N SER E 156 29.98 -93.84 -1.93
CA SER E 156 29.86 -95.18 -2.45
C SER E 156 29.61 -96.14 -1.28
N PRO E 157 28.36 -96.25 -0.80
CA PRO E 157 28.12 -96.88 0.51
C PRO E 157 28.36 -98.37 0.60
N VAL E 158 28.42 -99.11 -0.53
CA VAL E 158 28.72 -100.54 -0.46
C VAL E 158 30.14 -100.88 -0.94
N TYR E 159 30.97 -99.87 -1.16
CA TYR E 159 32.27 -100.07 -1.80
C TYR E 159 33.19 -100.98 -1.02
N GLU E 160 33.31 -100.72 0.29
CA GLU E 160 34.32 -101.41 1.09
C GLU E 160 33.76 -102.72 1.58
N PHE E 161 32.45 -102.77 1.84
CA PHE E 161 31.84 -104.02 2.30
C PHE E 161 31.92 -105.12 1.23
N ALA E 162 31.77 -104.77 -0.06
CA ALA E 162 31.54 -105.80 -1.05
C ALA E 162 32.86 -106.44 -1.50
N GLN E 163 33.33 -107.43 -0.73
CA GLN E 163 34.50 -108.20 -1.11
C GLN E 163 34.18 -109.28 -2.14
N SER E 164 32.91 -109.62 -2.35
CA SER E 164 32.47 -110.46 -3.47
C SER E 164 31.00 -110.16 -3.75
N ALA E 165 30.54 -110.63 -4.89
CA ALA E 165 29.14 -110.52 -5.29
C ALA E 165 28.22 -111.20 -4.25
N ASP E 166 28.67 -112.29 -3.66
CA ASP E 166 27.92 -113.03 -2.66
C ASP E 166 27.57 -112.15 -1.46
N ASP E 167 28.49 -111.25 -1.06
CA ASP E 167 28.25 -110.35 0.07
C ASP E 167 27.03 -109.48 -0.25
N VAL E 168 26.98 -108.90 -1.46
CA VAL E 168 25.87 -108.05 -1.83
C VAL E 168 24.57 -108.88 -1.94
N LYS E 169 24.62 -110.02 -2.62
CA LYS E 169 23.46 -110.84 -2.89
C LYS E 169 22.73 -111.20 -1.59
N TYR E 170 23.46 -111.69 -0.58
CA TYR E 170 22.79 -112.25 0.58
C TYR E 170 22.31 -111.15 1.50
N ARG E 171 22.83 -109.91 1.40
CA ARG E 171 22.20 -108.80 2.09
C ARG E 171 20.87 -108.46 1.44
N LEU E 172 20.82 -108.45 0.10
CA LEU E 172 19.56 -108.26 -0.58
C LEU E 172 18.54 -109.31 -0.15
N LEU E 173 18.94 -110.57 -0.13
CA LEU E 173 18.03 -111.65 0.23
C LEU E 173 17.45 -111.42 1.64
N GLN E 174 18.27 -110.88 2.56
CA GLN E 174 17.81 -110.63 3.92
C GLN E 174 16.78 -109.51 3.95
N LEU E 175 16.72 -108.68 2.91
CA LEU E 175 15.71 -107.64 2.78
C LEU E 175 14.45 -108.15 2.09
N GLY E 176 14.41 -109.41 1.67
CA GLY E 176 13.28 -109.92 0.93
C GLY E 176 13.26 -109.44 -0.52
N ILE E 177 14.45 -109.13 -1.06
CA ILE E 177 14.63 -108.70 -2.44
C ILE E 177 15.40 -109.77 -3.22
N SER E 178 15.07 -109.95 -4.50
CA SER E 178 15.78 -110.86 -5.38
C SER E 178 17.29 -110.60 -5.40
N THR E 179 18.04 -111.68 -5.56
CA THR E 179 19.51 -111.65 -5.65
C THR E 179 19.99 -111.39 -7.08
N LYS E 180 19.09 -111.37 -8.04
CA LYS E 180 19.44 -111.24 -9.44
C LYS E 180 19.77 -109.81 -9.78
N SER E 181 20.54 -109.69 -10.85
CA SER E 181 20.91 -108.38 -11.38
C SER E 181 19.85 -107.96 -12.40
N LEU E 182 18.91 -107.10 -12.00
CA LEU E 182 17.76 -106.80 -12.86
C LEU E 182 18.00 -105.46 -13.58
N GLU E 183 18.92 -105.53 -14.54
CA GLU E 183 19.44 -104.37 -15.20
C GLU E 183 19.53 -104.69 -16.69
N GLY E 184 19.61 -103.63 -17.50
CA GLY E 184 19.98 -103.76 -18.89
C GLY E 184 21.48 -103.99 -18.99
N ILE E 185 21.95 -104.34 -20.17
CA ILE E 185 23.40 -104.46 -20.35
C ILE E 185 23.84 -103.46 -21.42
N SER E 186 25.05 -102.99 -21.26
CA SER E 186 25.71 -102.18 -22.26
C SER E 186 26.07 -103.10 -23.43
N ILE E 187 25.88 -102.57 -24.64
CA ILE E 187 26.38 -103.28 -25.80
C ILE E 187 27.91 -103.43 -25.72
N PHE E 188 28.57 -102.59 -24.95
CA PHE E 188 30.03 -102.61 -24.83
C PHE E 188 30.51 -103.65 -23.80
N ALA E 189 29.58 -104.43 -23.22
CA ALA E 189 29.93 -105.60 -22.41
C ALA E 189 30.99 -106.45 -23.13
N ASP E 190 32.06 -106.77 -22.39
CA ASP E 190 33.09 -107.69 -22.85
C ASP E 190 33.65 -107.22 -24.19
N SER E 191 33.90 -105.90 -24.31
CA SER E 191 34.44 -105.32 -25.55
C SER E 191 35.81 -104.65 -25.33
N PHE E 192 36.46 -104.95 -24.20
CA PHE E 192 37.67 -104.24 -23.80
C PHE E 192 38.64 -105.14 -23.03
N SER E 193 39.94 -104.77 -23.00
CA SER E 193 40.93 -105.40 -22.14
C SER E 193 41.20 -104.45 -20.96
N THR E 194 41.95 -104.92 -19.94
CA THR E 194 42.09 -104.24 -18.66
C THR E 194 43.11 -103.09 -18.79
N PRO E 195 42.75 -101.85 -18.48
CA PRO E 195 43.68 -100.73 -18.55
C PRO E 195 44.49 -100.54 -17.27
N SER E 196 45.66 -99.93 -17.38
CA SER E 196 46.45 -99.52 -16.22
C SER E 196 45.74 -98.34 -15.53
N ASP E 197 46.07 -98.15 -14.23
CA ASP E 197 45.67 -96.97 -13.50
C ASP E 197 46.13 -95.67 -14.19
N ASP E 198 47.36 -95.68 -14.73
CA ASP E 198 47.86 -94.48 -15.40
C ASP E 198 46.97 -94.06 -16.57
N VAL E 199 46.53 -95.07 -17.35
CA VAL E 199 45.68 -94.82 -18.50
C VAL E 199 44.32 -94.30 -18.02
N VAL E 200 43.76 -94.89 -16.98
CA VAL E 200 42.46 -94.48 -16.48
C VAL E 200 42.52 -93.02 -16.10
N LEU E 201 43.55 -92.63 -15.36
CA LEU E 201 43.67 -91.27 -14.88
C LEU E 201 43.93 -90.34 -16.06
N ALA E 202 44.77 -90.73 -17.04
CA ALA E 202 45.05 -89.87 -18.14
C ALA E 202 43.79 -89.59 -18.96
N TYR E 203 42.97 -90.62 -19.17
CA TYR E 203 41.73 -90.50 -19.93
C TYR E 203 40.79 -89.54 -19.18
N LEU E 204 40.64 -89.73 -17.87
CA LEU E 204 39.77 -88.87 -17.09
C LEU E 204 40.24 -87.42 -17.17
N ARG E 205 41.52 -87.16 -17.03
CA ARG E 205 42.04 -85.80 -17.14
C ARG E 205 41.83 -85.19 -18.51
N GLU E 206 42.01 -85.98 -19.55
CA GLU E 206 41.82 -85.50 -20.90
C GLU E 206 40.35 -85.13 -21.15
N LYS E 207 39.40 -85.94 -20.68
CA LYS E 207 38.00 -85.74 -20.95
C LYS E 207 37.33 -84.76 -20.01
N ALA E 208 37.92 -84.50 -18.85
CA ALA E 208 37.31 -83.65 -17.84
C ALA E 208 36.90 -82.28 -18.39
N PRO E 209 37.70 -81.56 -19.18
CA PRO E 209 37.27 -80.30 -19.74
C PRO E 209 35.99 -80.38 -20.57
N LEU E 210 35.79 -81.48 -21.29
CA LEU E 210 34.55 -81.70 -22.04
C LEU E 210 33.41 -81.86 -21.05
N ALA E 211 33.63 -82.65 -19.99
CA ALA E 211 32.60 -82.86 -18.97
C ALA E 211 32.18 -81.53 -18.33
N HIS E 212 33.16 -80.71 -17.91
CA HIS E 212 32.86 -79.44 -17.30
C HIS E 212 32.09 -78.53 -18.30
N ASN E 213 32.48 -78.55 -19.56
CA ASN E 213 31.84 -77.76 -20.58
C ASN E 213 30.37 -78.17 -20.72
N ILE E 214 30.11 -79.48 -20.68
CA ILE E 214 28.75 -79.98 -20.73
C ILE E 214 27.94 -79.49 -19.52
N VAL E 215 28.55 -79.48 -18.36
CA VAL E 215 27.91 -78.93 -17.17
C VAL E 215 27.52 -77.48 -17.41
N ASN E 216 28.44 -76.69 -17.99
CA ASN E 216 28.20 -75.28 -18.21
C ASN E 216 27.06 -75.09 -19.22
N PHE E 217 27.05 -75.90 -20.29
CA PHE E 217 25.99 -75.82 -21.28
C PHE E 217 24.64 -76.17 -20.65
N LEU E 218 24.61 -77.24 -19.87
CA LEU E 218 23.38 -77.70 -19.25
C LEU E 218 22.82 -76.66 -18.28
N ALA E 219 23.71 -75.82 -17.71
CA ALA E 219 23.31 -74.75 -16.82
C ALA E 219 22.86 -73.51 -17.57
N GLY E 220 22.99 -73.52 -18.89
CA GLY E 220 22.62 -72.33 -19.66
C GLY E 220 23.70 -71.26 -19.69
N GLU E 221 24.97 -71.60 -19.39
CA GLU E 221 26.01 -70.60 -19.19
C GLU E 221 26.89 -70.43 -20.41
N THR E 222 26.98 -71.41 -21.31
CA THR E 222 27.72 -71.17 -22.53
C THR E 222 27.17 -72.10 -23.63
N LEU E 223 27.44 -71.74 -24.87
CA LEU E 223 27.30 -72.59 -26.02
C LEU E 223 28.66 -73.07 -26.52
N ASN E 224 29.72 -72.30 -26.21
CA ASN E 224 31.00 -72.55 -26.84
C ASN E 224 31.65 -73.85 -26.37
N PRO E 225 32.46 -74.49 -27.26
CA PRO E 225 33.14 -75.74 -26.93
C PRO E 225 34.29 -75.54 -25.95
N PRO E 226 34.84 -76.65 -25.42
CA PRO E 226 35.90 -76.52 -24.41
C PRO E 226 37.12 -75.73 -24.92
N VAL E 227 37.72 -74.89 -24.04
CA VAL E 227 39.00 -74.26 -24.38
C VAL E 227 40.15 -75.16 -23.91
N SER F 6 -13.52 -51.72 -21.23
CA SER F 6 -13.42 -50.25 -21.42
C SER F 6 -14.32 -49.83 -22.57
N VAL F 7 -14.24 -50.50 -23.75
CA VAL F 7 -14.75 -49.88 -24.96
C VAL F 7 -16.18 -50.40 -25.24
N LYS F 8 -17.07 -49.47 -25.58
CA LYS F 8 -18.46 -49.83 -25.73
C LYS F 8 -18.66 -50.61 -27.03
N PRO F 9 -19.33 -51.77 -27.04
CA PRO F 9 -19.60 -52.49 -28.27
C PRO F 9 -20.40 -51.69 -29.29
N GLN F 10 -20.05 -51.86 -30.56
CA GLN F 10 -20.78 -51.24 -31.65
C GLN F 10 -21.38 -52.33 -32.51
N LEU F 11 -22.38 -51.98 -33.32
CA LEU F 11 -23.02 -52.94 -34.20
C LEU F 11 -22.46 -52.84 -35.61
N VAL F 12 -22.35 -53.99 -36.28
CA VAL F 12 -22.01 -54.01 -37.69
C VAL F 12 -23.10 -54.75 -38.45
N MET F 13 -23.61 -54.10 -39.47
CA MET F 13 -24.52 -54.68 -40.44
C MET F 13 -23.69 -55.61 -41.30
N PHE F 14 -23.93 -56.90 -41.11
CA PHE F 14 -23.03 -57.94 -41.56
C PHE F 14 -23.73 -58.94 -42.46
N THR F 15 -23.15 -59.19 -43.65
CA THR F 15 -23.67 -60.15 -44.60
C THR F 15 -22.77 -61.37 -44.74
N GLY F 16 -21.55 -61.29 -44.24
CA GLY F 16 -20.51 -62.25 -44.61
C GLY F 16 -19.73 -61.83 -45.84
N GLY F 17 -20.24 -60.83 -46.55
CA GLY F 17 -19.53 -60.24 -47.67
C GLY F 17 -18.20 -59.59 -47.25
N ARG F 18 -17.40 -59.25 -48.24
CA ARG F 18 -16.05 -58.80 -48.03
C ARG F 18 -16.05 -57.48 -47.27
N ASP F 19 -16.92 -56.53 -47.65
CA ASP F 19 -16.81 -55.18 -47.14
C ASP F 19 -17.28 -55.11 -45.68
N SER F 20 -18.39 -55.77 -45.35
CA SER F 20 -18.89 -55.75 -43.99
C SER F 20 -17.97 -56.57 -43.09
N THR F 21 -17.36 -57.64 -43.64
CA THR F 21 -16.36 -58.39 -42.89
C THR F 21 -15.20 -57.46 -42.52
N LEU F 22 -14.69 -56.70 -43.51
CA LEU F 22 -13.56 -55.83 -43.29
C LEU F 22 -13.92 -54.72 -42.30
N ALA F 23 -15.12 -54.15 -42.40
CA ALA F 23 -15.53 -53.09 -41.49
C ALA F 23 -15.51 -53.60 -40.05
N ALA F 24 -16.11 -54.77 -39.81
CA ALA F 24 -16.12 -55.35 -38.50
C ALA F 24 -14.69 -55.63 -38.01
N CYS F 25 -13.84 -56.22 -38.87
CA CYS F 25 -12.47 -56.53 -38.49
C CYS F 25 -11.69 -55.27 -38.12
N TYR F 26 -11.87 -54.22 -38.90
CA TYR F 26 -11.12 -52.99 -38.69
C TYR F 26 -11.50 -52.37 -37.35
N LEU F 27 -12.80 -52.37 -37.02
CA LEU F 27 -13.22 -51.89 -35.70
C LEU F 27 -12.57 -52.73 -34.59
N MET F 28 -12.58 -54.06 -34.75
CA MET F 28 -12.03 -54.94 -33.74
C MET F 28 -10.52 -54.72 -33.57
N LEU F 29 -9.81 -54.45 -34.67
CA LEU F 29 -8.38 -54.17 -34.60
C LEU F 29 -8.12 -52.96 -33.73
N GLN F 30 -9.09 -52.04 -33.68
CA GLN F 30 -8.95 -50.82 -32.88
C GLN F 30 -9.31 -51.11 -31.43
N GLY F 31 -9.79 -52.30 -31.09
CA GLY F 31 -10.19 -52.57 -29.72
C GLY F 31 -11.69 -52.37 -29.50
N ILE F 32 -12.45 -52.13 -30.56
CA ILE F 32 -13.90 -51.96 -30.44
C ILE F 32 -14.59 -53.29 -30.57
N PRO F 33 -15.31 -53.78 -29.53
CA PRO F 33 -16.06 -55.01 -29.67
C PRO F 33 -17.21 -54.81 -30.65
N VAL F 34 -17.54 -55.86 -31.40
CA VAL F 34 -18.56 -55.75 -32.44
C VAL F 34 -19.66 -56.81 -32.24
N HIS F 35 -20.89 -56.32 -32.32
CA HIS F 35 -22.10 -57.15 -32.39
C HIS F 35 -22.46 -57.24 -33.87
N LEU F 36 -22.33 -58.44 -34.44
CA LEU F 36 -22.66 -58.64 -35.84
C LEU F 36 -24.19 -58.81 -35.97
N TRP F 37 -24.80 -58.11 -36.91
CA TRP F 37 -26.24 -58.14 -37.11
C TRP F 37 -26.53 -58.38 -38.60
N SER F 38 -27.24 -59.48 -38.89
CA SER F 38 -27.60 -59.89 -40.23
C SER F 38 -29.13 -59.87 -40.38
N GLY F 39 -29.62 -59.10 -41.35
CA GLY F 39 -31.05 -59.05 -41.61
C GLY F 39 -31.46 -60.10 -42.64
N ASN F 40 -32.36 -60.98 -42.26
CA ASN F 40 -32.96 -61.92 -43.18
C ASN F 40 -34.33 -61.42 -43.61
N SER F 41 -34.37 -60.93 -44.86
CA SER F 41 -35.51 -60.29 -45.54
C SER F 41 -36.57 -61.35 -45.89
N GLY F 42 -36.16 -62.62 -45.92
CA GLY F 42 -37.04 -63.74 -46.29
C GLY F 42 -37.00 -64.10 -47.78
N CYS F 43 -36.16 -63.39 -48.55
CA CYS F 43 -36.00 -63.60 -49.97
C CYS F 43 -34.51 -63.80 -50.30
N SER F 44 -33.74 -64.34 -49.37
CA SER F 44 -32.30 -64.50 -49.58
C SER F 44 -31.97 -65.99 -49.67
N LEU F 45 -31.11 -66.36 -50.62
CA LEU F 45 -30.81 -67.73 -50.96
C LEU F 45 -29.41 -68.12 -50.48
N HIS F 46 -29.24 -69.39 -50.14
CA HIS F 46 -27.93 -69.99 -49.90
C HIS F 46 -27.12 -69.19 -48.87
N ARG F 47 -27.71 -69.02 -47.69
CA ARG F 47 -27.13 -68.24 -46.61
C ARG F 47 -26.18 -69.06 -45.74
N GLY F 48 -26.16 -70.37 -45.91
CA GLY F 48 -25.40 -71.30 -45.08
C GLY F 48 -23.90 -70.98 -45.01
N ILE F 49 -23.32 -70.38 -46.06
CA ILE F 49 -21.89 -70.13 -46.12
C ILE F 49 -21.46 -69.10 -45.09
N LEU F 50 -22.40 -68.28 -44.64
CA LEU F 50 -22.14 -67.26 -43.62
C LEU F 50 -21.43 -67.81 -42.39
N SER F 51 -21.77 -69.04 -42.00
CA SER F 51 -21.24 -69.55 -40.76
C SER F 51 -19.74 -69.80 -40.89
N HIS F 52 -19.24 -70.11 -42.12
CA HIS F 52 -17.81 -70.23 -42.32
C HIS F 52 -17.13 -68.88 -42.01
N ARG F 53 -17.76 -67.78 -42.41
CA ARG F 53 -17.15 -66.48 -42.21
C ARG F 53 -17.14 -66.10 -40.72
N VAL F 54 -18.24 -66.34 -40.02
CA VAL F 54 -18.32 -66.04 -38.60
C VAL F 54 -17.22 -66.79 -37.86
N GLU F 55 -17.02 -68.06 -38.21
CA GLU F 55 -15.95 -68.85 -37.60
C GLU F 55 -14.58 -68.21 -37.89
N GLU F 56 -14.33 -67.76 -39.12
CA GLU F 56 -13.06 -67.13 -39.44
C GLU F 56 -12.84 -65.93 -38.52
N MET F 57 -13.91 -65.16 -38.31
CA MET F 57 -13.79 -63.92 -37.56
C MET F 57 -13.57 -64.18 -36.08
N LYS F 58 -14.27 -65.18 -35.54
CA LYS F 58 -14.04 -65.61 -34.17
C LYS F 58 -12.66 -66.15 -33.97
N ASN F 59 -12.13 -66.90 -34.93
CA ASN F 59 -10.78 -67.41 -34.81
C ASN F 59 -9.79 -66.27 -34.81
N ARG F 60 -10.02 -65.21 -35.59
CA ARG F 60 -9.02 -64.16 -35.72
C ARG F 60 -9.13 -63.15 -34.57
N PHE F 61 -10.32 -62.92 -34.02
CA PHE F 61 -10.54 -61.82 -33.09
C PHE F 61 -11.11 -62.26 -31.74
N GLY F 62 -11.49 -63.53 -31.55
CA GLY F 62 -11.90 -64.06 -30.25
C GLY F 62 -13.09 -63.28 -29.68
N ASP F 63 -12.95 -62.87 -28.43
CA ASP F 63 -14.01 -62.25 -27.65
C ASP F 63 -14.41 -60.87 -28.15
N LEU F 64 -13.64 -60.24 -29.04
CA LEU F 64 -14.08 -58.97 -29.61
C LEU F 64 -15.31 -59.16 -30.50
N VAL F 65 -15.59 -60.39 -30.95
CA VAL F 65 -16.88 -60.66 -31.58
C VAL F 65 -17.87 -60.95 -30.46
N VAL F 66 -18.74 -60.01 -30.12
CA VAL F 66 -19.52 -60.17 -28.93
C VAL F 66 -20.83 -60.86 -29.25
N GLY F 67 -21.23 -61.00 -30.50
CA GLY F 67 -22.44 -61.76 -30.80
C GLY F 67 -22.76 -61.68 -32.27
N HIS F 68 -23.65 -62.56 -32.73
CA HIS F 68 -24.18 -62.53 -34.09
C HIS F 68 -25.68 -62.72 -33.99
N THR F 69 -26.47 -61.67 -34.28
CA THR F 69 -27.91 -61.72 -34.35
C THR F 69 -28.32 -61.90 -35.81
N VAL F 70 -29.16 -62.90 -36.07
CA VAL F 70 -29.81 -63.03 -37.35
C VAL F 70 -31.27 -62.65 -37.15
N ALA F 71 -31.68 -61.53 -37.70
CA ALA F 71 -32.99 -60.96 -37.42
C ALA F 71 -33.94 -61.25 -38.58
N ASP F 72 -35.14 -61.71 -38.27
CA ASP F 72 -36.17 -61.89 -39.28
C ASP F 72 -36.84 -60.54 -39.54
N ILE F 73 -36.56 -59.92 -40.69
CA ILE F 73 -37.13 -58.61 -40.99
C ILE F 73 -38.11 -58.72 -42.15
N SER F 74 -38.56 -59.95 -42.47
CA SER F 74 -39.45 -60.18 -43.60
C SER F 74 -40.73 -59.34 -43.56
N GLY F 75 -41.32 -59.15 -42.36
CA GLY F 75 -42.60 -58.43 -42.34
C GLY F 75 -42.40 -56.94 -42.63
N ALA F 76 -41.39 -56.31 -42.02
CA ALA F 76 -41.09 -54.93 -42.34
C ALA F 76 -40.70 -54.75 -43.80
N PHE F 77 -39.90 -55.70 -44.33
CA PHE F 77 -39.50 -55.63 -45.73
C PHE F 77 -40.75 -55.70 -46.62
N ARG F 78 -41.63 -56.66 -46.32
CA ARG F 78 -42.85 -56.77 -47.10
C ARG F 78 -43.67 -55.48 -47.07
N SER F 79 -43.86 -54.91 -45.86
CA SER F 79 -44.73 -53.73 -45.72
C SER F 79 -44.13 -52.55 -46.50
N ILE F 80 -42.82 -52.38 -46.46
CA ILE F 80 -42.18 -51.23 -47.09
C ILE F 80 -42.09 -51.41 -48.61
N ALA F 81 -41.65 -52.59 -49.08
CA ALA F 81 -41.11 -52.77 -50.42
C ALA F 81 -41.94 -53.71 -51.31
N ILE F 82 -42.69 -54.66 -50.75
CA ILE F 82 -43.36 -55.66 -51.56
C ILE F 82 -44.87 -55.40 -51.71
N GLU F 83 -45.51 -55.00 -50.62
CA GLU F 83 -46.96 -54.90 -50.59
C GLU F 83 -47.48 -54.01 -51.72
N ALA F 84 -46.79 -52.92 -52.02
CA ALA F 84 -47.23 -51.99 -53.06
C ALA F 84 -46.27 -52.02 -54.26
N LEU F 85 -45.72 -53.21 -54.56
CA LEU F 85 -44.74 -53.34 -55.63
C LEU F 85 -45.27 -52.86 -56.98
N GLU F 86 -46.49 -53.24 -57.32
CA GLU F 86 -47.14 -52.81 -58.54
C GLU F 86 -47.07 -51.29 -58.67
N GLN F 87 -47.62 -50.58 -57.69
CA GLN F 87 -47.69 -49.14 -57.67
C GLN F 87 -46.29 -48.54 -57.67
N ASP F 88 -45.38 -49.11 -56.88
CA ASP F 88 -44.04 -48.56 -56.76
C ASP F 88 -43.33 -48.60 -58.13
N ILE F 89 -43.43 -49.74 -58.83
CA ILE F 89 -42.73 -49.89 -60.09
C ILE F 89 -43.41 -49.03 -61.15
N LEU F 90 -44.75 -48.98 -61.17
CA LEU F 90 -45.42 -48.14 -62.14
C LEU F 90 -45.05 -46.66 -61.93
N LYS F 91 -44.87 -46.21 -60.70
CA LYS F 91 -44.57 -44.81 -60.47
C LYS F 91 -43.10 -44.50 -60.77
N TYR F 92 -42.17 -45.26 -60.23
CA TYR F 92 -40.75 -44.91 -60.36
C TYR F 92 -40.09 -45.55 -61.60
N ARG F 93 -40.71 -46.56 -62.21
CA ARG F 93 -40.17 -47.26 -63.37
C ARG F 93 -38.84 -47.95 -63.04
N LYS F 94 -38.63 -48.22 -61.78
CA LYS F 94 -37.47 -48.95 -61.31
C LYS F 94 -37.89 -49.88 -60.17
N ASN F 95 -37.28 -51.05 -60.15
CA ASN F 95 -37.44 -51.98 -59.06
C ASN F 95 -36.47 -51.53 -57.97
N LEU F 96 -37.03 -51.02 -56.87
CA LEU F 96 -36.25 -50.47 -55.77
C LEU F 96 -36.39 -51.31 -54.49
N VAL F 97 -36.72 -52.60 -54.63
CA VAL F 97 -36.98 -53.39 -53.44
C VAL F 97 -35.74 -53.45 -52.55
N LEU F 98 -34.54 -53.45 -53.11
CA LEU F 98 -33.34 -53.58 -52.30
C LEU F 98 -33.04 -52.28 -51.55
N LEU F 99 -33.56 -51.16 -52.06
CA LEU F 99 -33.50 -49.91 -51.32
C LEU F 99 -34.47 -49.97 -50.14
N GLY F 100 -35.69 -50.44 -50.41
CA GLY F 100 -36.69 -50.73 -49.38
C GLY F 100 -36.14 -51.66 -48.31
N GLU F 101 -35.37 -52.67 -48.72
CA GLU F 101 -34.81 -53.60 -47.76
C GLU F 101 -33.88 -52.86 -46.79
N LYS F 102 -33.04 -51.97 -47.32
CA LYS F 102 -32.08 -51.26 -46.48
C LYS F 102 -32.85 -50.34 -45.51
N LEU F 103 -33.97 -49.75 -45.94
CA LEU F 103 -34.77 -48.97 -45.03
C LEU F 103 -35.40 -49.85 -43.92
N ALA F 104 -35.87 -51.05 -44.31
CA ALA F 104 -36.41 -52.01 -43.33
C ALA F 104 -35.34 -52.39 -42.32
N ILE F 105 -34.12 -52.58 -42.78
CA ILE F 105 -32.99 -52.87 -41.89
C ILE F 105 -32.83 -51.75 -40.86
N HIS F 106 -32.87 -50.50 -41.33
CA HIS F 106 -32.64 -49.35 -40.46
C HIS F 106 -33.76 -49.20 -39.42
N ALA F 107 -35.00 -49.46 -39.83
CA ALA F 107 -36.12 -49.44 -38.90
C ALA F 107 -35.89 -50.46 -37.80
N HIS F 108 -35.56 -51.70 -38.18
CA HIS F 108 -35.27 -52.73 -37.20
C HIS F 108 -34.09 -52.35 -36.32
N LEU F 109 -33.09 -51.67 -36.88
CA LEU F 109 -31.90 -51.31 -36.10
C LEU F 109 -32.20 -50.26 -35.04
N VAL F 110 -33.18 -49.38 -35.29
CA VAL F 110 -33.54 -48.43 -34.26
C VAL F 110 -34.01 -49.22 -33.03
N ASP F 111 -34.90 -50.17 -33.26
CA ASP F 111 -35.48 -50.96 -32.19
C ASP F 111 -34.40 -51.80 -31.49
N PHE F 112 -33.56 -52.45 -32.28
CA PHE F 112 -32.51 -53.28 -31.74
C PHE F 112 -31.55 -52.45 -30.88
N CYS F 113 -31.11 -51.29 -31.40
CA CYS F 113 -30.16 -50.43 -30.67
C CYS F 113 -30.75 -49.94 -29.38
N ARG F 114 -32.01 -49.53 -29.41
CA ARG F 114 -32.61 -49.02 -28.20
C ARG F 114 -32.79 -50.11 -27.18
N ARG F 115 -33.02 -51.36 -27.60
CA ARG F 115 -33.30 -52.40 -26.61
C ARG F 115 -31.99 -53.06 -26.16
N ASN F 116 -30.88 -52.83 -26.85
CA ASN F 116 -29.64 -53.51 -26.50
C ASN F 116 -28.52 -52.54 -26.13
N ASP F 117 -28.85 -51.25 -25.89
CA ASP F 117 -27.87 -50.27 -25.44
C ASP F 117 -26.70 -50.13 -26.42
N ILE F 118 -27.04 -49.97 -27.70
CA ILE F 118 -26.05 -49.71 -28.72
C ILE F 118 -26.35 -48.36 -29.30
N ASN F 119 -25.34 -47.54 -29.54
CA ASN F 119 -25.68 -46.30 -30.24
C ASN F 119 -24.76 -45.95 -31.40
N THR F 120 -23.93 -46.88 -31.85
CA THR F 120 -23.22 -46.71 -33.11
C THR F 120 -23.43 -47.97 -33.96
N ILE F 121 -23.91 -47.75 -35.18
CA ILE F 121 -24.05 -48.83 -36.14
C ILE F 121 -23.11 -48.54 -37.31
N ASN F 122 -22.67 -49.61 -37.96
CA ASN F 122 -21.67 -49.54 -39.02
C ASN F 122 -22.05 -50.46 -40.15
N ASP F 123 -21.85 -50.03 -41.38
CA ASP F 123 -22.04 -50.94 -42.50
C ASP F 123 -20.79 -50.99 -43.37
N GLY F 124 -20.86 -51.87 -44.38
CA GLY F 124 -19.80 -51.99 -45.37
C GLY F 124 -20.19 -51.47 -46.75
N ILE F 125 -21.01 -50.40 -46.81
CA ILE F 125 -21.15 -49.76 -48.13
C ILE F 125 -19.81 -49.18 -48.55
N THR F 126 -19.61 -49.13 -49.89
CA THR F 126 -18.34 -48.74 -50.46
C THR F 126 -18.58 -47.78 -51.62
N HIS F 127 -17.59 -46.90 -51.82
CA HIS F 127 -17.54 -45.96 -52.91
C HIS F 127 -17.71 -46.67 -54.25
N TYR F 128 -17.00 -47.78 -54.47
CA TYR F 128 -16.97 -48.40 -55.78
C TYR F 128 -18.32 -49.09 -56.06
N GLN F 129 -19.20 -49.27 -55.07
CA GLN F 129 -20.50 -49.87 -55.32
C GLN F 129 -21.64 -48.84 -55.40
N MET F 130 -21.32 -47.59 -55.73
CA MET F 130 -22.28 -46.50 -55.66
C MET F 130 -23.41 -46.60 -56.71
N GLU F 131 -23.28 -47.43 -57.73
CA GLU F 131 -24.39 -47.68 -58.64
C GLU F 131 -25.60 -48.28 -57.90
N PHE F 132 -25.38 -48.97 -56.78
CA PHE F 132 -26.47 -49.56 -56.01
C PHE F 132 -27.13 -48.47 -55.16
N PRO F 133 -28.48 -48.40 -55.18
CA PRO F 133 -29.21 -47.25 -54.66
C PRO F 133 -28.92 -46.98 -53.18
N GLU F 134 -28.81 -48.05 -52.38
CA GLU F 134 -28.62 -47.87 -50.95
C GLU F 134 -27.20 -47.44 -50.62
N GLN F 135 -26.30 -47.44 -51.62
CA GLN F 135 -24.91 -47.07 -51.37
C GLN F 135 -24.62 -45.68 -51.91
N ARG F 136 -25.61 -45.04 -52.55
CA ARG F 136 -25.39 -43.69 -53.06
C ARG F 136 -25.25 -42.73 -51.89
N LEU F 137 -24.54 -41.62 -52.11
CA LEU F 137 -24.40 -40.60 -51.07
C LEU F 137 -25.78 -40.12 -50.60
N VAL F 138 -26.71 -39.92 -51.53
CA VAL F 138 -28.02 -39.39 -51.15
C VAL F 138 -28.74 -40.38 -50.23
N ALA F 139 -28.59 -41.70 -50.42
CA ALA F 139 -29.26 -42.65 -49.54
C ALA F 139 -28.56 -42.70 -48.18
N LYS F 140 -27.23 -42.73 -48.19
CA LYS F 140 -26.46 -42.77 -46.98
C LYS F 140 -26.79 -41.55 -46.10
N THR F 141 -26.85 -40.37 -46.70
CA THR F 141 -27.13 -39.12 -45.99
C THR F 141 -28.53 -39.17 -45.39
N PHE F 142 -29.49 -39.62 -46.20
CA PHE F 142 -30.87 -39.78 -45.73
C PHE F 142 -30.91 -40.70 -44.51
N LEU F 143 -30.23 -41.84 -44.57
CA LEU F 143 -30.28 -42.83 -43.50
C LEU F 143 -29.49 -42.38 -42.28
N MET F 144 -28.38 -41.65 -42.48
CA MET F 144 -27.69 -41.04 -41.35
C MET F 144 -28.63 -40.12 -40.59
N GLU F 145 -29.39 -39.30 -41.32
CA GLU F 145 -30.32 -38.33 -40.72
C GLU F 145 -31.40 -39.09 -39.97
N MET F 146 -31.92 -40.18 -40.57
CA MET F 146 -32.97 -40.94 -39.93
C MET F 146 -32.46 -41.53 -38.60
N MET F 147 -31.26 -42.07 -38.59
CA MET F 147 -30.73 -42.70 -37.40
C MET F 147 -30.43 -41.62 -36.34
N ALA F 148 -29.94 -40.46 -36.78
CA ALA F 148 -29.63 -39.38 -35.89
C ALA F 148 -30.87 -38.89 -35.17
N GLN F 149 -32.04 -39.00 -35.79
CA GLN F 149 -33.25 -38.58 -35.09
C GLN F 149 -33.50 -39.49 -33.89
N TYR F 150 -32.92 -40.70 -33.87
CA TYR F 150 -33.10 -41.59 -32.74
C TYR F 150 -31.81 -41.66 -31.92
N ASP F 151 -30.91 -40.66 -32.07
CA ASP F 151 -29.65 -40.61 -31.34
C ASP F 151 -28.76 -41.80 -31.63
N ILE F 152 -28.80 -42.29 -32.88
CA ILE F 152 -27.93 -43.37 -33.28
C ILE F 152 -26.98 -42.83 -34.34
N ASN F 153 -25.70 -43.11 -34.11
CA ASN F 153 -24.64 -42.73 -35.03
C ASN F 153 -24.43 -43.85 -36.05
N TYR F 154 -24.70 -43.55 -37.32
CA TYR F 154 -24.56 -44.47 -38.42
C TYR F 154 -23.27 -44.13 -39.18
N GLN F 155 -22.30 -45.04 -39.17
CA GLN F 155 -21.02 -44.86 -39.82
C GLN F 155 -20.79 -45.94 -40.86
N SER F 156 -19.88 -45.64 -41.78
CA SER F 156 -19.55 -46.50 -42.90
C SER F 156 -18.03 -46.56 -43.00
N PRO F 157 -17.33 -47.36 -42.17
CA PRO F 157 -15.90 -47.20 -42.00
C PRO F 157 -15.02 -47.60 -43.18
N VAL F 158 -15.52 -48.36 -44.16
CA VAL F 158 -14.72 -48.68 -45.35
C VAL F 158 -15.22 -47.94 -46.59
N TYR F 159 -16.13 -46.97 -46.44
CA TYR F 159 -16.80 -46.36 -47.59
C TYR F 159 -15.82 -45.62 -48.49
N GLU F 160 -14.96 -44.80 -47.89
CA GLU F 160 -14.06 -43.95 -48.63
C GLU F 160 -12.82 -44.74 -49.04
N PHE F 161 -12.36 -45.67 -48.22
CA PHE F 161 -11.20 -46.46 -48.56
C PHE F 161 -11.43 -47.34 -49.80
N ALA F 162 -12.62 -47.93 -49.92
CA ALA F 162 -12.82 -48.95 -50.95
C ALA F 162 -13.09 -48.33 -52.33
N GLN F 163 -12.02 -48.01 -53.03
CA GLN F 163 -12.07 -47.54 -54.41
C GLN F 163 -12.21 -48.72 -55.39
N SER F 164 -11.94 -49.94 -54.96
CA SER F 164 -12.23 -51.15 -55.74
C SER F 164 -12.36 -52.32 -54.78
N ALA F 165 -12.89 -53.44 -55.29
CA ALA F 165 -13.01 -54.66 -54.53
C ALA F 165 -11.61 -55.15 -54.07
N ASP F 166 -10.59 -54.94 -54.89
CA ASP F 166 -9.24 -55.35 -54.60
C ASP F 166 -8.72 -54.71 -53.32
N ASP F 167 -9.09 -53.44 -53.07
CA ASP F 167 -8.68 -52.76 -51.85
C ASP F 167 -9.19 -53.55 -50.63
N VAL F 168 -10.47 -53.93 -50.65
CA VAL F 168 -11.04 -54.65 -49.54
C VAL F 168 -10.39 -56.05 -49.41
N LYS F 169 -10.30 -56.78 -50.52
CA LYS F 169 -9.85 -58.15 -50.55
C LYS F 169 -8.48 -58.28 -49.90
N TYR F 170 -7.53 -57.44 -50.27
CA TYR F 170 -6.16 -57.68 -49.85
C TYR F 170 -5.94 -57.22 -48.41
N ARG F 171 -6.82 -56.35 -47.86
CA ARG F 171 -6.79 -56.10 -46.43
C ARG F 171 -7.30 -57.33 -45.69
N LEU F 172 -8.38 -57.95 -46.18
CA LEU F 172 -8.86 -59.18 -45.57
C LEU F 172 -7.75 -60.24 -45.56
N LEU F 173 -7.08 -60.42 -46.69
CA LEU F 173 -6.04 -61.41 -46.80
C LEU F 173 -4.93 -61.17 -45.76
N GLN F 174 -4.62 -59.90 -45.49
CA GLN F 174 -3.60 -59.55 -44.52
C GLN F 174 -4.04 -59.93 -43.11
N LEU F 175 -5.35 -60.08 -42.89
CA LEU F 175 -5.85 -60.52 -41.59
C LEU F 175 -5.92 -62.05 -41.50
N GLY F 176 -5.54 -62.77 -42.55
CA GLY F 176 -5.67 -64.22 -42.55
C GLY F 176 -7.10 -64.67 -42.79
N ILE F 177 -7.91 -63.83 -43.46
CA ILE F 177 -9.30 -64.13 -43.76
C ILE F 177 -9.49 -64.28 -45.27
N SER F 178 -10.38 -65.18 -45.68
CA SER F 178 -10.72 -65.39 -47.07
C SER F 178 -11.17 -64.10 -47.76
N THR F 179 -10.81 -64.00 -49.03
CA THR F 179 -11.13 -62.85 -49.88
C THR F 179 -12.50 -63.02 -50.55
N LYS F 180 -13.12 -64.17 -50.41
CA LYS F 180 -14.40 -64.46 -51.05
C LYS F 180 -15.52 -63.80 -50.29
N SER F 181 -16.60 -63.62 -51.02
CA SER F 181 -17.81 -63.04 -50.50
C SER F 181 -18.68 -64.18 -49.95
N LEU F 182 -18.66 -64.39 -48.62
CA LEU F 182 -19.32 -65.54 -48.04
C LEU F 182 -20.68 -65.14 -47.49
N GLU F 183 -21.60 -64.90 -48.43
CA GLU F 183 -22.89 -64.32 -48.10
C GLU F 183 -23.94 -65.05 -48.92
N GLY F 184 -25.21 -64.93 -48.51
CA GLY F 184 -26.32 -65.34 -49.35
C GLY F 184 -26.54 -64.30 -50.45
N ILE F 185 -27.40 -64.61 -51.42
CA ILE F 185 -27.77 -63.61 -52.39
C ILE F 185 -29.27 -63.34 -52.30
N SER F 186 -29.68 -62.15 -52.63
CA SER F 186 -31.09 -61.81 -52.77
C SER F 186 -31.61 -62.47 -54.04
N ILE F 187 -32.82 -62.98 -54.02
CA ILE F 187 -33.48 -63.39 -55.23
C ILE F 187 -33.60 -62.19 -56.20
N PHE F 188 -33.59 -60.98 -55.68
CA PHE F 188 -33.70 -59.78 -56.48
C PHE F 188 -32.34 -59.36 -57.11
N ALA F 189 -31.29 -60.16 -56.92
CA ALA F 189 -30.05 -60.04 -57.69
C ALA F 189 -30.31 -59.93 -59.18
N ASP F 190 -29.73 -58.88 -59.79
CA ASP F 190 -29.75 -58.70 -61.23
C ASP F 190 -31.19 -58.69 -61.71
N SER F 191 -32.08 -58.00 -60.98
CA SER F 191 -33.50 -57.90 -61.34
C SER F 191 -33.95 -56.45 -61.53
N PHE F 192 -32.97 -55.53 -61.72
CA PHE F 192 -33.29 -54.10 -61.71
C PHE F 192 -32.33 -53.34 -62.63
N SER F 193 -32.77 -52.16 -63.11
CA SER F 193 -31.90 -51.23 -63.80
C SER F 193 -31.54 -50.09 -62.83
N THR F 194 -30.62 -49.21 -63.25
CA THR F 194 -30.01 -48.21 -62.36
C THR F 194 -30.96 -47.03 -62.22
N PRO F 195 -31.36 -46.65 -60.98
CA PRO F 195 -32.21 -45.48 -60.78
C PRO F 195 -31.37 -44.19 -60.63
N SER F 196 -31.96 -43.05 -60.93
CA SER F 196 -31.38 -41.75 -60.66
C SER F 196 -31.37 -41.51 -59.14
N ASP F 197 -30.49 -40.60 -58.71
CA ASP F 197 -30.49 -40.08 -57.35
C ASP F 197 -31.85 -39.52 -56.93
N ASP F 198 -32.52 -38.82 -57.83
CA ASP F 198 -33.80 -38.17 -57.54
C ASP F 198 -34.84 -39.26 -57.19
N VAL F 199 -34.83 -40.36 -57.94
CA VAL F 199 -35.75 -41.46 -57.70
C VAL F 199 -35.43 -42.12 -56.36
N VAL F 200 -34.14 -42.33 -56.07
CA VAL F 200 -33.73 -42.95 -54.83
C VAL F 200 -34.29 -42.16 -53.66
N LEU F 201 -34.11 -40.86 -53.71
CA LEU F 201 -34.49 -39.98 -52.62
C LEU F 201 -36.00 -39.90 -52.53
N ALA F 202 -36.69 -39.82 -53.67
CA ALA F 202 -38.15 -39.76 -53.62
C ALA F 202 -38.75 -41.03 -52.98
N TYR F 203 -38.20 -42.20 -53.33
CA TYR F 203 -38.68 -43.46 -52.80
C TYR F 203 -38.46 -43.48 -51.28
N LEU F 204 -37.25 -43.10 -50.85
CA LEU F 204 -36.94 -43.08 -49.43
C LEU F 204 -37.93 -42.16 -48.68
N ARG F 205 -38.19 -40.97 -49.20
CA ARG F 205 -39.10 -40.04 -48.56
C ARG F 205 -40.52 -40.59 -48.50
N GLU F 206 -40.97 -41.24 -49.58
CA GLU F 206 -42.29 -41.81 -49.61
C GLU F 206 -42.44 -42.93 -48.55
N LYS F 207 -41.43 -43.78 -48.38
CA LYS F 207 -41.54 -44.94 -47.51
C LYS F 207 -41.20 -44.62 -46.06
N ALA F 208 -40.54 -43.49 -45.81
CA ALA F 208 -40.08 -43.15 -44.46
C ALA F 208 -41.20 -43.20 -43.42
N PRO F 209 -42.40 -42.66 -43.66
CA PRO F 209 -43.47 -42.72 -42.68
C PRO F 209 -43.83 -44.17 -42.28
N LEU F 210 -43.79 -45.10 -43.22
CA LEU F 210 -44.00 -46.50 -42.94
C LEU F 210 -42.88 -47.02 -42.03
N ALA F 211 -41.64 -46.66 -42.36
CA ALA F 211 -40.51 -47.12 -41.57
C ALA F 211 -40.59 -46.61 -40.13
N HIS F 212 -40.89 -45.32 -39.94
CA HIS F 212 -41.02 -44.77 -38.60
C HIS F 212 -42.17 -45.44 -37.85
N ASN F 213 -43.27 -45.73 -38.54
CA ASN F 213 -44.41 -46.37 -37.92
C ASN F 213 -44.01 -47.76 -37.42
N ILE F 214 -43.21 -48.49 -38.23
CA ILE F 214 -42.72 -49.79 -37.84
C ILE F 214 -41.83 -49.67 -36.59
N VAL F 215 -40.99 -48.66 -36.54
CA VAL F 215 -40.21 -48.37 -35.34
C VAL F 215 -41.12 -48.22 -34.11
N ASN F 216 -42.20 -47.46 -34.26
CA ASN F 216 -43.11 -47.18 -33.16
C ASN F 216 -43.84 -48.47 -32.73
N PHE F 217 -44.24 -49.30 -33.68
CA PHE F 217 -44.90 -50.56 -33.35
C PHE F 217 -43.92 -51.46 -32.62
N LEU F 218 -42.67 -51.56 -33.12
CA LEU F 218 -41.68 -52.43 -32.51
C LEU F 218 -41.36 -52.00 -31.08
N ALA F 219 -41.55 -50.70 -30.79
CA ALA F 219 -41.33 -50.16 -29.46
C ALA F 219 -42.55 -50.40 -28.56
N GLY F 220 -43.63 -50.88 -29.11
CA GLY F 220 -44.84 -51.10 -28.33
C GLY F 220 -45.68 -49.84 -28.16
N GLU F 221 -45.51 -48.83 -29.05
CA GLU F 221 -46.13 -47.53 -28.84
C GLU F 221 -47.39 -47.35 -29.67
N THR F 222 -47.58 -48.09 -30.75
CA THR F 222 -48.84 -47.98 -31.47
C THR F 222 -49.10 -49.28 -32.22
N LEU F 223 -50.37 -49.51 -32.57
CA LEU F 223 -50.77 -50.51 -33.52
C LEU F 223 -51.15 -49.87 -34.85
N ASN F 224 -51.58 -48.61 -34.79
CA ASN F 224 -52.23 -47.98 -35.94
C ASN F 224 -51.22 -47.72 -37.07
N PRO F 225 -51.72 -47.72 -38.32
CA PRO F 225 -50.89 -47.47 -39.50
C PRO F 225 -50.48 -46.00 -39.61
N PRO F 226 -49.54 -45.65 -40.52
CA PRO F 226 -49.00 -44.29 -40.60
C PRO F 226 -50.02 -43.15 -40.70
N SER G 6 -7.93 -95.63 24.12
CA SER G 6 -7.62 -96.96 23.55
C SER G 6 -6.26 -97.43 24.09
N VAL G 7 -6.11 -98.74 24.14
CA VAL G 7 -5.01 -99.48 24.74
C VAL G 7 -3.93 -99.71 23.68
N LYS G 8 -2.68 -99.81 24.10
CA LYS G 8 -1.58 -99.95 23.19
C LYS G 8 -1.57 -101.29 22.48
N PRO G 9 -1.51 -101.33 21.13
CA PRO G 9 -1.46 -102.61 20.42
C PRO G 9 -0.26 -103.48 20.78
N GLN G 10 -0.50 -104.79 20.84
CA GLN G 10 0.56 -105.75 21.05
C GLN G 10 0.71 -106.61 19.80
N LEU G 11 1.78 -107.40 19.72
CA LEU G 11 1.95 -108.29 18.60
C LEU G 11 1.65 -109.71 19.04
N VAL G 12 1.10 -110.51 18.12
CA VAL G 12 1.00 -111.94 18.31
C VAL G 12 1.71 -112.66 17.17
N MET G 13 2.60 -113.58 17.59
CA MET G 13 3.28 -114.46 16.66
C MET G 13 2.28 -115.53 16.26
N PHE G 14 1.81 -115.45 15.03
CA PHE G 14 0.58 -116.07 14.60
C PHE G 14 0.79 -116.99 13.39
N THR G 15 0.32 -118.24 13.50
CA THR G 15 0.45 -119.22 12.43
C THR G 15 -0.87 -119.54 11.76
N GLY G 16 -1.98 -119.14 12.41
CA GLY G 16 -3.30 -119.66 12.02
C GLY G 16 -3.65 -120.94 12.77
N GLY G 17 -2.66 -121.55 13.41
CA GLY G 17 -2.91 -122.68 14.29
C GLY G 17 -3.77 -122.28 15.50
N ARG G 18 -4.24 -123.29 16.20
CA ARG G 18 -5.22 -123.14 17.25
C ARG G 18 -4.67 -122.28 18.38
N ASP G 19 -3.42 -122.53 18.82
CA ASP G 19 -2.95 -121.92 20.05
C ASP G 19 -2.68 -120.42 19.86
N SER G 20 -2.04 -120.05 18.77
CA SER G 20 -1.75 -118.64 18.53
C SER G 20 -3.04 -117.91 18.14
N THR G 21 -3.99 -118.59 17.48
CA THR G 21 -5.30 -118.00 17.29
C THR G 21 -5.94 -117.66 18.65
N LEU G 22 -5.92 -118.62 19.58
CA LEU G 22 -6.56 -118.43 20.88
C LEU G 22 -5.86 -117.34 21.67
N ALA G 23 -4.51 -117.28 21.59
CA ALA G 23 -3.78 -116.24 22.29
C ALA G 23 -4.20 -114.86 21.82
N ALA G 24 -4.25 -114.68 20.51
CA ALA G 24 -4.68 -113.42 19.93
C ALA G 24 -6.12 -113.09 20.37
N CYS G 25 -7.03 -114.06 20.29
CA CYS G 25 -8.42 -113.84 20.65
C CYS G 25 -8.56 -113.42 22.12
N TYR G 26 -7.80 -114.08 22.99
CA TYR G 26 -7.91 -113.82 24.40
C TYR G 26 -7.43 -112.40 24.72
N LEU G 27 -6.34 -111.95 24.08
CA LEU G 27 -5.91 -110.57 24.24
C LEU G 27 -7.00 -109.59 23.76
N MET G 28 -7.60 -109.89 22.61
CA MET G 28 -8.62 -108.99 22.06
C MET G 28 -9.85 -108.96 22.95
N LEU G 29 -10.22 -110.09 23.59
CA LEU G 29 -11.33 -110.11 24.51
C LEU G 29 -11.09 -109.13 25.64
N GLN G 30 -9.82 -108.91 25.99
CA GLN G 30 -9.47 -108.02 27.08
C GLN G 30 -9.46 -106.58 26.59
N GLY G 31 -9.65 -106.32 25.30
CA GLY G 31 -9.60 -104.95 24.81
C GLY G 31 -8.21 -104.58 24.27
N ILE G 32 -7.31 -105.54 24.17
CA ILE G 32 -5.97 -105.27 23.65
C ILE G 32 -5.97 -105.44 22.14
N PRO G 33 -5.71 -104.38 21.34
CA PRO G 33 -5.58 -104.55 19.91
C PRO G 33 -4.36 -105.40 19.59
N VAL G 34 -4.49 -106.25 18.54
CA VAL G 34 -3.38 -107.12 18.21
C VAL G 34 -2.99 -106.94 16.75
N HIS G 35 -1.67 -106.88 16.55
CA HIS G 35 -1.05 -106.99 15.25
C HIS G 35 -0.63 -108.42 15.08
N LEU G 36 -1.28 -109.13 14.14
CA LEU G 36 -0.92 -110.52 13.88
C LEU G 36 0.31 -110.54 12.97
N TRP G 37 1.32 -111.35 13.34
CA TRP G 37 2.56 -111.40 12.60
C TRP G 37 2.93 -112.85 12.31
N SER G 38 3.05 -113.17 11.04
CA SER G 38 3.37 -114.51 10.55
C SER G 38 4.73 -114.48 9.81
N GLY G 39 5.68 -115.30 10.25
CA GLY G 39 6.99 -115.38 9.58
C GLY G 39 6.98 -116.44 8.48
N ASN G 40 7.16 -116.03 7.21
CA ASN G 40 7.24 -116.94 6.10
C ASN G 40 8.72 -117.13 5.73
N SER G 41 9.23 -118.32 6.08
CA SER G 41 10.61 -118.78 5.93
C SER G 41 10.97 -118.99 4.45
N GLY G 42 9.95 -119.14 3.61
CA GLY G 42 10.08 -119.43 2.19
C GLY G 42 10.04 -120.92 1.84
N CYS G 43 9.84 -121.76 2.86
CA CYS G 43 9.84 -123.21 2.72
C CYS G 43 8.57 -123.77 3.37
N SER G 44 7.48 -122.98 3.36
CA SER G 44 6.24 -123.38 3.98
C SER G 44 5.22 -123.60 2.87
N LEU G 45 4.46 -124.68 2.97
CA LEU G 45 3.54 -125.14 1.94
C LEU G 45 2.09 -124.90 2.33
N HIS G 46 1.24 -124.65 1.31
CA HIS G 46 -0.19 -124.61 1.48
C HIS G 46 -0.61 -123.65 2.59
N ARG G 47 -0.16 -122.39 2.44
CA ARG G 47 -0.40 -121.33 3.39
C ARG G 47 -1.71 -120.60 3.10
N GLY G 48 -2.38 -120.89 2.00
CA GLY G 48 -3.59 -120.22 1.57
C GLY G 48 -4.72 -120.27 2.62
N ILE G 49 -4.79 -121.32 3.45
CA ILE G 49 -5.90 -121.47 4.38
C ILE G 49 -5.81 -120.43 5.51
N LEU G 50 -4.63 -119.87 5.74
CA LEU G 50 -4.41 -118.87 6.79
C LEU G 50 -5.41 -117.71 6.67
N SER G 51 -5.72 -117.33 5.43
CA SER G 51 -6.55 -116.18 5.24
C SER G 51 -7.98 -116.46 5.70
N HIS G 52 -8.43 -117.71 5.65
CA HIS G 52 -9.73 -118.09 6.19
C HIS G 52 -9.74 -117.78 7.69
N ARG G 53 -8.64 -118.06 8.40
CA ARG G 53 -8.60 -117.86 9.82
C ARG G 53 -8.60 -116.37 10.17
N VAL G 54 -7.81 -115.58 9.44
CA VAL G 54 -7.75 -114.15 9.67
C VAL G 54 -9.15 -113.56 9.49
N GLU G 55 -9.87 -113.98 8.47
CA GLU G 55 -11.24 -113.52 8.25
C GLU G 55 -12.13 -113.90 9.43
N GLU G 56 -12.02 -115.12 9.97
CA GLU G 56 -12.82 -115.51 11.11
C GLU G 56 -12.57 -114.56 12.27
N MET G 57 -11.31 -114.20 12.46
CA MET G 57 -10.91 -113.37 13.58
C MET G 57 -11.41 -111.94 13.41
N LYS G 58 -11.29 -111.39 12.22
CA LYS G 58 -11.82 -110.08 11.90
C LYS G 58 -13.34 -110.04 12.04
N ASN G 59 -14.03 -111.10 11.65
CA ASN G 59 -15.47 -111.13 11.81
C ASN G 59 -15.82 -111.15 13.30
N ARG G 60 -15.04 -111.81 14.14
CA ARG G 60 -15.40 -111.95 15.54
C ARG G 60 -14.95 -110.73 16.36
N PHE G 61 -13.89 -110.05 15.99
CA PHE G 61 -13.26 -109.02 16.82
C PHE G 61 -13.16 -107.65 16.15
N GLY G 62 -13.43 -107.54 14.85
CA GLY G 62 -13.45 -106.26 14.15
C GLY G 62 -12.12 -105.53 14.22
N ASP G 63 -12.18 -104.25 14.61
CA ASP G 63 -11.01 -103.38 14.58
C ASP G 63 -9.96 -103.72 15.63
N LEU G 64 -10.24 -104.63 16.56
CA LEU G 64 -9.18 -105.06 17.48
C LEU G 64 -8.11 -105.88 16.75
N VAL G 65 -8.42 -106.40 15.54
CA VAL G 65 -7.38 -106.94 14.69
C VAL G 65 -6.79 -105.77 13.92
N VAL G 66 -5.61 -105.30 14.29
CA VAL G 66 -5.16 -104.05 13.68
C VAL G 66 -4.37 -104.34 12.42
N GLY G 67 -3.95 -105.57 12.17
CA GLY G 67 -3.35 -105.92 10.91
C GLY G 67 -2.91 -107.38 10.96
N HIS G 68 -2.51 -107.87 9.78
CA HIS G 68 -1.82 -109.12 9.62
C HIS G 68 -0.63 -108.86 8.71
N THR G 69 0.58 -108.96 9.25
CA THR G 69 1.82 -108.87 8.47
C THR G 69 2.28 -110.29 8.24
N VAL G 70 2.53 -110.62 6.98
CA VAL G 70 3.26 -111.82 6.59
C VAL G 70 4.64 -111.36 6.19
N ALA G 71 5.64 -111.70 7.00
CA ALA G 71 6.98 -111.18 6.79
C ALA G 71 7.79 -112.24 6.07
N ASP G 72 8.48 -111.81 5.00
CA ASP G 72 9.37 -112.67 4.28
C ASP G 72 10.68 -112.73 5.03
N ILE G 73 10.97 -113.85 5.71
CA ILE G 73 12.18 -113.97 6.50
C ILE G 73 13.13 -114.96 5.86
N SER G 74 12.89 -115.32 4.60
CA SER G 74 13.69 -116.34 3.90
C SER G 74 15.19 -116.04 3.94
N GLY G 75 15.61 -114.77 3.82
CA GLY G 75 17.05 -114.51 3.75
C GLY G 75 17.74 -114.72 5.09
N ALA G 76 17.12 -114.19 6.15
CA ALA G 76 17.60 -114.44 7.51
C ALA G 76 17.61 -115.93 7.85
N PHE G 77 16.53 -116.63 7.46
CA PHE G 77 16.43 -118.06 7.73
C PHE G 77 17.56 -118.78 7.02
N ARG G 78 17.76 -118.45 5.74
CA ARG G 78 18.85 -119.08 4.99
C ARG G 78 20.20 -118.86 5.69
N SER G 79 20.48 -117.60 6.08
CA SER G 79 21.80 -117.28 6.62
C SER G 79 22.04 -118.04 7.91
N ILE G 80 21.01 -118.13 8.76
CA ILE G 80 21.16 -118.75 10.08
C ILE G 80 21.18 -120.28 9.97
N ALA G 81 20.26 -120.88 9.21
CA ALA G 81 19.92 -122.29 9.35
C ALA G 81 20.21 -123.15 8.13
N ILE G 82 20.33 -122.57 6.92
CA ILE G 82 20.50 -123.40 5.73
C ILE G 82 21.94 -123.33 5.20
N GLU G 83 22.53 -122.13 5.19
CA GLU G 83 23.79 -121.93 4.49
C GLU G 83 24.86 -122.90 4.97
N ALA G 84 24.91 -123.17 6.27
CA ALA G 84 25.92 -124.07 6.82
C ALA G 84 25.27 -125.38 7.33
N LEU G 85 24.25 -125.86 6.63
CA LEU G 85 23.54 -127.05 7.00
C LEU G 85 24.44 -128.28 7.16
N GLU G 86 25.32 -128.49 6.20
CA GLU G 86 26.25 -129.59 6.25
C GLU G 86 27.02 -129.58 7.57
N GLN G 87 27.70 -128.47 7.85
CA GLN G 87 28.52 -128.31 9.04
C GLN G 87 27.65 -128.42 10.29
N ASP G 88 26.46 -127.82 10.28
CA ASP G 88 25.61 -127.82 11.46
C ASP G 88 25.20 -129.26 11.83
N ILE G 89 24.80 -130.03 10.82
CA ILE G 89 24.34 -131.39 11.08
C ILE G 89 25.51 -132.28 11.47
N LEU G 90 26.66 -132.12 10.81
CA LEU G 90 27.79 -132.95 11.16
C LEU G 90 28.27 -132.64 12.58
N LYS G 91 28.18 -131.40 13.03
CA LYS G 91 28.66 -131.07 14.35
C LYS G 91 27.67 -131.49 15.42
N TYR G 92 26.40 -131.14 15.29
CA TYR G 92 25.45 -131.43 16.35
C TYR G 92 24.76 -132.80 16.20
N ARG G 93 24.87 -133.46 15.05
CA ARG G 93 24.28 -134.77 14.78
C ARG G 93 22.77 -134.71 14.90
N LYS G 94 22.19 -133.53 14.77
CA LYS G 94 20.78 -133.33 14.73
C LYS G 94 20.47 -132.20 13.73
N ASN G 95 19.36 -132.38 13.03
CA ASN G 95 18.82 -131.37 12.18
C ASN G 95 18.05 -130.37 13.03
N LEU G 96 18.57 -129.15 13.16
CA LEU G 96 17.96 -128.12 14.01
C LEU G 96 17.43 -126.93 13.19
N VAL G 97 17.02 -127.16 11.95
CA VAL G 97 16.68 -126.07 11.06
C VAL G 97 15.54 -125.24 11.64
N LEU G 98 14.56 -125.93 12.26
CA LEU G 98 13.39 -125.23 12.75
C LEU G 98 13.71 -124.42 14.01
N LEU G 99 14.78 -124.78 14.72
CA LEU G 99 15.29 -123.95 15.81
C LEU G 99 15.95 -122.67 15.25
N GLY G 100 16.72 -122.84 14.19
CA GLY G 100 17.27 -121.71 13.43
C GLY G 100 16.19 -120.79 12.90
N GLU G 101 15.10 -121.39 12.43
CA GLU G 101 13.98 -120.59 11.95
C GLU G 101 13.46 -119.69 13.05
N LYS G 102 13.31 -120.25 14.27
CA LYS G 102 12.75 -119.49 15.37
C LYS G 102 13.67 -118.31 15.70
N LEU G 103 14.98 -118.52 15.60
CA LEU G 103 15.88 -117.43 15.83
C LEU G 103 15.78 -116.32 14.76
N ALA G 104 15.61 -116.76 13.49
CA ALA G 104 15.40 -115.81 12.39
C ALA G 104 14.12 -114.99 12.61
N ILE G 105 13.07 -115.66 13.12
CA ILE G 105 11.82 -114.98 13.44
C ILE G 105 12.07 -113.88 14.46
N HIS G 106 12.86 -114.21 15.49
CA HIS G 106 13.08 -113.29 16.60
C HIS G 106 13.88 -112.06 16.14
N ALA G 107 14.86 -112.29 15.26
CA ALA G 107 15.62 -111.20 14.70
C ALA G 107 14.69 -110.23 13.96
N HIS G 108 13.82 -110.78 13.11
CA HIS G 108 12.89 -109.95 12.39
C HIS G 108 11.91 -109.26 13.33
N LEU G 109 11.53 -109.92 14.43
CA LEU G 109 10.60 -109.31 15.37
C LEU G 109 11.20 -108.07 16.07
N VAL G 110 12.52 -108.10 16.31
CA VAL G 110 13.11 -106.94 16.96
C VAL G 110 12.92 -105.76 16.03
N ASP G 111 13.23 -105.94 14.74
CA ASP G 111 13.16 -104.86 13.79
C ASP G 111 11.71 -104.39 13.60
N PHE G 112 10.78 -105.34 13.48
CA PHE G 112 9.36 -104.97 13.33
C PHE G 112 8.88 -104.20 14.55
N CYS G 113 9.19 -104.68 15.77
CA CYS G 113 8.74 -104.01 16.99
C CYS G 113 9.29 -102.62 17.10
N ARG G 114 10.57 -102.46 16.79
CA ARG G 114 11.19 -101.15 16.91
C ARG G 114 10.59 -100.21 15.88
N ARG G 115 10.20 -100.69 14.69
CA ARG G 115 9.75 -99.77 13.66
C ARG G 115 8.25 -99.52 13.78
N ASN G 116 7.53 -100.32 14.57
CA ASN G 116 6.08 -100.16 14.66
C ASN G 116 5.62 -99.84 16.08
N ASP G 117 6.53 -99.45 16.98
CA ASP G 117 6.22 -99.02 18.32
C ASP G 117 5.44 -100.11 19.11
N ILE G 118 5.99 -101.31 19.09
CA ILE G 118 5.45 -102.41 19.83
C ILE G 118 6.53 -102.83 20.83
N ASN G 119 6.11 -103.06 22.08
CA ASN G 119 7.09 -103.64 22.98
C ASN G 119 6.59 -104.84 23.76
N THR G 120 5.43 -105.41 23.40
CA THR G 120 5.05 -106.71 23.91
C THR G 120 4.72 -107.62 22.73
N ILE G 121 5.37 -108.78 22.73
CA ILE G 121 5.04 -109.83 21.79
C ILE G 121 4.48 -111.01 22.56
N ASN G 122 3.65 -111.78 21.88
CA ASN G 122 2.94 -112.89 22.50
C ASN G 122 3.00 -114.08 21.55
N ASP G 123 3.20 -115.27 22.14
CA ASP G 123 3.04 -116.46 21.34
C ASP G 123 1.97 -117.40 21.90
N GLY G 124 1.77 -118.50 21.18
CA GLY G 124 0.86 -119.55 21.59
C GLY G 124 1.55 -120.83 22.09
N ILE G 125 2.65 -120.70 22.81
CA ILE G 125 3.25 -121.82 23.49
C ILE G 125 2.30 -122.38 24.50
N THR G 126 2.33 -123.71 24.66
CA THR G 126 1.47 -124.48 25.55
C THR G 126 2.31 -125.56 26.22
N HIS G 127 1.83 -126.00 27.37
CA HIS G 127 2.37 -127.13 28.12
C HIS G 127 2.53 -128.37 27.22
N TYR G 128 1.51 -128.70 26.46
CA TYR G 128 1.44 -129.93 25.68
C TYR G 128 2.38 -129.85 24.50
N GLN G 129 3.02 -128.75 24.19
CA GLN G 129 4.03 -128.65 23.14
C GLN G 129 5.47 -128.89 23.65
N MET G 130 5.71 -130.18 23.81
CA MET G 130 6.91 -130.74 24.49
C MET G 130 7.84 -131.47 23.52
N GLU G 131 7.38 -131.87 22.33
CA GLU G 131 8.13 -132.80 21.51
C GLU G 131 9.34 -132.04 20.92
N PHE G 132 9.11 -130.81 20.44
CA PHE G 132 9.99 -130.18 19.45
C PHE G 132 11.09 -129.52 20.25
N PRO G 133 12.36 -129.61 19.82
CA PRO G 133 13.47 -128.92 20.48
C PRO G 133 13.27 -127.41 20.59
N GLU G 134 12.68 -126.80 19.59
CA GLU G 134 12.45 -125.36 19.58
C GLU G 134 11.35 -124.95 20.56
N GLN G 135 10.64 -125.91 21.16
CA GLN G 135 9.59 -125.58 22.09
C GLN G 135 10.03 -125.81 23.54
N ARG G 136 11.24 -126.28 23.75
CA ARG G 136 11.75 -126.49 25.09
C ARG G 136 11.93 -125.15 25.81
N LEU G 137 11.83 -125.27 27.14
CA LEU G 137 12.06 -124.13 28.03
C LEU G 137 13.43 -123.51 27.78
N VAL G 138 14.46 -124.29 27.47
CA VAL G 138 15.80 -123.75 27.26
C VAL G 138 15.78 -122.79 26.07
N ALA G 139 15.02 -123.10 25.01
CA ALA G 139 14.99 -122.23 23.85
C ALA G 139 14.15 -120.97 24.16
N LYS G 140 13.02 -121.18 24.79
CA LYS G 140 12.14 -120.07 25.15
C LYS G 140 12.87 -119.07 26.04
N THR G 141 13.64 -119.55 27.03
CA THR G 141 14.37 -118.70 27.97
C THR G 141 15.42 -117.90 27.21
N PHE G 142 16.16 -118.59 26.32
CA PHE G 142 17.14 -117.93 25.51
C PHE G 142 16.52 -116.80 24.66
N LEU G 143 15.38 -117.08 24.03
CA LEU G 143 14.73 -116.10 23.17
C LEU G 143 14.08 -114.95 23.99
N MET G 144 13.54 -115.26 25.16
CA MET G 144 13.06 -114.22 26.05
C MET G 144 14.19 -113.25 26.40
N GLU G 145 15.38 -113.78 26.69
CA GLU G 145 16.55 -112.99 27.07
C GLU G 145 16.97 -112.15 25.86
N MET G 146 16.95 -112.73 24.66
CA MET G 146 17.31 -111.97 23.47
C MET G 146 16.36 -110.78 23.29
N MET G 147 15.07 -110.98 23.45
CA MET G 147 14.11 -109.91 23.25
C MET G 147 14.26 -108.85 24.32
N ALA G 148 14.52 -109.29 25.56
CA ALA G 148 14.69 -108.38 26.68
C ALA G 148 15.90 -107.45 26.44
N GLN G 149 16.93 -107.91 25.74
CA GLN G 149 18.05 -107.05 25.48
C GLN G 149 17.62 -105.88 24.59
N TYR G 150 16.50 -106.01 23.87
CA TYR G 150 16.00 -104.93 23.03
C TYR G 150 14.78 -104.30 23.67
N ASP G 151 14.57 -104.50 24.98
CA ASP G 151 13.46 -103.95 25.72
C ASP G 151 12.12 -104.43 25.19
N ILE G 152 12.06 -105.67 24.74
CA ILE G 152 10.80 -106.23 24.28
C ILE G 152 10.42 -107.37 25.24
N ASN G 153 9.17 -107.25 25.71
CA ASN G 153 8.55 -108.14 26.66
C ASN G 153 7.88 -109.27 25.86
N TYR G 154 8.34 -110.50 26.12
CA TYR G 154 7.83 -111.69 25.45
C TYR G 154 6.93 -112.46 26.40
N GLN G 155 5.67 -112.59 26.07
CA GLN G 155 4.65 -113.24 26.94
C GLN G 155 3.95 -114.41 26.21
N SER G 156 3.35 -115.31 26.99
CA SER G 156 2.77 -116.54 26.45
C SER G 156 1.38 -116.74 27.07
N PRO G 157 0.34 -116.05 26.59
CA PRO G 157 -0.90 -115.91 27.33
C PRO G 157 -1.76 -117.17 27.50
N VAL G 158 -1.53 -118.21 26.70
CA VAL G 158 -2.29 -119.45 26.87
C VAL G 158 -1.45 -120.59 27.49
N TYR G 159 -0.23 -120.29 27.95
CA TYR G 159 0.70 -121.34 28.33
C TYR G 159 0.17 -122.18 29.49
N GLU G 160 -0.33 -121.55 30.54
CA GLU G 160 -0.71 -122.23 31.74
C GLU G 160 -2.08 -122.90 31.61
N PHE G 161 -3.00 -122.27 30.88
CA PHE G 161 -4.28 -122.90 30.68
C PHE G 161 -4.19 -124.18 29.83
N ALA G 162 -3.38 -124.19 28.81
CA ALA G 162 -3.48 -125.21 27.76
C ALA G 162 -2.73 -126.48 28.16
N GLN G 163 -3.38 -127.32 28.95
CA GLN G 163 -2.84 -128.61 29.34
C GLN G 163 -3.01 -129.67 28.24
N SER G 164 -3.91 -129.43 27.26
CA SER G 164 -3.97 -130.26 26.06
C SER G 164 -4.59 -129.44 24.93
N ALA G 165 -4.52 -129.97 23.70
CA ALA G 165 -5.09 -129.32 22.54
C ALA G 165 -6.61 -129.16 22.71
N ASP G 166 -7.26 -130.10 23.40
CA ASP G 166 -8.70 -130.02 23.66
C ASP G 166 -9.07 -128.75 24.43
N ASP G 167 -8.23 -128.33 25.35
CA ASP G 167 -8.48 -127.12 26.14
C ASP G 167 -8.54 -125.93 25.18
N VAL G 168 -7.59 -125.82 24.27
CA VAL G 168 -7.57 -124.75 23.31
C VAL G 168 -8.80 -124.81 22.39
N LYS G 169 -9.09 -125.98 21.83
CA LYS G 169 -10.17 -126.19 20.89
C LYS G 169 -11.50 -125.67 21.45
N TYR G 170 -11.85 -126.06 22.68
CA TYR G 170 -13.17 -125.77 23.22
C TYR G 170 -13.34 -124.26 23.52
N ARG G 171 -12.23 -123.57 23.83
CA ARG G 171 -12.28 -122.14 23.99
C ARG G 171 -12.51 -121.47 22.64
N LEU G 172 -11.80 -121.93 21.59
CA LEU G 172 -12.01 -121.39 20.27
C LEU G 172 -13.49 -121.55 19.85
N LEU G 173 -14.04 -122.73 20.07
CA LEU G 173 -15.39 -123.00 19.67
C LEU G 173 -16.37 -122.05 20.39
N GLN G 174 -16.08 -121.71 21.65
CA GLN G 174 -16.92 -120.78 22.40
C GLN G 174 -16.87 -119.38 21.83
N LEU G 175 -15.84 -119.07 21.04
CA LEU G 175 -15.73 -117.78 20.39
C LEU G 175 -16.40 -117.81 19.00
N GLY G 176 -16.95 -118.94 18.58
CA GLY G 176 -17.52 -119.04 17.25
C GLY G 176 -16.45 -119.17 16.17
N ILE G 177 -15.27 -119.70 16.56
CA ILE G 177 -14.14 -119.88 15.63
C ILE G 177 -13.87 -121.37 15.44
N SER G 178 -13.47 -121.77 14.22
CA SER G 178 -13.14 -123.15 13.92
C SER G 178 -12.03 -123.67 14.85
N THR G 179 -12.10 -124.96 15.16
CA THR G 179 -11.18 -125.64 16.03
C THR G 179 -9.99 -126.20 15.25
N LYS G 180 -10.02 -126.11 13.92
CA LYS G 180 -8.96 -126.62 13.08
C LYS G 180 -7.72 -125.74 13.14
N SER G 181 -6.60 -126.39 12.81
CA SER G 181 -5.35 -125.73 12.65
C SER G 181 -5.21 -125.23 11.22
N LEU G 182 -5.46 -123.92 11.02
CA LEU G 182 -5.52 -123.36 9.68
C LEU G 182 -4.20 -122.65 9.37
N GLU G 183 -3.19 -123.47 9.11
CA GLU G 183 -1.83 -122.99 8.97
C GLU G 183 -1.19 -123.72 7.79
N GLY G 184 -0.08 -123.18 7.30
CA GLY G 184 0.75 -123.90 6.33
C GLY G 184 1.61 -124.92 7.10
N ILE G 185 2.34 -125.77 6.39
CA ILE G 185 3.30 -126.62 7.05
C ILE G 185 4.69 -126.33 6.51
N SER G 186 5.71 -126.51 7.33
CA SER G 186 7.09 -126.44 6.91
C SER G 186 7.40 -127.71 6.13
N ILE G 187 8.15 -127.57 5.03
CA ILE G 187 8.64 -128.74 4.34
C ILE G 187 9.56 -129.54 5.28
N PHE G 188 10.11 -128.91 6.31
CA PHE G 188 11.01 -129.58 7.25
C PHE G 188 10.21 -130.30 8.36
N ALA G 189 10.85 -131.21 9.09
CA ALA G 189 10.23 -131.92 10.22
C ALA G 189 11.31 -132.56 11.10
N ASP G 190 11.24 -132.25 12.39
CA ASP G 190 11.99 -132.95 13.43
C ASP G 190 12.18 -134.47 13.21
N SER G 191 13.46 -134.88 13.22
CA SER G 191 13.87 -136.28 13.22
C SER G 191 13.79 -136.96 14.59
N PHE G 192 13.72 -138.32 14.63
CA PHE G 192 13.31 -139.08 15.81
C PHE G 192 14.19 -138.76 17.03
N SER G 193 15.52 -138.60 16.81
CA SER G 193 16.36 -138.45 17.99
C SER G 193 15.89 -137.21 18.82
N THR G 194 16.07 -137.37 20.14
CA THR G 194 16.17 -136.24 21.09
C THR G 194 17.59 -135.72 20.97
N PRO G 195 17.80 -134.40 20.73
CA PRO G 195 19.05 -133.76 21.15
C PRO G 195 19.03 -133.41 22.64
N SER G 196 20.19 -133.31 23.28
CA SER G 196 20.28 -132.83 24.64
C SER G 196 19.96 -131.33 24.66
N ASP G 197 19.55 -130.83 25.85
CA ASP G 197 19.43 -129.40 26.09
C ASP G 197 20.74 -128.67 25.82
N ASP G 198 21.88 -129.26 26.16
CA ASP G 198 23.16 -128.63 25.90
C ASP G 198 23.35 -128.35 24.39
N VAL G 199 22.98 -129.29 23.54
CA VAL G 199 23.08 -129.15 22.10
C VAL G 199 22.13 -128.04 21.62
N VAL G 200 20.91 -128.01 22.13
CA VAL G 200 19.96 -127.00 21.70
C VAL G 200 20.53 -125.61 22.02
N LEU G 201 21.04 -125.45 23.23
CA LEU G 201 21.56 -124.18 23.68
C LEU G 201 22.85 -123.87 22.95
N ALA G 202 23.71 -124.84 22.67
CA ALA G 202 24.95 -124.58 21.94
C ALA G 202 24.64 -124.06 20.54
N TYR G 203 23.62 -124.63 19.87
CA TYR G 203 23.23 -124.18 18.55
C TYR G 203 22.78 -122.72 18.61
N LEU G 204 21.89 -122.43 19.58
CA LEU G 204 21.39 -121.08 19.73
C LEU G 204 22.54 -120.09 19.99
N ARG G 205 23.48 -120.43 20.86
CA ARG G 205 24.61 -119.55 21.16
C ARG G 205 25.52 -119.36 19.96
N GLU G 206 25.74 -120.41 19.18
CA GLU G 206 26.56 -120.31 17.98
C GLU G 206 25.90 -119.37 16.96
N LYS G 207 24.58 -119.44 16.78
CA LYS G 207 23.91 -118.67 15.74
C LYS G 207 23.53 -117.25 16.20
N ALA G 208 23.50 -117.01 17.50
CA ALA G 208 23.08 -115.73 18.05
C ALA G 208 23.81 -114.54 17.44
N PRO G 209 25.15 -114.56 17.27
CA PRO G 209 25.84 -113.44 16.65
C PRO G 209 25.34 -113.10 15.26
N LEU G 210 24.97 -114.13 14.47
CA LEU G 210 24.37 -113.91 13.17
C LEU G 210 23.03 -113.22 13.33
N ALA G 211 22.22 -113.68 14.27
CA ALA G 211 20.91 -113.10 14.48
C ALA G 211 21.01 -111.62 14.88
N HIS G 212 21.89 -111.29 15.82
CA HIS G 212 22.03 -109.91 16.23
C HIS G 212 22.56 -109.06 15.07
N ASN G 213 23.47 -109.61 14.26
CA ASN G 213 24.01 -108.90 13.11
C ASN G 213 22.89 -108.59 12.12
N ILE G 214 21.98 -109.53 11.91
CA ILE G 214 20.83 -109.33 11.05
C ILE G 214 19.95 -108.20 11.60
N VAL G 215 19.74 -108.17 12.92
CA VAL G 215 19.03 -107.08 13.54
C VAL G 215 19.69 -105.74 13.20
N ASN G 216 21.03 -105.69 13.31
CA ASN G 216 21.75 -104.46 13.10
C ASN G 216 21.64 -104.04 11.62
N PHE G 217 21.73 -104.99 10.70
CA PHE G 217 21.58 -104.68 9.28
C PHE G 217 20.17 -104.16 9.00
N LEU G 218 19.17 -104.81 9.54
CA LEU G 218 17.76 -104.43 9.32
C LEU G 218 17.47 -103.05 9.87
N ALA G 219 18.25 -102.62 10.88
CA ALA G 219 18.12 -101.28 11.47
C ALA G 219 18.91 -100.25 10.65
N GLY G 220 19.66 -100.68 9.65
CA GLY G 220 20.45 -99.77 8.86
C GLY G 220 21.78 -99.39 9.53
N GLU G 221 22.28 -100.20 10.48
CA GLU G 221 23.42 -99.80 11.30
C GLU G 221 24.72 -100.43 10.83
N THR G 222 24.68 -101.55 10.11
CA THR G 222 25.92 -102.07 9.56
C THR G 222 25.63 -102.87 8.32
N LEU G 223 26.63 -103.03 7.46
CA LEU G 223 26.63 -103.99 6.38
C LEU G 223 27.51 -105.20 6.72
N ASN G 224 28.47 -104.99 7.62
CA ASN G 224 29.52 -105.99 7.82
C ASN G 224 28.99 -107.24 8.50
N PRO G 225 29.63 -108.39 8.23
CA PRO G 225 29.24 -109.66 8.83
C PRO G 225 29.61 -109.77 10.30
N PRO G 226 29.09 -110.82 10.98
CA PRO G 226 29.02 -110.88 12.44
C PRO G 226 30.19 -110.40 13.32
N VAL G 227 31.46 -110.76 13.06
CA VAL G 227 32.59 -110.40 13.94
C VAL G 227 32.71 -111.45 15.05
N SER H 6 -14.58 92.76 3.06
CA SER H 6 -15.87 93.51 3.21
C SER H 6 -16.95 92.92 2.32
N VAL H 7 -16.74 92.70 1.02
CA VAL H 7 -17.68 91.92 0.22
C VAL H 7 -17.33 90.43 0.30
N LYS H 8 -18.34 89.58 0.49
CA LYS H 8 -18.08 88.18 0.70
C LYS H 8 -17.61 87.52 -0.61
N PRO H 9 -16.50 86.77 -0.63
CA PRO H 9 -16.07 86.07 -1.81
C PRO H 9 -17.09 85.10 -2.36
N GLN H 10 -17.16 85.03 -3.70
CA GLN H 10 -17.98 84.05 -4.37
C GLN H 10 -17.09 83.11 -5.15
N LEU H 11 -17.62 81.94 -5.49
CA LEU H 11 -16.87 80.99 -6.28
C LEU H 11 -17.24 81.08 -7.74
N VAL H 12 -16.26 80.86 -8.61
CA VAL H 12 -16.49 80.72 -10.03
C VAL H 12 -15.94 79.39 -10.49
N MET H 13 -16.80 78.63 -11.18
CA MET H 13 -16.44 77.42 -11.89
C MET H 13 -15.66 77.86 -13.12
N PHE H 14 -14.36 77.59 -13.07
CA PHE H 14 -13.39 78.20 -13.96
C PHE H 14 -12.58 77.17 -14.74
N THR H 15 -12.53 77.31 -16.06
CA THR H 15 -11.79 76.44 -16.94
C THR H 15 -10.58 77.13 -17.56
N GLY H 16 -10.53 78.46 -17.50
CA GLY H 16 -9.63 79.24 -18.32
C GLY H 16 -10.23 79.62 -19.66
N GLY H 17 -11.35 78.99 -20.01
CA GLY H 17 -12.09 79.35 -21.21
C GLY H 17 -12.65 80.79 -21.12
N ARG H 18 -13.13 81.27 -22.26
CA ARG H 18 -13.52 82.66 -22.42
C ARG H 18 -14.67 83.00 -21.46
N ASP H 19 -15.68 82.14 -21.38
CA ASP H 19 -16.93 82.53 -20.70
C ASP H 19 -16.75 82.55 -19.19
N SER H 20 -16.08 81.54 -18.64
CA SER H 20 -15.85 81.52 -17.20
C SER H 20 -14.82 82.59 -16.79
N THR H 21 -13.87 82.89 -17.69
CA THR H 21 -12.99 84.02 -17.46
C THR H 21 -13.81 85.31 -17.34
N LEU H 22 -14.72 85.53 -18.29
CA LEU H 22 -15.51 86.76 -18.30
C LEU H 22 -16.42 86.84 -17.09
N ALA H 23 -17.03 85.69 -16.69
CA ALA H 23 -17.91 85.70 -15.54
C ALA H 23 -17.13 86.13 -14.30
N ALA H 24 -15.96 85.54 -14.09
CA ALA H 24 -15.14 85.91 -12.94
C ALA H 24 -14.76 87.40 -13.00
N CYS H 25 -14.33 87.88 -14.18
CA CYS H 25 -13.91 89.27 -14.33
C CYS H 25 -15.06 90.22 -14.03
N TYR H 26 -16.25 89.90 -14.52
CA TYR H 26 -17.39 90.77 -14.36
C TYR H 26 -17.75 90.89 -12.88
N LEU H 27 -17.71 89.78 -12.13
CA LEU H 27 -17.92 89.85 -10.68
C LEU H 27 -16.87 90.75 -10.02
N MET H 28 -15.59 90.57 -10.40
CA MET H 28 -14.52 91.33 -9.81
C MET H 28 -14.66 92.82 -10.13
N LEU H 29 -15.12 93.17 -11.32
CA LEU H 29 -15.35 94.55 -11.69
C LEU H 29 -16.36 95.19 -10.74
N GLN H 30 -17.27 94.38 -10.20
CA GLN H 30 -18.28 94.87 -9.28
C GLN H 30 -17.72 94.96 -7.88
N GLY H 31 -16.50 94.52 -7.62
CA GLY H 31 -15.96 94.55 -6.26
C GLY H 31 -16.14 93.23 -5.53
N ILE H 32 -16.62 92.19 -6.22
CA ILE H 32 -16.84 90.90 -5.58
C ILE H 32 -15.56 90.07 -5.71
N PRO H 33 -14.92 89.67 -4.60
CA PRO H 33 -13.77 88.79 -4.69
C PRO H 33 -14.19 87.41 -5.19
N VAL H 34 -13.33 86.77 -5.97
CA VAL H 34 -13.65 85.49 -6.58
C VAL H 34 -12.60 84.43 -6.20
N HIS H 35 -13.13 83.28 -5.80
CA HIS H 35 -12.37 82.04 -5.61
C HIS H 35 -12.60 81.24 -6.88
N LEU H 36 -11.54 81.05 -7.65
CA LEU H 36 -11.61 80.27 -8.88
C LEU H 36 -11.52 78.80 -8.51
N TRP H 37 -12.39 77.98 -9.11
CA TRP H 37 -12.45 76.55 -8.83
C TRP H 37 -12.50 75.79 -10.14
N SER H 38 -11.51 74.93 -10.35
CA SER H 38 -11.36 74.11 -11.54
C SER H 38 -11.49 72.63 -11.16
N GLY H 39 -12.41 71.93 -11.80
CA GLY H 39 -12.59 70.50 -11.59
C GLY H 39 -11.73 69.71 -12.58
N ASN H 40 -10.81 68.88 -12.06
CA ASN H 40 -10.11 67.91 -12.87
C ASN H 40 -10.78 66.55 -12.78
N SER H 41 -11.49 66.19 -13.85
CA SER H 41 -12.34 65.02 -14.03
C SER H 41 -11.43 63.79 -14.25
N GLY H 42 -10.18 64.00 -14.59
CA GLY H 42 -9.22 62.92 -14.83
C GLY H 42 -9.10 62.55 -16.32
N CYS H 43 -9.87 63.21 -17.19
CA CYS H 43 -9.91 62.90 -18.61
C CYS H 43 -9.72 64.18 -19.43
N SER H 44 -8.98 65.14 -18.88
CA SER H 44 -8.78 66.42 -19.57
C SER H 44 -7.31 66.53 -19.98
N LEU H 45 -7.06 67.03 -21.18
CA LEU H 45 -5.78 67.08 -21.82
C LEU H 45 -5.26 68.51 -21.90
N HIS H 46 -3.93 68.67 -21.80
CA HIS H 46 -3.24 69.92 -22.08
C HIS H 46 -3.84 71.08 -21.30
N ARG H 47 -3.85 70.92 -19.98
CA ARG H 47 -4.36 71.90 -19.05
C ARG H 47 -3.33 72.98 -18.69
N GLY H 48 -2.07 72.81 -19.09
CA GLY H 48 -0.99 73.68 -18.67
C GLY H 48 -1.23 75.17 -19.00
N ILE H 49 -1.96 75.47 -20.08
CA ILE H 49 -2.14 76.85 -20.54
C ILE H 49 -2.99 77.64 -19.57
N LEU H 50 -3.75 76.96 -18.72
CA LEU H 50 -4.59 77.61 -17.72
C LEU H 50 -3.83 78.63 -16.88
N SER H 51 -2.56 78.34 -16.58
CA SER H 51 -1.84 79.18 -15.68
C SER H 51 -1.56 80.53 -16.34
N HIS H 52 -1.45 80.58 -17.68
CA HIS H 52 -1.30 81.85 -18.37
C HIS H 52 -2.54 82.73 -18.09
N ARG H 53 -3.72 82.12 -18.09
CA ARG H 53 -4.93 82.88 -17.90
C ARG H 53 -5.05 83.39 -16.46
N VAL H 54 -4.73 82.55 -15.48
CA VAL H 54 -4.78 82.94 -14.09
C VAL H 54 -3.86 84.16 -13.86
N GLU H 55 -2.66 84.13 -14.45
CA GLU H 55 -1.75 85.25 -14.35
C GLU H 55 -2.35 86.50 -14.97
N GLU H 56 -3.00 86.38 -16.14
CA GLU H 56 -3.61 87.56 -16.75
C GLU H 56 -4.65 88.16 -15.80
N MET H 57 -5.42 87.30 -15.14
CA MET H 57 -6.50 87.76 -14.29
C MET H 57 -5.96 88.42 -13.02
N LYS H 58 -4.92 87.82 -12.42
CA LYS H 58 -4.25 88.42 -11.29
C LYS H 58 -3.61 89.77 -11.65
N ASN H 59 -3.02 89.88 -12.83
CA ASN H 59 -2.45 91.15 -13.24
C ASN H 59 -3.54 92.20 -13.39
N ARG H 60 -4.72 91.82 -13.88
CA ARG H 60 -5.74 92.81 -14.17
C ARG H 60 -6.57 93.15 -12.92
N PHE H 61 -6.72 92.22 -11.97
CA PHE H 61 -7.64 92.41 -10.84
C PHE H 61 -6.97 92.32 -9.47
N GLY H 62 -5.71 91.87 -9.38
CA GLY H 62 -4.98 91.84 -8.13
C GLY H 62 -5.66 90.92 -7.12
N ASP H 63 -5.80 91.45 -5.91
CA ASP H 63 -6.26 90.71 -4.74
C ASP H 63 -7.74 90.34 -4.82
N LEU H 64 -8.50 90.84 -5.79
CA LEU H 64 -9.87 90.35 -6.00
C LEU H 64 -9.87 88.88 -6.44
N VAL H 65 -8.76 88.38 -6.98
CA VAL H 65 -8.61 86.94 -7.18
C VAL H 65 -8.15 86.34 -5.87
N VAL H 66 -9.02 85.69 -5.12
CA VAL H 66 -8.65 85.32 -3.79
C VAL H 66 -8.04 83.93 -3.77
N GLY H 67 -8.15 83.13 -4.81
CA GLY H 67 -7.50 81.84 -4.81
C GLY H 67 -7.94 81.03 -6.03
N HIS H 68 -7.23 79.94 -6.30
CA HIS H 68 -7.54 79.03 -7.37
C HIS H 68 -7.39 77.62 -6.81
N THR H 69 -8.49 76.89 -6.63
CA THR H 69 -8.49 75.49 -6.23
C THR H 69 -8.63 74.64 -7.49
N VAL H 70 -7.75 73.66 -7.64
CA VAL H 70 -7.88 72.63 -8.66
C VAL H 70 -8.27 71.35 -7.92
N ALA H 71 -9.49 70.89 -8.11
CA ALA H 71 -10.00 69.78 -7.32
C ALA H 71 -10.00 68.52 -8.16
N ASP H 72 -9.54 67.42 -7.58
CA ASP H 72 -9.62 66.12 -8.23
C ASP H 72 -11.02 65.56 -8.03
N ILE H 73 -11.83 65.55 -9.09
CA ILE H 73 -13.21 65.06 -8.99
C ILE H 73 -13.38 63.76 -9.75
N SER H 74 -12.27 63.10 -10.12
CA SER H 74 -12.29 61.93 -10.97
C SER H 74 -13.16 60.81 -10.38
N GLY H 75 -13.14 60.61 -9.05
CA GLY H 75 -13.90 59.50 -8.48
C GLY H 75 -15.42 59.72 -8.58
N ALA H 76 -15.87 60.91 -8.22
CA ALA H 76 -17.26 61.28 -8.39
C ALA H 76 -17.69 61.22 -9.85
N PHE H 77 -16.84 61.72 -10.75
CA PHE H 77 -17.14 61.69 -12.18
C PHE H 77 -17.31 60.24 -12.63
N ARG H 78 -16.35 59.38 -12.24
CA ARG H 78 -16.45 57.98 -12.58
C ARG H 78 -17.77 57.37 -12.08
N SER H 79 -18.09 57.60 -10.82
CA SER H 79 -19.27 56.95 -10.22
C SER H 79 -20.56 57.40 -10.93
N ILE H 80 -20.64 58.68 -11.27
CA ILE H 80 -21.85 59.21 -11.90
C ILE H 80 -21.96 58.82 -13.38
N ALA H 81 -20.88 58.98 -14.15
CA ALA H 81 -20.93 59.02 -15.59
C ALA H 81 -20.22 57.87 -16.31
N ILE H 82 -19.22 57.22 -15.70
CA ILE H 82 -18.41 56.25 -16.42
C ILE H 82 -18.72 54.82 -16.01
N GLU H 83 -18.93 54.58 -14.72
CA GLU H 83 -19.05 53.22 -14.20
C GLU H 83 -20.13 52.45 -14.94
N ALA H 84 -21.24 53.10 -15.29
CA ALA H 84 -22.34 52.43 -15.97
C ALA H 84 -22.49 53.00 -17.41
N LEU H 85 -21.35 53.27 -18.06
CA LEU H 85 -21.37 53.92 -19.38
C LEU H 85 -22.12 53.07 -20.41
N GLU H 86 -21.88 51.77 -20.41
CA GLU H 86 -22.54 50.87 -21.31
C GLU H 86 -24.05 51.01 -21.19
N GLN H 87 -24.56 50.82 -19.98
CA GLN H 87 -25.98 50.88 -19.71
C GLN H 87 -26.53 52.25 -20.01
N ASP H 88 -25.80 53.30 -19.64
CA ASP H 88 -26.30 54.66 -19.84
C ASP H 88 -26.49 54.94 -21.34
N ILE H 89 -25.49 54.56 -22.16
CA ILE H 89 -25.57 54.81 -23.58
C ILE H 89 -26.64 53.95 -24.22
N LEU H 90 -26.71 52.68 -23.84
CA LEU H 90 -27.74 51.82 -24.40
C LEU H 90 -29.14 52.33 -24.07
N LYS H 91 -29.34 52.87 -22.88
CA LYS H 91 -30.68 53.31 -22.51
C LYS H 91 -31.03 54.64 -23.15
N TYR H 92 -30.17 55.65 -23.05
CA TYR H 92 -30.52 56.96 -23.59
C TYR H 92 -30.15 57.15 -25.07
N ARG H 93 -29.29 56.29 -25.63
CA ARG H 93 -28.84 56.36 -27.02
C ARG H 93 -28.11 57.67 -27.29
N LYS H 94 -27.53 58.23 -26.24
CA LYS H 94 -26.69 59.39 -26.34
C LYS H 94 -25.58 59.29 -25.29
N ASN H 95 -24.41 59.75 -25.65
CA ASN H 95 -23.30 59.85 -24.73
C ASN H 95 -23.45 61.13 -23.91
N LEU H 96 -23.77 61.01 -22.63
CA LEU H 96 -24.04 62.14 -21.78
C LEU H 96 -22.99 62.33 -20.68
N VAL H 97 -21.75 61.87 -20.92
CA VAL H 97 -20.77 61.89 -19.85
C VAL H 97 -20.48 63.34 -19.43
N LEU H 98 -20.55 64.32 -20.37
CA LEU H 98 -20.21 65.69 -19.99
C LEU H 98 -21.35 66.32 -19.17
N LEU H 99 -22.57 65.78 -19.30
CA LEU H 99 -23.66 66.18 -18.42
C LEU H 99 -23.42 65.62 -17.00
N GLY H 100 -23.03 64.34 -16.95
CA GLY H 100 -22.61 63.71 -15.71
C GLY H 100 -21.47 64.45 -15.04
N GLU H 101 -20.53 64.94 -15.86
CA GLU H 101 -19.41 65.68 -15.29
C GLU H 101 -19.91 66.92 -14.55
N LYS H 102 -20.86 67.64 -15.18
CA LYS H 102 -21.38 68.86 -14.59
C LYS H 102 -22.07 68.54 -13.26
N LEU H 103 -22.79 67.42 -13.20
CA LEU H 103 -23.39 67.02 -11.95
C LEU H 103 -22.36 66.68 -10.87
N ALA H 104 -21.27 65.99 -11.27
CA ALA H 104 -20.19 65.67 -10.34
C ALA H 104 -19.56 66.92 -9.79
N ILE H 105 -19.39 67.93 -10.66
CA ILE H 105 -18.88 69.21 -10.23
C ILE H 105 -19.77 69.81 -9.12
N HIS H 106 -21.09 69.77 -9.36
CA HIS H 106 -22.03 70.40 -8.42
C HIS H 106 -22.04 69.66 -7.08
N ALA H 107 -21.94 68.33 -7.10
CA ALA H 107 -21.85 67.58 -5.86
C ALA H 107 -20.61 67.99 -5.09
N HIS H 108 -19.44 68.06 -5.75
CA HIS H 108 -18.23 68.52 -5.09
C HIS H 108 -18.38 69.95 -4.58
N LEU H 109 -19.10 70.79 -5.32
CA LEU H 109 -19.26 72.18 -4.90
C LEU H 109 -20.11 72.33 -3.64
N VAL H 110 -21.05 71.42 -3.41
CA VAL H 110 -21.80 71.47 -2.17
C VAL H 110 -20.83 71.32 -1.01
N ASP H 111 -19.97 70.31 -1.11
CA ASP H 111 -19.02 70.00 -0.03
C ASP H 111 -18.02 71.14 0.14
N PHE H 112 -17.50 71.65 -0.99
CA PHE H 112 -16.53 72.72 -0.95
C PHE H 112 -17.13 73.96 -0.32
N CYS H 113 -18.35 74.35 -0.73
CA CYS H 113 -18.98 75.54 -0.19
C CYS H 113 -19.25 75.43 1.30
N ARG H 114 -19.71 74.27 1.72
CA ARG H 114 -20.00 74.10 3.12
C ARG H 114 -18.71 74.13 3.94
N ARG H 115 -17.58 73.66 3.40
CA ARG H 115 -16.37 73.59 4.21
C ARG H 115 -15.58 74.89 4.11
N ASN H 116 -15.89 75.76 3.16
CA ASN H 116 -15.08 76.96 2.95
C ASN H 116 -15.91 78.24 3.08
N ASP H 117 -17.12 78.17 3.65
CA ASP H 117 -17.93 79.36 3.91
C ASP H 117 -18.22 80.17 2.64
N ILE H 118 -18.66 79.45 1.60
CA ILE H 118 -19.07 80.09 0.38
C ILE H 118 -20.53 79.78 0.17
N ASN H 119 -21.34 80.75 -0.24
CA ASN H 119 -22.71 80.34 -0.57
C ASN H 119 -23.23 80.88 -1.89
N THR H 120 -22.37 81.44 -2.74
CA THR H 120 -22.75 81.74 -4.12
C THR H 120 -21.72 81.14 -5.07
N ILE H 121 -22.18 80.30 -6.01
CA ILE H 121 -21.35 79.77 -7.05
C ILE H 121 -21.82 80.29 -8.39
N ASN H 122 -20.88 80.41 -9.33
CA ASN H 122 -21.14 81.04 -10.62
C ASN H 122 -20.46 80.23 -11.70
N ASP H 123 -21.13 80.08 -12.85
CA ASP H 123 -20.42 79.49 -13.98
C ASP H 123 -20.48 80.40 -15.21
N GLY H 124 -19.86 79.95 -16.28
CA GLY H 124 -19.88 80.61 -17.58
C GLY H 124 -20.68 79.87 -18.64
N ILE H 125 -21.75 79.18 -18.27
CA ILE H 125 -22.64 78.68 -19.34
C ILE H 125 -23.27 79.86 -20.06
N THR H 126 -23.60 79.65 -21.35
CA THR H 126 -24.06 80.68 -22.24
C THR H 126 -25.24 80.18 -23.05
N HIS H 127 -26.10 81.15 -23.40
CA HIS H 127 -27.26 80.96 -24.26
C HIS H 127 -26.85 80.32 -25.58
N TYR H 128 -25.79 80.82 -26.22
CA TYR H 128 -25.46 80.38 -27.57
C TYR H 128 -24.92 78.95 -27.54
N GLN H 129 -24.56 78.39 -26.35
CA GLN H 129 -24.07 77.02 -26.32
C GLN H 129 -25.15 76.04 -25.87
N MET H 130 -26.42 76.37 -26.03
CA MET H 130 -27.54 75.57 -25.58
C MET H 130 -27.65 74.20 -26.28
N GLU H 131 -26.94 73.94 -27.40
CA GLU H 131 -26.90 72.58 -27.90
C GLU H 131 -26.26 71.60 -26.89
N PHE H 132 -25.37 72.09 -26.03
CA PHE H 132 -24.69 71.28 -25.04
C PHE H 132 -25.63 71.09 -23.83
N PRO H 133 -25.81 69.83 -23.38
CA PRO H 133 -26.87 69.46 -22.46
C PRO H 133 -26.79 70.23 -21.14
N GLU H 134 -25.60 70.45 -20.62
CA GLU H 134 -25.44 71.09 -19.34
C GLU H 134 -25.72 72.58 -19.41
N GLN H 135 -25.85 73.11 -20.63
CA GLN H 135 -26.11 74.54 -20.78
C GLN H 135 -27.58 74.79 -21.12
N ARG H 136 -28.37 73.74 -21.31
CA ARG H 136 -29.79 73.95 -21.65
C ARG H 136 -30.48 74.48 -20.38
N LEU H 137 -31.57 75.18 -20.58
CA LEU H 137 -32.38 75.70 -19.50
C LEU H 137 -32.87 74.59 -18.58
N VAL H 138 -33.25 73.42 -19.11
CA VAL H 138 -33.73 72.33 -18.27
C VAL H 138 -32.60 71.87 -17.34
N ALA H 139 -31.34 71.85 -17.78
CA ALA H 139 -30.27 71.42 -16.89
C ALA H 139 -29.96 72.50 -15.84
N LYS H 140 -29.88 73.74 -16.32
CA LYS H 140 -29.58 74.87 -15.47
C LYS H 140 -30.60 74.97 -14.33
N THR H 141 -31.88 74.83 -14.66
CA THR H 141 -32.91 75.06 -13.66
C THR H 141 -32.90 73.86 -12.69
N PHE H 142 -32.67 72.65 -13.19
CA PHE H 142 -32.51 71.48 -12.33
C PHE H 142 -31.39 71.73 -11.32
N LEU H 143 -30.23 72.20 -11.79
CA LEU H 143 -29.08 72.34 -10.92
C LEU H 143 -29.24 73.55 -9.99
N MET H 144 -29.90 74.63 -10.44
CA MET H 144 -30.22 75.72 -9.54
C MET H 144 -31.03 75.23 -8.33
N GLU H 145 -32.04 74.39 -8.62
CA GLU H 145 -32.91 73.85 -7.58
C GLU H 145 -32.10 72.94 -6.66
N MET H 146 -31.23 72.11 -7.22
CA MET H 146 -30.44 71.19 -6.42
C MET H 146 -29.55 71.99 -5.46
N MET H 147 -28.90 73.06 -5.93
CA MET H 147 -28.00 73.80 -5.11
C MET H 147 -28.79 74.55 -4.02
N ALA H 148 -29.98 75.07 -4.39
CA ALA H 148 -30.81 75.76 -3.42
C ALA H 148 -31.20 74.84 -2.26
N GLN H 149 -31.36 73.56 -2.51
CA GLN H 149 -31.70 72.65 -1.42
C GLN H 149 -30.55 72.56 -0.42
N TYR H 150 -29.32 72.95 -0.81
CA TYR H 150 -28.22 72.98 0.15
C TYR H 150 -27.88 74.41 0.55
N ASP H 151 -28.82 75.35 0.37
CA ASP H 151 -28.60 76.74 0.68
C ASP H 151 -27.47 77.37 -0.12
N ILE H 152 -27.29 76.93 -1.35
CA ILE H 152 -26.29 77.55 -2.21
C ILE H 152 -26.98 78.22 -3.38
N ASN H 153 -26.59 79.46 -3.63
CA ASN H 153 -27.07 80.23 -4.76
C ASN H 153 -26.20 79.97 -5.98
N TYR H 154 -26.75 79.34 -7.01
CA TYR H 154 -26.06 79.03 -8.24
C TYR H 154 -26.52 80.03 -9.31
N GLN H 155 -25.61 80.89 -9.78
CA GLN H 155 -25.91 81.84 -10.82
C GLN H 155 -25.02 81.62 -12.04
N SER H 156 -25.43 82.18 -13.16
CA SER H 156 -24.75 82.11 -14.43
C SER H 156 -24.67 83.50 -15.05
N PRO H 157 -23.71 84.34 -14.61
CA PRO H 157 -23.75 85.77 -14.91
C PRO H 157 -23.58 86.19 -16.36
N VAL H 158 -23.05 85.31 -17.24
CA VAL H 158 -22.92 85.67 -18.65
C VAL H 158 -23.92 84.94 -19.56
N TYR H 159 -24.87 84.22 -18.95
CA TYR H 159 -25.74 83.32 -19.70
C TYR H 159 -26.58 84.05 -20.72
N GLU H 160 -27.23 85.14 -20.32
CA GLU H 160 -28.19 85.79 -21.19
C GLU H 160 -27.50 86.74 -22.14
N PHE H 161 -26.40 87.36 -21.68
CA PHE H 161 -25.68 88.28 -22.55
C PHE H 161 -25.05 87.55 -23.75
N ALA H 162 -24.56 86.31 -23.57
CA ALA H 162 -23.73 85.72 -24.61
C ALA H 162 -24.55 85.09 -25.73
N GLN H 163 -24.96 85.93 -26.69
CA GLN H 163 -25.65 85.47 -27.87
C GLN H 163 -24.68 84.89 -28.92
N SER H 164 -23.39 85.14 -28.80
CA SER H 164 -22.36 84.46 -29.60
C SER H 164 -21.04 84.53 -28.84
N ALA H 165 -20.08 83.74 -29.29
CA ALA H 165 -18.72 83.74 -28.74
C ALA H 165 -18.08 85.12 -28.88
N ASP H 166 -18.39 85.83 -29.98
CA ASP H 166 -17.86 87.16 -30.22
C ASP H 166 -18.24 88.12 -29.10
N ASP H 167 -19.44 88.01 -28.54
CA ASP H 167 -19.88 88.88 -27.46
C ASP H 167 -18.94 88.71 -26.28
N VAL H 168 -18.63 87.45 -25.92
CA VAL H 168 -17.75 87.20 -24.79
C VAL H 168 -16.31 87.69 -25.10
N LYS H 169 -15.80 87.35 -26.28
CA LYS H 169 -14.43 87.66 -26.68
C LYS H 169 -14.15 89.15 -26.55
N TYR H 170 -15.02 90.00 -27.10
CA TYR H 170 -14.67 91.41 -27.20
C TYR H 170 -14.88 92.10 -25.87
N ARG H 171 -15.66 91.54 -24.93
CA ARG H 171 -15.67 92.07 -23.58
C ARG H 171 -14.33 91.74 -22.89
N LEU H 172 -13.82 90.54 -23.08
CA LEU H 172 -12.51 90.21 -22.54
C LEU H 172 -11.45 91.16 -23.11
N LEU H 173 -11.46 91.40 -24.40
CA LEU H 173 -10.48 92.27 -25.01
C LEU H 173 -10.52 93.67 -24.38
N GLN H 174 -11.73 94.15 -24.04
CA GLN H 174 -11.87 95.47 -23.43
C GLN H 174 -11.28 95.49 -22.01
N LEU H 175 -11.11 94.32 -21.40
CA LEU H 175 -10.45 94.21 -20.10
C LEU H 175 -8.92 94.08 -20.23
N GLY H 176 -8.39 94.06 -21.44
CA GLY H 176 -6.97 93.83 -21.62
C GLY H 176 -6.59 92.36 -21.40
N ILE H 177 -7.55 91.44 -21.62
CA ILE H 177 -7.34 90.01 -21.49
C ILE H 177 -7.46 89.35 -22.87
N SER H 178 -6.64 88.30 -23.11
CA SER H 178 -6.70 87.52 -24.33
C SER H 178 -8.13 87.03 -24.64
N THR H 179 -8.43 86.95 -25.94
CA THR H 179 -9.71 86.44 -26.44
C THR H 179 -9.72 84.93 -26.59
N LYS H 180 -8.56 84.28 -26.41
CA LYS H 180 -8.43 82.86 -26.64
C LYS H 180 -9.01 82.07 -25.50
N SER H 181 -9.33 80.83 -25.83
CA SER H 181 -9.85 79.89 -24.84
C SER H 181 -8.66 79.15 -24.21
N LEU H 182 -8.22 79.55 -23.02
CA LEU H 182 -6.98 79.01 -22.46
C LEU H 182 -7.31 77.92 -21.44
N GLU H 183 -7.76 76.81 -21.95
CA GLU H 183 -8.32 75.74 -21.17
C GLU H 183 -7.78 74.42 -21.73
N GLY H 184 -7.87 73.38 -20.90
CA GLY H 184 -7.68 72.03 -21.39
C GLY H 184 -8.90 71.57 -22.16
N ILE H 185 -8.81 70.44 -22.83
CA ILE H 185 -9.99 69.88 -23.46
C ILE H 185 -10.30 68.52 -22.85
N SER H 186 -11.57 68.20 -22.83
CA SER H 186 -12.03 66.87 -22.48
C SER H 186 -11.68 65.94 -23.64
N ILE H 187 -11.22 64.74 -23.29
CA ILE H 187 -11.07 63.71 -24.29
C ILE H 187 -12.42 63.40 -24.95
N PHE H 188 -13.52 63.70 -24.28
CA PHE H 188 -14.86 63.41 -24.79
C PHE H 188 -15.37 64.50 -25.75
N ALA H 189 -14.51 65.51 -26.06
CA ALA H 189 -14.78 66.45 -27.14
C ALA H 189 -15.23 65.72 -28.41
N ASP H 190 -16.36 66.18 -28.96
CA ASP H 190 -16.85 65.71 -30.26
C ASP H 190 -16.98 64.18 -30.23
N SER H 191 -17.54 63.64 -29.13
CA SER H 191 -17.74 62.21 -28.98
C SER H 191 -19.23 61.83 -28.82
N PHE H 192 -20.13 62.77 -29.17
CA PHE H 192 -21.56 62.60 -28.86
C PHE H 192 -22.43 63.30 -29.91
N SER H 193 -23.69 62.85 -30.05
CA SER H 193 -24.69 63.57 -30.85
C SER H 193 -25.63 64.31 -29.86
N THR H 194 -26.51 65.16 -30.39
CA THR H 194 -27.31 66.11 -29.60
C THR H 194 -28.48 65.38 -28.93
N PRO H 195 -28.62 65.44 -27.62
CA PRO H 195 -29.76 64.81 -26.92
C PRO H 195 -30.99 65.72 -26.85
N SER H 196 -32.17 65.12 -26.73
CA SER H 196 -33.40 65.87 -26.47
C SER H 196 -33.36 66.40 -25.02
N ASP H 197 -34.16 67.43 -24.76
CA ASP H 197 -34.39 67.91 -23.40
C ASP H 197 -34.94 66.82 -22.48
N ASP H 198 -35.84 65.96 -23.01
CA ASP H 198 -36.40 64.89 -22.18
C ASP H 198 -35.30 63.96 -21.67
N VAL H 199 -34.34 63.63 -22.55
CA VAL H 199 -33.24 62.75 -22.19
C VAL H 199 -32.36 63.43 -21.17
N VAL H 200 -32.05 64.71 -21.35
CA VAL H 200 -31.20 65.42 -20.43
C VAL H 200 -31.80 65.38 -19.04
N LEU H 201 -33.10 65.66 -18.94
CA LEU H 201 -33.75 65.71 -17.65
C LEU H 201 -33.83 64.31 -17.06
N ALA H 202 -34.12 63.28 -17.88
CA ALA H 202 -34.22 61.95 -17.34
C ALA H 202 -32.88 61.47 -16.78
N TYR H 203 -31.78 61.79 -17.46
CA TYR H 203 -30.45 61.42 -17.01
C TYR H 203 -30.14 62.11 -15.70
N LEU H 204 -30.41 63.41 -15.62
CA LEU H 204 -30.16 64.16 -14.39
C LEU H 204 -30.96 63.57 -13.23
N ARG H 205 -32.25 63.26 -13.44
CA ARG H 205 -33.05 62.67 -12.37
C ARG H 205 -32.53 61.29 -11.95
N GLU H 206 -32.11 60.48 -12.91
CA GLU H 206 -31.58 59.18 -12.60
C GLU H 206 -30.30 59.27 -11.77
N LYS H 207 -29.40 60.18 -12.11
CA LYS H 207 -28.09 60.27 -11.46
C LYS H 207 -28.12 61.08 -10.19
N ALA H 208 -29.13 61.91 -9.99
CA ALA H 208 -29.19 62.78 -8.82
C ALA H 208 -29.00 62.03 -7.50
N PRO H 209 -29.65 60.88 -7.24
CA PRO H 209 -29.42 60.16 -6.01
C PRO H 209 -27.97 59.79 -5.76
N LEU H 210 -27.22 59.47 -6.80
CA LEU H 210 -25.79 59.19 -6.68
C LEU H 210 -25.07 60.46 -6.28
N ALA H 211 -25.42 61.60 -6.92
CA ALA H 211 -24.80 62.86 -6.59
C ALA H 211 -25.05 63.22 -5.12
N HIS H 212 -26.29 63.12 -4.66
CA HIS H 212 -26.60 63.43 -3.28
C HIS H 212 -25.83 62.49 -2.32
N ASN H 213 -25.74 61.22 -2.66
CA ASN H 213 -25.04 60.26 -1.86
C ASN H 213 -23.54 60.65 -1.74
N ILE H 214 -22.94 61.10 -2.84
CA ILE H 214 -21.58 61.56 -2.84
C ILE H 214 -21.43 62.79 -1.92
N VAL H 215 -22.38 63.70 -1.95
CA VAL H 215 -22.40 64.81 -1.02
C VAL H 215 -22.37 64.33 0.41
N ASN H 216 -23.21 63.32 0.71
CA ASN H 216 -23.32 62.81 2.06
C ASN H 216 -22.00 62.15 2.49
N PHE H 217 -21.37 61.39 1.58
CA PHE H 217 -20.10 60.75 1.89
C PHE H 217 -19.04 61.81 2.15
N LEU H 218 -18.97 62.83 1.28
CA LEU H 218 -17.97 63.88 1.39
C LEU H 218 -18.12 64.66 2.71
N ALA H 219 -19.34 64.69 3.25
CA ALA H 219 -19.61 65.33 4.53
C ALA H 219 -19.30 64.44 5.70
N GLY H 220 -18.95 63.19 5.45
CA GLY H 220 -18.67 62.28 6.53
C GLY H 220 -19.94 61.67 7.17
N GLU H 221 -21.07 61.67 6.45
CA GLU H 221 -22.36 61.29 7.03
C GLU H 221 -22.74 59.87 6.68
N THR H 222 -22.22 59.29 5.59
CA THR H 222 -22.53 57.88 5.36
C THR H 222 -21.39 57.26 4.53
N LEU H 223 -21.30 55.93 4.60
CA LEU H 223 -20.51 55.15 3.67
C LEU H 223 -21.40 54.40 2.69
N ASN H 224 -22.66 54.18 3.06
CA ASN H 224 -23.51 53.30 2.27
C ASN H 224 -23.90 53.92 0.93
N PRO H 225 -24.13 53.04 -0.09
CA PRO H 225 -24.50 53.48 -1.42
C PRO H 225 -25.94 54.02 -1.48
N PRO H 226 -26.32 54.63 -2.62
CA PRO H 226 -27.68 55.20 -2.72
C PRO H 226 -28.78 54.16 -2.49
N VAL H 227 -29.84 54.55 -1.79
CA VAL H 227 -30.93 53.64 -1.45
C VAL H 227 -32.01 53.70 -2.55
N VAL I 7 -12.06 68.48 18.85
CA VAL I 7 -12.47 67.05 18.82
C VAL I 7 -11.26 66.19 19.20
N LYS I 8 -11.50 65.23 20.08
CA LYS I 8 -10.43 64.43 20.62
C LYS I 8 -9.88 63.48 19.55
N PRO I 9 -8.56 63.44 19.31
CA PRO I 9 -8.00 62.51 18.35
C PRO I 9 -8.27 61.04 18.68
N GLN I 10 -8.48 60.25 17.63
CA GLN I 10 -8.62 58.81 17.77
C GLN I 10 -7.45 58.15 17.06
N LEU I 11 -7.22 56.88 17.36
CA LEU I 11 -6.14 56.14 16.71
C LEU I 11 -6.72 55.25 15.61
N VAL I 12 -5.98 55.09 14.52
CA VAL I 12 -6.32 54.13 13.49
C VAL I 12 -5.12 53.20 13.29
N MET I 13 -5.43 51.89 13.37
CA MET I 13 -4.52 50.84 13.01
C MET I 13 -4.39 50.83 11.50
N PHE I 14 -3.22 51.27 11.05
CA PHE I 14 -3.03 51.66 9.67
C PHE I 14 -1.90 50.88 9.00
N THR I 15 -2.20 50.30 7.83
CA THR I 15 -1.22 49.54 7.07
C THR I 15 -0.83 50.24 5.78
N GLY I 16 -1.61 51.25 5.37
CA GLY I 16 -1.56 51.78 4.02
C GLY I 16 -2.49 51.04 3.07
N GLY I 17 -3.02 49.91 3.52
CA GLY I 17 -4.02 49.20 2.74
C GLY I 17 -5.31 50.00 2.56
N ARG I 18 -6.16 49.51 1.69
CA ARG I 18 -7.37 50.21 1.27
C ARG I 18 -8.29 50.45 2.46
N ASP I 19 -8.53 49.41 3.28
CA ASP I 19 -9.57 49.47 4.28
C ASP I 19 -9.20 50.39 5.44
N SER I 20 -7.97 50.30 5.91
CA SER I 20 -7.54 51.14 7.03
C SER I 20 -7.36 52.57 6.55
N THR I 21 -6.97 52.75 5.26
CA THR I 21 -6.94 54.09 4.69
C THR I 21 -8.36 54.67 4.73
N LEU I 22 -9.35 53.90 4.29
CA LEU I 22 -10.73 54.41 4.23
C LEU I 22 -11.26 54.70 5.61
N ALA I 23 -10.95 53.83 6.60
CA ALA I 23 -11.41 54.06 7.96
C ALA I 23 -10.89 55.39 8.48
N ALA I 24 -9.59 55.62 8.32
CA ALA I 24 -8.99 56.86 8.75
C ALA I 24 -9.63 58.06 8.03
N CYS I 25 -9.80 57.98 6.72
CA CYS I 25 -10.37 59.07 5.93
C CYS I 25 -11.79 59.39 6.39
N TYR I 26 -12.58 58.35 6.62
CA TYR I 26 -13.96 58.53 6.99
C TYR I 26 -14.07 59.24 8.35
N LEU I 27 -13.22 58.86 9.31
CA LEU I 27 -13.17 59.58 10.59
C LEU I 27 -12.81 61.05 10.37
N MET I 28 -11.79 61.31 9.53
CA MET I 28 -11.35 62.67 9.29
C MET I 28 -12.44 63.50 8.62
N LEU I 29 -13.21 62.89 7.71
CA LEU I 29 -14.31 63.57 7.05
C LEU I 29 -15.29 64.08 8.10
N GLN I 30 -15.41 63.35 9.22
CA GLN I 30 -16.35 63.69 10.26
C GLN I 30 -15.75 64.78 11.15
N GLY I 31 -14.51 65.17 10.98
CA GLY I 31 -13.90 66.18 11.83
C GLY I 31 -13.08 65.57 12.96
N ILE I 32 -12.91 64.23 12.94
CA ILE I 32 -12.14 63.57 13.99
C ILE I 32 -10.67 63.49 13.58
N PRO I 33 -9.75 64.10 14.33
CA PRO I 33 -8.34 63.94 14.03
C PRO I 33 -7.90 62.50 14.25
N VAL I 34 -6.96 62.02 13.42
CA VAL I 34 -6.53 60.65 13.48
C VAL I 34 -5.02 60.56 13.67
N HIS I 35 -4.64 59.72 14.64
CA HIS I 35 -3.26 59.30 14.86
C HIS I 35 -3.12 57.95 14.17
N LEU I 36 -2.33 57.90 13.10
CA LEU I 36 -2.11 56.68 12.36
C LEU I 36 -1.06 55.87 13.12
N TRP I 37 -1.31 54.58 13.31
CA TRP I 37 -0.41 53.70 14.03
C TRP I 37 -0.19 52.42 13.20
N SER I 38 1.07 52.16 12.87
CA SER I 38 1.49 51.01 12.09
C SER I 38 2.39 50.10 12.93
N GLY I 39 2.02 48.83 13.08
CA GLY I 39 2.82 47.86 13.79
C GLY I 39 3.79 47.17 12.84
N ASN I 40 5.09 47.26 13.12
CA ASN I 40 6.09 46.48 12.42
C ASN I 40 6.49 45.27 13.26
N SER I 41 5.99 44.10 12.84
CA SER I 41 6.11 42.78 13.44
C SER I 41 7.54 42.26 13.28
N GLY I 42 8.30 42.83 12.34
CA GLY I 42 9.66 42.42 12.03
C GLY I 42 9.76 41.39 10.90
N CYS I 43 8.61 41.01 10.34
CA CYS I 43 8.52 40.01 9.29
C CYS I 43 7.71 40.56 8.12
N SER I 44 7.78 41.88 7.90
CA SER I 44 7.02 42.52 6.85
C SER I 44 7.94 43.01 5.76
N LEU I 45 7.60 42.78 4.49
CA LEU I 45 8.45 43.06 3.36
C LEU I 45 7.92 44.25 2.57
N HIS I 46 8.85 45.03 1.99
CA HIS I 46 8.51 46.05 1.01
C HIS I 46 7.48 47.04 1.57
N ARG I 47 7.83 47.64 2.69
CA ARG I 47 7.01 48.59 3.42
C ARG I 47 7.15 50.01 2.89
N GLY I 48 8.11 50.28 2.06
CA GLY I 48 8.47 51.58 1.52
C GLY I 48 7.30 52.35 0.92
N ILE I 49 6.36 51.63 0.29
CA ILE I 49 5.28 52.29 -0.47
C ILE I 49 4.31 53.00 0.48
N LEU I 50 4.31 52.61 1.75
CA LEU I 50 3.45 53.22 2.76
C LEU I 50 3.55 54.76 2.76
N SER I 51 4.74 55.28 2.53
CA SER I 51 4.94 56.70 2.65
C SER I 51 4.19 57.43 1.55
N HIS I 52 4.00 56.80 0.36
CA HIS I 52 3.20 57.40 -0.68
C HIS I 52 1.76 57.60 -0.18
N ARG I 53 1.23 56.62 0.56
CA ARG I 53 -0.13 56.70 1.03
C ARG I 53 -0.29 57.78 2.10
N VAL I 54 0.65 57.88 3.03
CA VAL I 54 0.61 58.90 4.07
C VAL I 54 0.61 60.27 3.42
N GLU I 55 1.44 60.47 2.40
CA GLU I 55 1.43 61.75 1.68
C GLU I 55 0.07 62.03 1.03
N GLU I 56 -0.56 61.00 0.43
CA GLU I 56 -1.87 61.23 -0.17
C GLU I 56 -2.85 61.70 0.90
N MET I 57 -2.77 61.10 2.08
CA MET I 57 -3.72 61.39 3.14
C MET I 57 -3.50 62.79 3.72
N LYS I 58 -2.24 63.16 3.90
CA LYS I 58 -1.91 64.51 4.32
C LYS I 58 -2.31 65.54 3.31
N ASN I 59 -2.15 65.25 2.01
CA ASN I 59 -2.57 66.18 0.99
C ASN I 59 -4.08 66.35 1.04
N ARG I 60 -4.84 65.30 1.32
CA ARG I 60 -6.29 65.39 1.22
C ARG I 60 -6.90 65.94 2.51
N PHE I 61 -6.27 65.72 3.67
CA PHE I 61 -6.91 66.02 4.96
C PHE I 61 -6.08 66.97 5.84
N GLY I 62 -4.82 67.28 5.48
CA GLY I 62 -4.03 68.27 6.18
C GLY I 62 -3.80 67.88 7.64
N ASP I 63 -4.06 68.84 8.53
CA ASP I 63 -3.76 68.72 9.95
C ASP I 63 -4.67 67.73 10.67
N LEU I 64 -5.72 67.21 10.05
CA LEU I 64 -6.49 66.14 10.68
C LEU I 64 -5.68 64.87 10.78
N VAL I 65 -4.60 64.73 9.98
CA VAL I 65 -3.66 63.64 10.22
C VAL I 65 -2.70 64.13 11.31
N VAL I 66 -2.85 63.66 12.54
CA VAL I 66 -2.12 64.31 13.61
C VAL I 66 -0.78 63.63 13.80
N GLY I 67 -0.55 62.45 13.24
CA GLY I 67 0.75 61.82 13.35
C GLY I 67 0.68 60.43 12.71
N HIS I 68 1.85 59.85 12.54
CA HIS I 68 2.01 58.48 12.11
C HIS I 68 3.12 57.87 12.96
N THR I 69 2.77 56.94 13.85
CA THR I 69 3.72 56.18 14.66
C THR I 69 3.93 54.84 13.96
N VAL I 70 5.21 54.49 13.74
CA VAL I 70 5.57 53.14 13.31
C VAL I 70 6.20 52.46 14.52
N ALA I 71 5.54 51.48 15.06
CA ALA I 71 5.97 50.87 16.31
C ALA I 71 6.64 49.54 16.03
N ASP I 72 7.78 49.31 16.69
CA ASP I 72 8.44 48.01 16.60
C ASP I 72 7.77 47.07 17.59
N ILE I 73 7.00 46.09 17.10
CA ILE I 73 6.30 45.17 17.98
C ILE I 73 6.87 43.76 17.84
N SER I 74 8.06 43.64 17.24
CA SER I 74 8.68 42.35 16.95
C SER I 74 8.83 41.49 18.21
N GLY I 75 9.17 42.09 19.36
CA GLY I 75 9.40 41.27 20.54
C GLY I 75 8.13 40.65 21.08
N ALA I 76 7.08 41.47 21.19
CA ALA I 76 5.77 40.98 21.58
C ALA I 76 5.25 39.93 20.60
N PHE I 77 5.41 40.19 19.32
CA PHE I 77 4.96 39.25 18.29
C PHE I 77 5.69 37.92 18.47
N ARG I 78 7.02 37.99 18.63
CA ARG I 78 7.78 36.77 18.85
C ARG I 78 7.28 36.01 20.07
N SER I 79 7.09 36.70 21.20
CA SER I 79 6.72 36.02 22.44
C SER I 79 5.36 35.33 22.30
N ILE I 80 4.41 36.01 21.65
CA ILE I 80 3.06 35.47 21.54
C ILE I 80 2.97 34.36 20.49
N ALA I 81 3.56 34.56 19.30
CA ALA I 81 3.24 33.80 18.12
C ALA I 81 4.36 32.94 17.57
N ILE I 82 5.62 33.28 17.82
CA ILE I 82 6.73 32.58 17.18
C ILE I 82 7.45 31.62 18.14
N GLU I 83 7.66 32.05 19.38
CA GLU I 83 8.53 31.31 20.28
C GLU I 83 8.04 29.88 20.45
N ALA I 84 6.72 29.66 20.48
CA ALA I 84 6.17 28.32 20.67
C ALA I 84 5.46 27.84 19.39
N LEU I 85 6.03 28.20 18.23
CA LEU I 85 5.42 27.87 16.95
C LEU I 85 5.23 26.38 16.76
N GLU I 86 6.25 25.58 17.10
CA GLU I 86 6.15 24.15 17.01
C GLU I 86 4.90 23.64 17.73
N GLN I 87 4.80 23.94 19.02
CA GLN I 87 3.72 23.49 19.85
C GLN I 87 2.39 24.05 19.35
N ASP I 88 2.37 25.33 18.96
CA ASP I 88 1.13 25.94 18.53
C ASP I 88 0.57 25.25 17.29
N ILE I 89 1.44 24.95 16.32
CA ILE I 89 0.98 24.33 15.09
C ILE I 89 0.62 22.87 15.34
N LEU I 90 1.39 22.16 16.14
CA LEU I 90 1.04 20.79 16.45
C LEU I 90 -0.31 20.70 17.17
N LYS I 91 -0.62 21.66 18.03
CA LYS I 91 -1.87 21.58 18.78
C LYS I 91 -3.04 22.00 17.92
N TYR I 92 -2.97 23.15 17.26
CA TYR I 92 -4.13 23.66 16.53
C TYR I 92 -4.18 23.19 15.07
N ARG I 93 -3.10 22.64 14.52
CA ARG I 93 -3.00 22.17 13.14
C ARG I 93 -3.25 23.30 12.15
N LYS I 94 -3.01 24.51 12.60
CA LYS I 94 -3.12 25.70 11.77
C LYS I 94 -2.03 26.68 12.15
N ASN I 95 -1.50 27.36 11.14
CA ASN I 95 -0.58 28.46 11.36
C ASN I 95 -1.41 29.69 11.69
N LEU I 96 -1.34 30.14 12.93
CA LEU I 96 -2.13 31.25 13.42
C LEU I 96 -1.28 32.47 13.79
N VAL I 97 -0.09 32.59 13.19
CA VAL I 97 0.82 33.65 13.60
C VAL I 97 0.18 34.99 13.34
N LEU I 98 -0.64 35.15 12.27
CA LEU I 98 -1.18 36.46 11.97
C LEU I 98 -2.31 36.83 12.95
N LEU I 99 -2.92 35.83 13.59
CA LEU I 99 -3.83 36.09 14.68
C LEU I 99 -3.06 36.57 15.91
N GLY I 100 -1.95 35.87 16.21
CA GLY I 100 -1.02 36.28 17.25
C GLY I 100 -0.52 37.71 17.02
N GLU I 101 -0.24 38.05 15.77
CA GLU I 101 0.24 39.39 15.48
C GLU I 101 -0.80 40.43 15.89
N LYS I 102 -2.08 40.17 15.56
CA LYS I 102 -3.13 41.13 15.87
C LYS I 102 -3.26 41.26 17.40
N LEU I 103 -3.09 40.18 18.13
CA LEU I 103 -3.09 40.26 19.59
C LEU I 103 -1.90 41.09 20.11
N ALA I 104 -0.71 40.90 19.51
CA ALA I 104 0.47 41.67 19.87
C ALA I 104 0.23 43.16 19.63
N ILE I 105 -0.43 43.47 18.51
CA ILE I 105 -0.80 44.85 18.20
C ILE I 105 -1.65 45.42 19.33
N HIS I 106 -2.65 44.66 19.76
CA HIS I 106 -3.61 45.14 20.76
C HIS I 106 -2.93 45.36 22.12
N ALA I 107 -2.02 44.47 22.48
CA ALA I 107 -1.25 44.65 23.70
C ALA I 107 -0.46 45.96 23.64
N HIS I 108 0.24 46.19 22.54
CA HIS I 108 0.99 47.44 22.35
C HIS I 108 0.05 48.63 22.39
N LEU I 109 -1.16 48.48 21.83
CA LEU I 109 -2.08 49.61 21.78
C LEU I 109 -2.59 50.00 23.15
N VAL I 110 -2.72 49.04 24.09
CA VAL I 110 -3.13 49.41 25.43
C VAL I 110 -2.09 50.40 25.99
N ASP I 111 -0.83 50.04 25.86
CA ASP I 111 0.24 50.87 26.39
C ASP I 111 0.31 52.23 25.67
N PHE I 112 0.20 52.20 24.36
CA PHE I 112 0.26 53.42 23.57
C PHE I 112 -0.90 54.35 23.94
N CYS I 113 -2.12 53.80 24.05
CA CYS I 113 -3.29 54.60 24.38
C CYS I 113 -3.17 55.23 25.76
N ARG I 114 -2.69 54.46 26.71
CA ARG I 114 -2.58 54.98 28.05
C ARG I 114 -1.51 56.05 28.11
N ARG I 115 -0.44 55.96 27.30
CA ARG I 115 0.62 56.93 27.44
C ARG I 115 0.36 58.15 26.54
N ASN I 116 -0.58 58.09 25.63
CA ASN I 116 -0.79 59.18 24.68
C ASN I 116 -2.21 59.75 24.76
N ASP I 117 -2.97 59.41 25.81
CA ASP I 117 -4.28 60.00 26.03
C ASP I 117 -5.23 59.72 24.84
N ILE I 118 -5.27 58.45 24.44
CA ILE I 118 -6.21 58.03 23.42
C ILE I 118 -7.11 57.01 24.05
N ASN I 119 -8.42 57.05 23.77
CA ASN I 119 -9.23 55.95 24.26
C ASN I 119 -10.20 55.39 23.23
N THR I 120 -10.05 55.77 21.95
CA THR I 120 -10.74 55.05 20.89
C THR I 120 -9.73 54.63 19.84
N ILE I 121 -9.72 53.33 19.55
CA ILE I 121 -8.89 52.79 18.48
C ILE I 121 -9.82 52.23 17.41
N ASN I 122 -9.35 52.26 16.18
CA ASN I 122 -10.14 51.90 15.01
C ASN I 122 -9.29 51.07 14.06
N ASP I 123 -9.89 50.04 13.47
CA ASP I 123 -9.17 49.32 12.43
C ASP I 123 -10.00 49.26 11.14
N GLY I 124 -9.37 48.63 10.13
CA GLY I 124 -10.03 48.43 8.87
C GLY I 124 -10.36 46.97 8.59
N ILE I 125 -10.67 46.17 9.62
CA ILE I 125 -11.21 44.85 9.30
C ILE I 125 -12.56 45.02 8.60
N THR I 126 -12.88 44.03 7.74
CA THR I 126 -14.04 44.09 6.86
C THR I 126 -14.77 42.75 6.87
N HIS I 127 -16.07 42.83 6.65
CA HIS I 127 -16.96 41.69 6.51
C HIS I 127 -16.45 40.73 5.43
N TYR I 128 -16.05 41.27 4.26
CA TYR I 128 -15.71 40.39 3.15
C TYR I 128 -14.38 39.67 3.42
N GLN I 129 -13.59 40.08 4.42
CA GLN I 129 -12.34 39.39 4.72
C GLN I 129 -12.45 38.45 5.92
N MET I 130 -13.67 37.98 6.24
CA MET I 130 -13.91 37.22 7.45
C MET I 130 -13.25 35.84 7.44
N GLU I 131 -12.78 35.32 6.29
CA GLU I 131 -12.00 34.10 6.29
C GLU I 131 -10.70 34.26 7.12
N PHE I 132 -10.18 35.48 7.27
CA PHE I 132 -8.98 35.72 8.02
C PHE I 132 -9.29 35.77 9.51
N PRO I 133 -8.50 35.04 10.34
CA PRO I 133 -8.89 34.76 11.71
C PRO I 133 -9.12 36.02 12.54
N GLU I 134 -8.27 37.05 12.34
CA GLU I 134 -8.38 38.23 13.15
C GLU I 134 -9.58 39.09 12.74
N GLN I 135 -10.23 38.74 11.63
CA GLN I 135 -11.36 39.52 11.15
C GLN I 135 -12.68 38.81 11.43
N ARG I 136 -12.64 37.61 12.02
CA ARG I 136 -13.86 36.91 12.37
C ARG I 136 -14.58 37.67 13.49
N LEU I 137 -15.90 37.53 13.56
CA LEU I 137 -16.67 38.13 14.63
C LEU I 137 -16.16 37.64 15.99
N VAL I 138 -15.81 36.34 16.11
CA VAL I 138 -15.39 35.84 17.42
C VAL I 138 -14.08 36.53 17.83
N ALA I 139 -13.17 36.84 16.89
CA ALA I 139 -11.93 37.51 17.27
C ALA I 139 -12.18 38.96 17.62
N LYS I 140 -13.00 39.63 16.80
CA LYS I 140 -13.32 41.03 17.03
C LYS I 140 -13.96 41.21 18.40
N THR I 141 -14.90 40.32 18.75
CA THR I 141 -15.59 40.40 20.03
C THR I 141 -14.62 40.20 21.19
N PHE I 142 -13.76 39.18 21.05
CA PHE I 142 -12.74 38.91 22.03
C PHE I 142 -11.87 40.16 22.25
N LEU I 143 -11.41 40.79 21.18
CA LEU I 143 -10.50 41.92 21.30
C LEU I 143 -11.21 43.17 21.78
N MET I 144 -12.49 43.37 21.39
CA MET I 144 -13.27 44.45 21.98
C MET I 144 -13.32 44.32 23.50
N GLU I 145 -13.54 43.09 24.00
CA GLU I 145 -13.66 42.83 25.43
C GLU I 145 -12.30 43.11 26.08
N MET I 146 -11.21 42.67 25.44
CA MET I 146 -9.89 42.90 25.99
C MET I 146 -9.63 44.40 26.15
N MET I 147 -9.96 45.18 25.11
CA MET I 147 -9.67 46.59 25.16
C MET I 147 -10.57 47.28 26.19
N ALA I 148 -11.82 46.83 26.29
CA ALA I 148 -12.77 47.41 27.24
C ALA I 148 -12.28 47.20 28.67
N GLN I 149 -11.55 46.13 28.96
CA GLN I 149 -11.03 45.95 30.29
C GLN I 149 -10.02 47.05 30.62
N TYR I 150 -9.45 47.73 29.61
CA TYR I 150 -8.52 48.82 29.85
C TYR I 150 -9.19 50.16 29.53
N ASP I 151 -10.52 50.20 29.48
CA ASP I 151 -11.29 51.40 29.18
C ASP I 151 -10.97 51.98 27.80
N ILE I 152 -10.69 51.10 26.84
CA ILE I 152 -10.45 51.53 25.49
C ILE I 152 -11.57 50.99 24.60
N ASN I 153 -12.12 51.90 23.81
CA ASN I 153 -13.17 51.58 22.86
C ASN I 153 -12.54 51.18 21.52
N TYR I 154 -12.73 49.91 21.13
CA TYR I 154 -12.21 49.40 19.88
C TYR I 154 -13.35 49.32 18.87
N GLN I 155 -13.22 50.11 17.78
CA GLN I 155 -14.25 50.16 16.75
C GLN I 155 -13.64 49.75 15.40
N SER I 156 -14.53 49.37 14.50
CA SER I 156 -14.19 48.91 13.16
C SER I 156 -15.12 49.63 12.18
N PRO I 157 -14.82 50.90 11.80
CA PRO I 157 -15.82 51.73 11.13
C PRO I 157 -16.20 51.34 9.71
N VAL I 158 -15.40 50.50 9.04
CA VAL I 158 -15.75 50.04 7.69
C VAL I 158 -16.18 48.57 7.66
N TYR I 159 -16.35 47.95 8.83
CA TYR I 159 -16.53 46.51 8.90
C TYR I 159 -17.81 46.06 8.19
N GLU I 160 -18.92 46.75 8.48
CA GLU I 160 -20.22 46.38 7.97
C GLU I 160 -20.42 46.86 6.54
N PHE I 161 -19.90 48.05 6.23
CA PHE I 161 -20.04 48.57 4.89
C PHE I 161 -19.34 47.70 3.83
N ALA I 162 -18.16 47.16 4.17
CA ALA I 162 -17.33 46.57 3.12
C ALA I 162 -17.77 45.12 2.81
N GLN I 163 -18.76 45.00 1.94
CA GLN I 163 -19.22 43.71 1.44
C GLN I 163 -18.31 43.19 0.32
N SER I 164 -17.46 44.04 -0.29
CA SER I 164 -16.42 43.60 -1.22
C SER I 164 -15.31 44.66 -1.24
N ALA I 165 -14.17 44.31 -1.81
CA ALA I 165 -13.06 45.23 -1.96
C ALA I 165 -13.50 46.43 -2.83
N ASP I 166 -14.37 46.21 -3.82
CA ASP I 166 -14.85 47.26 -4.69
C ASP I 166 -15.54 48.38 -3.90
N ASP I 167 -16.26 48.03 -2.83
CA ASP I 167 -16.94 49.01 -2.01
C ASP I 167 -15.90 49.97 -1.41
N VAL I 168 -14.83 49.42 -0.87
CA VAL I 168 -13.80 50.26 -0.28
C VAL I 168 -13.10 51.10 -1.36
N LYS I 169 -12.70 50.47 -2.46
CA LYS I 169 -11.93 51.08 -3.51
C LYS I 169 -12.62 52.35 -4.01
N TYR I 170 -13.91 52.27 -4.33
CA TYR I 170 -14.54 53.38 -5.04
C TYR I 170 -14.88 54.51 -4.06
N ARG I 171 -14.96 54.26 -2.76
CA ARG I 171 -15.02 55.35 -1.81
C ARG I 171 -13.67 56.08 -1.75
N LEU I 172 -12.56 55.32 -1.75
CA LEU I 172 -11.26 55.97 -1.80
C LEU I 172 -11.13 56.83 -3.05
N LEU I 173 -11.53 56.30 -4.20
CA LEU I 173 -11.42 57.03 -5.45
C LEU I 173 -12.20 58.36 -5.36
N GLN I 174 -13.34 58.36 -4.69
CA GLN I 174 -14.16 59.55 -4.54
C GLN I 174 -13.45 60.60 -3.68
N LEU I 175 -12.48 60.15 -2.86
CA LEU I 175 -11.70 61.08 -2.05
C LEU I 175 -10.45 61.59 -2.80
N GLY I 176 -10.24 61.15 -4.05
CA GLY I 176 -9.06 61.52 -4.80
C GLY I 176 -7.83 60.77 -4.30
N ILE I 177 -8.05 59.57 -3.74
CA ILE I 177 -6.98 58.71 -3.22
C ILE I 177 -6.91 57.44 -4.09
N SER I 178 -5.70 56.92 -4.30
CA SER I 178 -5.53 55.71 -5.08
C SER I 178 -6.28 54.54 -4.47
N THR I 179 -6.72 53.64 -5.35
CA THR I 179 -7.46 52.43 -5.01
C THR I 179 -6.53 51.27 -4.69
N LYS I 180 -5.22 51.45 -4.86
CA LYS I 180 -4.26 50.40 -4.63
C LYS I 180 -4.03 50.19 -3.15
N SER I 181 -3.58 48.98 -2.83
CA SER I 181 -3.23 48.63 -1.47
C SER I 181 -1.74 48.98 -1.24
N LEU I 182 -1.47 50.12 -0.60
CA LEU I 182 -0.10 50.61 -0.51
C LEU I 182 0.51 50.24 0.83
N GLU I 183 0.79 48.93 0.97
CA GLU I 183 1.15 48.35 2.23
C GLU I 183 2.31 47.39 1.98
N GLY I 184 3.02 47.06 3.04
CA GLY I 184 3.96 45.95 3.02
C GLY I 184 3.17 44.64 3.09
N ILE I 185 3.83 43.52 2.85
CA ILE I 185 3.19 42.24 3.04
C ILE I 185 3.93 41.46 4.11
N SER I 186 3.19 40.63 4.84
CA SER I 186 3.78 39.70 5.77
C SER I 186 4.45 38.60 4.97
N ILE I 187 5.62 38.15 5.44
CA ILE I 187 6.22 36.96 4.88
C ILE I 187 5.28 35.76 5.05
N PHE I 188 4.38 35.83 6.03
CA PHE I 188 3.43 34.75 6.30
C PHE I 188 2.22 34.78 5.35
N ALA I 189 2.18 35.71 4.39
CA ALA I 189 1.23 35.68 3.28
C ALA I 189 1.17 34.30 2.64
N ASP I 190 -0.07 33.80 2.53
CA ASP I 190 -0.37 32.56 1.83
C ASP I 190 0.48 31.42 2.42
N SER I 191 0.57 31.39 3.76
CA SER I 191 1.34 30.36 4.46
C SER I 191 0.46 29.52 5.41
N PHE I 192 -0.87 29.60 5.24
CA PHE I 192 -1.79 29.01 6.21
C PHE I 192 -3.07 28.53 5.53
N SER I 193 -3.75 27.56 6.16
CA SER I 193 -5.09 27.15 5.77
C SER I 193 -6.09 27.77 6.75
N THR I 194 -7.39 27.66 6.46
CA THR I 194 -8.45 28.38 7.18
C THR I 194 -8.75 27.68 8.50
N PRO I 195 -8.66 28.37 9.65
CA PRO I 195 -9.01 27.78 10.93
C PRO I 195 -10.51 27.90 11.24
N SER I 196 -11.05 27.00 12.05
CA SER I 196 -12.40 27.12 12.57
C SER I 196 -12.46 28.26 13.59
N ASP I 197 -13.69 28.76 13.82
CA ASP I 197 -13.96 29.70 14.89
C ASP I 197 -13.50 29.19 16.26
N ASP I 198 -13.70 27.90 16.53
CA ASP I 198 -13.33 27.33 17.82
C ASP I 198 -11.83 27.46 18.05
N VAL I 199 -11.05 27.18 17.00
CA VAL I 199 -9.61 27.25 17.08
C VAL I 199 -9.17 28.70 17.28
N VAL I 200 -9.80 29.64 16.55
CA VAL I 200 -9.42 31.04 16.68
C VAL I 200 -9.59 31.48 18.12
N LEU I 201 -10.74 31.14 18.71
CA LEU I 201 -11.05 31.55 20.04
C LEU I 201 -10.14 30.85 21.06
N ALA I 202 -9.87 29.56 20.85
CA ALA I 202 -9.01 28.84 21.78
C ALA I 202 -7.59 29.42 21.81
N TYR I 203 -7.08 29.77 20.62
CA TYR I 203 -5.74 30.35 20.50
C TYR I 203 -5.72 31.69 21.23
N LEU I 204 -6.72 32.53 20.99
CA LEU I 204 -6.76 33.84 21.63
C LEU I 204 -6.78 33.67 23.15
N ARG I 205 -7.61 32.75 23.68
CA ARG I 205 -7.68 32.55 25.12
C ARG I 205 -6.36 32.02 25.69
N GLU I 206 -5.70 31.14 24.97
CA GLU I 206 -4.43 30.61 25.43
C GLU I 206 -3.37 31.70 25.49
N LYS I 207 -3.31 32.60 24.50
CA LYS I 207 -2.27 33.61 24.41
C LYS I 207 -2.56 34.86 25.22
N ALA I 208 -3.82 35.06 25.61
CA ALA I 208 -4.23 36.26 26.33
C ALA I 208 -3.37 36.55 27.56
N PRO I 209 -3.05 35.58 28.43
CA PRO I 209 -2.22 35.87 29.59
C PRO I 209 -0.85 36.44 29.23
N LEU I 210 -0.26 35.98 28.12
CA LEU I 210 0.98 36.52 27.62
C LEU I 210 0.78 37.98 27.21
N ALA I 211 -0.32 38.26 26.49
CA ALA I 211 -0.59 39.60 26.03
C ALA I 211 -0.76 40.55 27.23
N HIS I 212 -1.54 40.15 28.23
CA HIS I 212 -1.74 41.00 29.39
C HIS I 212 -0.40 41.21 30.14
N ASN I 213 0.43 40.18 30.21
CA ASN I 213 1.73 40.29 30.87
C ASN I 213 2.60 41.32 30.14
N ILE I 214 2.56 41.30 28.81
CA ILE I 214 3.28 42.27 28.01
C ILE I 214 2.78 43.69 28.28
N VAL I 215 1.47 43.85 28.39
CA VAL I 215 0.92 45.13 28.79
C VAL I 215 1.51 45.59 30.13
N ASN I 216 1.56 44.69 31.11
CA ASN I 216 2.04 45.01 32.43
C ASN I 216 3.54 45.40 32.38
N PHE I 217 4.34 44.67 31.61
CA PHE I 217 5.74 44.99 31.46
C PHE I 217 5.90 46.36 30.80
N LEU I 218 5.14 46.63 29.75
CA LEU I 218 5.24 47.89 29.02
C LEU I 218 4.85 49.07 29.90
N ALA I 219 4.01 48.81 30.92
CA ALA I 219 3.59 49.84 31.87
C ALA I 219 4.63 50.02 32.96
N GLY I 220 5.66 49.18 32.99
CA GLY I 220 6.64 49.26 34.06
C GLY I 220 6.17 48.60 35.37
N GLU I 221 5.23 47.66 35.31
CA GLU I 221 4.62 47.12 36.53
C GLU I 221 5.20 45.76 36.90
N THR I 222 5.79 45.02 35.96
CA THR I 222 6.41 43.76 36.37
C THR I 222 7.52 43.43 35.37
N LEU I 223 8.46 42.58 35.82
CA LEU I 223 9.37 41.91 34.92
C LEU I 223 8.99 40.45 34.73
N ASN I 224 8.25 39.89 35.69
CA ASN I 224 8.06 38.45 35.73
C ASN I 224 7.17 37.95 34.62
N PRO I 225 7.36 36.70 34.18
CA PRO I 225 6.56 36.08 33.12
C PRO I 225 5.15 35.73 33.58
N PRO I 226 4.22 35.37 32.67
CA PRO I 226 2.78 35.31 32.96
C PRO I 226 2.34 34.55 34.18
N TYR J 5 4.85 64.74 43.64
CA TYR J 5 5.35 65.62 42.54
C TYR J 5 6.10 64.83 41.42
N SER J 6 6.97 65.53 40.65
CA SER J 6 7.81 65.03 39.55
C SER J 6 8.86 64.05 40.07
N VAL J 7 9.40 63.17 39.18
CA VAL J 7 10.16 62.03 39.70
C VAL J 7 11.66 62.34 39.67
N LYS J 8 12.33 62.05 40.78
CA LYS J 8 13.71 62.42 40.93
C LYS J 8 14.58 61.47 40.09
N PRO J 9 15.50 61.96 39.25
CA PRO J 9 16.39 61.09 38.51
C PRO J 9 17.24 60.18 39.38
N GLN J 10 17.43 58.94 38.90
CA GLN J 10 18.29 57.97 39.55
C GLN J 10 19.44 57.66 38.63
N LEU J 11 20.52 57.07 39.18
CA LEU J 11 21.67 56.70 38.38
C LEU J 11 21.64 55.21 38.06
N VAL J 12 22.09 54.87 36.85
CA VAL J 12 22.30 53.48 36.49
C VAL J 12 23.75 53.28 36.08
N MET J 13 24.38 52.30 36.71
CA MET J 13 25.69 51.82 36.33
C MET J 13 25.53 51.04 35.04
N PHE J 14 26.03 51.63 33.97
CA PHE J 14 25.68 51.24 32.62
C PHE J 14 26.92 50.87 31.81
N THR J 15 26.90 49.68 31.20
CA THR J 15 27.97 49.20 30.34
C THR J 15 27.58 49.13 28.88
N GLY J 16 26.28 49.22 28.60
CA GLY J 16 25.76 48.84 27.29
C GLY J 16 25.39 47.37 27.21
N GLY J 17 25.80 46.60 28.21
CA GLY J 17 25.40 45.21 28.32
C GLY J 17 23.87 45.05 28.50
N ARG J 18 23.41 43.83 28.38
CA ARG J 18 22.02 43.50 28.38
C ARG J 18 21.36 43.87 29.70
N ASP J 19 22.02 43.52 30.83
CA ASP J 19 21.35 43.61 32.11
C ASP J 19 21.23 45.07 32.57
N SER J 20 22.30 45.85 32.41
CA SER J 20 22.26 47.25 32.81
C SER J 20 21.34 48.04 31.86
N THR J 21 21.30 47.63 30.57
CA THR J 21 20.35 48.22 29.64
C THR J 21 18.93 47.99 30.15
N LEU J 22 18.61 46.75 30.52
CA LEU J 22 17.27 46.40 30.95
C LEU J 22 16.93 47.12 32.26
N ALA J 23 17.89 47.22 33.19
CA ALA J 23 17.63 47.89 34.45
C ALA J 23 17.23 49.35 34.20
N ALA J 24 18.01 50.03 33.37
CA ALA J 24 17.72 51.42 33.05
C ALA J 24 16.35 51.53 32.36
N CYS J 25 16.07 50.66 31.38
CA CYS J 25 14.80 50.70 30.66
C CYS J 25 13.62 50.48 31.59
N TYR J 26 13.75 49.54 32.50
CA TYR J 26 12.67 49.20 33.39
C TYR J 26 12.35 50.37 34.32
N LEU J 27 13.38 51.06 34.84
CA LEU J 27 13.15 52.26 35.64
C LEU J 27 12.43 53.32 34.80
N MET J 28 12.88 53.52 33.54
CA MET J 28 12.28 54.54 32.71
C MET J 28 10.82 54.21 32.39
N LEU J 29 10.49 52.93 32.21
CA LEU J 29 9.13 52.51 31.97
C LEU J 29 8.23 52.93 33.13
N GLN J 30 8.81 52.99 34.34
CA GLN J 30 8.07 53.37 35.52
C GLN J 30 7.96 54.89 35.62
N GLY J 31 8.59 55.65 34.74
CA GLY J 31 8.54 57.11 34.84
C GLY J 31 9.76 57.67 35.59
N ILE J 32 10.74 56.84 35.91
CA ILE J 32 11.94 57.32 36.61
C ILE J 32 12.98 57.76 35.60
N PRO J 33 13.38 59.05 35.56
CA PRO J 33 14.45 59.46 34.69
C PRO J 33 15.77 58.82 35.14
N VAL J 34 16.64 58.49 34.16
CA VAL J 34 17.89 57.83 34.51
C VAL J 34 19.08 58.59 33.95
N HIS J 35 20.08 58.75 34.81
CA HIS J 35 21.41 59.22 34.45
C HIS J 35 22.28 57.97 34.26
N LEU J 36 22.69 57.73 33.02
CA LEU J 36 23.55 56.57 32.73
C LEU J 36 24.99 56.94 33.09
N TRP J 37 25.67 56.06 33.82
CA TRP J 37 27.04 56.29 34.26
C TRP J 37 27.88 55.06 33.92
N SER J 38 28.94 55.29 33.12
CA SER J 38 29.85 54.26 32.66
C SER J 38 31.26 54.54 33.21
N GLY J 39 31.83 53.58 33.93
CA GLY J 39 33.19 53.74 34.46
C GLY J 39 34.20 53.19 33.47
N ASN J 40 35.13 54.04 33.05
CA ASN J 40 36.26 53.61 32.25
C ASN J 40 37.49 53.47 33.14
N SER J 41 37.84 52.21 33.40
CA SER J 41 38.91 51.71 34.28
C SER J 41 40.27 51.96 33.62
N GLY J 42 40.28 52.18 32.29
CA GLY J 42 41.51 52.37 31.53
C GLY J 42 42.11 51.08 30.95
N CYS J 43 41.43 49.96 31.18
CA CYS J 43 41.85 48.65 30.72
C CYS J 43 40.71 47.97 29.95
N SER J 44 39.83 48.76 29.33
CA SER J 44 38.67 48.22 28.64
C SER J 44 38.83 48.43 27.14
N LEU J 45 38.52 47.40 26.35
CA LEU J 45 38.76 47.37 24.92
C LEU J 45 37.44 47.50 24.14
N HIS J 46 37.52 48.09 22.94
CA HIS J 46 36.46 48.09 21.97
C HIS J 46 35.13 48.60 22.58
N ARG J 47 35.17 49.81 23.14
CA ARG J 47 34.06 50.44 23.79
C ARG J 47 33.14 51.19 22.82
N GLY J 48 33.55 51.36 21.58
CA GLY J 48 32.85 52.17 20.59
C GLY J 48 31.39 51.75 20.37
N ILE J 49 31.05 50.46 20.55
CA ILE J 49 29.73 49.94 20.25
C ILE J 49 28.69 50.49 21.23
N LEU J 50 29.15 50.94 22.39
CA LEU J 50 28.29 51.53 23.41
C LEU J 50 27.37 52.62 22.85
N SER J 51 27.86 53.41 21.91
CA SER J 51 27.10 54.53 21.45
C SER J 51 25.90 54.05 20.65
N HIS J 52 25.98 52.88 19.99
CA HIS J 52 24.81 52.29 19.33
C HIS J 52 23.70 52.04 20.38
N ARG J 53 24.09 51.56 21.57
CA ARG J 53 23.11 51.21 22.57
C ARG J 53 22.45 52.48 23.15
N VAL J 54 23.25 53.52 23.42
CA VAL J 54 22.74 54.76 23.94
C VAL J 54 21.71 55.33 22.95
N GLU J 55 22.01 55.29 21.65
CA GLU J 55 21.07 55.74 20.64
C GLU J 55 19.76 54.92 20.71
N GLU J 56 19.86 53.59 20.86
CA GLU J 56 18.66 52.78 20.94
C GLU J 56 17.80 53.24 22.12
N MET J 57 18.46 53.55 23.24
CA MET J 57 17.75 53.89 24.46
C MET J 57 17.09 55.25 24.35
N LYS J 58 17.81 56.22 23.76
CA LYS J 58 17.24 57.53 23.50
C LYS J 58 16.08 57.45 22.53
N ASN J 59 16.16 56.60 21.51
CA ASN J 59 15.06 56.47 20.58
C ASN J 59 13.86 55.89 21.29
N ARG J 60 14.05 54.97 22.23
CA ARG J 60 12.90 54.29 22.83
C ARG J 60 12.31 55.11 23.98
N PHE J 61 13.11 55.90 24.70
CA PHE J 61 12.67 56.54 25.92
C PHE J 61 12.83 58.06 25.95
N GLY J 62 13.46 58.67 24.93
CA GLY J 62 13.51 60.12 24.78
C GLY J 62 14.16 60.78 26.01
N ASP J 63 13.47 61.79 26.55
CA ASP J 63 13.96 62.64 27.61
C ASP J 63 14.11 61.93 28.95
N LEU J 64 13.57 60.74 29.12
CA LEU J 64 13.80 59.98 30.35
C LEU J 64 15.26 59.56 30.48
N VAL J 65 16.01 59.54 29.37
CA VAL J 65 17.46 59.39 29.48
C VAL J 65 18.03 60.78 29.74
N VAL J 66 18.42 61.09 30.96
CA VAL J 66 18.74 62.46 31.26
C VAL J 66 20.22 62.73 31.03
N GLY J 67 21.06 61.73 30.86
CA GLY J 67 22.46 62.00 30.53
C GLY J 67 23.25 60.72 30.53
N HIS J 68 24.45 60.78 29.96
CA HIS J 68 25.38 59.65 29.97
C HIS J 68 26.75 60.21 30.33
N THR J 69 27.26 59.89 31.52
CA THR J 69 28.59 60.25 31.97
C THR J 69 29.50 59.06 31.73
N VAL J 70 30.62 59.29 31.08
CA VAL J 70 31.70 58.34 31.00
C VAL J 70 32.81 58.85 31.89
N ALA J 71 33.05 58.18 33.01
CA ALA J 71 33.96 58.67 34.02
C ALA J 71 35.29 57.94 33.91
N ASP J 72 36.40 58.68 33.93
CA ASP J 72 37.71 58.09 34.01
C ASP J 72 38.01 57.70 35.45
N ILE J 73 37.99 56.40 35.77
CA ILE J 73 38.24 55.93 37.12
C ILE J 73 39.56 55.18 37.19
N SER J 74 40.41 55.32 36.15
CA SER J 74 41.67 54.59 36.07
C SER J 74 42.55 54.77 37.31
N GLY J 75 42.61 56.00 37.88
CA GLY J 75 43.52 56.20 39.01
C GLY J 75 43.05 55.46 40.27
N ALA J 76 41.75 55.58 40.57
CA ALA J 76 41.20 54.84 41.70
C ALA J 76 41.33 53.34 41.49
N PHE J 77 41.07 52.86 40.27
CA PHE J 77 41.19 51.45 39.97
C PHE J 77 42.63 51.00 40.20
N ARG J 78 43.59 51.77 39.67
CA ARG J 78 44.98 51.44 39.87
C ARG J 78 45.32 51.35 41.36
N SER J 79 44.92 52.36 42.14
CA SER J 79 45.31 52.42 43.54
C SER J 79 44.73 51.23 44.31
N ILE J 80 43.49 50.85 44.00
CA ILE J 80 42.83 49.78 44.76
C ILE J 80 43.33 48.40 44.31
N ALA J 81 43.44 48.16 43.00
CA ALA J 81 43.49 46.81 42.45
C ALA J 81 44.80 46.47 41.72
N ILE J 82 45.55 47.46 41.21
CA ILE J 82 46.71 47.16 40.39
C ILE J 82 48.03 47.39 41.16
N GLU J 83 48.11 48.47 41.91
CA GLU J 83 49.34 48.88 42.53
C GLU J 83 49.94 47.76 43.37
N ALA J 84 49.13 47.00 44.09
CA ALA J 84 49.61 45.91 44.94
C ALA J 84 49.22 44.54 44.38
N LEU J 85 49.17 44.41 43.05
CA LEU J 85 48.72 43.19 42.41
C LEU J 85 49.54 41.97 42.82
N GLU J 86 50.85 42.10 42.86
CA GLU J 86 51.75 41.04 43.29
C GLU J 86 51.29 40.50 44.66
N GLN J 87 51.23 41.38 45.65
CA GLN J 87 50.89 41.02 47.02
C GLN J 87 49.47 40.47 47.07
N ASP J 88 48.53 41.09 46.34
CA ASP J 88 47.15 40.67 46.39
C ASP J 88 47.01 39.23 45.88
N ILE J 89 47.66 38.93 44.76
CA ILE J 89 47.53 37.60 44.18
C ILE J 89 48.27 36.58 45.05
N LEU J 90 49.44 36.93 45.55
CA LEU J 90 50.16 36.00 46.42
C LEU J 90 49.35 35.69 47.68
N LYS J 91 48.63 36.66 48.23
CA LYS J 91 47.90 36.42 49.46
C LYS J 91 46.61 35.64 49.19
N TYR J 92 45.79 36.08 48.24
CA TYR J 92 44.48 35.47 48.05
C TYR J 92 44.48 34.32 47.03
N ARG J 93 45.55 34.17 46.23
CA ARG J 93 45.67 33.15 45.20
C ARG J 93 44.57 33.27 44.14
N LYS J 94 44.01 34.47 44.02
CA LYS J 94 43.02 34.75 43.01
C LYS J 94 43.26 36.16 42.48
N ASN J 95 43.03 36.31 41.18
CA ASN J 95 43.05 37.59 40.54
C ASN J 95 41.67 38.21 40.79
N LEU J 96 41.64 39.26 41.63
CA LEU J 96 40.39 39.91 42.02
C LEU J 96 40.28 41.34 41.52
N VAL J 97 40.99 41.65 40.42
CA VAL J 97 41.05 43.02 39.92
C VAL J 97 39.64 43.51 39.59
N LEU J 98 38.76 42.65 39.07
CA LEU J 98 37.45 43.10 38.66
C LEU J 98 36.56 43.37 39.86
N LEU J 99 36.88 42.75 41.00
CA LEU J 99 36.20 43.10 42.25
C LEU J 99 36.68 44.47 42.73
N GLY J 100 38.00 44.67 42.68
CA GLY J 100 38.60 45.99 42.93
C GLY J 100 38.00 47.07 42.04
N GLU J 101 37.74 46.75 40.78
CA GLU J 101 37.17 47.71 39.88
C GLU J 101 35.79 48.15 40.37
N LYS J 102 34.97 47.18 40.81
CA LYS J 102 33.61 47.48 41.26
C LYS J 102 33.69 48.37 42.51
N LEU J 103 34.68 48.13 43.38
CA LEU J 103 34.85 49.00 44.53
C LEU J 103 35.26 50.41 44.12
N ALA J 104 36.15 50.53 43.12
CA ALA J 104 36.56 51.82 42.58
C ALA J 104 35.36 52.57 42.01
N ILE J 105 34.48 51.84 41.33
CA ILE J 105 33.25 52.42 40.79
C ILE J 105 32.43 53.03 41.94
N HIS J 106 32.26 52.27 43.02
CA HIS J 106 31.42 52.71 44.12
C HIS J 106 32.02 53.94 44.84
N ALA J 107 33.35 53.98 44.96
CA ALA J 107 33.99 55.16 45.54
C ALA J 107 33.70 56.38 44.68
N HIS J 108 33.87 56.26 43.35
CA HIS J 108 33.56 57.35 42.46
C HIS J 108 32.09 57.72 42.54
N LEU J 109 31.21 56.74 42.72
CA LEU J 109 29.77 57.02 42.75
C LEU J 109 29.36 57.80 43.99
N VAL J 110 30.08 57.62 45.12
CA VAL J 110 29.77 58.43 46.29
C VAL J 110 29.97 59.89 45.90
N ASP J 111 31.12 60.19 45.30
CA ASP J 111 31.47 61.56 44.95
C ASP J 111 30.51 62.11 43.90
N PHE J 112 30.21 61.31 42.89
CA PHE J 112 29.32 61.73 41.82
C PHE J 112 27.94 62.02 42.38
N CYS J 113 27.40 61.13 43.22
CA CYS J 113 26.06 61.30 43.77
C CYS J 113 25.98 62.53 44.64
N ARG J 114 27.00 62.75 45.46
CA ARG J 114 26.97 63.90 46.32
C ARG J 114 27.07 65.18 45.52
N ARG J 115 27.78 65.20 44.40
CA ARG J 115 27.97 66.45 43.68
C ARG J 115 26.84 66.67 42.67
N ASN J 116 26.02 65.66 42.38
CA ASN J 116 24.99 65.80 41.38
C ASN J 116 23.59 65.56 41.94
N ASP J 117 23.42 65.55 43.27
CA ASP J 117 22.12 65.42 43.90
C ASP J 117 21.37 64.16 43.46
N ILE J 118 22.08 63.03 43.54
CA ILE J 118 21.49 61.74 43.28
C ILE J 118 21.60 60.94 44.55
N ASN J 119 20.56 60.22 44.92
CA ASN J 119 20.74 59.35 46.07
C ASN J 119 20.23 57.93 45.90
N THR J 120 19.92 57.53 44.66
CA THR J 120 19.68 56.12 44.37
C THR J 120 20.52 55.73 43.16
N ILE J 121 21.32 54.67 43.33
CA ILE J 121 22.09 54.10 42.25
C ILE J 121 21.58 52.69 41.99
N ASN J 122 21.72 52.25 40.76
CA ASN J 122 21.18 50.97 40.29
C ASN J 122 22.20 50.29 39.40
N ASP J 123 22.35 48.98 39.55
CA ASP J 123 23.15 48.24 38.59
C ASP J 123 22.37 47.09 37.97
N GLY J 124 23.03 46.40 37.05
CA GLY J 124 22.48 45.24 36.40
C GLY J 124 23.18 43.94 36.79
N ILE J 125 23.63 43.83 38.04
CA ILE J 125 24.04 42.49 38.49
C ILE J 125 22.83 41.57 38.49
N THR J 126 23.10 40.27 38.26
CA THR J 126 22.08 39.26 38.09
C THR J 126 22.43 38.02 38.88
N HIS J 127 21.38 37.32 39.30
CA HIS J 127 21.46 36.06 40.02
C HIS J 127 22.27 35.05 39.21
N TYR J 128 22.03 34.94 37.89
CA TYR J 128 22.64 33.89 37.12
C TYR J 128 24.14 34.19 36.92
N GLN J 129 24.62 35.39 37.21
CA GLN J 129 26.04 35.70 37.07
C GLN J 129 26.79 35.69 38.42
N MET J 130 26.26 34.98 39.40
CA MET J 130 26.79 35.03 40.77
C MET J 130 28.18 34.40 40.90
N GLU J 131 28.67 33.64 39.93
CA GLU J 131 30.05 33.16 39.92
C GLU J 131 31.04 34.35 39.93
N PHE J 132 30.64 35.50 39.40
CA PHE J 132 31.51 36.67 39.35
C PHE J 132 31.50 37.36 40.72
N PRO J 133 32.69 37.70 41.26
CA PRO J 133 32.82 38.09 42.65
C PRO J 133 31.98 39.29 43.03
N GLU J 134 31.90 40.28 42.14
CA GLU J 134 31.17 41.51 42.45
C GLU J 134 29.67 41.29 42.40
N GLN J 135 29.22 40.12 41.93
CA GLN J 135 27.79 39.86 41.82
C GLN J 135 27.32 38.91 42.90
N ARG J 136 28.24 38.43 43.74
CA ARG J 136 27.83 37.54 44.83
C ARG J 136 27.01 38.32 45.85
N LEU J 137 26.14 37.63 46.58
CA LEU J 137 25.36 38.28 47.63
C LEU J 137 26.28 38.98 48.64
N VAL J 138 27.39 38.33 49.01
CA VAL J 138 28.27 38.91 50.01
C VAL J 138 28.86 40.22 49.51
N ALA J 139 29.17 40.34 48.20
CA ALA J 139 29.73 41.59 47.70
C ALA J 139 28.65 42.68 47.61
N LYS J 140 27.47 42.28 47.10
CA LYS J 140 26.36 43.21 46.99
C LYS J 140 26.00 43.79 48.37
N THR J 141 25.94 42.95 49.39
CA THR J 141 25.59 43.36 50.75
C THR J 141 26.63 44.32 51.29
N PHE J 142 27.91 43.97 51.09
CA PHE J 142 29.01 44.81 51.50
C PHE J 142 28.88 46.21 50.86
N LEU J 143 28.62 46.25 49.56
CA LEU J 143 28.57 47.52 48.85
C LEU J 143 27.31 48.30 49.17
N MET J 144 26.19 47.62 49.40
CA MET J 144 24.99 48.30 49.90
C MET J 144 25.28 49.03 51.19
N GLU J 145 25.98 48.35 52.11
CA GLU J 145 26.31 48.91 53.42
C GLU J 145 27.24 50.10 53.22
N MET J 146 28.22 49.98 52.33
CA MET J 146 29.14 51.07 52.09
C MET J 146 28.38 52.31 51.59
N MET J 147 27.48 52.12 50.65
CA MET J 147 26.75 53.23 50.06
C MET J 147 25.80 53.84 51.11
N ALA J 148 25.19 53.00 51.94
CA ALA J 148 24.28 53.45 52.97
C ALA J 148 25.00 54.34 53.97
N GLN J 149 26.30 54.12 54.20
CA GLN J 149 27.00 54.99 55.12
C GLN J 149 27.06 56.41 54.54
N TYR J 150 26.88 56.59 53.22
CA TYR J 150 26.88 57.91 52.63
C TYR J 150 25.47 58.32 52.26
N ASP J 151 24.45 57.68 52.84
CA ASP J 151 23.05 57.97 52.54
C ASP J 151 22.70 57.75 51.07
N ILE J 152 23.33 56.75 50.45
CA ILE J 152 22.98 56.40 49.08
C ILE J 152 22.35 55.02 49.09
N ASN J 153 21.21 54.94 48.42
CA ASN J 153 20.49 53.70 48.24
C ASN J 153 20.98 52.98 46.98
N TYR J 154 21.57 51.80 47.16
CA TYR J 154 22.11 51.00 46.09
C TYR J 154 21.15 49.85 45.83
N GLN J 155 20.55 49.82 44.64
CA GLN J 155 19.58 48.82 44.26
C GLN J 155 20.05 48.08 43.01
N SER J 156 19.48 46.88 42.83
CA SER J 156 19.83 46.00 41.73
C SER J 156 18.52 45.49 41.13
N PRO J 157 17.84 46.26 40.27
CA PRO J 157 16.45 45.97 39.93
C PRO J 157 16.20 44.73 39.07
N VAL J 158 17.22 44.18 38.40
CA VAL J 158 17.02 42.95 37.63
C VAL J 158 17.70 41.74 38.31
N TYR J 159 18.18 41.88 39.54
CA TYR J 159 19.01 40.85 40.17
C TYR J 159 18.25 39.54 40.35
N GLU J 160 17.02 39.65 40.93
CA GLU J 160 16.24 38.47 41.23
C GLU J 160 15.51 37.95 40.02
N PHE J 161 15.08 38.82 39.14
CA PHE J 161 14.38 38.38 37.93
C PHE J 161 15.28 37.54 37.02
N ALA J 162 16.56 37.92 36.88
CA ALA J 162 17.40 37.31 35.85
C ALA J 162 17.95 35.95 36.31
N GLN J 163 17.14 34.90 36.12
CA GLN J 163 17.56 33.53 36.36
C GLN J 163 18.37 32.98 35.18
N SER J 164 18.32 33.62 34.01
CA SER J 164 19.20 33.28 32.89
C SER J 164 19.30 34.51 31.99
N ALA J 165 20.28 34.49 31.08
CA ALA J 165 20.47 35.55 30.11
C ALA J 165 19.21 35.72 29.24
N ASP J 166 18.52 34.61 28.95
CA ASP J 166 17.33 34.61 28.13
C ASP J 166 16.23 35.48 28.73
N ASP J 167 16.11 35.49 30.06
CA ASP J 167 15.12 36.31 30.74
C ASP J 167 15.36 37.79 30.38
N VAL J 168 16.61 38.22 30.47
CA VAL J 168 16.92 39.62 30.18
C VAL J 168 16.70 39.92 28.69
N LYS J 169 17.23 39.05 27.82
CA LYS J 169 17.22 39.26 26.38
C LYS J 169 15.79 39.50 25.87
N TYR J 170 14.84 38.67 26.25
CA TYR J 170 13.54 38.74 25.62
C TYR J 170 12.71 39.89 26.18
N ARG J 171 13.04 40.41 27.37
CA ARG J 171 12.44 41.66 27.82
C ARG J 171 12.99 42.82 26.98
N LEU J 172 14.30 42.82 26.71
CA LEU J 172 14.86 43.84 25.83
C LEU J 172 14.16 43.82 24.46
N LEU J 173 14.00 42.63 23.90
CA LEU J 173 13.41 42.49 22.59
C LEU J 173 11.99 43.09 22.59
N GLN J 174 11.25 42.92 23.69
CA GLN J 174 9.90 43.45 23.79
C GLN J 174 9.91 44.98 23.82
N LEU J 175 11.05 45.58 24.18
CA LEU J 175 11.17 47.03 24.15
C LEU J 175 11.64 47.53 22.79
N GLY J 176 11.85 46.66 21.81
CA GLY J 176 12.37 47.08 20.53
C GLY J 176 13.86 47.39 20.59
N ILE J 177 14.58 46.76 21.53
CA ILE J 177 16.01 46.95 21.71
C ILE J 177 16.74 45.64 21.40
N SER J 178 17.94 45.73 20.82
CA SER J 178 18.72 44.55 20.50
C SER J 178 19.06 43.76 21.77
N THR J 179 19.15 42.45 21.59
CA THR J 179 19.43 41.46 22.61
C THR J 179 20.93 41.28 22.84
N LYS J 180 21.76 41.90 22.02
CA LYS J 180 23.20 41.74 22.10
C LYS J 180 23.75 42.59 23.22
N SER J 181 24.93 42.17 23.66
CA SER J 181 25.66 42.85 24.72
C SER J 181 26.56 43.91 24.06
N LEU J 182 26.14 45.17 24.07
CA LEU J 182 26.84 46.20 23.30
C LEU J 182 27.76 46.99 24.22
N GLU J 183 28.86 46.34 24.60
CA GLU J 183 29.71 46.83 25.65
C GLU J 183 31.15 46.58 25.24
N GLY J 184 32.09 47.29 25.87
CA GLY J 184 33.48 46.95 25.77
C GLY J 184 33.78 45.75 26.65
N ILE J 185 34.98 45.18 26.52
CA ILE J 185 35.37 44.12 27.44
C ILE J 185 36.60 44.56 28.21
N SER J 186 36.73 44.06 29.42
CA SER J 186 37.93 44.22 30.20
C SER J 186 39.03 43.35 29.59
N ILE J 187 40.25 43.87 29.55
CA ILE J 187 41.39 43.03 29.20
C ILE J 187 41.50 41.86 30.19
N PHE J 188 40.97 42.01 31.40
CA PHE J 188 41.01 40.99 32.44
C PHE J 188 39.92 39.91 32.23
N ALA J 189 39.13 40.00 31.15
CA ALA J 189 38.26 38.91 30.70
C ALA J 189 39.02 37.59 30.66
N ASP J 190 38.41 36.57 31.29
CA ASP J 190 38.89 35.20 31.25
C ASP J 190 40.34 35.18 31.71
N SER J 191 40.66 35.92 32.78
CA SER J 191 42.03 35.96 33.33
C SER J 191 42.08 35.53 34.79
N PHE J 192 41.01 34.85 35.26
CA PHE J 192 40.88 34.56 36.70
C PHE J 192 40.15 33.23 36.91
N SER J 193 40.37 32.60 38.08
CA SER J 193 39.57 31.47 38.52
C SER J 193 38.60 31.94 39.59
N THR J 194 37.66 31.07 40.02
CA THR J 194 36.54 31.45 40.88
C THR J 194 37.00 31.56 42.33
N PRO J 195 36.82 32.72 42.99
CA PRO J 195 37.17 32.84 44.41
C PRO J 195 36.01 32.40 45.32
N SER J 196 36.33 31.99 46.53
CA SER J 196 35.33 31.73 47.56
C SER J 196 34.71 33.05 48.03
N ASP J 197 33.53 32.96 48.63
CA ASP J 197 32.90 34.08 49.32
C ASP J 197 33.81 34.70 50.38
N ASP J 198 34.52 33.88 51.12
CA ASP J 198 35.37 34.34 52.22
C ASP J 198 36.47 35.24 51.64
N VAL J 199 37.05 34.84 50.50
CA VAL J 199 38.09 35.62 49.86
C VAL J 199 37.52 36.93 49.34
N VAL J 200 36.33 36.89 48.73
CA VAL J 200 35.70 38.08 48.20
C VAL J 200 35.56 39.11 49.31
N LEU J 201 35.04 38.67 50.45
CA LEU J 201 34.76 39.55 51.54
C LEU J 201 36.05 40.04 52.17
N ALA J 202 37.05 39.15 52.31
CA ALA J 202 38.31 39.59 52.90
C ALA J 202 38.98 40.69 52.06
N TYR J 203 38.94 40.53 50.71
CA TYR J 203 39.54 41.49 49.82
C TYR J 203 38.81 42.82 49.95
N LEU J 204 37.47 42.78 49.93
CA LEU J 204 36.68 43.99 50.06
C LEU J 204 37.02 44.72 51.37
N ARG J 205 37.11 43.99 52.48
CA ARG J 205 37.44 44.60 53.76
C ARG J 205 38.83 45.20 53.78
N GLU J 206 39.79 44.52 53.18
CA GLU J 206 41.14 45.02 53.11
C GLU J 206 41.21 46.33 52.30
N LYS J 207 40.50 46.41 51.18
CA LYS J 207 40.61 47.55 50.28
C LYS J 207 39.70 48.71 50.67
N ALA J 208 38.70 48.46 51.52
CA ALA J 208 37.72 49.49 51.87
C ALA J 208 38.37 50.78 52.38
N PRO J 209 39.36 50.75 53.29
CA PRO J 209 39.99 51.99 53.74
C PRO J 209 40.57 52.84 52.61
N LEU J 210 41.13 52.21 51.59
CA LEU J 210 41.63 52.91 50.41
C LEU J 210 40.45 53.55 49.66
N ALA J 211 39.35 52.79 49.51
CA ALA J 211 38.19 53.32 48.81
C ALA J 211 37.61 54.53 49.53
N HIS J 212 37.44 54.46 50.85
CA HIS J 212 36.93 55.59 51.61
C HIS J 212 37.89 56.79 51.52
N ASN J 213 39.19 56.53 51.54
CA ASN J 213 40.18 57.59 51.44
C ASN J 213 40.04 58.31 50.09
N ILE J 214 39.82 57.53 49.03
CA ILE J 214 39.60 58.10 47.70
C ILE J 214 38.34 58.96 47.69
N VAL J 215 37.28 58.51 48.36
CA VAL J 215 36.09 59.32 48.52
C VAL J 215 36.42 60.67 49.17
N ASN J 216 37.23 60.63 50.24
CA ASN J 216 37.56 61.82 50.99
C ASN J 216 38.42 62.77 50.11
N PHE J 217 39.36 62.22 49.35
CA PHE J 217 40.18 63.04 48.46
C PHE J 217 39.31 63.68 47.40
N LEU J 218 38.40 62.89 46.78
CA LEU J 218 37.56 63.40 45.72
C LEU J 218 36.63 64.51 46.22
N ALA J 219 36.33 64.49 47.54
CA ALA J 219 35.51 65.52 48.17
C ALA J 219 36.33 66.74 48.53
N GLY J 220 37.64 66.68 48.37
CA GLY J 220 38.49 67.80 48.72
C GLY J 220 38.81 67.87 50.21
N GLU J 221 38.70 66.74 50.94
CA GLU J 221 38.79 66.76 52.39
C GLU J 221 40.16 66.33 52.89
N THR J 222 40.93 65.57 52.09
CA THR J 222 42.28 65.26 52.55
C THR J 222 43.14 64.96 51.32
N LEU J 223 44.46 65.08 51.49
CA LEU J 223 45.44 64.57 50.57
C LEU J 223 46.09 63.30 51.10
N ASN J 224 46.09 63.14 52.42
CA ASN J 224 46.88 62.09 53.04
C ASN J 224 46.31 60.70 52.76
N PRO J 225 47.20 59.67 52.76
CA PRO J 225 46.79 58.28 52.56
C PRO J 225 46.05 57.71 53.75
N PRO J 226 45.45 56.49 53.66
CA PRO J 226 44.66 55.91 54.76
C PRO J 226 45.31 55.83 56.14
N VAL K 7 24.45 126.61 14.31
CA VAL K 7 23.39 125.55 14.30
C VAL K 7 22.73 125.56 12.94
N LYS K 8 22.10 126.62 12.42
CA LYS K 8 21.40 126.48 11.17
C LYS K 8 22.36 126.30 9.98
N PRO K 9 22.20 125.26 9.13
CA PRO K 9 23.08 125.09 7.98
C PRO K 9 23.03 126.26 7.01
N GLN K 10 24.21 126.57 6.43
CA GLN K 10 24.29 127.58 5.38
C GLN K 10 24.73 126.88 4.10
N LEU K 11 24.54 127.56 2.96
CA LEU K 11 24.96 127.00 1.68
C LEU K 11 26.29 127.65 1.26
N VAL K 12 27.13 126.86 0.61
CA VAL K 12 28.32 127.37 -0.03
C VAL K 12 28.29 127.00 -1.52
N MET K 13 28.47 128.01 -2.35
CA MET K 13 28.68 127.87 -3.77
C MET K 13 30.09 127.32 -3.96
N PHE K 14 30.16 126.05 -4.35
CA PHE K 14 31.34 125.25 -4.23
C PHE K 14 31.77 124.66 -5.57
N THR K 15 33.05 124.88 -5.93
CA THR K 15 33.60 124.40 -7.19
C THR K 15 34.62 123.30 -6.96
N GLY K 16 35.10 123.15 -5.71
CA GLY K 16 36.30 122.38 -5.45
C GLY K 16 37.56 123.22 -5.53
N GLY K 17 37.43 124.43 -6.06
CA GLY K 17 38.54 125.36 -6.09
C GLY K 17 38.93 125.82 -4.67
N ARG K 18 40.06 126.49 -4.60
CA ARG K 18 40.69 126.79 -3.33
C ARG K 18 39.81 127.71 -2.49
N ASP K 19 39.25 128.75 -3.10
CA ASP K 19 38.58 129.80 -2.33
C ASP K 19 37.24 129.32 -1.76
N SER K 20 36.46 128.60 -2.57
CA SER K 20 35.17 128.11 -2.08
C SER K 20 35.39 126.96 -1.08
N THR K 21 36.46 126.19 -1.28
CA THR K 21 36.83 125.19 -0.27
C THR K 21 37.13 125.89 1.06
N LEU K 22 37.92 126.96 1.03
CA LEU K 22 38.31 127.66 2.24
C LEU K 22 37.10 128.30 2.89
N ALA K 23 36.19 128.89 2.10
CA ALA K 23 35.02 129.52 2.67
C ALA K 23 34.19 128.50 3.44
N ALA K 24 33.93 127.34 2.83
CA ALA K 24 33.21 126.29 3.48
C ALA K 24 33.92 125.82 4.75
N CYS K 25 35.24 125.59 4.68
CA CYS K 25 36.00 125.14 5.83
C CYS K 25 35.95 126.13 6.98
N TYR K 26 36.07 127.41 6.65
CA TYR K 26 36.11 128.44 7.69
C TYR K 26 34.75 128.50 8.40
N LEU K 27 33.65 128.39 7.66
CA LEU K 27 32.32 128.31 8.30
C LEU K 27 32.25 127.09 9.22
N MET K 28 32.72 125.94 8.76
CA MET K 28 32.63 124.72 9.53
C MET K 28 33.49 124.83 10.80
N LEU K 29 34.65 125.49 10.72
CA LEU K 29 35.49 125.72 11.90
C LEU K 29 34.71 126.48 12.96
N GLN K 30 33.76 127.32 12.53
CA GLN K 30 32.97 128.12 13.45
C GLN K 30 31.81 127.28 14.01
N GLY K 31 31.61 126.05 13.54
CA GLY K 31 30.48 125.27 14.02
C GLY K 31 29.26 125.37 13.08
N ILE K 32 29.41 126.04 11.93
CA ILE K 32 28.29 126.22 11.02
C ILE K 32 28.26 125.05 10.03
N PRO K 33 27.20 124.22 10.01
CA PRO K 33 27.11 123.18 9.00
C PRO K 33 26.97 123.78 7.61
N VAL K 34 27.55 123.12 6.61
CA VAL K 34 27.49 123.63 5.25
C VAL K 34 26.91 122.61 4.29
N HIS K 35 25.99 123.12 3.46
CA HIS K 35 25.47 122.42 2.29
C HIS K 35 26.26 122.92 1.09
N LEU K 36 27.07 122.04 0.50
CA LEU K 36 27.86 122.39 -0.67
C LEU K 36 26.96 122.32 -1.90
N TRP K 37 27.03 123.35 -2.76
CA TRP K 37 26.19 123.43 -3.95
C TRP K 37 27.08 123.80 -5.15
N SER K 38 27.07 122.95 -6.16
CA SER K 38 27.87 123.10 -7.37
C SER K 38 26.94 123.22 -8.59
N GLY K 39 27.10 124.32 -9.33
CA GLY K 39 26.30 124.52 -10.54
C GLY K 39 27.00 123.94 -11.77
N ASN K 40 26.36 123.01 -12.46
CA ASN K 40 26.84 122.51 -13.74
C ASN K 40 26.09 123.20 -14.88
N SER K 41 26.80 124.13 -15.53
CA SER K 41 26.33 125.03 -16.58
C SER K 41 26.14 124.25 -17.89
N GLY K 42 26.74 123.08 -18.00
CA GLY K 42 26.70 122.25 -19.20
C GLY K 42 27.86 122.50 -20.18
N CYS K 43 28.78 123.39 -19.80
CA CYS K 43 29.94 123.74 -20.60
C CYS K 43 31.21 123.61 -19.78
N SER K 44 31.21 122.72 -18.78
CA SER K 44 32.31 122.58 -17.84
C SER K 44 32.96 121.22 -18.06
N LEU K 45 34.30 121.20 -18.09
CA LEU K 45 35.07 120.02 -18.46
C LEU K 45 35.81 119.46 -17.25
N HIS K 46 36.04 118.15 -17.24
CA HIS K 46 36.95 117.50 -16.31
C HIS K 46 36.60 117.80 -14.86
N ARG K 47 35.34 117.50 -14.51
CA ARG K 47 34.80 117.77 -13.19
C ARG K 47 35.08 116.63 -12.20
N GLY K 48 35.60 115.51 -12.66
CA GLY K 48 35.74 114.30 -11.83
C GLY K 48 36.60 114.52 -10.58
N ILE K 49 37.57 115.46 -10.61
CA ILE K 49 38.49 115.67 -9.51
C ILE K 49 37.79 116.24 -8.30
N LEU K 50 36.62 116.84 -8.49
CA LEU K 50 35.85 117.42 -7.41
C LEU K 50 35.63 116.45 -6.25
N SER K 51 35.44 115.18 -6.58
CA SER K 51 35.09 114.23 -5.55
C SER K 51 36.28 114.01 -4.62
N HIS K 52 37.52 114.18 -5.11
CA HIS K 52 38.68 114.09 -4.23
C HIS K 52 38.58 115.19 -3.15
N ARG K 53 38.16 116.38 -3.54
CA ARG K 53 38.09 117.50 -2.62
C ARG K 53 36.97 117.29 -1.59
N VAL K 54 35.80 116.82 -2.03
CA VAL K 54 34.70 116.56 -1.11
C VAL K 54 35.15 115.54 -0.05
N GLU K 55 35.87 114.50 -0.46
CA GLU K 55 36.39 113.53 0.48
C GLU K 55 37.36 114.19 1.46
N GLU K 56 38.23 115.08 1.00
CA GLU K 56 39.14 115.76 1.91
C GLU K 56 38.36 116.53 2.97
N MET K 57 37.29 117.17 2.53
CA MET K 57 36.54 118.04 3.43
C MET K 57 35.74 117.20 4.44
N LYS K 58 35.15 116.09 3.98
CA LYS K 58 34.49 115.16 4.88
C LYS K 58 35.45 114.53 5.86
N ASN K 59 36.66 114.22 5.45
CA ASN K 59 37.64 113.65 6.36
C ASN K 59 38.01 114.69 7.40
N ARG K 60 38.09 115.97 7.05
CA ARG K 60 38.56 116.97 7.99
C ARG K 60 37.42 117.45 8.91
N PHE K 61 36.16 117.47 8.44
CA PHE K 61 35.08 118.13 9.14
C PHE K 61 33.89 117.21 9.44
N GLY K 62 33.85 115.99 8.91
CA GLY K 62 32.82 115.01 9.21
C GLY K 62 31.41 115.54 8.91
N ASP K 63 30.54 115.43 9.91
CA ASP K 63 29.12 115.71 9.77
C ASP K 63 28.80 117.17 9.53
N LEU K 64 29.75 118.08 9.73
CA LEU K 64 29.50 119.48 9.41
C LEU K 64 29.31 119.67 7.89
N VAL K 65 29.77 118.72 7.07
CA VAL K 65 29.41 118.73 5.67
C VAL K 65 28.05 118.06 5.54
N VAL K 66 26.97 118.81 5.36
CA VAL K 66 25.68 118.20 5.48
C VAL K 66 25.20 117.70 4.13
N GLY K 67 25.80 118.08 3.03
CA GLY K 67 25.44 117.47 1.74
C GLY K 67 26.17 118.20 0.62
N HIS K 68 26.11 117.62 -0.57
CA HIS K 68 26.67 118.18 -1.78
C HIS K 68 25.64 118.00 -2.89
N THR K 69 25.05 119.08 -3.35
CA THR K 69 24.11 119.10 -4.47
C THR K 69 24.88 119.53 -5.71
N VAL K 70 24.78 118.72 -6.78
CA VAL K 70 25.25 119.14 -8.08
C VAL K 70 24.03 119.45 -8.93
N ALA K 71 23.82 120.71 -9.25
CA ALA K 71 22.60 121.13 -9.93
C ALA K 71 22.88 121.34 -11.40
N ASP K 72 22.00 120.84 -12.25
CA ASP K 72 22.04 121.11 -13.67
C ASP K 72 21.39 122.46 -13.93
N ILE K 73 22.18 123.48 -14.25
CA ILE K 73 21.64 124.82 -14.48
C ILE K 73 21.79 125.17 -15.96
N SER K 74 22.06 124.19 -16.82
CA SER K 74 22.30 124.43 -18.24
C SER K 74 21.18 125.21 -18.92
N GLY K 75 19.94 124.94 -18.58
CA GLY K 75 18.84 125.65 -19.27
C GLY K 75 18.78 127.13 -18.92
N ALA K 76 18.88 127.43 -17.63
CA ALA K 76 18.94 128.83 -17.18
C ALA K 76 20.16 129.55 -17.77
N PHE K 77 21.32 128.86 -17.77
CA PHE K 77 22.53 129.45 -18.30
C PHE K 77 22.33 129.76 -19.80
N ARG K 78 21.78 128.77 -20.54
CA ARG K 78 21.53 129.01 -21.95
C ARG K 78 20.62 130.21 -22.17
N SER K 79 19.51 130.30 -21.41
CA SER K 79 18.53 131.35 -21.63
C SER K 79 19.14 132.72 -21.35
N ILE K 80 19.96 132.82 -20.30
CA ILE K 80 20.51 134.11 -19.90
C ILE K 80 21.69 134.52 -20.81
N ALA K 81 22.61 133.59 -21.11
CA ALA K 81 23.94 133.93 -21.58
C ALA K 81 24.26 133.44 -22.99
N ILE K 82 23.61 132.38 -23.47
CA ILE K 82 24.02 131.76 -24.72
C ILE K 82 23.05 132.08 -25.87
N GLU K 83 21.76 132.03 -25.58
CA GLU K 83 20.76 132.17 -26.62
C GLU K 83 20.94 133.46 -27.40
N ALA K 84 21.34 134.55 -26.75
CA ALA K 84 21.52 135.83 -27.43
C ALA K 84 23.00 136.24 -27.44
N LEU K 85 23.90 135.26 -27.54
CA LEU K 85 25.34 135.51 -27.43
C LEU K 85 25.81 136.47 -28.53
N GLU K 86 25.36 136.25 -29.76
CA GLU K 86 25.71 137.11 -30.86
C GLU K 86 25.38 138.57 -30.54
N GLN K 87 24.12 138.83 -30.20
CA GLN K 87 23.65 140.17 -29.89
C GLN K 87 24.43 140.72 -28.67
N ASP K 88 24.64 139.89 -27.64
CA ASP K 88 25.30 140.34 -26.43
C ASP K 88 26.73 140.81 -26.75
N ILE K 89 27.47 140.04 -27.55
CA ILE K 89 28.84 140.38 -27.86
C ILE K 89 28.87 141.59 -28.79
N LEU K 90 27.99 141.66 -29.78
CA LEU K 90 27.95 142.80 -30.65
C LEU K 90 27.65 144.09 -29.86
N LYS K 91 26.79 144.02 -28.86
CA LYS K 91 26.44 145.23 -28.13
C LYS K 91 27.52 145.63 -27.13
N TYR K 92 27.98 144.69 -26.29
CA TYR K 92 28.90 145.06 -25.23
C TYR K 92 30.38 144.92 -25.64
N ARG K 93 30.69 144.28 -26.77
CA ARG K 93 32.04 144.06 -27.25
C ARG K 93 32.86 143.26 -26.27
N LYS K 94 32.20 142.49 -25.42
CA LYS K 94 32.87 141.62 -24.49
C LYS K 94 32.07 140.32 -24.34
N ASN K 95 32.79 139.21 -24.19
CA ASN K 95 32.18 137.95 -23.88
C ASN K 95 31.92 137.91 -22.39
N LEU K 96 30.64 137.97 -21.99
CA LEU K 96 30.27 138.03 -20.58
C LEU K 96 29.53 136.77 -20.12
N VAL K 97 29.74 135.64 -20.80
CA VAL K 97 28.96 134.46 -20.50
C VAL K 97 29.21 134.02 -19.06
N LEU K 98 30.41 134.21 -18.51
CA LEU K 98 30.66 133.73 -17.16
C LEU K 98 30.01 134.64 -16.12
N LEU K 99 29.72 135.90 -16.50
CA LEU K 99 28.90 136.76 -15.66
C LEU K 99 27.43 136.27 -15.68
N GLY K 100 26.94 135.96 -16.87
CA GLY K 100 25.64 135.33 -17.06
C GLY K 100 25.51 134.04 -16.26
N GLU K 101 26.58 133.25 -16.22
CA GLU K 101 26.54 132.01 -15.48
C GLU K 101 26.31 132.28 -13.99
N LYS K 102 27.00 133.29 -13.45
CA LYS K 102 26.87 133.60 -12.03
C LYS K 102 25.44 134.07 -11.74
N LEU K 103 24.82 134.80 -12.67
CA LEU K 103 23.44 135.18 -12.48
C LEU K 103 22.50 133.98 -12.52
N ALA K 104 22.76 133.02 -13.43
CA ALA K 104 21.98 131.80 -13.52
C ALA K 104 22.08 131.02 -12.21
N ILE K 105 23.29 130.99 -11.62
CA ILE K 105 23.52 130.34 -10.35
C ILE K 105 22.62 130.96 -9.29
N HIS K 106 22.59 132.29 -9.25
CA HIS K 106 21.85 133.01 -8.22
C HIS K 106 20.33 132.78 -8.37
N ALA K 107 19.85 132.75 -9.60
CA ALA K 107 18.45 132.43 -9.84
C ALA K 107 18.11 131.06 -9.29
N HIS K 108 18.92 130.05 -9.62
CA HIS K 108 18.71 128.70 -9.11
C HIS K 108 18.81 128.68 -7.58
N LEU K 109 19.69 129.49 -7.01
CA LEU K 109 19.85 129.50 -5.56
C LEU K 109 18.65 130.07 -4.82
N VAL K 110 17.92 131.00 -5.44
CA VAL K 110 16.69 131.49 -4.82
C VAL K 110 15.75 130.31 -4.62
N ASP K 111 15.58 129.53 -5.69
CA ASP K 111 14.67 128.42 -5.64
C ASP K 111 15.15 127.34 -4.67
N PHE K 112 16.44 127.02 -4.73
CA PHE K 112 17.01 126.02 -3.85
C PHE K 112 16.84 126.43 -2.40
N CYS K 113 17.18 127.69 -2.07
CA CYS K 113 17.08 128.16 -0.69
C CYS K 113 15.65 128.12 -0.17
N ARG K 114 14.71 128.54 -1.00
CA ARG K 114 13.34 128.55 -0.55
C ARG K 114 12.83 127.14 -0.38
N ARG K 115 13.30 126.16 -1.16
CA ARG K 115 12.73 124.82 -1.03
C ARG K 115 13.48 124.01 0.01
N ASN K 116 14.65 124.47 0.48
CA ASN K 116 15.43 123.67 1.41
C ASN K 116 15.69 124.41 2.72
N ASP K 117 14.95 125.48 3.01
CA ASP K 117 15.05 126.18 4.28
C ASP K 117 16.46 126.68 4.57
N ILE K 118 17.04 127.36 3.58
CA ILE K 118 18.33 127.98 3.75
C ILE K 118 18.13 129.46 3.54
N ASN K 119 18.76 130.31 4.35
CA ASN K 119 18.68 131.72 4.00
C ASN K 119 20.01 132.46 4.06
N THR K 120 21.13 131.74 4.16
CA THR K 120 22.43 132.36 3.92
C THR K 120 23.19 131.54 2.88
N ILE K 121 23.64 132.24 1.84
CA ILE K 121 24.51 131.63 0.85
C ILE K 121 25.87 132.32 0.91
N ASN K 122 26.90 131.56 0.54
CA ASN K 122 28.28 132.02 0.66
C ASN K 122 29.04 131.59 -0.58
N ASP K 123 29.89 132.50 -1.09
CA ASP K 123 30.77 132.10 -2.15
C ASP K 123 32.24 132.35 -1.80
N GLY K 124 33.11 131.98 -2.74
CA GLY K 124 34.53 132.18 -2.58
C GLY K 124 35.08 133.20 -3.58
N ILE K 125 34.29 134.25 -3.90
CA ILE K 125 34.93 135.34 -4.64
C ILE K 125 35.98 136.00 -3.75
N THR K 126 37.00 136.57 -4.39
CA THR K 126 38.16 137.14 -3.73
C THR K 126 38.52 138.48 -4.34
N HIS K 127 39.08 139.33 -3.49
CA HIS K 127 39.60 140.63 -3.85
C HIS K 127 40.62 140.51 -5.00
N TYR K 128 41.54 139.55 -4.91
CA TYR K 128 42.63 139.50 -5.89
C TYR K 128 42.10 139.03 -7.25
N GLN K 129 40.87 138.51 -7.33
CA GLN K 129 40.33 138.09 -8.62
C GLN K 129 39.34 139.11 -9.20
N MET K 130 39.44 140.37 -8.80
CA MET K 130 38.46 141.38 -9.17
C MET K 130 38.46 141.74 -10.65
N GLU K 131 39.46 141.35 -11.43
CA GLU K 131 39.40 141.51 -12.88
C GLU K 131 38.24 140.69 -13.47
N PHE K 132 37.81 139.60 -12.81
CA PHE K 132 36.71 138.79 -13.29
C PHE K 132 35.39 139.46 -12.96
N PRO K 133 34.46 139.58 -13.95
CA PRO K 133 33.31 140.44 -13.82
C PRO K 133 32.42 140.10 -12.63
N GLU K 134 32.23 138.79 -12.37
CA GLU K 134 31.34 138.39 -11.30
C GLU K 134 31.97 138.63 -9.93
N GLN K 135 33.25 138.99 -9.89
CA GLN K 135 33.92 139.21 -8.62
C GLN K 135 34.10 140.70 -8.34
N ARG K 136 33.70 141.56 -9.27
CA ARG K 136 33.82 143.00 -9.05
C ARG K 136 32.85 143.42 -7.94
N LEU K 137 33.17 144.49 -7.22
CA LEU K 137 32.29 145.02 -6.20
C LEU K 137 30.92 145.35 -6.80
N VAL K 138 30.89 145.92 -8.02
CA VAL K 138 29.61 146.29 -8.61
C VAL K 138 28.75 145.04 -8.83
N ALA K 139 29.33 143.90 -9.21
CA ALA K 139 28.53 142.71 -9.43
C ALA K 139 28.07 142.12 -8.09
N LYS K 140 28.98 142.06 -7.12
CA LYS K 140 28.69 141.52 -5.82
C LYS K 140 27.54 142.30 -5.19
N THR K 141 27.58 143.63 -5.28
CA THR K 141 26.57 144.50 -4.69
C THR K 141 25.22 144.25 -5.37
N PHE K 142 25.24 144.18 -6.70
CA PHE K 142 24.04 143.89 -7.47
C PHE K 142 23.43 142.56 -7.00
N LEU K 143 24.24 141.52 -6.87
CA LEU K 143 23.72 140.20 -6.53
C LEU K 143 23.31 140.13 -5.06
N MET K 144 24.00 140.85 -4.16
CA MET K 144 23.52 140.97 -2.78
C MET K 144 22.10 141.53 -2.75
N GLU K 145 21.86 142.57 -3.54
CA GLU K 145 20.57 143.25 -3.58
C GLU K 145 19.53 142.29 -4.14
N MET K 146 19.89 141.56 -5.19
CA MET K 146 18.96 140.61 -5.80
C MET K 146 18.54 139.56 -4.77
N MET K 147 19.49 139.02 -4.02
CA MET K 147 19.20 137.97 -3.07
C MET K 147 18.38 138.54 -1.91
N ALA K 148 18.69 139.76 -1.49
CA ALA K 148 17.98 140.40 -0.40
C ALA K 148 16.51 140.59 -0.77
N GLN K 149 16.18 140.78 -2.05
CA GLN K 149 14.78 140.90 -2.40
C GLN K 149 14.05 139.60 -2.13
N TYR K 150 14.75 138.46 -2.01
CA TYR K 150 14.12 137.20 -1.70
C TYR K 150 14.41 136.79 -0.26
N ASP K 151 14.85 137.74 0.59
CA ASP K 151 15.21 137.47 1.97
C ASP K 151 16.33 136.43 2.10
N ILE K 152 17.28 136.48 1.17
CA ILE K 152 18.45 135.63 1.27
C ILE K 152 19.68 136.51 1.48
N ASN K 153 20.46 136.13 2.47
CA ASN K 153 21.70 136.81 2.82
C ASN K 153 22.84 136.19 2.03
N TYR K 154 23.44 136.99 1.15
CA TYR K 154 24.56 136.54 0.32
C TYR K 154 25.83 137.13 0.90
N GLN K 155 26.74 136.25 1.36
CA GLN K 155 28.00 136.65 1.96
C GLN K 155 29.16 136.05 1.15
N SER K 156 30.32 136.69 1.34
CA SER K 156 31.54 136.29 0.66
C SER K 156 32.66 136.23 1.68
N PRO K 157 32.77 135.15 2.48
CA PRO K 157 33.59 135.20 3.70
C PRO K 157 35.10 135.26 3.50
N VAL K 158 35.62 134.95 2.29
CA VAL K 158 37.06 135.08 2.07
C VAL K 158 37.41 136.27 1.16
N TYR K 159 36.44 137.13 0.86
CA TYR K 159 36.60 138.17 -0.14
C TYR K 159 37.67 139.18 0.23
N GLU K 160 37.62 139.65 1.47
CA GLU K 160 38.51 140.71 1.91
C GLU K 160 39.86 140.13 2.33
N PHE K 161 39.85 138.94 2.91
CA PHE K 161 41.09 138.32 3.34
C PHE K 161 42.01 137.99 2.14
N ALA K 162 41.44 137.55 1.01
CA ALA K 162 42.29 136.99 -0.03
C ALA K 162 42.89 138.08 -0.92
N GLN K 163 44.03 138.62 -0.46
CA GLN K 163 44.81 139.57 -1.24
C GLN K 163 45.69 138.86 -2.28
N SER K 164 45.91 137.55 -2.17
CA SER K 164 46.55 136.75 -3.22
C SER K 164 46.10 135.29 -3.06
N ALA K 165 46.38 134.48 -4.08
CA ALA K 165 46.09 133.06 -4.04
C ALA K 165 46.87 132.39 -2.91
N ASP K 166 48.09 132.88 -2.62
CA ASP K 166 48.91 132.34 -1.55
C ASP K 166 48.21 132.42 -0.19
N ASP K 167 47.44 133.50 0.05
CA ASP K 167 46.72 133.65 1.30
C ASP K 167 45.76 132.48 1.47
N VAL K 168 44.99 132.17 0.42
CA VAL K 168 44.04 131.10 0.49
C VAL K 168 44.74 129.74 0.65
N LYS K 169 45.75 129.50 -0.18
CA LYS K 169 46.45 128.23 -0.22
C LYS K 169 46.97 127.84 1.16
N TYR K 170 47.64 128.75 1.86
CA TYR K 170 48.35 128.35 3.07
C TYR K 170 47.38 128.22 4.23
N ARG K 171 46.19 128.82 4.18
CA ARG K 171 45.16 128.50 5.16
C ARG K 171 44.63 127.08 4.91
N LEU K 172 44.41 126.71 3.65
CA LEU K 172 44.00 125.35 3.35
C LEU K 172 45.05 124.35 3.87
N LEU K 173 46.32 124.62 3.62
CA LEU K 173 47.38 123.73 4.04
C LEU K 173 47.34 123.54 5.57
N GLN K 174 47.03 124.60 6.31
CA GLN K 174 46.96 124.54 7.76
C GLN K 174 45.80 123.65 8.21
N LEU K 175 44.81 123.44 7.36
CA LEU K 175 43.71 122.54 7.65
C LEU K 175 44.01 121.10 7.25
N GLY K 176 45.18 120.82 6.69
CA GLY K 176 45.48 119.49 6.20
C GLY K 176 44.77 119.18 4.89
N ILE K 177 44.47 120.22 4.11
CA ILE K 177 43.81 120.11 2.81
C ILE K 177 44.77 120.54 1.70
N SER K 178 44.70 119.88 0.55
CA SER K 178 45.48 120.21 -0.63
C SER K 178 45.31 121.68 -1.02
N THR K 179 46.39 122.25 -1.53
CA THR K 179 46.46 123.64 -1.98
C THR K 179 46.02 123.78 -3.44
N LYS K 180 45.80 122.64 -4.13
CA LYS K 180 45.47 122.67 -5.55
C LYS K 180 44.01 123.03 -5.73
N SER K 181 43.74 123.51 -6.92
CA SER K 181 42.39 123.87 -7.32
C SER K 181 41.73 122.63 -7.94
N LEU K 182 40.88 121.94 -7.18
CA LEU K 182 40.37 120.64 -7.61
C LEU K 182 38.96 120.80 -8.16
N GLU K 183 38.92 121.41 -9.35
CA GLU K 183 37.68 121.88 -9.93
C GLU K 183 37.69 121.53 -11.40
N GLY K 184 36.50 121.55 -12.02
CA GLY K 184 36.39 121.51 -13.47
C GLY K 184 36.74 122.88 -14.03
N ILE K 185 36.91 122.99 -15.33
CA ILE K 185 37.09 124.31 -15.92
C ILE K 185 35.96 124.56 -16.92
N SER K 186 35.62 125.82 -17.09
CA SER K 186 34.68 126.22 -18.11
C SER K 186 35.41 126.16 -19.45
N ILE K 187 34.70 125.73 -20.50
CA ILE K 187 35.25 125.84 -21.83
C ILE K 187 35.51 127.32 -22.16
N PHE K 188 34.83 128.24 -21.48
CA PHE K 188 34.99 129.67 -21.73
C PHE K 188 36.22 130.24 -20.99
N ALA K 189 37.00 129.41 -20.31
CA ALA K 189 38.33 129.80 -19.82
C ALA K 189 39.16 130.49 -20.89
N ASP K 190 39.69 131.66 -20.53
CA ASP K 190 40.61 132.41 -21.40
C ASP K 190 39.97 132.65 -22.74
N SER K 191 38.68 133.02 -22.74
CA SER K 191 37.94 133.29 -24.00
C SER K 191 37.41 134.72 -24.07
N PHE K 192 37.94 135.62 -23.23
CA PHE K 192 37.36 136.96 -23.07
C PHE K 192 38.44 137.97 -22.71
N SER K 193 38.17 139.27 -22.98
CA SER K 193 39.00 140.38 -22.50
C SER K 193 38.24 141.03 -21.33
N THR K 194 38.89 141.99 -20.65
CA THR K 194 38.39 142.56 -19.40
C THR K 194 37.33 143.61 -19.69
N PRO K 195 36.12 143.50 -19.15
CA PRO K 195 35.07 144.50 -19.32
C PRO K 195 35.17 145.63 -18.29
N SER K 196 34.66 146.82 -18.64
CA SER K 196 34.50 147.90 -17.66
C SER K 196 33.41 147.54 -16.64
N ASP K 197 33.46 148.21 -15.49
CA ASP K 197 32.40 148.14 -14.49
C ASP K 197 31.04 148.53 -15.08
N ASP K 198 31.01 149.55 -15.93
CA ASP K 198 29.74 150.00 -16.51
C ASP K 198 29.11 148.89 -17.33
N VAL K 199 29.93 148.18 -18.12
CA VAL K 199 29.44 147.10 -18.94
C VAL K 199 28.94 145.97 -18.06
N VAL K 200 29.67 145.64 -17.00
CA VAL K 200 29.27 144.55 -16.12
C VAL K 200 27.87 144.84 -15.57
N LEU K 201 27.68 146.06 -15.09
CA LEU K 201 26.44 146.44 -14.45
C LEU K 201 25.33 146.50 -15.50
N ALA K 202 25.63 147.03 -16.69
CA ALA K 202 24.59 147.11 -17.72
C ALA K 202 24.10 145.71 -18.12
N TYR K 203 25.04 144.76 -18.25
CA TYR K 203 24.70 143.39 -18.63
C TYR K 203 23.81 142.79 -17.55
N LEU K 204 24.22 142.93 -16.28
CA LEU K 204 23.43 142.40 -15.17
C LEU K 204 22.01 142.99 -15.18
N ARG K 205 21.86 144.29 -15.40
CA ARG K 205 20.55 144.92 -15.42
C ARG K 205 19.71 144.42 -16.59
N GLU K 206 20.33 144.24 -17.75
CA GLU K 206 19.62 143.76 -18.90
C GLU K 206 19.10 142.34 -18.68
N LYS K 207 19.91 141.46 -18.06
CA LYS K 207 19.56 140.06 -17.91
C LYS K 207 18.69 139.78 -16.68
N ALA K 208 18.65 140.71 -15.73
CA ALA K 208 17.94 140.51 -14.47
C ALA K 208 16.48 140.08 -14.68
N PRO K 209 15.69 140.70 -15.56
CA PRO K 209 14.31 140.27 -15.76
C PRO K 209 14.19 138.80 -16.16
N LEU K 210 15.12 138.29 -16.97
CA LEU K 210 15.15 136.89 -17.34
C LEU K 210 15.44 136.05 -16.09
N ALA K 211 16.41 136.49 -15.27
CA ALA K 211 16.75 135.76 -14.06
C ALA K 211 15.55 135.67 -13.11
N HIS K 212 14.87 136.79 -12.87
CA HIS K 212 13.70 136.79 -12.00
C HIS K 212 12.60 135.89 -12.57
N ASN K 213 12.42 135.91 -13.89
CA ASN K 213 11.41 135.10 -14.53
C ASN K 213 11.70 133.62 -14.31
N ILE K 214 12.99 133.24 -14.41
CA ILE K 214 13.41 131.88 -14.15
C ILE K 214 13.11 131.49 -12.71
N VAL K 215 13.37 132.39 -11.77
CA VAL K 215 13.00 132.15 -10.39
C VAL K 215 11.50 131.84 -10.27
N ASN K 216 10.66 132.64 -10.94
CA ASN K 216 9.23 132.49 -10.85
C ASN K 216 8.79 131.16 -11.47
N PHE K 217 9.39 130.78 -12.61
CA PHE K 217 9.06 129.51 -13.23
C PHE K 217 9.46 128.36 -12.32
N LEU K 218 10.67 128.42 -11.73
CA LEU K 218 11.16 127.35 -10.87
C LEU K 218 10.29 127.20 -9.63
N ALA K 219 9.62 128.28 -9.23
CA ALA K 219 8.71 128.26 -8.08
C ALA K 219 7.33 127.74 -8.47
N GLY K 220 7.11 127.53 -9.76
CA GLY K 220 5.80 127.09 -10.21
C GLY K 220 4.78 128.21 -10.32
N GLU K 221 5.23 129.47 -10.46
CA GLU K 221 4.33 130.62 -10.42
C GLU K 221 3.99 131.12 -11.81
N THR K 222 4.79 130.86 -12.84
CA THR K 222 4.38 131.26 -14.17
C THR K 222 5.06 130.37 -15.21
N LEU K 223 4.48 130.31 -16.40
CA LEU K 223 5.15 129.78 -17.58
C LEU K 223 5.60 130.90 -18.52
N ASN K 224 4.95 132.06 -18.41
CA ASN K 224 5.13 133.11 -19.41
C ASN K 224 6.51 133.74 -19.34
N PRO K 225 7.01 134.27 -20.47
CA PRO K 225 8.30 134.97 -20.54
C PRO K 225 8.27 136.34 -19.83
N PRO K 226 9.43 136.98 -19.60
CA PRO K 226 9.51 138.16 -18.76
C PRO K 226 8.57 139.31 -19.11
N SER L 6 35.12 107.78 37.25
CA SER L 6 36.14 107.87 36.18
C SER L 6 37.18 108.96 36.49
N VAL L 7 38.41 108.64 36.11
CA VAL L 7 39.50 109.61 36.05
C VAL L 7 39.49 110.28 34.69
N LYS L 8 39.71 111.58 34.64
CA LYS L 8 39.62 112.31 33.40
C LYS L 8 40.78 111.94 32.47
N PRO L 9 40.54 111.56 31.21
CA PRO L 9 41.64 111.27 30.29
C PRO L 9 42.58 112.45 30.07
N GLN L 10 43.87 112.14 29.93
CA GLN L 10 44.87 113.13 29.61
C GLN L 10 45.47 112.78 28.26
N LEU L 11 46.12 113.74 27.64
CA LEU L 11 46.77 113.51 26.36
C LEU L 11 48.26 113.27 26.54
N VAL L 12 48.82 112.39 25.71
CA VAL L 12 50.27 112.23 25.64
C VAL L 12 50.71 112.46 24.20
N MET L 13 51.68 113.37 24.05
CA MET L 13 52.39 113.60 22.80
C MET L 13 53.30 112.40 22.58
N PHE L 14 52.92 111.60 21.60
CA PHE L 14 53.42 110.24 21.46
C PHE L 14 54.04 110.01 20.10
N THR L 15 55.28 109.49 20.11
CA THR L 15 56.01 109.21 18.89
C THR L 15 56.17 107.71 18.64
N GLY L 16 55.93 106.90 19.67
CA GLY L 16 56.36 105.51 19.67
C GLY L 16 57.76 105.34 20.25
N GLY L 17 58.47 106.45 20.41
CA GLY L 17 59.77 106.44 21.07
C GLY L 17 59.67 105.99 22.53
N ARG L 18 60.83 105.71 23.11
CA ARG L 18 60.93 105.13 24.42
C ARG L 18 60.30 106.06 25.47
N ASP L 19 60.63 107.35 25.42
CA ASP L 19 60.30 108.25 26.53
C ASP L 19 58.81 108.56 26.56
N SER L 20 58.22 108.84 25.39
CA SER L 20 56.80 109.12 25.33
C SER L 20 55.99 107.85 25.61
N THR L 21 56.51 106.69 25.20
CA THR L 21 55.89 105.42 25.57
C THR L 21 55.85 105.30 27.09
N LEU L 22 56.99 105.54 27.75
CA LEU L 22 57.07 105.38 29.19
C LEU L 22 56.16 106.40 29.90
N ALA L 23 56.11 107.65 29.40
CA ALA L 23 55.27 108.65 30.02
C ALA L 23 53.80 108.22 30.00
N ALA L 24 53.34 107.74 28.85
CA ALA L 24 51.99 107.26 28.71
C ALA L 24 51.73 106.07 29.65
N CYS L 25 52.66 105.11 29.68
CA CYS L 25 52.51 103.92 30.51
C CYS L 25 52.43 104.29 31.98
N TYR L 26 53.28 105.22 32.41
CA TYR L 26 53.35 105.58 33.80
C TYR L 26 52.03 106.23 34.24
N LEU L 27 51.47 107.11 33.38
CA LEU L 27 50.15 107.68 33.69
C LEU L 27 49.09 106.56 33.80
N MET L 28 49.11 105.61 32.86
CA MET L 28 48.11 104.54 32.86
C MET L 28 48.26 103.67 34.11
N LEU L 29 49.49 103.43 34.57
CA LEU L 29 49.73 102.66 35.78
C LEU L 29 49.04 103.33 36.96
N GLN L 30 48.91 104.66 36.91
CA GLN L 30 48.30 105.40 38.00
C GLN L 30 46.78 105.38 37.85
N GLY L 31 46.22 104.82 36.77
CA GLY L 31 44.79 104.83 36.60
C GLY L 31 44.30 105.98 35.70
N ILE L 32 45.23 106.72 35.11
CA ILE L 32 44.86 107.83 34.23
C ILE L 32 44.72 107.33 32.80
N PRO L 33 43.52 107.42 32.19
CA PRO L 33 43.38 107.06 30.79
C PRO L 33 44.16 108.04 29.91
N VAL L 34 44.73 107.53 28.81
CA VAL L 34 45.52 108.38 27.96
C VAL L 34 45.02 108.33 26.51
N HIS L 35 44.92 109.53 25.95
CA HIS L 35 44.71 109.73 24.52
C HIS L 35 46.09 109.98 23.92
N LEU L 36 46.54 109.05 23.07
CA LEU L 36 47.82 109.18 22.41
C LEU L 36 47.63 110.11 21.21
N TRP L 37 48.52 111.11 21.07
CA TRP L 37 48.44 112.05 19.96
C TRP L 37 49.82 112.13 19.30
N SER L 38 49.85 111.85 18.00
CA SER L 38 51.05 111.87 17.17
C SER L 38 50.90 112.93 16.09
N GLY L 39 51.84 113.88 16.04
CA GLY L 39 51.84 114.91 15.01
C GLY L 39 52.66 114.45 13.82
N ASN L 40 52.03 114.39 12.64
CA ASN L 40 52.72 114.16 11.39
C ASN L 40 52.99 115.49 10.69
N SER L 41 54.27 115.90 10.77
CA SER L 41 54.82 117.18 10.30
C SER L 41 54.91 117.14 8.77
N GLY L 42 54.90 115.95 8.18
CA GLY L 42 55.00 115.77 6.73
C GLY L 42 56.43 115.56 6.22
N CYS L 43 57.39 115.51 7.16
CA CYS L 43 58.79 115.32 6.84
C CYS L 43 59.35 114.15 7.67
N SER L 44 58.51 113.17 8.01
CA SER L 44 58.91 112.05 8.85
C SER L 44 58.93 110.79 8.01
N LEU L 45 59.98 109.97 8.18
CA LEU L 45 60.22 108.79 7.37
C LEU L 45 59.98 107.52 8.21
N HIS L 46 59.52 106.47 7.56
CA HIS L 46 59.43 105.13 8.11
C HIS L 46 58.67 105.13 9.43
N ARG L 47 57.44 105.63 9.40
CA ARG L 47 56.54 105.71 10.54
C ARG L 47 55.79 104.41 10.81
N GLY L 48 55.84 103.46 9.90
CA GLY L 48 55.05 102.23 9.96
C GLY L 48 55.23 101.44 11.28
N ILE L 49 56.41 101.50 11.91
CA ILE L 49 56.73 100.71 13.09
C ILE L 49 55.92 101.17 14.29
N LEU L 50 55.40 102.38 14.25
CA LEU L 50 54.58 102.94 15.32
C LEU L 50 53.44 101.99 15.73
N SER L 51 52.85 101.31 14.76
CA SER L 51 51.70 100.51 15.03
C SER L 51 52.08 99.31 15.91
N HIS L 52 53.33 98.82 15.82
CA HIS L 52 53.78 97.76 16.70
C HIS L 52 53.74 98.25 18.15
N ARG L 53 54.14 99.51 18.37
CA ARG L 53 54.19 100.03 19.72
C ARG L 53 52.77 100.24 20.29
N VAL L 54 51.86 100.76 19.48
CA VAL L 54 50.49 100.96 19.92
C VAL L 54 49.88 99.62 20.34
N GLU L 55 50.13 98.57 19.55
CA GLU L 55 49.64 97.24 19.91
C GLU L 55 50.24 96.78 21.24
N GLU L 56 51.53 97.02 21.46
CA GLU L 56 52.13 96.60 22.73
C GLU L 56 51.41 97.29 23.90
N MET L 57 51.10 98.57 23.70
CA MET L 57 50.53 99.36 24.79
C MET L 57 49.08 98.95 25.07
N LYS L 58 48.32 98.68 24.01
CA LYS L 58 46.96 98.17 24.15
C LYS L 58 46.95 96.81 24.81
N ASN L 59 47.91 95.94 24.47
CA ASN L 59 47.98 94.64 25.10
C ASN L 59 48.29 94.81 26.58
N ARG L 60 49.12 95.76 26.97
CA ARG L 60 49.56 95.84 28.36
C ARG L 60 48.56 96.61 29.21
N PHE L 61 47.82 97.57 28.63
CA PHE L 61 47.00 98.48 29.42
C PHE L 61 45.51 98.46 29.05
N GLY L 62 45.12 97.79 27.94
CA GLY L 62 43.73 97.65 27.55
C GLY L 62 43.04 99.01 27.35
N ASP L 63 41.89 99.16 27.98
CA ASP L 63 41.00 100.29 27.80
C ASP L 63 41.56 101.60 28.34
N LEU L 64 42.64 101.58 29.12
CA LEU L 64 43.27 102.82 29.55
C LEU L 64 43.88 103.58 28.35
N VAL L 65 44.13 102.88 27.22
CA VAL L 65 44.48 103.56 26.00
C VAL L 65 43.17 103.98 25.34
N VAL L 66 42.79 105.25 25.43
CA VAL L 66 41.45 105.60 25.01
C VAL L 66 41.45 105.99 23.54
N GLY L 67 42.59 106.24 22.91
CA GLY L 67 42.59 106.49 21.49
C GLY L 67 43.98 106.86 21.02
N HIS L 68 44.19 106.85 19.72
CA HIS L 68 45.40 107.31 19.09
C HIS L 68 45.00 108.20 17.91
N THR L 69 45.25 109.50 18.00
CA THR L 69 45.04 110.46 16.92
C THR L 69 46.37 110.67 16.23
N VAL L 70 46.37 110.52 14.89
CA VAL L 70 47.49 110.94 14.08
C VAL L 70 47.07 112.22 13.35
N ALA L 71 47.62 113.34 13.72
CA ALA L 71 47.17 114.62 13.20
C ALA L 71 48.14 115.09 12.11
N ASP L 72 47.61 115.57 11.01
CA ASP L 72 48.40 116.21 9.97
C ASP L 72 48.67 117.64 10.34
N ILE L 73 49.91 117.95 10.77
CA ILE L 73 50.23 119.29 11.20
C ILE L 73 51.21 119.95 10.20
N SER L 74 51.32 119.38 9.00
CA SER L 74 52.27 119.85 7.99
C SER L 74 52.06 121.33 7.66
N GLY L 75 50.82 121.81 7.61
CA GLY L 75 50.61 123.21 7.22
C GLY L 75 51.10 124.19 8.28
N ALA L 76 50.77 123.92 9.54
CA ALA L 76 51.25 124.73 10.64
C ALA L 76 52.77 124.65 10.73
N PHE L 77 53.34 123.46 10.56
CA PHE L 77 54.78 123.30 10.60
C PHE L 77 55.44 124.13 9.50
N ARG L 78 54.89 124.03 8.29
CA ARG L 78 55.41 124.84 7.19
C ARG L 78 55.36 126.33 7.53
N SER L 79 54.22 126.81 8.02
CA SER L 79 54.06 128.26 8.27
C SER L 79 55.06 128.73 9.32
N ILE L 80 55.25 127.93 10.38
CA ILE L 80 56.10 128.33 11.48
C ILE L 80 57.59 128.21 11.13
N ALA L 81 58.00 127.10 10.54
CA ALA L 81 59.40 126.70 10.49
C ALA L 81 60.02 126.64 9.11
N ILE L 82 59.23 126.44 8.04
CA ILE L 82 59.79 126.20 6.73
C ILE L 82 59.65 127.40 5.80
N GLU L 83 58.54 128.11 5.85
CA GLU L 83 58.28 129.21 4.95
C GLU L 83 59.42 130.23 4.97
N ALA L 84 59.97 130.51 6.14
CA ALA L 84 61.04 131.50 6.27
C ALA L 84 62.39 130.83 6.57
N LEU L 85 62.58 129.58 6.16
CA LEU L 85 63.75 128.80 6.57
C LEU L 85 65.05 129.49 6.15
N GLU L 86 65.13 129.95 4.90
CA GLU L 86 66.32 130.60 4.43
C GLU L 86 66.71 131.76 5.36
N GLN L 87 65.76 132.70 5.53
CA GLN L 87 66.04 133.87 6.34
C GLN L 87 66.27 133.50 7.80
N ASP L 88 65.53 132.52 8.33
CA ASP L 88 65.71 132.14 9.72
C ASP L 88 67.10 131.58 9.96
N ILE L 89 67.60 130.73 9.06
CA ILE L 89 68.92 130.16 9.24
C ILE L 89 69.98 131.24 9.07
N LEU L 90 69.84 132.11 8.07
CA LEU L 90 70.81 133.15 7.90
C LEU L 90 70.89 134.08 9.13
N LYS L 91 69.76 134.39 9.74
CA LYS L 91 69.80 135.35 10.82
C LYS L 91 70.20 134.68 12.14
N TYR L 92 69.72 133.47 12.50
CA TYR L 92 70.13 132.86 13.75
C TYR L 92 71.40 131.98 13.61
N ARG L 93 71.83 131.66 12.38
CA ARG L 93 72.99 130.82 12.14
C ARG L 93 72.79 129.41 12.69
N LYS L 94 71.57 129.02 12.88
CA LYS L 94 71.20 127.71 13.37
C LYS L 94 69.92 127.25 12.69
N ASN L 95 69.89 125.99 12.31
CA ASN L 95 68.70 125.32 11.84
C ASN L 95 67.84 124.95 13.04
N LEU L 96 66.70 125.62 13.20
CA LEU L 96 65.83 125.43 14.33
C LEU L 96 64.47 124.84 13.95
N VAL L 97 64.40 124.12 12.82
CA VAL L 97 63.12 123.65 12.34
C VAL L 97 62.47 122.73 13.36
N LEU L 98 63.24 121.93 14.10
CA LEU L 98 62.63 120.98 15.02
C LEU L 98 62.09 121.67 16.26
N LEU L 99 62.61 122.89 16.56
CA LEU L 99 62.03 123.72 17.59
C LEU L 99 60.67 124.28 17.10
N GLY L 100 60.67 124.75 15.86
CA GLY L 100 59.45 125.19 15.19
C GLY L 100 58.41 124.08 15.15
N GLU L 101 58.85 122.86 14.91
CA GLU L 101 57.93 121.75 14.88
C GLU L 101 57.20 121.60 16.22
N LYS L 102 57.96 121.71 17.32
CA LYS L 102 57.39 121.54 18.65
C LYS L 102 56.38 122.65 18.91
N LEU L 103 56.66 123.86 18.45
CA LEU L 103 55.69 124.93 18.58
C LEU L 103 54.42 124.66 17.76
N ALA L 104 54.58 124.13 16.55
CA ALA L 104 53.44 123.76 15.71
C ALA L 104 52.57 122.70 16.39
N ILE L 105 53.23 121.75 17.05
CA ILE L 105 52.53 120.73 17.81
C ILE L 105 51.66 121.39 18.89
N HIS L 106 52.26 122.31 19.64
CA HIS L 106 51.57 122.94 20.76
C HIS L 106 50.38 123.79 20.29
N ALA L 107 50.53 124.47 19.15
CA ALA L 107 49.42 125.22 18.59
C ALA L 107 48.26 124.28 18.26
N HIS L 108 48.56 123.17 17.58
CA HIS L 108 47.53 122.18 17.26
C HIS L 108 46.91 121.62 18.55
N LEU L 109 47.72 121.45 19.59
CA LEU L 109 47.20 120.84 20.81
C LEU L 109 46.22 121.76 21.55
N VAL L 110 46.38 123.09 21.40
CA VAL L 110 45.41 123.98 22.00
C VAL L 110 44.05 123.68 21.39
N ASP L 111 44.01 123.62 20.07
CA ASP L 111 42.75 123.39 19.36
C ASP L 111 42.18 122.01 19.68
N PHE L 112 43.04 120.98 19.67
CA PHE L 112 42.61 119.63 19.96
C PHE L 112 42.03 119.55 21.37
N CYS L 113 42.73 120.11 22.36
CA CYS L 113 42.28 120.05 23.74
C CYS L 113 40.96 120.76 23.93
N ARG L 114 40.81 121.92 23.32
CA ARG L 114 39.57 122.65 23.46
C ARG L 114 38.43 121.90 22.80
N ARG L 115 38.67 121.19 21.70
CA ARG L 115 37.55 120.54 20.99
C ARG L 115 37.28 119.15 21.57
N ASN L 116 38.17 118.60 22.39
CA ASN L 116 38.00 117.23 22.87
C ASN L 116 37.95 117.16 24.40
N ASP L 117 37.77 118.27 25.08
CA ASP L 117 37.63 118.29 26.54
C ASP L 117 38.83 117.67 27.26
N ILE L 118 40.01 118.10 26.88
CA ILE L 118 41.23 117.69 27.54
C ILE L 118 41.89 118.92 28.11
N ASN L 119 42.42 118.88 29.33
CA ASN L 119 43.19 120.04 29.75
C ASN L 119 44.51 119.71 30.43
N THR L 120 44.99 118.47 30.30
CA THR L 120 46.37 118.15 30.65
C THR L 120 47.02 117.42 29.49
N ILE L 121 48.15 117.98 29.03
CA ILE L 121 48.93 117.32 28.01
C ILE L 121 50.29 116.94 28.63
N ASN L 122 50.89 115.89 28.07
CA ASN L 122 52.11 115.31 28.62
C ASN L 122 53.04 114.96 27.48
N ASP L 123 54.34 115.18 27.67
CA ASP L 123 55.30 114.69 26.70
C ASP L 123 56.38 113.85 27.37
N GLY L 124 57.28 113.32 26.54
CA GLY L 124 58.41 112.55 26.99
C GLY L 124 59.75 113.27 26.78
N ILE L 125 59.78 114.59 26.91
CA ILE L 125 61.11 115.25 26.95
C ILE L 125 61.84 114.77 28.21
N THR L 126 63.17 114.74 28.12
CA THR L 126 64.04 114.20 29.14
C THR L 126 65.22 115.14 29.39
N HIS L 127 65.68 115.13 30.64
CA HIS L 127 66.84 115.87 31.10
C HIS L 127 68.06 115.51 30.25
N TYR L 128 68.28 114.22 29.95
CA TYR L 128 69.53 113.83 29.29
C TYR L 128 69.49 114.28 27.82
N GLN L 129 68.35 114.70 27.27
CA GLN L 129 68.30 115.17 25.90
C GLN L 129 68.28 116.70 25.79
N MET L 130 68.80 117.40 26.82
CA MET L 130 68.68 118.85 26.88
C MET L 130 69.48 119.60 25.82
N GLU L 131 70.43 118.94 25.13
CA GLU L 131 71.09 119.57 24.00
C GLU L 131 70.08 119.94 22.88
N PHE L 132 68.97 119.23 22.78
CA PHE L 132 67.96 119.48 21.76
C PHE L 132 67.08 120.65 22.21
N PRO L 133 66.87 121.65 21.31
CA PRO L 133 66.35 122.95 21.70
C PRO L 133 64.99 122.85 22.37
N GLU L 134 64.13 121.98 21.88
CA GLU L 134 62.77 121.90 22.42
C GLU L 134 62.75 121.22 23.80
N GLN L 135 63.89 120.66 24.23
CA GLN L 135 63.94 119.97 25.51
C GLN L 135 64.70 120.81 26.55
N ARG L 136 65.20 121.98 26.16
CA ARG L 136 65.87 122.85 27.12
C ARG L 136 64.85 123.38 28.12
N LEU L 137 65.31 123.69 29.35
CA LEU L 137 64.42 124.27 30.34
C LEU L 137 63.77 125.56 29.82
N VAL L 138 64.52 126.41 29.09
CA VAL L 138 63.95 127.65 28.60
C VAL L 138 62.80 127.37 27.64
N ALA L 139 62.89 126.33 26.81
CA ALA L 139 61.80 126.04 25.87
C ALA L 139 60.61 125.44 26.60
N LYS L 140 60.88 124.51 27.53
CA LYS L 140 59.81 123.88 28.28
C LYS L 140 59.01 124.94 29.05
N THR L 141 59.71 125.88 29.69
CA THR L 141 59.09 126.94 30.48
C THR L 141 58.22 127.82 29.59
N PHE L 142 58.79 128.20 28.43
CA PHE L 142 58.07 129.01 27.47
C PHE L 142 56.77 128.31 27.07
N LEU L 143 56.84 127.00 26.74
CA LEU L 143 55.69 126.30 26.25
C LEU L 143 54.68 126.03 27.38
N MET L 144 55.15 125.79 28.61
CA MET L 144 54.23 125.71 29.73
C MET L 144 53.40 126.99 29.87
N GLU L 145 54.06 128.14 29.74
CA GLU L 145 53.40 129.44 29.87
C GLU L 145 52.39 129.59 28.73
N MET L 146 52.78 129.21 27.51
CA MET L 146 51.89 129.33 26.38
C MET L 146 50.61 128.51 26.60
N MET L 147 50.77 127.28 27.09
CA MET L 147 49.64 126.40 27.27
C MET L 147 48.76 126.93 28.42
N ALA L 148 49.39 127.44 29.46
CA ALA L 148 48.67 127.99 30.62
C ALA L 148 47.80 129.16 30.20
N GLN L 149 48.18 129.92 29.17
CA GLN L 149 47.32 131.00 28.74
C GLN L 149 46.02 130.45 28.18
N TYR L 150 45.98 129.17 27.77
CA TYR L 150 44.74 128.56 27.29
C TYR L 150 44.17 127.61 28.32
N ASP L 151 44.58 127.74 29.60
CA ASP L 151 44.12 126.88 30.68
C ASP L 151 44.46 125.41 30.44
N ILE L 152 45.62 125.16 29.83
CA ILE L 152 46.07 123.80 29.60
C ILE L 152 47.33 123.59 30.41
N ASN L 153 47.32 122.51 31.17
CA ASN L 153 48.44 122.11 31.99
C ASN L 153 49.36 121.19 31.16
N TYR L 154 50.58 121.66 30.91
CA TYR L 154 51.58 120.94 30.16
C TYR L 154 52.59 120.34 31.12
N GLN L 155 52.64 119.01 31.18
CA GLN L 155 53.52 118.30 32.09
C GLN L 155 54.48 117.42 31.29
N SER L 156 55.59 117.07 31.96
CA SER L 156 56.65 116.26 31.36
C SER L 156 57.02 115.17 32.36
N PRO L 157 56.24 114.07 32.47
CA PRO L 157 56.35 113.19 33.64
C PRO L 157 57.62 112.35 33.72
N VAL L 158 58.41 112.22 32.64
CA VAL L 158 59.69 111.50 32.76
C VAL L 158 60.90 112.43 32.69
N TYR L 159 60.70 113.74 32.72
CA TYR L 159 61.76 114.71 32.45
C TYR L 159 62.90 114.63 33.44
N GLU L 160 62.56 114.59 34.72
CA GLU L 160 63.52 114.67 35.80
C GLU L 160 64.09 113.27 36.07
N PHE L 161 63.27 112.23 35.91
CA PHE L 161 63.76 110.87 36.14
C PHE L 161 64.84 110.48 35.12
N ALA L 162 64.68 110.88 33.86
CA ALA L 162 65.51 110.31 32.80
C ALA L 162 66.88 111.00 32.71
N GLN L 163 67.80 110.53 33.56
CA GLN L 163 69.18 110.96 33.53
C GLN L 163 69.97 110.25 32.42
N SER L 164 69.46 109.15 31.86
CA SER L 164 70.03 108.53 30.67
C SER L 164 68.92 107.72 29.97
N ALA L 165 69.20 107.30 28.74
CA ALA L 165 68.29 106.47 27.98
C ALA L 165 68.05 105.13 28.71
N ASP L 166 69.09 104.61 29.41
CA ASP L 166 68.98 103.36 30.10
C ASP L 166 67.90 103.41 31.17
N ASP L 167 67.73 104.56 31.85
CA ASP L 167 66.71 104.71 32.86
C ASP L 167 65.33 104.43 32.24
N VAL L 168 65.06 105.04 31.09
CA VAL L 168 63.80 104.83 30.43
C VAL L 168 63.63 103.38 29.95
N LYS L 169 64.65 102.85 29.28
CA LYS L 169 64.61 101.53 28.67
C LYS L 169 64.21 100.47 29.69
N TYR L 170 64.85 100.45 30.86
CA TYR L 170 64.68 99.33 31.77
C TYR L 170 63.35 99.44 32.52
N ARG L 171 62.76 100.64 32.61
CA ARG L 171 61.38 100.73 33.11
C ARG L 171 60.42 100.15 32.07
N LEU L 172 60.64 100.45 30.79
CA LEU L 172 59.82 99.83 29.76
C LEU L 172 59.90 98.31 29.83
N LEU L 173 61.12 97.77 29.96
CA LEU L 173 61.30 96.34 29.99
C LEU L 173 60.50 95.71 31.15
N GLN L 174 60.45 96.43 32.29
CA GLN L 174 59.72 95.94 33.46
C GLN L 174 58.22 95.90 33.20
N LEU L 175 57.75 96.66 32.21
CA LEU L 175 56.33 96.62 31.83
C LEU L 175 56.05 95.55 30.79
N GLY L 176 57.07 94.81 30.33
CA GLY L 176 56.86 93.85 29.26
C GLY L 176 56.74 94.53 27.90
N ILE L 177 57.37 95.71 27.77
CA ILE L 177 57.38 96.47 26.51
C ILE L 177 58.80 96.54 25.96
N SER L 178 58.95 96.48 24.63
CA SER L 178 60.28 96.58 24.02
C SER L 178 60.98 97.89 24.39
N THR L 179 62.30 97.82 24.48
CA THR L 179 63.18 98.91 24.82
C THR L 179 63.57 99.74 23.59
N LYS L 180 63.16 99.30 22.40
CA LYS L 180 63.53 99.98 21.17
C LYS L 180 62.66 101.22 20.97
N SER L 181 63.21 102.12 20.18
CA SER L 181 62.55 103.34 19.80
C SER L 181 61.71 103.09 18.55
N LEU L 182 60.38 102.88 18.71
CA LEU L 182 59.56 102.44 17.59
C LEU L 182 58.82 103.64 17.00
N GLU L 183 59.59 104.48 16.32
CA GLU L 183 59.15 105.77 15.87
C GLU L 183 59.69 105.97 14.46
N GLY L 184 59.09 106.91 13.73
CA GLY L 184 59.66 107.41 12.51
C GLY L 184 60.79 108.38 12.84
N ILE L 185 61.57 108.78 11.84
CA ILE L 185 62.57 109.79 12.06
C ILE L 185 62.27 111.02 11.20
N SER L 186 62.68 112.17 11.70
CA SER L 186 62.61 113.39 10.92
C SER L 186 63.70 113.33 9.86
N ILE L 187 63.38 113.81 8.66
CA ILE L 187 64.41 114.00 7.67
C ILE L 187 65.46 114.99 8.17
N PHE L 188 65.10 115.86 9.10
CA PHE L 188 65.99 116.87 9.65
C PHE L 188 66.91 116.32 10.75
N ALA L 189 66.84 115.00 11.02
CA ALA L 189 67.80 114.34 11.89
C ALA L 189 69.22 114.70 11.47
N ASP L 190 70.00 115.11 12.47
CA ASP L 190 71.44 115.36 12.33
C ASP L 190 71.66 116.36 11.19
N SER L 191 70.83 117.44 11.17
CA SER L 191 70.93 118.48 10.16
C SER L 191 71.20 119.85 10.76
N PHE L 192 71.68 119.89 12.01
CA PHE L 192 71.79 121.15 12.75
C PHE L 192 72.96 121.11 13.74
N SER L 193 73.49 122.29 14.12
CA SER L 193 74.43 122.41 15.21
C SER L 193 73.66 122.94 16.45
N THR L 194 74.31 122.96 17.62
CA THR L 194 73.65 123.23 18.88
C THR L 194 73.46 124.74 19.07
N PRO L 195 72.23 125.24 19.27
CA PRO L 195 72.00 126.65 19.50
C PRO L 195 72.13 127.03 20.98
N SER L 196 72.45 128.31 21.24
CA SER L 196 72.43 128.83 22.61
C SER L 196 70.99 128.93 23.10
N ASP L 197 70.83 128.97 24.42
CA ASP L 197 69.54 129.27 25.05
C ASP L 197 68.95 130.60 24.55
N ASP L 198 69.77 131.61 24.36
CA ASP L 198 69.29 132.92 23.92
C ASP L 198 68.64 132.81 22.55
N VAL L 199 69.27 132.06 21.65
CA VAL L 199 68.74 131.84 20.32
C VAL L 199 67.43 131.06 20.38
N VAL L 200 67.39 130.01 21.21
CA VAL L 200 66.18 129.20 21.33
C VAL L 200 65.01 130.09 21.73
N LEU L 201 65.24 130.92 22.73
CA LEU L 201 64.19 131.75 23.26
C LEU L 201 63.82 132.85 22.28
N ALA L 202 64.80 133.44 21.58
CA ALA L 202 64.49 134.45 20.59
C ALA L 202 63.60 133.88 19.46
N TYR L 203 63.93 132.68 19.00
CA TYR L 203 63.18 132.05 17.94
C TYR L 203 61.74 131.78 18.43
N LEU L 204 61.60 131.21 19.63
CA LEU L 204 60.27 130.95 20.17
C LEU L 204 59.45 132.25 20.27
N ARG L 205 60.05 133.33 20.77
CA ARG L 205 59.32 134.58 20.91
C ARG L 205 58.94 135.16 19.55
N GLU L 206 59.81 135.04 18.56
CA GLU L 206 59.52 135.53 17.23
C GLU L 206 58.35 134.75 16.61
N LYS L 207 58.31 133.43 16.78
CA LYS L 207 57.32 132.59 16.13
C LYS L 207 56.00 132.53 16.90
N ALA L 208 55.99 132.90 18.17
CA ALA L 208 54.82 132.78 19.02
C ALA L 208 53.58 133.46 18.42
N PRO L 209 53.66 134.70 17.90
CA PRO L 209 52.48 135.33 17.31
C PRO L 209 51.88 134.53 16.15
N LEU L 210 52.70 133.87 15.35
CA LEU L 210 52.22 133.00 14.30
C LEU L 210 51.53 131.79 14.90
N ALA L 211 52.10 131.21 15.95
CA ALA L 211 51.49 130.05 16.59
C ALA L 211 50.12 130.40 17.15
N HIS L 212 50.01 131.53 17.86
CA HIS L 212 48.72 131.94 18.40
C HIS L 212 47.73 132.22 17.26
N ASN L 213 48.18 132.81 16.17
CA ASN L 213 47.33 133.10 15.03
C ASN L 213 46.76 131.79 14.46
N ILE L 214 47.60 130.76 14.38
CA ILE L 214 47.17 129.44 13.93
C ILE L 214 46.13 128.86 14.86
N VAL L 215 46.31 129.03 16.17
CA VAL L 215 45.31 128.64 17.13
C VAL L 215 43.97 129.32 16.82
N ASN L 216 44.02 130.64 16.57
CA ASN L 216 42.83 131.41 16.33
C ASN L 216 42.13 130.96 15.04
N PHE L 217 42.91 130.69 13.98
CA PHE L 217 42.34 130.21 12.74
C PHE L 217 41.68 128.85 12.95
N LEU L 218 42.37 127.94 13.65
CA LEU L 218 41.85 126.60 13.91
C LEU L 218 40.56 126.63 14.71
N ALA L 219 40.38 127.69 15.51
CA ALA L 219 39.17 127.87 16.31
C ALA L 219 38.06 128.52 15.48
N GLY L 220 38.34 128.91 14.25
CA GLY L 220 37.37 129.57 13.42
C GLY L 220 37.18 131.06 13.75
N GLU L 221 38.19 131.70 14.38
CA GLU L 221 38.02 133.05 14.91
C GLU L 221 38.62 134.09 13.99
N THR L 222 39.58 133.74 13.12
CA THR L 222 40.10 134.74 12.20
C THR L 222 40.63 134.03 10.97
N LEU L 223 40.69 134.78 9.86
CA LEU L 223 41.45 134.39 8.68
C LEU L 223 42.72 135.18 8.56
N ASN L 224 42.75 136.38 9.20
CA ASN L 224 43.82 137.32 8.94
C ASN L 224 45.14 136.84 9.54
N PRO L 225 46.26 137.26 8.95
CA PRO L 225 47.61 136.92 9.45
C PRO L 225 47.93 137.68 10.74
N PRO L 226 49.03 137.34 11.44
CA PRO L 226 49.58 138.18 12.47
C PRO L 226 50.44 139.24 11.77
N SER M 6 -0.44 117.69 2.68
CA SER M 6 -0.07 117.36 1.28
C SER M 6 -1.32 117.42 0.39
N VAL M 7 -1.10 117.73 -0.87
CA VAL M 7 -2.09 118.17 -1.84
C VAL M 7 -2.63 116.96 -2.61
N LYS M 8 -3.86 117.03 -3.07
CA LYS M 8 -4.49 115.91 -3.73
C LYS M 8 -3.86 115.61 -5.08
N PRO M 9 -3.44 114.35 -5.35
CA PRO M 9 -2.86 114.01 -6.65
C PRO M 9 -3.81 114.26 -7.82
N GLN M 10 -3.25 114.73 -8.94
CA GLN M 10 -3.99 114.88 -10.18
C GLN M 10 -3.43 113.92 -11.21
N LEU M 11 -4.13 113.75 -12.32
CA LEU M 11 -3.64 112.89 -13.39
C LEU M 11 -3.11 113.76 -14.52
N VAL M 12 -2.07 113.28 -15.19
CA VAL M 12 -1.64 113.86 -16.45
C VAL M 12 -1.68 112.80 -17.55
N MET M 13 -2.36 113.17 -18.64
CA MET M 13 -2.39 112.36 -19.86
C MET M 13 -1.05 112.56 -20.53
N PHE M 14 -0.22 111.53 -20.47
CA PHE M 14 1.21 111.65 -20.69
C PHE M 14 1.71 110.72 -21.79
N THR M 15 2.45 111.28 -22.76
CA THR M 15 2.98 110.52 -23.88
C THR M 15 4.49 110.35 -23.81
N GLY M 16 5.14 111.16 -22.95
CA GLY M 16 6.60 111.32 -23.02
C GLY M 16 7.01 112.43 -23.97
N GLY M 17 6.07 112.90 -24.78
CA GLY M 17 6.30 114.07 -25.61
C GLY M 17 6.52 115.34 -24.75
N ARG M 18 6.97 116.39 -25.42
CA ARG M 18 7.45 117.58 -24.75
C ARG M 18 6.31 118.25 -23.99
N ASP M 19 5.10 118.37 -24.62
CA ASP M 19 4.08 119.21 -24.01
C ASP M 19 3.49 118.59 -22.75
N SER M 20 3.19 117.29 -22.80
CA SER M 20 2.62 116.62 -21.64
C SER M 20 3.70 116.43 -20.57
N THR M 21 4.97 116.30 -20.96
CA THR M 21 6.05 116.30 -19.98
C THR M 21 6.04 117.64 -19.22
N LEU M 22 5.96 118.76 -19.98
CA LEU M 22 6.01 120.08 -19.37
C LEU M 22 4.80 120.31 -18.48
N ALA M 23 3.61 119.85 -18.92
CA ALA M 23 2.42 120.02 -18.11
C ALA M 23 2.56 119.33 -16.77
N ALA M 24 3.02 118.10 -16.79
CA ALA M 24 3.25 117.36 -15.56
C ALA M 24 4.27 118.08 -14.67
N CYS M 25 5.40 118.51 -15.27
CA CYS M 25 6.45 119.18 -14.50
C CYS M 25 5.94 120.46 -13.84
N TYR M 26 5.14 121.23 -14.59
CA TYR M 26 4.66 122.50 -14.09
C TYR M 26 3.73 122.27 -12.89
N LEU M 27 2.86 121.26 -12.96
CA LEU M 27 2.02 120.92 -11.81
C LEU M 27 2.88 120.53 -10.61
N MET M 28 3.91 119.70 -10.85
CA MET M 28 4.76 119.25 -9.75
C MET M 28 5.53 120.42 -9.13
N LEU M 29 5.95 121.41 -9.95
CA LEU M 29 6.62 122.56 -9.43
C LEU M 29 5.72 123.30 -8.44
N GLN M 30 4.40 123.19 -8.64
CA GLN M 30 3.44 123.85 -7.76
C GLN M 30 3.19 123.02 -6.52
N GLY M 31 3.77 121.82 -6.40
CA GLY M 31 3.53 121.00 -5.23
C GLY M 31 2.39 119.99 -5.48
N ILE M 32 1.89 119.89 -6.71
CA ILE M 32 0.79 118.98 -7.00
C ILE M 32 1.37 117.63 -7.40
N PRO M 33 1.11 116.54 -6.63
CA PRO M 33 1.55 115.25 -7.05
C PRO M 33 0.81 114.82 -8.32
N VAL M 34 1.53 114.12 -9.22
CA VAL M 34 0.92 113.73 -10.47
C VAL M 34 1.03 112.21 -10.67
N HIS M 35 -0.09 111.66 -11.12
CA HIS M 35 -0.17 110.32 -11.65
C HIS M 35 -0.06 110.42 -13.15
N LEU M 36 1.05 109.92 -13.71
CA LEU M 36 1.23 109.94 -15.15
C LEU M 36 0.47 108.75 -15.75
N TRP M 37 -0.32 109.01 -16.80
CA TRP M 37 -1.17 107.99 -17.40
C TRP M 37 -0.98 108.02 -18.91
N SER M 38 -0.54 106.88 -19.45
CA SER M 38 -0.28 106.69 -20.87
C SER M 38 -1.22 105.63 -21.44
N GLY M 39 -1.99 105.97 -22.46
CA GLY M 39 -2.90 105.00 -23.10
C GLY M 39 -2.21 104.26 -24.24
N ASN M 40 -2.06 102.95 -24.11
CA ASN M 40 -1.47 102.12 -25.13
C ASN M 40 -2.62 101.41 -25.90
N SER M 41 -2.85 101.90 -27.12
CA SER M 41 -3.88 101.49 -28.06
C SER M 41 -3.59 100.09 -28.63
N GLY M 42 -2.35 99.65 -28.53
CA GLY M 42 -1.86 98.39 -29.05
C GLY M 42 -1.30 98.48 -30.48
N CYS M 43 -1.24 99.71 -31.01
CA CYS M 43 -0.78 99.98 -32.36
C CYS M 43 0.27 101.09 -32.32
N SER M 44 1.03 101.17 -31.22
CA SER M 44 2.06 102.17 -31.04
C SER M 44 3.41 101.48 -31.10
N LEU M 45 4.36 102.08 -31.83
CA LEU M 45 5.66 101.50 -32.08
C LEU M 45 6.75 102.21 -31.28
N HIS M 46 7.78 101.44 -30.89
CA HIS M 46 8.99 101.99 -30.31
C HIS M 46 8.67 102.89 -29.09
N ARG M 47 7.97 102.28 -28.14
CA ARG M 47 7.53 102.95 -26.92
C ARG M 47 8.59 102.88 -25.82
N GLY M 48 9.63 102.11 -25.99
CA GLY M 48 10.64 101.88 -24.97
C GLY M 48 11.31 103.17 -24.49
N ILE M 49 11.42 104.22 -25.33
CA ILE M 49 12.12 105.44 -24.93
C ILE M 49 11.35 106.19 -23.84
N LEU M 50 10.06 105.94 -23.71
CA LEU M 50 9.22 106.58 -22.70
C LEU M 50 9.82 106.46 -21.30
N SER M 51 10.43 105.31 -21.03
CA SER M 51 10.89 105.05 -19.69
C SER M 51 12.09 105.95 -19.38
N HIS M 52 12.87 106.35 -20.38
CA HIS M 52 13.95 107.33 -20.17
C HIS M 52 13.34 108.64 -19.65
N ARG M 53 12.20 109.05 -20.20
CA ARG M 53 11.60 110.30 -19.81
C ARG M 53 11.05 110.23 -18.39
N VAL M 54 10.38 109.13 -18.05
CA VAL M 54 9.84 108.96 -16.71
C VAL M 54 10.99 109.03 -15.70
N GLU M 55 12.11 108.40 -16.00
CA GLU M 55 13.28 108.45 -15.13
C GLU M 55 13.77 109.89 -14.97
N GLU M 56 13.81 110.68 -16.06
CA GLU M 56 14.23 112.07 -15.96
C GLU M 56 13.31 112.81 -14.98
N MET M 57 12.02 112.53 -15.07
CA MET M 57 11.03 113.24 -14.28
C MET M 57 11.13 112.85 -12.80
N LYS M 58 11.32 111.56 -12.53
CA LYS M 58 11.55 111.08 -11.18
C LYS M 58 12.83 111.64 -10.59
N ASN M 59 13.89 111.77 -11.38
CA ASN M 59 15.11 112.33 -10.88
C ASN M 59 14.90 113.79 -10.54
N ARG M 60 14.08 114.53 -11.30
CA ARG M 60 13.95 115.95 -11.08
C ARG M 60 12.91 116.25 -9.98
N PHE M 61 11.91 115.42 -9.79
CA PHE M 61 10.75 115.74 -8.94
C PHE M 61 10.50 114.73 -7.82
N GLY M 62 11.18 113.58 -7.81
CA GLY M 62 11.09 112.60 -6.72
C GLY M 62 9.66 112.11 -6.53
N ASP M 63 9.21 112.16 -5.27
CA ASP M 63 7.94 111.57 -4.86
C ASP M 63 6.72 112.30 -5.41
N LEU M 64 6.88 113.47 -5.99
CA LEU M 64 5.75 114.15 -6.63
C LEU M 64 5.29 113.38 -7.87
N VAL M 65 6.14 112.49 -8.43
CA VAL M 65 5.66 111.56 -9.44
C VAL M 65 5.08 110.38 -8.69
N VAL M 66 3.77 110.26 -8.60
CA VAL M 66 3.23 109.26 -7.71
C VAL M 66 3.06 107.94 -8.45
N GLY M 67 3.10 107.91 -9.77
CA GLY M 67 3.14 106.67 -10.50
C GLY M 67 3.10 106.98 -11.99
N HIS M 68 3.34 105.91 -12.76
CA HIS M 68 3.12 105.91 -14.19
C HIS M 68 2.33 104.66 -14.52
N THR M 69 1.09 104.83 -14.97
CA THR M 69 0.24 103.75 -15.44
C THR M 69 0.33 103.77 -16.95
N VAL M 70 0.63 102.59 -17.52
CA VAL M 70 0.47 102.36 -18.95
C VAL M 70 -0.75 101.47 -19.08
N ALA M 71 -1.84 102.03 -19.61
CA ALA M 71 -3.11 101.34 -19.63
C ALA M 71 -3.30 100.71 -21.01
N ASP M 72 -3.66 99.43 -21.01
CA ASP M 72 -3.94 98.74 -22.26
C ASP M 72 -5.36 99.07 -22.65
N ILE M 73 -5.55 99.91 -23.67
CA ILE M 73 -6.86 100.33 -24.11
C ILE M 73 -7.19 99.74 -25.46
N SER M 74 -6.44 98.72 -25.90
CA SER M 74 -6.61 98.12 -27.22
C SER M 74 -8.03 97.65 -27.48
N GLY M 75 -8.73 97.07 -26.48
CA GLY M 75 -10.05 96.55 -26.76
C GLY M 75 -11.08 97.64 -26.99
N ALA M 76 -11.05 98.67 -26.13
CA ALA M 76 -11.90 99.84 -26.32
C ALA M 76 -11.60 100.54 -27.64
N PHE M 77 -10.31 100.68 -27.96
CA PHE M 77 -9.90 101.32 -29.20
C PHE M 77 -10.44 100.54 -30.38
N ARG M 78 -10.27 99.21 -30.34
CA ARG M 78 -10.80 98.39 -31.43
C ARG M 78 -12.31 98.60 -31.59
N SER M 79 -13.06 98.54 -30.47
CA SER M 79 -14.50 98.59 -30.56
C SER M 79 -14.97 99.91 -31.14
N ILE M 80 -14.32 101.01 -30.73
CA ILE M 80 -14.75 102.34 -31.15
C ILE M 80 -14.32 102.64 -32.57
N ALA M 81 -13.05 102.36 -32.92
CA ALA M 81 -12.40 102.95 -34.09
C ALA M 81 -11.99 101.98 -35.17
N ILE M 82 -11.83 100.68 -34.87
CA ILE M 82 -11.32 99.75 -35.87
C ILE M 82 -12.41 98.83 -36.40
N GLU M 83 -13.27 98.32 -35.51
CA GLU M 83 -14.20 97.28 -35.89
C GLU M 83 -15.05 97.68 -37.07
N ALA M 84 -15.47 98.94 -37.15
CA ALA M 84 -16.32 99.42 -38.23
C ALA M 84 -15.55 100.40 -39.13
N LEU M 85 -14.25 100.16 -39.33
CA LEU M 85 -13.41 101.03 -40.11
C LEU M 85 -13.92 101.25 -41.54
N GLU M 86 -14.31 100.17 -42.19
CA GLU M 86 -14.84 100.25 -43.54
C GLU M 86 -16.00 101.24 -43.59
N GLN M 87 -17.03 101.00 -42.75
CA GLN M 87 -18.22 101.82 -42.72
C GLN M 87 -17.85 103.26 -42.32
N ASP M 88 -16.97 103.43 -41.35
CA ASP M 88 -16.63 104.75 -40.86
C ASP M 88 -15.99 105.59 -41.98
N ILE M 89 -15.06 104.98 -42.72
CA ILE M 89 -14.37 105.71 -43.78
C ILE M 89 -15.31 105.97 -44.94
N LEU M 90 -16.13 104.99 -45.30
CA LEU M 90 -17.05 105.20 -46.40
C LEU M 90 -18.06 106.30 -46.07
N LYS M 91 -18.47 106.41 -44.81
CA LYS M 91 -19.48 107.41 -44.46
C LYS M 91 -18.86 108.79 -44.34
N TYR M 92 -17.76 108.93 -43.61
CA TYR M 92 -17.20 110.26 -43.37
C TYR M 92 -16.16 110.68 -44.43
N ARG M 93 -15.67 109.76 -45.25
CA ARG M 93 -14.69 110.02 -46.29
C ARG M 93 -13.39 110.53 -45.72
N LYS M 94 -13.15 110.27 -44.44
CA LYS M 94 -11.92 110.59 -43.76
C LYS M 94 -11.63 109.47 -42.75
N ASN M 95 -10.35 109.18 -42.62
CA ASN M 95 -9.85 108.27 -41.63
C ASN M 95 -9.76 109.00 -40.30
N LEU M 96 -10.61 108.64 -39.34
CA LEU M 96 -10.65 109.31 -38.05
C LEU M 96 -10.22 108.41 -36.88
N VAL M 97 -9.34 107.45 -37.15
CA VAL M 97 -9.04 106.43 -36.15
C VAL M 97 -8.47 107.08 -34.89
N LEU M 98 -7.63 108.13 -35.08
CA LEU M 98 -6.96 108.71 -33.94
C LEU M 98 -7.91 109.57 -33.12
N LEU M 99 -9.01 110.01 -33.72
CA LEU M 99 -10.10 110.66 -32.98
C LEU M 99 -10.84 109.62 -32.10
N GLY M 100 -11.10 108.47 -32.69
CA GLY M 100 -11.64 107.32 -31.96
C GLY M 100 -10.75 106.90 -30.82
N GLU M 101 -9.44 106.92 -31.06
CA GLU M 101 -8.50 106.58 -30.01
C GLU M 101 -8.67 107.51 -28.81
N LYS M 102 -8.81 108.81 -29.09
CA LYS M 102 -8.91 109.79 -28.01
C LYS M 102 -10.19 109.55 -27.21
N LEU M 103 -11.26 109.14 -27.88
CA LEU M 103 -12.46 108.79 -27.17
C LEU M 103 -12.31 107.55 -26.28
N ALA M 104 -11.58 106.54 -26.81
CA ALA M 104 -11.27 105.34 -26.04
C ALA M 104 -10.45 105.68 -24.79
N ILE M 105 -9.50 106.62 -24.95
CA ILE M 105 -8.69 107.10 -23.84
C ILE M 105 -9.59 107.67 -22.76
N HIS M 106 -10.57 108.49 -23.18
CA HIS M 106 -11.41 109.22 -22.22
C HIS M 106 -12.31 108.24 -21.47
N ALA M 107 -12.81 107.21 -22.17
CA ALA M 107 -13.61 106.19 -21.52
C ALA M 107 -12.80 105.53 -20.40
N HIS M 108 -11.55 105.13 -20.73
CA HIS M 108 -10.70 104.51 -19.75
C HIS M 108 -10.38 105.46 -18.62
N LEU M 109 -10.23 106.77 -18.92
CA LEU M 109 -9.90 107.74 -17.88
C LEU M 109 -11.04 107.89 -16.85
N VAL M 110 -12.30 107.75 -17.31
CA VAL M 110 -13.39 107.87 -16.35
C VAL M 110 -13.23 106.74 -15.32
N ASP M 111 -12.99 105.53 -15.80
CA ASP M 111 -12.88 104.38 -14.93
C ASP M 111 -11.68 104.49 -14.01
N PHE M 112 -10.52 104.90 -14.57
CA PHE M 112 -9.32 105.05 -13.76
C PHE M 112 -9.53 106.11 -12.68
N CYS M 113 -10.10 107.27 -13.05
CA CYS M 113 -10.31 108.35 -12.08
C CYS M 113 -11.24 107.93 -10.97
N ARG M 114 -12.32 107.26 -11.33
CA ARG M 114 -13.26 106.86 -10.29
C ARG M 114 -12.66 105.80 -9.39
N ARG M 115 -11.77 104.95 -9.88
CA ARG M 115 -11.25 103.88 -9.03
C ARG M 115 -10.03 104.34 -8.26
N ASN M 116 -9.43 105.49 -8.61
CA ASN M 116 -8.22 105.94 -7.94
C ASN M 116 -8.42 107.29 -7.25
N ASP M 117 -9.65 107.76 -7.09
CA ASP M 117 -9.98 108.98 -6.38
C ASP M 117 -9.25 110.20 -6.97
N ILE M 118 -9.37 110.34 -8.28
CA ILE M 118 -8.85 111.48 -9.00
C ILE M 118 -10.03 112.20 -9.61
N ASN M 119 -10.04 113.53 -9.50
CA ASN M 119 -11.08 114.22 -10.24
C ASN M 119 -10.57 115.39 -11.07
N THR M 120 -9.26 115.54 -11.24
CA THR M 120 -8.73 116.48 -12.21
C THR M 120 -7.76 115.73 -13.10
N ILE M 121 -8.01 115.84 -14.41
CA ILE M 121 -7.09 115.34 -15.40
C ILE M 121 -6.53 116.53 -16.18
N ASN M 122 -5.33 116.35 -16.70
CA ASN M 122 -4.59 117.41 -17.36
C ASN M 122 -3.95 116.84 -18.61
N ASP M 123 -3.99 117.62 -19.69
CA ASP M 123 -3.23 117.23 -20.86
C ASP M 123 -2.22 118.31 -21.28
N GLY M 124 -1.48 118.01 -22.33
CA GLY M 124 -0.53 118.95 -22.92
C GLY M 124 -0.97 119.50 -24.27
N ILE M 125 -2.24 119.73 -24.48
CA ILE M 125 -2.69 120.49 -25.64
C ILE M 125 -2.08 121.86 -25.61
N THR M 126 -1.77 122.39 -26.80
CA THR M 126 -1.12 123.68 -27.02
C THR M 126 -1.82 124.34 -28.22
N HIS M 127 -1.68 125.66 -28.29
CA HIS M 127 -2.09 126.48 -29.41
C HIS M 127 -1.54 125.95 -30.75
N TYR M 128 -0.27 125.62 -30.79
CA TYR M 128 0.42 125.26 -32.02
C TYR M 128 -0.02 123.88 -32.48
N GLN M 129 -0.78 123.12 -31.72
CA GLN M 129 -1.33 121.83 -32.18
C GLN M 129 -2.73 121.96 -32.85
N MET M 130 -2.59 122.31 -34.12
CA MET M 130 -3.69 122.76 -35.00
C MET M 130 -3.90 121.84 -36.21
N GLU M 131 -3.00 120.92 -36.53
CA GLU M 131 -3.14 120.15 -37.77
C GLU M 131 -4.32 119.16 -37.56
N PHE M 132 -4.29 118.48 -36.42
CA PHE M 132 -4.89 117.14 -36.29
C PHE M 132 -6.35 117.39 -35.93
N PRO M 133 -7.31 116.66 -36.53
CA PRO M 133 -8.73 116.78 -36.17
C PRO M 133 -9.01 116.56 -34.69
N GLU M 134 -8.30 115.64 -34.07
CA GLU M 134 -8.48 115.31 -32.67
C GLU M 134 -7.96 116.42 -31.76
N GLN M 135 -7.27 117.44 -32.30
CA GLN M 135 -6.76 118.53 -31.48
C GLN M 135 -7.62 119.78 -31.60
N ARG M 136 -8.64 119.75 -32.43
CA ARG M 136 -9.51 120.91 -32.60
C ARG M 136 -10.30 121.17 -31.32
N LEU M 137 -10.65 122.46 -31.19
CA LEU M 137 -11.50 122.92 -30.11
C LEU M 137 -12.81 122.13 -30.05
N VAL M 138 -13.39 121.76 -31.20
CA VAL M 138 -14.65 121.05 -31.18
C VAL M 138 -14.48 119.70 -30.48
N ALA M 139 -13.33 119.02 -30.66
CA ALA M 139 -13.15 117.74 -30.00
C ALA M 139 -12.86 117.93 -28.50
N LYS M 140 -12.02 118.89 -28.19
CA LYS M 140 -11.68 119.19 -26.80
C LYS M 140 -12.95 119.51 -26.00
N THR M 141 -13.83 120.34 -26.57
CA THR M 141 -15.06 120.77 -25.92
C THR M 141 -15.97 119.55 -25.67
N PHE M 142 -16.10 118.71 -26.70
CA PHE M 142 -16.87 117.50 -26.58
C PHE M 142 -16.35 116.61 -25.44
N LEU M 143 -15.04 116.43 -25.38
CA LEU M 143 -14.44 115.55 -24.38
C LEU M 143 -14.48 116.19 -22.97
N MET M 144 -14.33 117.52 -22.88
CA MET M 144 -14.51 118.17 -21.61
C MET M 144 -15.92 117.92 -21.06
N GLU M 145 -16.93 117.98 -21.94
CA GLU M 145 -18.33 117.80 -21.56
C GLU M 145 -18.50 116.34 -21.12
N MET M 146 -17.90 115.39 -21.85
CA MET M 146 -18.00 113.99 -21.46
C MET M 146 -17.44 113.78 -20.05
N MET M 147 -16.29 114.36 -19.75
CA MET M 147 -15.64 114.15 -18.45
C MET M 147 -16.48 114.82 -17.35
N ALA M 148 -17.03 115.99 -17.65
CA ALA M 148 -17.84 116.72 -16.70
C ALA M 148 -19.08 115.92 -16.33
N GLN M 149 -19.62 115.11 -17.22
CA GLN M 149 -20.77 114.31 -16.87
C GLN M 149 -20.40 113.32 -15.76
N TYR M 150 -19.12 113.00 -15.60
CA TYR M 150 -18.69 112.07 -14.56
C TYR M 150 -17.99 112.85 -13.45
N ASP M 151 -18.22 114.16 -13.36
CA ASP M 151 -17.65 115.04 -12.34
C ASP M 151 -16.13 115.04 -12.39
N ILE M 152 -15.56 114.97 -13.59
CA ILE M 152 -14.12 115.07 -13.74
C ILE M 152 -13.81 116.35 -14.50
N ASN M 153 -12.90 117.11 -13.88
CA ASN M 153 -12.43 118.40 -14.36
C ASN M 153 -11.22 118.15 -15.27
N TYR M 154 -11.38 118.57 -16.54
CA TYR M 154 -10.35 118.41 -17.55
C TYR M 154 -9.67 119.74 -17.80
N GLN M 155 -8.38 119.83 -17.53
CA GLN M 155 -7.60 121.09 -17.65
C GLN M 155 -6.40 120.91 -18.59
N SER M 156 -5.86 122.02 -19.09
CA SER M 156 -4.82 122.02 -20.10
C SER M 156 -3.75 123.04 -19.69
N PRO M 157 -2.86 122.73 -18.74
CA PRO M 157 -2.05 123.75 -18.07
C PRO M 157 -0.98 124.46 -18.92
N VAL M 158 -0.60 123.92 -20.07
CA VAL M 158 0.36 124.60 -20.93
C VAL M 158 -0.28 125.22 -22.19
N TYR M 159 -1.62 125.21 -22.28
CA TYR M 159 -2.29 125.51 -23.54
C TYR M 159 -2.00 126.94 -24.00
N GLU M 160 -2.13 127.93 -23.07
CA GLU M 160 -2.07 129.29 -23.51
C GLU M 160 -0.60 129.76 -23.60
N PHE M 161 0.27 129.23 -22.74
CA PHE M 161 1.68 129.61 -22.84
C PHE M 161 2.31 129.13 -24.16
N ALA M 162 1.98 127.94 -24.62
CA ALA M 162 2.74 127.31 -25.69
C ALA M 162 2.28 127.80 -27.06
N GLN M 163 2.81 128.94 -27.47
CA GLN M 163 2.57 129.48 -28.81
C GLN M 163 3.42 128.80 -29.89
N SER M 164 4.50 128.09 -29.50
CA SER M 164 5.22 127.21 -30.41
C SER M 164 5.93 126.14 -29.61
N ALA M 165 6.46 125.12 -30.29
CA ALA M 165 7.18 124.04 -29.65
C ALA M 165 8.45 124.60 -28.94
N ASP M 166 9.04 125.65 -29.47
CA ASP M 166 10.20 126.29 -28.86
C ASP M 166 9.89 126.78 -27.44
N ASP M 167 8.70 127.28 -27.21
CA ASP M 167 8.30 127.76 -25.88
C ASP M 167 8.34 126.59 -24.91
N VAL M 168 7.81 125.45 -25.29
CA VAL M 168 7.83 124.27 -24.44
C VAL M 168 9.28 123.80 -24.20
N LYS M 169 10.05 123.67 -25.27
CA LYS M 169 11.41 123.15 -25.22
C LYS M 169 12.27 123.93 -24.21
N TYR M 170 12.24 125.26 -24.24
CA TYR M 170 13.15 126.05 -23.44
C TYR M 170 12.77 125.98 -21.93
N ARG M 171 11.47 125.76 -21.63
CA ARG M 171 11.09 125.56 -20.26
C ARG M 171 11.57 124.19 -19.78
N LEU M 172 11.45 123.15 -20.62
CA LEU M 172 11.94 121.85 -20.25
C LEU M 172 13.44 121.93 -19.93
N LEU M 173 14.20 122.60 -20.82
CA LEU M 173 15.63 122.67 -20.62
C LEU M 173 15.97 123.35 -19.28
N GLN M 174 15.17 124.34 -18.87
CA GLN M 174 15.38 125.04 -17.61
C GLN M 174 15.15 124.12 -16.42
N LEU M 175 14.41 123.04 -16.62
CA LEU M 175 14.18 122.06 -15.56
C LEU M 175 15.28 120.97 -15.57
N GLY M 176 16.25 121.03 -16.49
CA GLY M 176 17.24 119.99 -16.59
C GLY M 176 16.69 118.72 -17.24
N ILE M 177 15.65 118.89 -18.09
CA ILE M 177 15.04 117.77 -18.81
C ILE M 177 15.29 117.92 -20.31
N SER M 178 15.48 116.78 -21.00
CA SER M 178 15.67 116.76 -22.44
C SER M 178 14.51 117.45 -23.17
N THR M 179 14.84 118.10 -24.29
CA THR M 179 13.89 118.82 -25.12
C THR M 179 13.26 117.90 -26.17
N LYS M 180 13.73 116.66 -26.27
CA LYS M 180 13.25 115.72 -27.26
C LYS M 180 11.86 115.19 -26.90
N SER M 181 11.19 114.73 -27.95
CA SER M 181 9.93 114.06 -27.80
C SER M 181 10.16 112.56 -27.60
N LEU M 182 10.08 112.10 -26.33
CA LEU M 182 10.46 110.74 -26.01
C LEU M 182 9.20 109.89 -25.87
N GLU M 183 8.61 109.58 -27.02
CA GLU M 183 7.31 108.93 -27.08
C GLU M 183 7.38 107.87 -28.16
N GLY M 184 6.41 106.95 -28.14
CA GLY M 184 6.20 106.02 -29.25
C GLY M 184 5.46 106.75 -30.34
N ILE M 185 5.28 106.10 -31.48
CA ILE M 185 4.61 106.64 -32.64
C ILE M 185 3.40 105.72 -32.91
N SER M 186 2.23 106.26 -33.27
CA SER M 186 1.13 105.45 -33.75
C SER M 186 1.47 104.95 -35.14
N ILE M 187 1.13 103.70 -35.43
CA ILE M 187 1.23 103.22 -36.79
C ILE M 187 0.33 104.05 -37.72
N PHE M 188 -0.70 104.67 -37.17
CA PHE M 188 -1.65 105.48 -37.96
C PHE M 188 -1.13 106.91 -38.18
N ALA M 189 -1.78 107.71 -39.05
CA ALA M 189 -1.30 109.08 -39.37
C ALA M 189 -2.43 110.15 -39.30
N THR M 194 -8.42 117.59 -45.00
CA THR M 194 -9.10 118.22 -43.85
C THR M 194 -10.55 117.74 -43.84
N PRO M 195 -11.07 117.18 -42.74
CA PRO M 195 -12.52 117.06 -42.52
C PRO M 195 -13.13 118.35 -41.97
N SER M 196 -14.41 118.58 -42.19
CA SER M 196 -15.12 119.70 -41.58
C SER M 196 -15.28 119.44 -40.08
N ASP M 197 -15.48 120.52 -39.31
CA ASP M 197 -15.86 120.40 -37.91
C ASP M 197 -17.14 119.60 -37.74
N ASP M 198 -18.12 119.76 -38.63
CA ASP M 198 -19.34 118.98 -38.55
C ASP M 198 -19.06 117.47 -38.58
N VAL M 199 -18.17 117.04 -39.45
CA VAL M 199 -17.80 115.64 -39.56
C VAL M 199 -17.10 115.17 -38.27
N VAL M 200 -16.20 115.98 -37.74
CA VAL M 200 -15.48 115.59 -36.54
C VAL M 200 -16.48 115.35 -35.40
N LEU M 201 -17.41 116.28 -35.26
CA LEU M 201 -18.40 116.23 -34.19
C LEU M 201 -19.37 115.10 -34.47
N ALA M 202 -19.78 114.85 -35.71
CA ALA M 202 -20.69 113.75 -36.02
C ALA M 202 -20.07 112.42 -35.67
N TYR M 203 -18.75 112.24 -35.93
CA TYR M 203 -18.07 111.02 -35.58
C TYR M 203 -18.11 110.82 -34.07
N LEU M 204 -17.73 111.88 -33.34
CA LEU M 204 -17.71 111.81 -31.89
C LEU M 204 -19.12 111.46 -31.35
N ARG M 205 -20.17 112.09 -31.86
CA ARG M 205 -21.53 111.81 -31.41
C ARG M 205 -21.97 110.39 -31.75
N GLU M 206 -21.58 109.88 -32.91
CA GLU M 206 -21.92 108.53 -33.29
C GLU M 206 -21.24 107.52 -32.36
N LYS M 207 -19.99 107.74 -31.97
CA LYS M 207 -19.23 106.78 -31.18
C LYS M 207 -19.47 106.94 -29.67
N ALA M 208 -20.00 108.08 -29.23
CA ALA M 208 -20.17 108.38 -27.82
C ALA M 208 -20.95 107.28 -27.06
N PRO M 209 -22.06 106.75 -27.60
CA PRO M 209 -22.77 105.69 -26.90
C PRO M 209 -21.92 104.45 -26.64
N LEU M 210 -21.01 104.12 -27.57
CA LEU M 210 -20.07 103.03 -27.39
C LEU M 210 -19.14 103.36 -26.22
N ALA M 211 -18.61 104.61 -26.19
CA ALA M 211 -17.70 105.01 -25.17
C ALA M 211 -18.35 104.94 -23.79
N HIS M 212 -19.57 105.46 -23.64
CA HIS M 212 -20.23 105.44 -22.36
C HIS M 212 -20.53 103.99 -21.95
N ASN M 213 -20.89 103.14 -22.91
CA ASN M 213 -21.16 101.74 -22.62
C ASN M 213 -19.90 101.06 -22.08
N ILE M 214 -18.76 101.37 -22.66
CA ILE M 214 -17.48 100.86 -22.18
C ILE M 214 -17.20 101.32 -20.77
N VAL M 215 -17.50 102.58 -20.46
CA VAL M 215 -17.42 103.07 -19.10
C VAL M 215 -18.26 102.21 -18.16
N ASN M 216 -19.51 101.93 -18.56
CA ASN M 216 -20.42 101.19 -17.73
C ASN M 216 -19.92 99.74 -17.53
N PHE M 217 -19.39 99.13 -18.57
CA PHE M 217 -18.84 97.79 -18.46
C PHE M 217 -17.64 97.79 -17.52
N LEU M 218 -16.75 98.76 -17.69
CA LEU M 218 -15.54 98.85 -16.86
C LEU M 218 -15.86 99.06 -15.40
N ALA M 219 -17.03 99.66 -15.13
CA ALA M 219 -17.49 99.89 -13.76
C ALA M 219 -18.18 98.63 -13.21
N GLY M 220 -18.38 97.61 -14.03
CA GLY M 220 -19.05 96.42 -13.59
C GLY M 220 -20.58 96.55 -13.59
N GLU M 221 -21.14 97.50 -14.37
CA GLU M 221 -22.55 97.83 -14.27
C GLU M 221 -23.37 97.18 -15.38
N THR M 222 -22.75 96.84 -16.52
CA THR M 222 -23.54 96.11 -17.52
C THR M 222 -22.61 95.25 -18.35
N LEU M 223 -23.17 94.23 -18.97
CA LEU M 223 -22.52 93.49 -20.04
C LEU M 223 -23.07 93.89 -21.41
N ASN M 224 -24.32 94.38 -21.41
CA ASN M 224 -25.03 94.52 -22.68
C ASN M 224 -24.45 95.64 -23.53
N PRO M 225 -24.58 95.51 -24.87
CA PRO M 225 -24.07 96.49 -25.81
C PRO M 225 -24.90 97.77 -25.81
N PRO M 226 -24.43 98.86 -26.47
CA PRO M 226 -25.15 100.14 -26.40
C PRO M 226 -26.61 100.05 -26.92
N VAL M 227 -27.58 100.74 -26.33
CA VAL M 227 -28.95 100.75 -26.86
C VAL M 227 -29.07 101.90 -27.88
N SER N 6 29.05 80.84 46.08
CA SER N 6 30.46 80.87 45.62
C SER N 6 31.44 81.62 46.56
N VAL N 7 32.60 81.02 46.64
CA VAL N 7 33.77 81.37 47.42
C VAL N 7 34.64 82.31 46.58
N LYS N 8 35.40 83.16 47.25
CA LYS N 8 36.31 84.06 46.62
C LYS N 8 37.44 83.33 45.88
N PRO N 9 37.69 83.63 44.59
CA PRO N 9 38.78 83.01 43.86
C PRO N 9 40.15 83.26 44.49
N GLN N 10 41.00 82.23 44.42
CA GLN N 10 42.37 82.33 44.88
C GLN N 10 43.28 82.14 43.67
N LEU N 11 44.53 82.54 43.81
CA LEU N 11 45.48 82.41 42.70
C LEU N 11 46.39 81.20 42.95
N VAL N 12 46.76 80.52 41.86
CA VAL N 12 47.78 79.49 41.95
C VAL N 12 48.91 79.83 40.99
N MET N 13 50.12 79.82 41.53
CA MET N 13 51.35 79.89 40.77
C MET N 13 51.54 78.56 40.06
N PHE N 14 51.32 78.59 38.76
CA PHE N 14 51.09 77.42 37.96
C PHE N 14 52.10 77.30 36.81
N THR N 15 52.76 76.12 36.73
CA THR N 15 53.73 75.86 35.69
C THR N 15 53.25 74.81 34.71
N GLY N 16 52.17 74.08 35.06
CA GLY N 16 51.82 72.87 34.34
C GLY N 16 52.50 71.64 34.96
N GLY N 17 53.48 71.86 35.83
CA GLY N 17 54.09 70.78 36.55
C GLY N 17 53.12 70.07 37.51
N ARG N 18 53.58 68.95 38.04
CA ARG N 18 52.71 68.05 38.79
C ARG N 18 52.20 68.74 40.04
N ASP N 19 53.09 69.40 40.79
CA ASP N 19 52.76 69.87 42.12
C ASP N 19 51.80 71.06 42.06
N SER N 20 52.04 72.01 41.18
CA SER N 20 51.15 73.16 41.07
C SER N 20 49.84 72.76 40.43
N THR N 21 49.86 71.76 39.54
CA THR N 21 48.60 71.20 39.03
C THR N 21 47.79 70.63 40.20
N LEU N 22 48.43 69.85 41.06
CA LEU N 22 47.72 69.20 42.17
C LEU N 22 47.22 70.25 43.15
N ALA N 23 48.02 71.29 43.42
CA ALA N 23 47.59 72.33 44.35
C ALA N 23 46.31 72.99 43.85
N ALA N 24 46.31 73.37 42.58
CA ALA N 24 45.14 73.97 41.98
C ALA N 24 43.93 73.01 42.04
N CYS N 25 44.14 71.74 41.68
CA CYS N 25 43.05 70.77 41.67
C CYS N 25 42.46 70.58 43.06
N TYR N 26 43.34 70.51 44.07
CA TYR N 26 42.88 70.27 45.43
C TYR N 26 42.04 71.42 45.92
N LEU N 27 42.43 72.67 45.61
CA LEU N 27 41.62 73.82 45.97
C LEU N 27 40.26 73.74 45.28
N MET N 28 40.25 73.40 43.98
CA MET N 28 39.00 73.33 43.24
C MET N 28 38.10 72.23 43.79
N LEU N 29 38.66 71.11 44.22
CA LEU N 29 37.88 70.04 44.82
C LEU N 29 37.13 70.56 46.05
N GLN N 30 37.71 71.57 46.72
CA GLN N 30 37.10 72.14 47.91
C GLN N 30 36.05 73.16 47.52
N GLY N 31 35.88 73.48 46.24
CA GLY N 31 34.92 74.50 45.85
C GLY N 31 35.56 75.88 45.68
N ILE N 32 36.89 75.97 45.78
CA ILE N 32 37.56 77.25 45.68
C ILE N 32 37.91 77.51 44.21
N PRO N 33 37.38 78.57 43.57
CA PRO N 33 37.77 78.87 42.21
C PRO N 33 39.24 79.29 42.17
N VAL N 34 39.94 78.91 41.08
CA VAL N 34 41.34 79.25 40.99
C VAL N 34 41.64 80.02 39.69
N HIS N 35 42.42 81.08 39.88
CA HIS N 35 43.03 81.83 38.79
C HIS N 35 44.45 81.29 38.65
N LEU N 36 44.72 80.63 37.52
CA LEU N 36 46.05 80.08 37.26
C LEU N 36 46.93 81.23 36.74
N TRP N 37 48.15 81.34 37.29
CA TRP N 37 49.08 82.39 36.92
C TRP N 37 50.45 81.79 36.66
N SER N 38 50.94 82.01 35.44
CA SER N 38 52.23 81.50 34.98
C SER N 38 53.17 82.66 34.66
N GLY N 39 54.33 82.72 35.29
CA GLY N 39 55.32 83.75 35.06
C GLY N 39 56.28 83.31 33.94
N ASN N 40 56.34 84.08 32.86
CA ASN N 40 57.32 83.89 31.81
C ASN N 40 58.48 84.84 32.01
N SER N 41 59.62 84.28 32.49
CA SER N 41 60.85 84.95 32.87
C SER N 41 61.60 85.42 31.61
N GLY N 42 61.26 84.86 30.45
CA GLY N 42 61.90 85.14 29.18
C GLY N 42 63.09 84.22 28.85
N CYS N 43 63.35 83.26 29.72
CA CYS N 43 64.45 82.31 29.56
C CYS N 43 63.90 80.88 29.71
N SER N 44 62.62 80.66 29.38
CA SER N 44 62.02 79.36 29.55
C SER N 44 61.72 78.78 28.17
N LEU N 45 62.00 77.48 28.00
CA LEU N 45 61.99 76.79 26.72
C LEU N 45 60.80 75.81 26.67
N HIS N 46 60.28 75.58 25.47
CA HIS N 46 59.33 74.52 25.19
C HIS N 46 58.13 74.56 26.14
N ARG N 47 57.47 75.72 26.18
CA ARG N 47 56.33 75.99 27.03
C ARG N 47 55.01 75.54 26.41
N GLY N 48 55.00 75.18 25.13
CA GLY N 48 53.80 74.82 24.39
C GLY N 48 52.94 73.74 25.07
N ILE N 49 53.56 72.81 25.81
CA ILE N 49 52.83 71.67 26.35
C ILE N 49 51.90 72.11 27.47
N LEU N 50 52.15 73.27 28.05
CA LEU N 50 51.29 73.82 29.09
C LEU N 50 49.79 73.80 28.74
N SER N 51 49.49 74.05 27.47
CA SER N 51 48.12 74.19 27.08
C SER N 51 47.42 72.84 27.15
N HIS N 52 48.15 71.72 26.98
CA HIS N 52 47.56 70.40 27.17
C HIS N 52 47.06 70.27 28.61
N ARG N 53 47.85 70.77 29.56
CA ARG N 53 47.51 70.61 30.96
C ARG N 53 46.31 71.49 31.33
N VAL N 54 46.28 72.72 30.83
CA VAL N 54 45.16 73.62 31.10
C VAL N 54 43.88 72.98 30.60
N GLU N 55 43.91 72.39 29.40
CA GLU N 55 42.73 71.70 28.87
C GLU N 55 42.32 70.56 29.80
N GLU N 56 43.27 69.76 30.30
CA GLU N 56 42.91 68.68 31.20
C GLU N 56 42.17 69.22 32.42
N MET N 57 42.66 70.34 32.94
CA MET N 57 42.13 70.90 34.17
C MET N 57 40.73 71.49 33.94
N LYS N 58 40.55 72.18 32.81
CA LYS N 58 39.24 72.70 32.44
C LYS N 58 38.25 71.57 32.20
N ASN N 59 38.69 70.47 31.59
CA ASN N 59 37.78 69.35 31.39
C ASN N 59 37.38 68.77 32.72
N ARG N 60 38.28 68.71 33.71
CA ARG N 60 37.97 68.03 34.95
C ARG N 60 37.19 68.94 35.91
N PHE N 61 37.39 70.26 35.86
CA PHE N 61 36.87 71.15 36.87
C PHE N 61 35.98 72.27 36.31
N GLY N 62 35.92 72.45 34.98
CA GLY N 62 35.02 73.41 34.36
C GLY N 62 35.25 74.84 34.85
N ASP N 63 34.18 75.50 35.27
CA ASP N 63 34.17 76.91 35.61
C ASP N 63 34.96 77.22 36.88
N LEU N 64 35.38 76.23 37.67
CA LEU N 64 36.23 76.51 38.81
C LEU N 64 37.61 76.98 38.37
N VAL N 65 38.00 76.70 37.10
CA VAL N 65 39.18 77.34 36.55
C VAL N 65 38.74 78.70 36.03
N VAL N 66 39.04 79.77 36.73
CA VAL N 66 38.42 81.03 36.37
C VAL N 66 39.30 81.77 35.38
N GLY N 67 40.55 81.39 35.17
CA GLY N 67 41.32 81.93 34.05
C GLY N 67 42.77 81.48 34.19
N HIS N 68 43.55 81.79 33.16
CA HIS N 68 44.96 81.49 33.11
C HIS N 68 45.65 82.74 32.57
N THR N 69 46.44 83.42 33.41
CA THR N 69 47.23 84.58 33.02
C THR N 69 48.65 84.09 32.79
N VAL N 70 49.21 84.43 31.62
CA VAL N 70 50.63 84.21 31.37
C VAL N 70 51.28 85.59 31.39
N ALA N 71 52.09 85.85 32.38
CA ALA N 71 52.59 87.19 32.63
C ALA N 71 54.04 87.28 32.17
N ASP N 72 54.37 88.35 31.45
CA ASP N 72 55.76 88.59 31.05
C ASP N 72 56.48 89.26 32.20
N ILE N 73 57.36 88.54 32.90
CA ILE N 73 58.06 89.09 34.03
C ILE N 73 59.56 89.23 33.71
N SER N 74 59.92 89.17 32.43
CA SER N 74 61.30 89.23 32.00
C SER N 74 62.04 90.47 32.51
N GLY N 75 61.36 91.63 32.54
CA GLY N 75 62.09 92.83 32.94
C GLY N 75 62.43 92.82 34.44
N ALA N 76 61.45 92.46 35.27
CA ALA N 76 61.70 92.32 36.70
C ALA N 76 62.75 91.25 36.99
N PHE N 77 62.68 90.12 36.27
CA PHE N 77 63.65 89.06 36.44
C PHE N 77 65.04 89.56 36.09
N ARG N 78 65.15 90.26 34.96
CA ARG N 78 66.45 90.81 34.57
C ARG N 78 66.99 91.74 35.65
N SER N 79 66.15 92.67 36.15
CA SER N 79 66.63 93.66 37.10
C SER N 79 67.12 92.99 38.38
N ILE N 80 66.39 91.98 38.86
CA ILE N 80 66.71 91.33 40.13
C ILE N 80 67.90 90.38 39.99
N ALA N 81 67.92 89.56 38.94
CA ALA N 81 68.77 88.36 38.89
C ALA N 81 69.85 88.38 37.82
N ILE N 82 69.67 89.12 36.72
CA ILE N 82 70.61 89.02 35.59
C ILE N 82 71.55 90.22 35.50
N GLU N 83 71.01 91.42 35.72
CA GLU N 83 71.79 92.63 35.45
C GLU N 83 73.11 92.64 36.21
N ALA N 84 73.12 92.14 37.44
CA ALA N 84 74.34 92.11 38.24
C ALA N 84 74.81 90.67 38.47
N LEU N 85 74.67 89.82 37.45
CA LEU N 85 75.02 88.43 37.55
C LEU N 85 76.49 88.22 37.94
N GLU N 86 77.39 88.96 37.29
CA GLU N 86 78.79 88.91 37.61
C GLU N 86 79.03 89.08 39.11
N GLN N 87 78.56 90.21 39.65
CA GLN N 87 78.77 90.56 41.04
C GLN N 87 78.06 89.53 41.94
N ASP N 88 76.85 89.11 41.57
CA ASP N 88 76.09 88.20 42.39
C ASP N 88 76.83 86.86 42.54
N ILE N 89 77.36 86.34 41.43
CA ILE N 89 78.03 85.05 41.47
C ILE N 89 79.38 85.20 42.17
N LEU N 90 80.11 86.28 41.93
CA LEU N 90 81.37 86.47 42.62
C LEU N 90 81.16 86.56 44.13
N LYS N 91 80.08 87.20 44.58
CA LYS N 91 79.89 87.36 46.01
C LYS N 91 79.37 86.09 46.65
N TYR N 92 78.33 85.46 46.11
CA TYR N 92 77.74 84.29 46.75
C TYR N 92 78.37 82.96 46.30
N ARG N 93 79.10 82.94 45.19
CA ARG N 93 79.73 81.74 44.63
C ARG N 93 78.69 80.68 44.28
N LYS N 94 77.48 81.13 44.03
CA LYS N 94 76.40 80.27 43.59
C LYS N 94 75.56 81.06 42.57
N ASN N 95 75.09 80.36 41.56
CA ASN N 95 74.12 80.86 40.62
C ASN N 95 72.74 80.76 41.28
N LEU N 96 72.17 81.91 41.63
CA LEU N 96 70.91 81.96 42.34
C LEU N 96 69.79 82.60 41.51
N VAL N 97 69.91 82.52 40.16
CA VAL N 97 68.99 83.23 39.30
C VAL N 97 67.59 82.70 39.52
N LEU N 98 67.42 81.40 39.82
CA LEU N 98 66.07 80.85 39.95
C LEU N 98 65.43 81.26 41.26
N LEU N 99 66.25 81.63 42.25
CA LEU N 99 65.74 82.24 43.47
C LEU N 99 65.27 83.67 43.17
N GLY N 100 66.08 84.41 42.43
CA GLY N 100 65.72 85.74 41.92
C GLY N 100 64.43 85.68 41.12
N GLU N 101 64.26 84.64 40.31
CA GLU N 101 63.05 84.52 39.52
C GLU N 101 61.84 84.44 40.44
N LYS N 102 61.93 83.62 41.51
CA LYS N 102 60.79 83.44 42.40
C LYS N 102 60.49 84.78 43.11
N LEU N 103 61.51 85.57 43.43
CA LEU N 103 61.27 86.88 44.01
C LEU N 103 60.58 87.82 43.00
N ALA N 104 61.00 87.77 41.72
CA ALA N 104 60.38 88.55 40.68
C ALA N 104 58.92 88.18 40.53
N ILE N 105 58.63 86.86 40.61
CA ILE N 105 57.27 86.37 40.57
C ILE N 105 56.45 87.02 41.67
N HIS N 106 56.99 87.03 42.89
CA HIS N 106 56.26 87.53 44.06
C HIS N 106 56.01 89.03 43.94
N ALA N 107 56.97 89.78 43.42
CA ALA N 107 56.78 91.21 43.17
C ALA N 107 55.63 91.42 42.22
N HIS N 108 55.62 90.69 41.09
CA HIS N 108 54.54 90.77 40.13
C HIS N 108 53.22 90.35 40.76
N LEU N 109 53.24 89.36 41.67
CA LEU N 109 52.00 88.89 42.28
C LEU N 109 51.39 89.91 43.22
N VAL N 110 52.22 90.74 43.87
CA VAL N 110 51.65 91.81 44.70
C VAL N 110 50.79 92.68 43.82
N ASP N 111 51.33 93.09 42.67
CA ASP N 111 50.63 94.01 41.80
C ASP N 111 49.40 93.34 41.19
N PHE N 112 49.56 92.08 40.75
CA PHE N 112 48.43 91.37 40.17
C PHE N 112 47.31 91.20 41.19
N CYS N 113 47.64 90.79 42.42
CA CYS N 113 46.63 90.59 43.46
C CYS N 113 45.90 91.87 43.80
N ARG N 114 46.64 92.96 43.92
CA ARG N 114 46.02 94.22 44.27
C ARG N 114 45.13 94.69 43.13
N ARG N 115 45.46 94.40 41.87
CA ARG N 115 44.66 94.94 40.78
C ARG N 115 43.51 94.00 40.44
N ASN N 116 43.52 92.76 40.92
CA ASN N 116 42.49 91.80 40.53
C ASN N 116 41.71 91.27 41.74
N ASP N 117 41.81 91.94 42.90
CA ASP N 117 41.02 91.59 44.08
C ASP N 117 41.24 90.13 44.51
N ILE N 118 42.52 89.76 44.62
CA ILE N 118 42.89 88.46 45.13
C ILE N 118 43.69 88.69 46.38
N ASN N 119 43.46 87.90 47.44
CA ASN N 119 44.37 88.03 48.56
C ASN N 119 44.87 86.72 49.10
N THR N 120 44.67 85.60 48.40
CA THR N 120 45.39 84.37 48.73
C THR N 120 46.07 83.87 47.47
N ILE N 121 47.37 83.62 47.59
CA ILE N 121 48.14 82.99 46.53
C ILE N 121 48.63 81.65 47.04
N ASN N 122 48.80 80.71 46.11
CA ASN N 122 49.17 79.35 46.42
C ASN N 122 50.23 78.90 45.44
N ASP N 123 51.20 78.14 45.92
CA ASP N 123 52.10 77.48 44.99
C ASP N 123 52.15 75.98 45.27
N GLY N 124 52.93 75.30 44.43
CA GLY N 124 53.18 73.89 44.57
C GLY N 124 54.60 73.57 44.97
N ILE N 125 55.22 74.40 45.83
CA ILE N 125 56.49 73.95 46.42
C ILE N 125 56.18 72.75 47.30
N THR N 126 57.20 71.87 47.42
CA THR N 126 57.07 70.60 48.10
C THR N 126 58.28 70.37 48.99
N HIS N 127 58.01 69.62 50.07
CA HIS N 127 59.03 69.17 51.02
C HIS N 127 60.15 68.43 50.29
N TYR N 128 59.80 67.52 49.37
CA TYR N 128 60.82 66.66 48.79
C TYR N 128 61.70 67.46 47.81
N GLN N 129 61.32 68.69 47.42
CA GLN N 129 62.16 69.49 46.54
C GLN N 129 62.97 70.57 47.30
N MET N 130 63.21 70.36 48.59
CA MET N 130 63.81 71.40 49.42
C MET N 130 65.28 71.74 49.09
N GLU N 131 65.96 70.91 48.29
CA GLU N 131 67.29 71.27 47.80
C GLU N 131 67.24 72.55 46.94
N PHE N 132 66.09 72.86 46.31
CA PHE N 132 65.97 74.05 45.49
C PHE N 132 65.74 75.27 46.38
N PRO N 133 66.48 76.37 46.15
CA PRO N 133 66.56 77.48 47.09
C PRO N 133 65.19 78.09 47.41
N GLU N 134 64.34 78.22 46.38
CA GLU N 134 63.07 78.88 46.57
C GLU N 134 62.08 77.99 47.32
N GLN N 135 62.44 76.71 47.53
CA GLN N 135 61.53 75.79 48.21
C GLN N 135 61.99 75.54 49.65
N ARG N 136 63.12 76.12 50.06
CA ARG N 136 63.59 75.94 51.43
C ARG N 136 62.64 76.66 52.38
N LEU N 137 62.55 76.19 53.61
CA LEU N 137 61.75 76.86 54.62
C LEU N 137 62.17 78.33 54.80
N VAL N 138 63.48 78.62 54.76
CA VAL N 138 63.91 80.00 54.95
C VAL N 138 63.39 80.89 53.83
N ALA N 139 63.30 80.38 52.59
CA ALA N 139 62.81 81.21 51.49
C ALA N 139 61.29 81.37 51.59
N LYS N 140 60.60 80.26 51.89
CA LYS N 140 59.15 80.29 52.02
C LYS N 140 58.74 81.29 53.10
N THR N 141 59.42 81.26 54.24
CA THR N 141 59.11 82.14 55.37
C THR N 141 59.36 83.60 54.98
N PHE N 142 60.48 83.85 54.32
CA PHE N 142 60.81 85.18 53.83
C PHE N 142 59.70 85.69 52.92
N LEU N 143 59.26 84.88 51.96
CA LEU N 143 58.27 85.29 50.98
C LEU N 143 56.89 85.39 51.61
N MET N 144 56.55 84.52 52.58
CA MET N 144 55.30 84.70 53.32
C MET N 144 55.26 86.07 53.97
N GLU N 145 56.38 86.48 54.60
CA GLU N 145 56.47 87.76 55.32
C GLU N 145 56.33 88.88 54.31
N MET N 146 56.99 88.76 53.15
CA MET N 146 56.91 89.80 52.15
C MET N 146 55.48 90.00 51.68
N MET N 147 54.76 88.90 51.43
CA MET N 147 53.40 88.98 50.93
C MET N 147 52.49 89.54 52.02
N ALA N 148 52.73 89.13 53.27
CA ALA N 148 51.92 89.59 54.41
C ALA N 148 52.05 91.10 54.57
N GLN N 149 53.18 91.70 54.22
CA GLN N 149 53.30 93.13 54.32
C GLN N 149 52.32 93.80 53.36
N TYR N 150 51.86 93.10 52.31
CA TYR N 150 50.90 93.66 51.37
C TYR N 150 49.53 93.06 51.61
N ASP N 151 49.28 92.46 52.78
CA ASP N 151 48.01 91.82 53.11
C ASP N 151 47.65 90.70 52.15
N ILE N 152 48.65 89.95 51.70
CA ILE N 152 48.42 88.78 50.89
C ILE N 152 48.86 87.55 51.66
N ASN N 153 47.95 86.57 51.69
CA ASN N 153 48.19 85.29 52.33
C ASN N 153 48.82 84.34 51.30
N TYR N 154 50.05 83.92 51.55
CA TYR N 154 50.79 83.01 50.70
C TYR N 154 50.78 81.63 51.34
N GLN N 155 50.15 80.67 50.66
CA GLN N 155 50.03 79.30 51.16
C GLN N 155 50.67 78.35 50.15
N SER N 156 51.00 77.17 50.64
CA SER N 156 51.63 76.11 49.90
C SER N 156 50.88 74.82 50.21
N PRO N 157 49.73 74.55 49.56
CA PRO N 157 48.83 73.50 50.04
C PRO N 157 49.31 72.06 49.86
N VAL N 158 50.31 71.79 49.02
CA VAL N 158 50.84 70.43 48.90
C VAL N 158 52.23 70.29 49.53
N TYR N 159 52.71 71.31 50.26
CA TYR N 159 54.09 71.34 50.71
C TYR N 159 54.41 70.18 51.66
N GLU N 160 53.52 69.98 52.64
CA GLU N 160 53.75 68.99 53.67
C GLU N 160 53.34 67.62 53.21
N PHE N 161 52.31 67.50 52.39
CA PHE N 161 51.89 66.20 51.90
C PHE N 161 52.97 65.55 51.01
N ALA N 162 53.65 66.34 50.18
CA ALA N 162 54.48 65.75 49.13
C ALA N 162 55.86 65.35 49.67
N GLN N 163 55.92 64.15 50.25
CA GLN N 163 57.17 63.56 50.69
C GLN N 163 57.93 62.91 49.52
N SER N 164 57.28 62.68 48.37
CA SER N 164 57.96 62.27 47.15
C SER N 164 57.09 62.67 45.94
N ALA N 165 57.68 62.62 44.76
CA ALA N 165 56.98 62.89 43.52
C ALA N 165 55.81 61.88 43.36
N ASP N 166 55.99 60.63 43.81
CA ASP N 166 54.98 59.60 43.70
C ASP N 166 53.68 59.98 44.42
N ASP N 167 53.81 60.68 45.56
CA ASP N 167 52.65 61.11 46.31
C ASP N 167 51.79 62.03 45.44
N VAL N 168 52.44 63.00 44.77
CA VAL N 168 51.73 63.93 43.94
C VAL N 168 51.13 63.21 42.71
N LYS N 169 51.93 62.40 42.04
CA LYS N 169 51.49 61.77 40.77
C LYS N 169 50.24 60.91 40.94
N TYR N 170 50.17 60.14 42.01
CA TYR N 170 49.06 59.22 42.10
C TYR N 170 47.79 59.92 42.56
N ARG N 171 47.90 61.08 43.21
CA ARG N 171 46.71 61.90 43.43
C ARG N 171 46.20 62.48 42.11
N LEU N 172 47.12 62.95 41.27
CA LEU N 172 46.73 63.45 39.96
C LEU N 172 46.02 62.35 39.16
N LEU N 173 46.59 61.16 39.15
CA LEU N 173 46.02 60.05 38.41
C LEU N 173 44.56 59.77 38.89
N GLN N 174 44.33 59.89 40.19
CA GLN N 174 43.00 59.66 40.75
C GLN N 174 42.01 60.75 40.27
N LEU N 175 42.51 61.89 39.84
CA LEU N 175 41.67 62.94 39.27
C LEU N 175 41.43 62.77 37.78
N GLY N 176 42.00 61.74 37.16
CA GLY N 176 41.88 61.56 35.73
C GLY N 176 42.79 62.51 34.97
N ILE N 177 43.88 62.96 35.62
CA ILE N 177 44.85 63.88 35.01
C ILE N 177 46.19 63.17 34.85
N SER N 178 46.92 63.49 33.77
CA SER N 178 48.24 62.96 33.50
C SER N 178 49.20 63.19 34.69
N THR N 179 50.09 62.24 34.89
CA THR N 179 51.10 62.26 35.95
C THR N 179 52.36 62.97 35.47
N LYS N 180 52.43 63.35 34.20
CA LYS N 180 53.60 63.98 33.63
C LYS N 180 53.69 65.43 34.04
N SER N 181 54.91 65.93 33.99
CA SER N 181 55.20 67.32 34.27
C SER N 181 55.08 68.09 32.94
N LEU N 182 53.95 68.78 32.72
CA LEU N 182 53.67 69.39 31.44
C LEU N 182 53.99 70.89 31.51
N GLU N 183 55.29 71.16 31.55
CA GLU N 183 55.79 72.47 31.84
C GLU N 183 56.93 72.76 30.87
N GLY N 184 57.28 74.05 30.75
CA GLY N 184 58.51 74.45 30.09
C GLY N 184 59.67 74.22 31.06
N ILE N 185 60.88 74.40 30.59
CA ILE N 185 62.06 74.29 31.44
C ILE N 185 62.81 75.61 31.35
N SER N 186 63.47 75.97 32.44
CA SER N 186 64.37 77.10 32.47
C SER N 186 65.62 76.71 31.72
N ILE N 187 66.20 77.62 30.93
CA ILE N 187 67.52 77.42 30.39
C ILE N 187 68.52 77.23 31.53
N PHE N 188 68.22 77.76 32.72
CA PHE N 188 69.10 77.65 33.87
C PHE N 188 68.95 76.28 34.59
N ALA N 189 68.15 75.37 34.05
CA ALA N 189 68.11 73.96 34.49
C ALA N 189 69.50 73.38 34.57
N ASP N 190 69.81 72.78 35.73
CA ASP N 190 71.05 72.05 35.96
C ASP N 190 72.23 72.97 35.64
N SER N 191 72.16 74.23 36.09
CA SER N 191 73.24 75.21 35.84
C SER N 191 73.81 75.79 37.13
N PHE N 192 73.57 75.10 38.26
CA PHE N 192 73.90 75.64 39.58
C PHE N 192 74.27 74.50 40.53
N SER N 193 75.04 74.84 41.58
CA SER N 193 75.30 73.95 42.70
C SER N 193 74.42 74.42 43.87
N THR N 194 74.35 73.60 44.94
CA THR N 194 73.41 73.79 46.04
C THR N 194 73.92 74.88 46.97
N PRO N 195 73.13 75.95 47.23
CA PRO N 195 73.54 76.98 48.16
C PRO N 195 73.13 76.63 49.61
N SER N 196 73.86 77.20 50.57
CA SER N 196 73.48 77.13 51.97
C SER N 196 72.21 77.97 52.21
N ASP N 197 71.51 77.66 53.31
CA ASP N 197 70.41 78.49 53.80
C ASP N 197 70.84 79.94 54.04
N ASP N 198 72.05 80.14 54.59
CA ASP N 198 72.51 81.49 54.87
C ASP N 198 72.61 82.31 53.58
N VAL N 199 73.12 81.68 52.52
CA VAL N 199 73.27 82.36 51.25
C VAL N 199 71.90 82.66 50.66
N VAL N 200 70.96 81.71 50.75
CA VAL N 200 69.63 81.94 50.21
C VAL N 200 69.01 83.18 50.85
N LEU N 201 69.11 83.24 52.18
CA LEU N 201 68.50 84.32 52.91
C LEU N 201 69.23 85.64 52.63
N ALA N 202 70.57 85.60 52.55
CA ALA N 202 71.31 86.83 52.30
C ALA N 202 70.95 87.42 50.91
N TYR N 203 70.80 86.54 49.91
CA TYR N 203 70.45 86.97 48.57
C TYR N 203 69.08 87.60 48.58
N LEU N 204 68.11 86.93 49.22
CA LEU N 204 66.76 87.47 49.30
C LEU N 204 66.76 88.85 49.96
N ARG N 205 67.49 89.01 51.07
CA ARG N 205 67.55 90.30 51.75
C ARG N 205 68.19 91.39 50.89
N GLU N 206 69.24 91.03 50.16
CA GLU N 206 69.92 92.00 49.32
C GLU N 206 68.99 92.45 48.18
N LYS N 207 68.22 91.54 47.57
CA LYS N 207 67.42 91.86 46.40
C LYS N 207 66.05 92.43 46.76
N ALA N 208 65.61 92.27 48.02
CA ALA N 208 64.30 92.72 48.44
C ALA N 208 64.01 94.17 48.10
N PRO N 209 64.93 95.13 48.34
CA PRO N 209 64.67 96.52 47.99
C PRO N 209 64.33 96.72 46.52
N LEU N 210 64.99 95.96 45.63
CA LEU N 210 64.70 96.02 44.22
C LEU N 210 63.29 95.49 43.97
N ALA N 211 62.93 94.37 44.63
CA ALA N 211 61.62 93.81 44.44
C ALA N 211 60.54 94.78 44.88
N HIS N 212 60.68 95.39 46.07
CA HIS N 212 59.69 96.35 46.54
C HIS N 212 59.61 97.55 45.60
N ASN N 213 60.74 98.01 45.08
CA ASN N 213 60.76 99.15 44.17
C ASN N 213 59.98 98.81 42.90
N ILE N 214 60.14 97.57 42.40
CA ILE N 214 59.37 97.10 41.25
C ILE N 214 57.88 97.09 41.56
N VAL N 215 57.51 96.66 42.77
CA VAL N 215 56.11 96.73 43.18
C VAL N 215 55.60 98.16 43.08
N ASN N 216 56.39 99.11 43.59
CA ASN N 216 55.98 100.51 43.63
C ASN N 216 55.85 101.07 42.22
N PHE N 217 56.77 100.72 41.32
CA PHE N 217 56.69 101.16 39.93
C PHE N 217 55.45 100.58 39.27
N LEU N 218 55.20 99.28 39.49
CA LEU N 218 54.06 98.60 38.85
C LEU N 218 52.75 99.19 39.34
N ALA N 219 52.75 99.77 40.55
CA ALA N 219 51.57 100.43 41.11
C ALA N 219 51.44 101.85 40.59
N GLY N 220 52.41 102.34 39.85
CA GLY N 220 52.36 103.69 39.35
C GLY N 220 52.79 104.74 40.38
N GLU N 221 53.55 104.33 41.43
CA GLU N 221 53.83 105.21 42.56
C GLU N 221 55.21 105.84 42.45
N THR N 222 56.15 105.27 41.72
CA THR N 222 57.42 105.94 41.55
C THR N 222 58.05 105.49 40.23
N LEU N 223 58.96 106.33 39.72
CA LEU N 223 59.87 105.95 38.66
C LEU N 223 61.26 105.69 39.20
N ASN N 224 61.58 106.31 40.34
CA ASN N 224 62.96 106.33 40.80
C ASN N 224 63.42 104.95 41.27
N PRO N 225 64.75 104.70 41.17
CA PRO N 225 65.35 103.44 41.61
C PRO N 225 65.40 103.31 43.12
N PRO N 226 65.75 102.12 43.68
CA PRO N 226 65.56 101.83 45.09
C PRO N 226 66.12 102.80 46.12
PG ATP O . -58.41 -66.01 -34.81
O1G ATP O . -59.27 -67.18 -34.48
O2G ATP O . -59.15 -64.91 -35.51
O3G ATP O . -57.16 -66.41 -35.55
PB ATP O . -58.30 -65.58 -31.89
O1B ATP O . -57.28 -64.91 -31.05
O2B ATP O . -58.61 -67.02 -31.66
O3B ATP O . -57.91 -65.39 -33.43
PA ATP O . -61.20 -65.06 -32.06
O1A ATP O . -61.41 -66.53 -32.11
O2A ATP O . -61.67 -64.28 -33.23
O3A ATP O . -59.67 -64.75 -31.78
O5' ATP O . -61.89 -64.45 -30.74
C5' ATP O . -61.92 -65.20 -29.51
C4' ATP O . -61.11 -64.48 -28.46
O4' ATP O . -61.64 -64.81 -27.15
C3' ATP O . -59.61 -64.85 -28.44
O3' ATP O . -58.83 -63.81 -29.01
C2' ATP O . -59.29 -65.07 -26.96
O2' ATP O . -58.76 -63.93 -26.33
C1' ATP O . -60.65 -65.44 -26.36
N9 ATP O . -60.92 -66.87 -26.30
C8 ATP O . -61.83 -67.59 -27.02
N7 ATP O . -61.83 -68.86 -26.72
C5 ATP O . -60.85 -68.99 -25.75
C6 ATP O . -60.35 -70.09 -25.03
N6 ATP O . -60.80 -71.34 -25.17
N1 ATP O . -59.36 -69.86 -24.13
C2 ATP O . -58.91 -68.60 -23.99
N3 ATP O . -59.30 -67.49 -24.61
C4 ATP O . -60.28 -67.76 -25.49
PG GTP P . -58.85 -70.04 -40.23
O1G GTP P . -58.17 -71.33 -40.67
O2G GTP P . -58.57 -68.84 -41.13
O3G GTP P . -58.56 -69.68 -38.79
O3B GTP P . -60.43 -70.46 -40.34
PB GTP P . -61.82 -69.69 -40.59
O1B GTP P . -61.71 -68.22 -40.71
O2B GTP P . -62.41 -70.48 -41.70
O3A GTP P . -62.58 -69.90 -39.19
PA GTP P . -62.24 -70.95 -37.99
O1A GTP P . -61.83 -72.23 -38.65
O2A GTP P . -61.40 -70.21 -37.01
O5' GTP P . -63.67 -71.19 -37.32
C5' GTP P . -64.74 -71.64 -38.18
C4' GTP P . -66.06 -71.34 -37.51
O4' GTP P . -65.93 -71.41 -36.06
C3' GTP P . -66.61 -69.95 -37.81
O3' GTP P . -67.19 -70.11 -39.08
C2' GTP P . -67.56 -69.77 -36.61
O2' GTP P . -68.74 -70.52 -36.77
C1' GTP P . -66.68 -70.33 -35.48
N9 GTP P . -65.77 -69.38 -34.82
C8 GTP P . -64.46 -69.00 -35.06
N7 GTP P . -64.01 -68.09 -34.23
C5 GTP P . -65.11 -67.83 -33.41
C6 GTP P . -65.25 -66.93 -32.33
O6 GTP P . -64.41 -66.15 -31.84
N1 GTP P . -66.54 -66.96 -31.80
C2 GTP P . -67.58 -67.77 -32.20
N2 GTP P . -68.74 -67.63 -31.50
N3 GTP P . -67.46 -68.65 -33.20
C4 GTP P . -66.20 -68.61 -33.75
MG MG Q . -60.04 -68.16 -32.81
PG ATP R . -68.82 -93.54 -3.83
O1G ATP R . -68.19 -93.35 -5.16
O2G ATP R . -68.63 -94.92 -3.30
O3G ATP R . -70.24 -93.09 -3.80
PB ATP R . -67.19 -92.87 -1.47
O1B ATP R . -66.46 -94.14 -1.62
O2B ATP R . -66.43 -91.64 -1.13
O3B ATP R . -68.02 -92.59 -2.81
PA ATP R . -69.15 -94.29 0.25
O1A ATP R . -68.87 -95.51 -0.55
O2A ATP R . -70.57 -93.88 0.44
O3A ATP R . -68.37 -93.04 -0.41
O5' ATP R . -68.43 -94.41 1.67
C5' ATP R . -68.72 -93.43 2.69
C4' ATP R . -67.42 -92.89 3.23
O4' ATP R . -66.80 -93.85 4.12
C3' ATP R . -66.32 -92.60 2.20
O3' ATP R . -66.54 -91.36 1.54
C2' ATP R . -65.07 -92.60 3.07
O2' ATP R . -64.88 -91.36 3.70
C1' ATP R . -65.41 -93.67 4.12
N9 ATP R . -64.77 -94.96 3.89
C8 ATP R . -65.37 -96.13 3.53
N7 ATP R . -64.54 -97.12 3.41
C5 ATP R . -63.29 -96.57 3.69
C6 ATP R . -61.99 -97.10 3.73
N6 ATP R . -61.71 -98.38 3.47
N1 ATP R . -60.98 -96.26 4.05
C2 ATP R . -61.28 -94.98 4.31
N3 ATP R . -62.45 -94.37 4.30
C4 ATP R . -63.43 -95.23 3.99
PG GTP S . -70.79 -99.62 -9.26
O1G GTP S . -69.89 -98.48 -8.84
O2G GTP S . -70.95 -99.72 -10.78
O3G GTP S . -70.42 -100.97 -8.68
O3B GTP S . -72.24 -99.22 -8.66
PB GTP S . -72.72 -98.70 -7.23
O1B GTP S . -74.18 -98.84 -7.14
O2B GTP S . -72.11 -97.38 -6.97
O3A GTP S . -72.06 -99.77 -6.25
PA GTP S . -70.68 -99.96 -5.49
O1A GTP S . -69.73 -100.83 -6.22
O2A GTP S . -70.19 -98.65 -5.01
O5' GTP S . -71.26 -100.76 -4.25
C5' GTP S . -71.99 -101.97 -4.55
C4' GTP S . -72.69 -102.44 -3.31
O4' GTP S . -71.78 -102.38 -2.19
C3' GTP S . -73.90 -101.62 -2.87
O3' GTP S . -75.07 -101.98 -3.58
C2' GTP S . -73.96 -101.99 -1.39
O2' GTP S . -74.46 -103.29 -1.20
C1' GTP S . -72.48 -101.95 -1.03
N9 GTP S . -72.00 -100.63 -0.65
C8 GTP S . -71.48 -99.66 -1.47
N7 GTP S . -71.12 -98.57 -0.85
C5 GTP S . -71.44 -98.83 0.48
C6 GTP S . -71.28 -98.01 1.62
O6 GTP S . -70.82 -96.87 1.68
N1 GTP S . -71.72 -98.66 2.77
C2 GTP S . -72.25 -99.91 2.82
N2 GTP S . -72.62 -100.36 4.03
N3 GTP S . -72.40 -100.69 1.75
C4 GTP S . -71.98 -100.08 0.62
MG MG T . -67.41 -95.99 -1.94
PG ATP U . -43.62 -119.44 18.69
O1G ATP U . -44.70 -119.81 19.66
O2G ATP U . -44.15 -118.98 17.38
O3G ATP U . -42.58 -120.51 18.56
PB ATP U . -41.42 -117.90 19.93
O1B ATP U . -41.27 -116.44 20.11
O2B ATP U . -40.45 -118.65 19.10
O3B ATP U . -42.89 -118.15 19.34
PA ATP U . -41.08 -120.01 21.95
O1A ATP U . -40.80 -120.94 20.83
O2A ATP U . -42.06 -120.43 22.99
O3A ATP U . -41.55 -118.60 21.35
O5' ATP U . -39.70 -119.61 22.65
C5' ATP U . -39.74 -118.90 23.92
C4' ATP U . -38.81 -117.72 23.84
O4' ATP U . -37.43 -118.15 23.97
C3' ATP U . -38.81 -116.94 22.52
O3' ATP U . -39.91 -116.05 22.44
C2' ATP U . -37.46 -116.22 22.58
O2' ATP U . -37.53 -115.02 23.30
C1' ATP U . -36.58 -117.24 23.32
N9 ATP U . -35.68 -118.00 22.46
C8 ATP U . -35.72 -119.34 22.21
N7 ATP U . -34.77 -119.73 21.39
C5 ATP U . -34.07 -118.57 21.08
C6 ATP U . -32.98 -118.31 20.25
N6 ATP U . -32.33 -119.25 19.56
N1 ATP U . -32.54 -117.03 20.16
C2 ATP U . -33.20 -116.09 20.85
N3 ATP U . -34.24 -116.22 21.66
C4 ATP U . -34.64 -117.49 21.73
PG GTP V . -45.71 -123.72 14.52
O1G GTP V . -45.20 -123.47 13.12
O2G GTP V . -44.94 -122.96 15.58
O3G GTP V . -47.20 -123.52 14.65
O3B GTP V . -45.44 -125.28 14.80
PB GTP V . -45.69 -126.19 16.09
O1B GTP V . -46.53 -127.33 15.68
O2B GTP V . -46.12 -125.34 17.23
O3A GTP V . -44.21 -126.69 16.39
PA GTP V . -42.79 -125.97 16.40
O1A GTP V . -42.13 -126.21 15.09
O2A GTP V . -42.92 -124.58 16.88
O5' GTP V . -42.07 -126.83 17.53
C5' GTP V . -41.96 -128.25 17.30
C4' GTP V . -41.48 -128.91 18.56
O4' GTP V . -40.28 -128.26 19.03
C3' GTP V . -42.44 -128.83 19.75
O3' GTP V . -43.48 -129.80 19.65
C2' GTP V . -41.46 -129.10 20.90
O2' GTP V . -41.05 -130.44 20.94
C1' GTP V . -40.28 -128.23 20.46
N9 GTP V . -40.39 -126.83 20.89
C8 GTP V . -40.97 -125.80 20.21
N7 GTP V . -40.91 -124.66 20.85
C5 GTP V . -40.23 -124.96 22.03
C6 GTP V . -39.87 -124.12 23.10
O6 GTP V . -40.09 -122.91 23.24
N1 GTP V . -39.19 -124.83 24.08
C2 GTP V . -38.90 -126.17 24.05
N2 GTP V . -38.23 -126.67 25.09
N3 GTP V . -39.23 -126.97 23.04
C4 GTP V . -39.90 -126.30 22.06
MG MG W . -40.53 -120.71 18.73
PG ATP X . 17.60 -75.56 -39.95
O1G ATP X . 16.70 -75.24 -41.10
O2G ATP X . 17.35 -76.90 -39.37
O3G ATP X . 19.04 -75.32 -40.26
PB ATP X . 16.23 -73.27 -38.66
O1B ATP X . 15.02 -73.55 -39.46
O2B ATP X . 16.08 -72.93 -37.22
O3B ATP X . 17.22 -74.51 -38.78
PA ATP X . 17.11 -71.52 -40.85
O1A ATP X . 16.34 -72.42 -41.75
O2A ATP X . 18.52 -71.21 -41.20
O3A ATP X . 17.06 -72.11 -39.37
O5' ATP X . 16.29 -70.15 -40.67
C5' ATP X . 16.88 -69.05 -39.93
C4' ATP X . 15.90 -68.60 -38.88
O4' ATP X . 14.82 -67.86 -39.50
C3' ATP X . 15.16 -69.70 -38.12
O3' ATP X . 15.97 -70.27 -37.10
C2' ATP X . 13.96 -68.94 -37.57
O2' ATP X . 14.26 -68.26 -36.38
C1' ATP X . 13.67 -67.94 -38.69
N9 ATP X . 12.53 -68.31 -39.53
C8 ATP X . 12.55 -68.65 -40.86
N7 ATP X . 11.35 -68.91 -41.32
C5 ATP X . 10.50 -68.74 -40.23
C6 ATP X . 9.11 -68.87 -40.08
N6 ATP X . 8.29 -69.23 -41.07
N1 ATP X . 8.60 -68.62 -38.86
C2 ATP X . 9.43 -68.26 -37.88
N3 ATP X . 10.74 -68.10 -37.90
C4 ATP X . 11.23 -68.36 -39.13
PG GTP Y . 17.89 -81.59 -45.15
O1G GTP Y . 17.25 -81.04 -43.89
O2G GTP Y . 17.10 -82.69 -45.83
O3G GTP Y . 19.34 -81.97 -44.93
O3B GTP Y . 17.94 -80.35 -46.19
PB GTP Y . 18.92 -79.10 -46.29
O1B GTP Y . 19.27 -78.64 -44.92
O2B GTP Y . 20.00 -79.38 -47.26
O3A GTP Y . 17.91 -78.05 -46.95
PA GTP Y . 16.41 -77.66 -46.61
O1A GTP Y . 16.31 -77.20 -45.21
O2A GTP Y . 15.51 -78.74 -47.06
O5' GTP Y . 16.28 -76.38 -47.58
C5' GTP Y . 16.44 -76.63 -48.98
C4' GTP Y . 16.69 -75.33 -49.69
O4' GTP Y . 15.82 -74.31 -49.15
C3' GTP Y . 18.10 -74.76 -49.53
O3' GTP Y . 19.03 -75.37 -50.41
C2' GTP Y . 17.83 -73.29 -49.89
O2' GTP Y . 17.63 -73.11 -51.27
C1' GTP Y . 16.51 -73.07 -49.16
N9 GTP Y . 16.67 -72.63 -47.77
C8 GTP Y . 16.75 -73.41 -46.65
N7 GTP Y . 16.89 -72.74 -45.54
C5 GTP Y . 16.90 -71.41 -45.95
C6 GTP Y . 17.02 -70.22 -45.19
O6 GTP Y . 17.14 -70.11 -43.97
N1 GTP Y . 16.98 -69.10 -46.01
C2 GTP Y . 16.85 -69.11 -47.37
N2 GTP Y . 16.83 -67.91 -47.98
N3 GTP Y . 16.74 -70.21 -48.09
C4 GTP Y . 16.77 -71.32 -47.32
MG MG Z . 15.06 -74.03 -41.52
PG ATP AA . 25.53 -105.59 -10.71
O1G ATP AA . 24.30 -106.42 -10.52
O2G ATP AA . 26.74 -106.21 -10.09
O3G ATP AA . 25.75 -105.20 -12.14
PB ATP AA . 25.25 -102.68 -10.28
O1B ATP AA . 24.71 -102.54 -11.66
O2B ATP AA . 24.59 -101.96 -9.18
O3B ATP AA . 25.26 -104.23 -9.91
PA ATP AA . 28.00 -102.41 -11.34
O1A ATP AA . 28.98 -103.39 -10.82
O2A ATP AA . 27.46 -102.60 -12.70
O3A ATP AA . 26.79 -102.31 -10.29
O5' ATP AA . 28.64 -100.96 -11.19
C5' ATP AA . 28.07 -99.82 -11.84
C4' ATP AA . 27.61 -98.85 -10.81
O4' ATP AA . 27.73 -97.51 -11.35
C3' ATP AA . 26.15 -99.01 -10.36
O3' ATP AA . 26.06 -99.60 -9.07
C2' ATP AA . 25.59 -97.59 -10.37
O2' ATP AA . 25.72 -96.94 -9.13
C1' ATP AA . 26.46 -96.90 -11.42
N9 ATP AA . 25.98 -96.94 -12.80
C8 ATP AA . 26.48 -97.66 -13.85
N7 ATP AA . 25.82 -97.46 -14.96
C5 ATP AA . 24.82 -96.55 -14.62
C6 ATP AA . 23.78 -95.95 -15.35
N6 ATP AA . 23.57 -96.17 -16.64
N1 ATP AA . 22.97 -95.10 -14.69
C2 ATP AA . 23.18 -94.88 -13.39
N3 ATP AA . 24.12 -95.40 -12.59
C4 ATP AA . 24.92 -96.23 -13.28
PG GTP BA . 24.58 -109.91 -14.48
O1G GTP BA . 23.63 -108.98 -15.25
O2G GTP BA . 23.90 -111.03 -13.75
O3G GTP BA . 25.54 -109.14 -13.59
O3B GTP BA . 25.39 -110.67 -15.65
PB GTP BA . 26.90 -111.19 -15.81
O1B GTP BA . 27.36 -111.73 -14.52
O2B GTP BA . 26.92 -112.06 -17.01
O3A GTP BA . 27.63 -109.82 -16.17
PA GTP BA . 27.07 -108.47 -16.80
O1A GTP BA . 26.12 -108.81 -17.89
O2A GTP BA . 26.62 -107.58 -15.71
O5' GTP BA . 28.40 -107.84 -17.43
C5' GTP BA . 28.91 -108.45 -18.63
C4' GTP BA . 30.16 -107.72 -19.05
O4' GTP BA . 29.88 -106.30 -19.11
C3' GTP BA . 31.35 -107.83 -18.10
O3' GTP BA . 32.06 -109.05 -18.31
C2' GTP BA . 32.14 -106.59 -18.49
O2' GTP BA . 32.77 -106.74 -19.74
C1' GTP BA . 31.01 -105.57 -18.63
N9 GTP BA . 30.65 -104.92 -17.37
C8 GTP BA . 29.70 -105.33 -16.48
N7 GTP BA . 29.58 -104.56 -15.44
C5 GTP BA . 30.53 -103.57 -15.64
C6 GTP BA . 30.85 -102.45 -14.84
O6 GTP BA . 30.35 -102.11 -13.76
N1 GTP BA . 31.86 -101.69 -15.41
C2 GTP BA . 32.48 -101.96 -16.61
N2 GTP BA . 33.44 -101.11 -17.00
N3 GTP BA . 32.18 -103.01 -17.37
C4 GTP BA . 31.20 -103.77 -16.83
MG MG CA . 25.65 -103.58 -13.32
PG ATP DA . -19.70 -57.98 -50.95
O1G ATP DA . -19.12 -56.97 -51.87
O2G ATP DA . -21.13 -58.32 -51.27
O3G ATP DA . -18.85 -59.19 -50.80
PB ATP DA . -20.89 -56.86 -48.50
O1B ATP DA . -20.30 -56.57 -47.17
O2B ATP DA . -22.00 -57.84 -48.60
O3B ATP DA . -19.73 -57.29 -49.50
PA ATP DA . -22.36 -55.02 -50.27
O1A ATP DA . -23.35 -56.10 -50.51
O2A ATP DA . -21.57 -54.52 -51.43
O3A ATP DA . -21.37 -55.46 -49.10
O5' ATP DA . -23.07 -53.77 -49.57
C5' ATP DA . -24.17 -53.97 -48.68
C4' ATP DA . -23.80 -53.53 -47.29
O4' ATP DA . -25.02 -53.17 -46.59
C3' ATP DA . -23.11 -54.59 -46.43
O3' ATP DA . -21.71 -54.35 -46.32
C2' ATP DA . -23.79 -54.48 -45.07
O2' ATP DA . -23.13 -53.57 -44.21
C1' ATP DA . -25.17 -53.95 -45.43
N9 ATP DA . -26.19 -54.97 -45.67
C8 ATP DA . -26.75 -55.36 -46.86
N7 ATP DA . -27.64 -56.31 -46.73
C5 ATP DA . -27.67 -56.56 -45.36
C6 ATP DA . -28.41 -57.46 -44.56
N6 ATP DA . -29.30 -58.32 -45.05
N1 ATP DA . -28.18 -57.45 -43.24
C2 ATP DA . -27.27 -56.60 -42.75
N3 ATP DA . -26.53 -55.70 -43.39
C4 ATP DA . -26.78 -55.75 -44.71
PG GTP EA . -20.25 -63.08 -56.88
O1G GTP EA . -19.20 -64.01 -57.46
O2G GTP EA . -21.61 -63.69 -57.07
O3G GTP EA . -19.94 -62.68 -55.45
O3B GTP EA . -20.18 -61.74 -57.78
PB GTP EA . -20.84 -60.29 -57.73
O1B GTP EA . -20.29 -59.56 -56.57
O2B GTP EA . -20.73 -59.70 -59.08
O3A GTP EA . -22.39 -60.59 -57.46
PA GTP EA . -23.27 -60.98 -56.19
O1A GTP EA . -23.72 -62.39 -56.26
O2A GTP EA . -22.61 -60.51 -54.95
O5' GTP EA . -24.53 -60.05 -56.48
C5' GTP EA . -25.33 -60.41 -57.61
C4' GTP EA . -26.24 -59.26 -57.96
O4' GTP EA . -26.97 -58.84 -56.78
C3' GTP EA . -25.55 -57.99 -58.43
O3' GTP EA . -25.18 -58.07 -59.80
C2' GTP EA . -26.64 -56.96 -58.17
O2' GTP EA . -27.70 -57.08 -59.08
C1' GTP EA . -27.13 -57.43 -56.80
N9 GTP EA . -26.38 -56.85 -55.67
C8 GTP EA . -25.25 -57.35 -55.09
N7 GTP EA . -24.81 -56.63 -54.09
C5 GTP EA . -25.72 -55.58 -54.01
C6 GTP EA . -25.76 -54.48 -53.12
O6 GTP EA . -24.98 -54.22 -52.20
N1 GTP EA . -26.85 -53.65 -53.39
C2 GTP EA . -27.78 -53.85 -54.38
N2 GTP EA . -28.75 -52.95 -54.48
N3 GTP EA . -27.75 -54.88 -55.22
C4 GTP EA . -26.70 -55.70 -54.98
MG MG FA . -22.96 -58.35 -50.35
PG ATP GA . -1.09 -125.62 15.97
O1G ATP GA . 0.10 -125.70 15.07
O2G ATP GA . -2.32 -125.36 15.23
O3G ATP GA . -1.20 -126.78 16.89
PB ATP GA . 0.02 -123.04 16.75
O1B ATP GA . 0.43 -122.97 15.34
O2B ATP GA . -0.62 -121.86 17.39
O3B ATP GA . -0.92 -124.32 16.91
PA ATP GA . 2.26 -124.69 17.64
O1A ATP GA . 2.46 -125.11 16.23
O2A ATP GA . 1.78 -125.70 18.61
O3A ATP GA . 1.27 -123.45 17.65
O5' ATP GA . 3.61 -124.00 18.19
C5' ATP GA . 4.26 -122.90 17.47
C4' ATP GA . 4.03 -121.57 18.15
O4' ATP GA . 5.20 -120.73 17.97
C3' ATP GA . 2.84 -120.74 17.64
O3' ATP GA . 1.76 -120.73 18.58
C2' ATP GA . 3.38 -119.31 17.46
O2' ATP GA . 3.16 -118.48 18.57
C1' ATP GA . 4.87 -119.56 17.25
N9 ATP GA . 5.26 -119.73 15.85
C8 ATP GA . 5.67 -120.87 15.23
N7 ATP GA . 5.94 -120.68 13.96
C5 ATP GA . 5.68 -119.33 13.74
C6 ATP GA . 5.77 -118.52 12.60
N6 ATP GA . 6.16 -118.97 11.40
N1 ATP GA . 5.42 -117.23 12.73
C2 ATP GA . 5.03 -116.79 13.93
N3 ATP GA . 4.90 -117.46 15.07
C4 ATP GA . 5.25 -118.74 14.90
PG GTP HA . -3.18 -131.21 12.22
O1G GTP HA . -3.04 -131.31 10.70
O2G GTP HA . -4.09 -132.26 12.93
O3G GTP HA . -3.34 -129.78 12.77
O3B GTP HA . -1.67 -131.64 12.61
PB GTP HA . -0.69 -132.77 12.08
O1B GTP HA . -0.65 -133.86 13.09
O2B GTP HA . -1.11 -133.07 10.70
O3A GTP HA . 0.67 -131.92 11.92
PA GTP HA . 1.02 -130.76 10.85
O1A GTP HA . 0.25 -131.07 9.61
O2A GTP HA . 0.77 -129.59 11.74
O5' GTP HA . 2.61 -130.74 10.57
C5' GTP HA . 3.27 -131.81 9.80
C4' GTP HA . 4.58 -132.20 10.48
O4' GTP HA . 5.16 -131.08 11.20
C3' GTP HA . 4.44 -133.33 11.51
O3' GTP HA . 5.31 -134.41 11.18
C2' GTP HA . 4.59 -132.62 12.88
O2' GTP HA . 5.41 -133.41 13.70
C1' GTP HA . 5.25 -131.25 12.61
N9 GTP HA . 4.77 -130.01 13.32
C8 GTP HA . 3.51 -129.50 13.53
N7 GTP HA . 3.49 -128.36 14.22
C5 GTP HA . 4.82 -128.09 14.52
C6 GTP HA . 5.43 -127.00 15.28
O6 GTP HA . 4.92 -125.99 15.86
N1 GTP HA . 6.83 -127.18 15.34
C2 GTP HA . 7.52 -128.23 14.74
N2 GTP HA . 8.84 -128.26 14.90
N3 GTP HA . 6.96 -129.21 14.05
C4 GTP HA . 5.61 -129.10 13.98
MG MG IA . 1.80 -124.85 14.34
PG ATP JA . -15.01 78.52 -23.75
O1G ATP JA . -13.74 79.22 -24.05
O2G ATP JA . -16.12 78.93 -24.66
O3G ATP JA . -14.85 77.04 -23.67
PB ATP JA . -15.74 78.19 -20.92
O1B ATP JA . -15.77 79.19 -19.84
O2B ATP JA . -14.81 77.03 -20.85
O3B ATP JA . -15.45 78.98 -22.29
PA ATP JA . -17.83 76.25 -21.70
O1A ATP JA . -16.76 75.42 -22.32
O2A ATP JA . -19.03 76.54 -22.53
O3A ATP JA . -17.21 77.64 -21.20
O5' ATP JA . -18.27 75.57 -20.32
C5' ATP JA . -19.43 76.10 -19.63
C4' ATP JA . -19.06 76.36 -18.20
O4' ATP JA . -18.97 75.11 -17.46
C3' ATP JA . -17.67 76.99 -17.97
O3' ATP JA . -17.69 78.39 -18.22
C2' ATP JA . -17.43 76.64 -16.50
O2' ATP JA . -18.07 77.55 -15.63
C1' ATP JA . -18.08 75.27 -16.39
N9 ATP JA . -17.14 74.14 -16.39
C8 ATP JA . -17.00 73.19 -17.36
N7 ATP JA . -16.08 72.30 -17.07
C5 ATP JA . -15.59 72.71 -15.83
C6 ATP JA . -14.59 72.19 -14.99
N6 ATP JA . -13.87 71.10 -15.27
N1 ATP JA . -14.34 72.85 -13.83
C2 ATP JA . -15.06 73.93 -13.55
N3 ATP JA . -16.03 74.52 -14.26
C4 ATP JA . -16.23 73.84 -15.41
PG GTP KA . -12.55 77.40 -28.58
O1G GTP KA . -13.26 77.62 -27.26
O2G GTP KA . -11.04 77.24 -28.49
O3G GTP KA . -12.98 78.35 -29.68
O3B GTP KA . -13.09 75.95 -29.04
PB GTP KA . -12.68 74.84 -30.12
O1B GTP KA . -13.22 75.24 -31.44
O2B GTP KA . -11.25 74.52 -29.97
O3A GTP KA . -13.53 73.67 -29.43
PA GTP KA . -13.39 73.10 -27.96
O1A GTP KA . -12.05 72.48 -27.82
O2A GTP KA . -13.77 74.16 -27.00
O5' GTP KA . -14.52 71.97 -27.91
C5' GTP KA . -14.36 70.86 -28.79
C4' GTP KA . -15.57 69.97 -28.62
O4' GTP KA . -15.74 69.65 -27.22
C3' GTP KA . -16.91 70.58 -29.03
O3' GTP KA . -17.11 70.50 -30.43
C2' GTP KA . -17.86 69.70 -28.22
O2' GTP KA . -17.96 68.41 -28.78
C1' GTP KA . -17.12 69.62 -26.90
N9 GTP KA . -17.41 70.72 -25.98
C8 GTP KA . -16.76 71.92 -25.88
N7 GTP KA . -17.23 72.72 -24.96
C5 GTP KA . -18.28 71.99 -24.40
C6 GTP KA . -19.17 72.34 -23.36
O6 GTP KA . -19.19 73.38 -22.70
N1 GTP KA . -20.07 71.32 -23.10
C2 GTP KA . -20.13 70.12 -23.77
N2 GTP KA . -21.08 69.26 -23.37
N3 GTP KA . -19.31 69.78 -24.75
C4 GTP KA . -18.41 70.77 -25.02
MG MG LA . -14.72 75.46 -22.35
PG ATP MA . -6.09 45.83 2.22
O1G ATP MA . -5.71 46.79 1.15
O2G ATP MA . -7.32 45.05 1.88
O3G ATP MA . -4.96 44.94 2.64
PB ATP MA . -5.98 46.83 5.01
O1B ATP MA . -6.40 48.13 5.56
O2B ATP MA . -4.54 46.47 5.05
O3B ATP MA . -6.49 46.72 3.50
PA ATP MA . -6.67 44.09 5.90
O1A ATP MA . -5.24 43.73 5.75
O2A ATP MA . -7.66 43.38 5.04
O3A ATP MA . -6.82 45.67 5.72
O5' ATP MA . -7.14 43.93 7.41
C5' ATP MA . -6.18 44.10 8.48
C4' ATP MA . -6.56 45.30 9.31
O4' ATP MA . -5.96 45.16 10.62
C3' ATP MA . -6.08 46.65 8.76
O3' ATP MA . -7.14 47.36 8.14
C2' ATP MA . -5.55 47.40 9.99
O2' ATP MA . -6.55 48.18 10.61
C1' ATP MA . -5.13 46.26 10.91
N9 ATP MA . -3.73 45.84 10.80
C8 ATP MA . -3.23 44.69 10.26
N7 ATP MA . -1.93 44.63 10.34
C5 ATP MA . -1.55 45.80 10.98
C6 ATP MA . -0.30 46.34 11.34
N6 ATP MA . 0.85 45.72 11.13
N1 ATP MA . -0.29 47.54 11.96
C2 ATP MA . -1.46 48.16 12.16
N3 ATP MA . -2.69 47.75 11.86
C4 ATP MA . -2.66 46.56 11.26
PG GTP NA . -2.95 43.49 -3.15
O1G GTP NA . -4.36 44.02 -3.18
O2G GTP NA . -2.21 43.82 -1.86
O3G GTP NA . -2.18 43.94 -4.38
O3B GTP NA . -3.04 41.87 -3.27
PB GTP NA . -3.97 40.76 -2.61
O1B GTP NA . -5.10 41.42 -1.93
O2B GTP NA . -4.24 39.73 -3.63
O3A GTP NA . -3.03 40.09 -1.49
PA GTP NA . -2.16 40.69 -0.30
O1A GTP NA . -0.79 40.96 -0.80
O2A GTP NA . -2.91 41.81 0.34
O5' GTP NA . -2.17 39.46 0.70
C5' GTP NA . -1.53 38.26 0.26
C4' GTP NA . -1.86 37.14 1.22
O4' GTP NA . -1.59 37.58 2.57
C3' GTP NA . -3.32 36.70 1.24
O3' GTP NA . -3.60 35.79 0.18
C2' GTP NA . -3.40 36.06 2.62
O2' GTP NA . -2.79 34.79 2.67
C1' GTP NA . -2.58 37.05 3.45
N9 GTP NA . -3.34 38.16 4.00
C8 GTP NA . -3.60 39.38 3.41
N7 GTP NA . -4.31 40.19 4.15
C5 GTP NA . -4.53 39.47 5.32
C6 GTP NA . -5.23 39.83 6.49
O6 GTP NA . -5.81 40.90 6.73
N1 GTP NA . -5.21 38.82 7.43
C2 GTP NA . -4.60 37.60 7.28
N2 GTP NA . -4.69 36.74 8.30
N3 GTP NA . -3.93 37.25 6.18
C4 GTP NA . -3.94 38.22 5.24
MG MG OA . -3.73 44.73 4.30
PG ATP PA . 26.10 41.63 29.98
O1G ATP PA . 25.62 41.89 28.59
O2G ATP PA . 25.62 40.31 30.51
O3G ATP PA . 27.57 41.84 30.14
PB ATP PA . 25.94 43.96 31.79
O1B ATP PA . 24.84 44.92 32.03
O2B ATP PA . 27.21 44.44 31.22
O3B ATP PA . 25.38 42.75 30.90
PA ATP PA . 27.39 42.28 33.73
O1A ATP PA . 28.68 42.59 33.04
O2A ATP PA . 26.92 40.87 33.71
O3A ATP PA . 26.24 43.24 33.18
O5' ATP PA . 27.46 42.77 35.25
C5' ATP PA . 28.17 43.98 35.59
C4' ATP PA . 27.20 45.02 36.08
O4' ATP PA . 27.90 45.93 36.96
C3' ATP PA . 26.57 45.89 34.98
O3' ATP PA . 25.23 45.53 34.71
C2' ATP PA . 26.64 47.31 35.54
O2' ATP PA . 25.49 47.66 36.27
C1' ATP PA . 27.85 47.24 36.45
N9 ATP PA . 29.14 47.58 35.84
C8 ATP PA . 30.17 46.74 35.51
N7 ATP PA . 31.18 47.38 34.98
C5 ATP PA . 30.79 48.72 34.95
C6 ATP PA . 31.42 49.89 34.50
N6 ATP PA . 32.64 49.93 33.96
N1 ATP PA . 30.73 51.05 34.63
C2 ATP PA . 29.50 51.01 35.16
N3 ATP PA . 28.82 49.97 35.62
C4 ATP PA . 29.53 48.84 35.48
PG GTP QA . 28.82 38.49 24.74
O1G GTP QA . 28.74 37.76 23.41
O2G GTP QA . 29.15 39.95 24.60
O3G GTP QA . 27.62 38.23 25.62
O3B GTP QA . 30.10 37.88 25.51
PB GTP QA . 30.43 36.51 26.30
O1B GTP QA . 29.18 35.88 26.77
O2B GTP QA . 31.39 35.73 25.49
O3A GTP QA . 31.19 37.16 27.53
PA GTP QA . 31.94 38.56 27.64
O1A GTP QA . 32.79 38.74 26.44
O2A GTP QA . 30.95 39.61 27.96
O5' GTP QA . 32.86 38.32 28.92
C5' GTP QA . 34.12 37.65 28.68
C4' GTP QA . 34.74 37.28 30.01
O4' GTP QA . 34.89 38.46 30.83
C3' GTP QA . 33.92 36.32 30.88
O3' GTP QA . 34.07 34.98 30.44
C2' GTP QA . 34.57 36.60 32.24
O2' GTP QA . 35.86 36.05 32.32
C1' GTP QA . 34.65 38.13 32.19
N9 GTP QA . 33.43 38.79 32.62
C8 GTP QA . 32.35 39.13 31.85
N7 GTP QA . 31.40 39.73 32.51
C5 GTP QA . 31.88 39.80 33.80
C6 GTP QA . 31.29 40.36 34.97
O6 GTP QA . 30.18 40.91 35.07
N1 GTP QA . 32.12 40.22 36.08
C2 GTP QA . 33.35 39.63 36.08
N2 GTP QA . 34.00 39.60 37.25
N3 GTP QA . 33.92 39.10 35.00
C4 GTP QA . 33.13 39.23 33.90
MG MG RA . 28.89 43.23 30.89
PG ATP SA . 40.10 128.88 -7.48
O1G ATP SA . 40.86 130.14 -7.25
O2G ATP SA . 40.86 127.65 -7.10
O3G ATP SA . 39.53 128.80 -8.87
PB ATP SA . 37.26 128.91 -6.63
O1B ATP SA . 36.91 128.08 -7.80
O2B ATP SA . 36.67 128.60 -5.31
O3B ATP SA . 38.85 128.93 -6.47
PA ATP SA . 36.98 131.36 -8.26
O1A ATP SA . 36.95 130.50 -9.47
O2A ATP SA . 38.09 132.33 -8.13
O3A ATP SA . 36.93 130.44 -6.96
O5' ATP SA . 35.61 132.18 -8.13
C5' ATP SA . 34.35 131.56 -8.41
C4' ATP SA . 33.54 131.49 -7.14
O4' ATP SA . 32.14 131.60 -7.47
C3' ATP SA . 33.70 130.19 -6.35
O3' ATP SA . 34.46 130.39 -5.16
C2' ATP SA . 32.27 129.76 -6.01
O2' ATP SA . 31.85 130.23 -4.75
C1' ATP SA . 31.45 130.42 -7.12
N9 ATP SA . 31.24 129.62 -8.31
C8 ATP SA . 31.77 129.79 -9.56
N7 ATP SA . 31.35 128.89 -10.42
C5 ATP SA . 30.50 128.08 -9.70
C6 ATP SA . 29.73 126.95 -10.04
N6 ATP SA . 29.71 126.41 -11.25
N1 ATP SA . 29.00 126.38 -9.06
C2 ATP SA . 29.02 126.93 -7.83
N3 ATP SA . 29.69 127.99 -7.40
C4 ATP SA . 30.42 128.52 -8.40
PG GTP TA . 44.92 126.48 -11.92
O1G GTP TA . 46.42 126.33 -11.91
O2G GTP TA . 44.27 125.76 -13.07
O3G GTP TA . 44.30 126.15 -10.59
O3B GTP TA . 44.62 128.05 -12.18
PB GTP TA . 44.67 128.90 -13.54
O1B GTP TA . 44.33 130.31 -13.26
O2B GTP TA . 45.93 128.57 -14.23
O3A GTP TA . 43.45 128.22 -14.33
PA GTP TA . 41.89 128.13 -14.05
O1A GTP TA . 41.39 126.90 -14.70
O2A GTP TA . 41.60 128.36 -12.61
O5' GTP TA . 41.39 129.40 -14.88
C5' GTP TA . 41.63 129.38 -16.29
C4' GTP TA . 40.96 130.57 -16.93
O4' GTP TA . 39.54 130.51 -16.71
C3' GTP TA . 41.37 131.93 -16.36
O3' GTP TA . 42.59 132.38 -16.93
C2' GTP TA . 40.17 132.78 -16.78
O2' GTP TA . 40.17 133.04 -18.16
C1' GTP TA . 39.04 131.82 -16.46
N9 GTP TA . 38.56 131.89 -15.08
C8 GTP TA . 39.04 131.18 -14.00
N7 GTP TA . 38.43 131.45 -12.88
C5 GTP TA . 37.48 132.40 -13.25
C6 GTP TA . 36.52 133.06 -12.44
O6 GTP TA . 36.32 132.95 -11.23
N1 GTP TA . 35.76 133.95 -13.20
C2 GTP TA . 35.90 134.16 -14.55
N2 GTP TA . 35.06 135.05 -15.10
N3 GTP TA . 36.79 133.54 -15.31
C4 GTP TA . 37.55 132.69 -14.58
MG MG UA . 37.66 128.36 -9.70
PG ATP VA . 63.19 108.37 21.85
O1G ATP VA . 64.31 108.64 22.78
O2G ATP VA . 63.03 106.91 21.56
O3G ATP VA . 63.26 109.19 20.60
PB ATP VA . 60.71 109.90 22.27
O1B ATP VA . 60.47 109.90 20.81
O2B ATP VA . 59.56 109.68 23.17
O3B ATP VA . 61.84 108.83 22.59
PA ATP VA . 62.25 112.40 21.91
O1A ATP VA . 62.61 111.91 20.56
O2A ATP VA . 63.34 112.87 22.81
O3A ATP VA . 61.43 111.26 22.69
O5' ATP VA . 61.15 113.55 21.79
C5' ATP VA . 60.77 114.33 22.95
C4' ATP VA . 59.27 114.32 23.07
O4' ATP VA . 58.69 115.21 22.10
C3' ATP VA . 58.58 112.99 22.78
O3' ATP VA . 58.65 112.12 23.90
C2' ATP VA . 57.16 113.44 22.46
O2' ATP VA . 56.39 113.64 23.63
C1' ATP VA . 57.39 114.78 21.76
N9 ATP VA . 57.28 114.73 20.30
C8 ATP VA . 58.28 114.87 19.39
N7 ATP VA . 57.85 114.79 18.15
C5 ATP VA . 56.49 114.57 18.25
C6 ATP VA . 55.48 114.38 17.31
N6 ATP VA . 55.69 114.40 15.99
N1 ATP VA . 54.22 114.17 17.77
C2 ATP VA . 54.02 114.15 19.09
N3 ATP VA . 54.90 114.31 20.08
C4 ATP VA . 56.13 114.53 19.58
PG GTP WA . 67.45 104.74 17.78
O1G GTP WA . 67.19 104.90 19.26
O2G GTP WA . 66.19 104.44 17.00
O3G GTP WA . 68.57 103.76 17.48
O3B GTP WA . 67.96 106.17 17.25
PB GTP WA . 69.20 107.08 17.66
O1B GTP WA . 70.40 106.51 17.02
O2B GTP WA . 69.19 107.29 19.12
O3A GTP WA . 68.77 108.45 16.95
PA GTP WA . 67.41 108.95 16.30
O1A GTP WA . 66.30 108.86 17.28
O2A GTP WA . 67.22 108.29 14.99
O5' GTP WA . 67.75 110.49 16.09
C5' GTP WA . 68.74 110.82 15.09
C4' GTP WA . 68.99 112.30 15.12
O4' GTP WA . 67.74 113.01 15.06
C3' GTP WA . 69.68 112.84 16.37
O3' GTP WA . 71.08 112.64 16.34
C2' GTP WA . 69.29 114.31 16.29
O2' GTP WA . 70.02 114.98 15.28
C1' GTP WA . 67.83 114.19 15.86
N9 GTP WA . 66.89 114.07 16.97
C8 GTP WA . 66.45 112.91 17.55
N7 GTP WA . 65.61 113.10 18.53
C5 GTP WA . 65.48 114.48 18.60
C6 GTP WA . 64.71 115.27 19.48
O6 GTP WA . 63.96 114.90 20.39
N1 GTP WA . 64.88 116.63 19.22
C2 GTP WA . 65.68 117.16 18.25
N2 GTP WA . 65.70 118.49 18.15
N3 GTP WA . 66.42 116.42 17.42
C4 GTP WA . 66.28 115.09 17.66
MG MG XA . 62.03 110.32 19.48
PG ATP YA . 4.93 116.04 -28.64
O1G ATP YA . 6.26 115.83 -28.05
O2G ATP YA . 4.87 117.23 -29.53
O3G ATP YA . 4.38 114.80 -29.28
PB ATP YA . 2.92 115.59 -26.57
O1B ATP YA . 3.07 114.16 -26.92
O2B ATP YA . 2.91 116.01 -25.16
O3B ATP YA . 4.04 116.41 -27.36
PA ATP YA . 1.08 116.26 -28.78
O1A ATP YA . 1.52 115.05 -29.51
O2A ATP YA . 1.47 117.61 -29.31
O3A ATP YA . 1.60 116.17 -27.27
O5' ATP YA . -0.52 116.21 -28.54
C5' ATP YA . -1.14 115.06 -27.87
C4' ATP YA . -1.56 115.40 -26.45
O4' ATP YA . -2.76 114.68 -26.13
C3' ATP YA . -0.55 115.04 -25.34
O3' ATP YA . 0.05 116.22 -24.80
C2' ATP YA . -1.36 114.32 -24.27
O2' ATP YA . -1.80 115.17 -23.22
C1' ATP YA . -2.55 113.78 -25.05
N9 ATP YA . -2.36 112.43 -25.57
C8 ATP YA . -2.18 112.04 -26.87
N7 ATP YA . -2.02 110.74 -26.99
C5 ATP YA . -2.08 110.25 -25.69
C6 ATP YA . -1.98 108.96 -25.14
N6 ATP YA . -1.78 107.87 -25.87
N1 ATP YA . -2.08 108.84 -23.80
C2 ATP YA . -2.28 109.95 -23.07
N3 ATP YA . -2.39 111.21 -23.47
C4 ATP YA . -2.28 111.30 -24.81
PG GTP ZA . 10.02 114.67 -33.50
O1G GTP ZA . 11.36 113.87 -33.23
O2G GTP ZA . 9.27 114.84 -32.17
O3G GTP ZA . 10.33 115.98 -34.30
O3B GTP ZA . 8.91 113.87 -34.38
PB GTP ZA . 8.22 113.97 -35.83
O1B GTP ZA . 8.65 112.72 -36.49
O2B GTP ZA . 8.52 115.28 -36.47
O3A GTP ZA . 6.66 113.60 -35.55
PA GTP ZA . 6.00 112.33 -34.76
O1A GTP ZA . 7.13 111.37 -34.66
O2A GTP ZA . 5.37 112.98 -33.57
O5' GTP ZA . 4.79 111.66 -35.59
C5' GTP ZA . 5.06 110.69 -36.67
C4' GTP ZA . 3.96 110.72 -37.72
O4' GTP ZA . 2.63 110.77 -37.11
C3' GTP ZA . 3.99 111.93 -38.68
O3' GTP ZA . 3.76 111.56 -40.04
C2' GTP ZA . 2.98 112.91 -38.03
O2' GTP ZA . 2.42 113.66 -39.08
C1' GTP ZA . 1.97 112.02 -37.28
N9 GTP ZA . 1.46 112.49 -35.95
C8 GTP ZA . 2.16 112.95 -34.86
N7 GTP ZA . 1.42 113.30 -33.82
C5 GTP ZA . 0.13 113.06 -34.25
C6 GTP ZA . -1.11 113.27 -33.57
O6 GTP ZA . -1.30 113.72 -32.43
N1 GTP ZA . -2.20 112.93 -34.37
C2 GTP ZA . -2.13 112.43 -35.67
N2 GTP ZA . -3.30 112.13 -36.29
N3 GTP ZA . -0.97 112.23 -36.31
C4 GTP ZA . 0.12 112.57 -35.55
MG MG AB . 2.79 113.41 -29.27
PG ATP BB . 57.10 69.59 38.79
O1G ATP BB . 56.37 68.68 37.86
O2G ATP BB . 58.08 70.48 38.07
O3G ATP BB . 57.72 68.88 39.94
PB ATP BB . 55.86 72.14 39.60
O1B ATP BB . 54.47 72.46 40.01
O2B ATP BB . 56.43 72.82 38.41
O3B ATP BB . 55.98 70.56 39.41
PA ATP BB . 58.39 72.68 41.02
O1A ATP BB . 59.01 71.55 41.76
O2A ATP BB . 58.97 73.03 39.69
O3A ATP BB . 56.82 72.42 40.85
O5' ATP BB . 58.39 73.97 41.97
C5' ATP BB . 58.09 75.28 41.45
C4' ATP BB . 56.81 75.79 42.06
O4' ATP BB . 56.89 77.23 42.20
C3' ATP BB . 55.55 75.51 41.24
O3' ATP BB . 54.75 74.51 41.86
C2' ATP BB . 54.82 76.85 41.17
O2' ATP BB . 53.81 76.95 42.16
C1' ATP BB . 55.92 77.87 41.40
N9 ATP BB . 56.55 78.39 40.20
C8 ATP BB . 57.84 78.19 39.76
N7 ATP BB . 58.09 78.81 38.64
C5 ATP BB . 56.91 79.45 38.31
C6 ATP BB . 56.53 80.27 37.23
N6 ATP BB . 57.34 80.59 36.23
N1 ATP BB . 55.26 80.73 37.21
C2 ATP BB . 54.45 80.39 38.23
N3 ATP BB . 54.69 79.65 39.29
C4 ATP BB . 55.96 79.20 39.28
PG GTP CB . 60.52 66.14 34.52
O1G GTP CB . 60.42 67.54 33.96
O2G GTP CB . 60.94 65.13 33.47
O3G GTP CB . 59.28 65.70 35.27
O3B GTP CB . 61.68 66.12 35.65
PB GTP CB . 63.28 66.24 35.62
O1B GTP CB . 63.82 65.52 36.78
O2B GTP CB . 63.73 65.90 34.26
O3A GTP CB . 63.50 67.80 35.88
PA GTP CB . 63.06 69.09 35.05
O1A GTP CB . 63.35 68.85 33.62
O2A GTP CB . 61.71 69.51 35.46
O5' GTP CB . 64.13 70.12 35.64
C5' GTP CB . 65.50 69.86 35.30
C4' GTP CB . 66.38 70.72 36.18
O4' GTP CB . 65.77 72.01 36.35
C3' GTP CB . 66.60 70.22 37.60
O3' GTP CB . 67.59 69.20 37.65
C2' GTP CB . 67.04 71.51 38.28
O2' GTP CB . 68.36 71.85 37.91
C1' GTP CB . 66.07 72.51 37.66
N9 GTP CB . 64.82 72.65 38.39
C8 GTP CB . 63.64 71.97 38.21
N7 GTP CB . 62.69 72.33 39.02
C5 GTP CB . 63.26 73.33 39.80
C6 GTP CB . 62.70 74.09 40.84
O6 GTP CB . 61.55 74.05 41.30
N1 GTP CB . 63.63 74.99 41.36
C2 GTP CB . 64.93 75.14 40.93
N2 GTP CB . 65.66 76.06 41.56
N3 GTP CB . 65.45 74.42 39.95
C4 GTP CB . 64.57 73.54 39.43
MG MG DB . 58.45 72.48 37.70
#